data_6E9R
#
_entry.id   6E9R
#
_entity_poly.entity_id   1
_entity_poly.type   'polypeptide(L)'
_entity_poly.pdbx_seq_one_letter_code
;TKEERVLLMKVAILAIVAAKKGNTDEVRKALELALLIAKVSGTTEAVKLALEVVARVAIEAARRGNTDAVREALEVALEI
ARESGTTEAVKLALEVVARVAIEAARRGNTEAVVEALLVALEIAKESGTEEAVRLALEVVKRVSNEALKQGNVDAVKVAL
EVRKMIEELSG
;
_entity_poly.pdbx_strand_id   B,A,C,D,J,E,O,T,K,F,P,U,L,G,Q,V,M,H,R,W,N,I,S,X
#
# COMPACT_ATOMS: atom_id res chain seq x y z
N THR A 1 -42.89 3.46 16.98
CA THR A 1 -42.15 4.59 17.52
C THR A 1 -40.83 4.15 18.13
N LYS A 2 -40.91 3.22 19.09
CA LYS A 2 -39.73 2.74 19.79
C LYS A 2 -38.73 2.12 18.80
N GLU A 3 -39.23 1.23 17.95
CA GLU A 3 -38.37 0.54 16.99
C GLU A 3 -37.68 1.53 16.06
N GLU A 4 -38.42 2.53 15.61
CA GLU A 4 -37.85 3.59 14.77
C GLU A 4 -36.74 4.33 15.50
N ARG A 5 -37.00 4.68 16.76
CA ARG A 5 -36.01 5.37 17.58
C ARG A 5 -34.73 4.55 17.71
N VAL A 6 -34.90 3.25 17.94
CA VAL A 6 -33.77 2.35 18.10
C VAL A 6 -32.94 2.26 16.83
N LEU A 7 -33.61 2.21 15.68
CA LEU A 7 -32.94 2.18 14.40
C LEU A 7 -32.23 3.50 14.12
N LEU A 8 -32.85 4.60 14.52
CA LEU A 8 -32.24 5.92 14.38
C LEU A 8 -31.01 6.04 15.27
N MET A 9 -31.05 5.41 16.43
CA MET A 9 -29.90 5.34 17.31
C MET A 9 -28.74 4.60 16.66
N LYS A 10 -29.07 3.48 16.01
CA LYS A 10 -28.08 2.75 15.22
C LYS A 10 -27.44 3.63 14.17
N VAL A 11 -28.28 4.34 13.41
CA VAL A 11 -27.80 5.23 12.36
C VAL A 11 -26.85 6.29 12.92
N ALA A 12 -27.25 6.90 14.03
CA ALA A 12 -26.42 7.91 14.68
C ALA A 12 -25.04 7.38 15.02
N ILE A 13 -25.01 6.23 15.70
CA ILE A 13 -23.75 5.64 16.14
C ILE A 13 -22.83 5.35 14.95
N LEU A 14 -23.41 4.80 13.89
CA LEU A 14 -22.63 4.46 12.70
C LEU A 14 -22.06 5.70 12.03
N ALA A 15 -22.90 6.71 11.86
CA ALA A 15 -22.50 7.94 11.18
C ALA A 15 -21.43 8.69 11.97
N ILE A 16 -21.58 8.67 13.29
CA ILE A 16 -20.59 9.31 14.17
C ILE A 16 -19.22 8.68 14.03
N VAL A 17 -19.18 7.35 14.06
CA VAL A 17 -17.93 6.62 13.96
C VAL A 17 -17.33 6.75 12.55
N ALA A 18 -18.20 6.79 11.55
CA ALA A 18 -17.77 7.00 10.18
C ALA A 18 -17.13 8.36 10.00
N ALA A 19 -17.73 9.38 10.61
CA ALA A 19 -17.19 10.73 10.58
C ALA A 19 -15.84 10.79 11.28
N LYS A 20 -15.70 10.07 12.37
CA LYS A 20 -14.45 9.98 13.10
C LYS A 20 -13.38 9.27 12.27
N LYS A 21 -13.79 8.24 11.55
CA LYS A 21 -12.90 7.52 10.65
C LYS A 21 -12.50 8.39 9.47
N GLY A 22 -13.43 9.23 9.01
CA GLY A 22 -13.20 10.08 7.86
C GLY A 22 -14.03 9.65 6.67
N ASN A 23 -14.85 8.63 6.87
CA ASN A 23 -15.69 8.10 5.80
C ASN A 23 -16.96 8.94 5.62
N THR A 24 -16.79 10.12 5.04
CA THR A 24 -17.90 11.06 4.91
C THR A 24 -18.99 10.48 4.01
N ASP A 25 -18.60 9.69 3.03
CA ASP A 25 -19.55 9.06 2.12
C ASP A 25 -20.54 8.19 2.90
N GLU A 26 -20.03 7.41 3.83
CA GLU A 26 -20.88 6.58 4.68
C GLU A 26 -21.78 7.42 5.56
N VAL A 27 -21.24 8.53 6.07
CA VAL A 27 -22.02 9.47 6.87
C VAL A 27 -23.21 10.01 6.09
N ARG A 28 -22.96 10.41 4.85
CA ARG A 28 -24.02 10.93 3.99
C ARG A 28 -25.15 9.92 3.83
N LYS A 29 -24.78 8.67 3.58
CA LYS A 29 -25.75 7.60 3.45
C LYS A 29 -26.57 7.43 4.73
N ALA A 30 -25.88 7.39 5.86
CA ALA A 30 -26.55 7.22 7.15
C ALA A 30 -27.50 8.37 7.43
N LEU A 31 -27.09 9.58 7.09
CA LEU A 31 -27.93 10.76 7.26
C LEU A 31 -29.20 10.65 6.44
N GLU A 32 -29.07 10.14 5.22
CA GLU A 32 -30.22 9.89 4.35
C GLU A 32 -31.14 8.83 4.96
N LEU A 33 -30.54 7.80 5.54
CA LEU A 33 -31.30 6.73 6.16
C LEU A 33 -32.14 7.25 7.33
N ALA A 34 -31.55 8.14 8.11
CA ALA A 34 -32.28 8.80 9.19
C ALA A 34 -33.53 9.49 8.68
N LEU A 35 -33.39 10.25 7.59
CA LEU A 35 -34.53 10.87 6.93
C LEU A 35 -35.54 9.84 6.49
N LEU A 36 -35.07 8.77 5.84
CA LEU A 36 -35.94 7.76 5.28
C LEU A 36 -36.77 7.08 6.37
N ILE A 37 -36.14 6.84 7.51
CA ILE A 37 -36.82 6.25 8.66
C ILE A 37 -37.94 7.13 9.15
N ALA A 38 -37.65 8.43 9.29
CA ALA A 38 -38.66 9.40 9.70
C ALA A 38 -39.79 9.49 8.69
N LYS A 39 -39.44 9.42 7.42
CA LYS A 39 -40.43 9.47 6.34
C LYS A 39 -41.35 8.26 6.39
N VAL A 40 -40.77 7.09 6.62
CA VAL A 40 -41.55 5.86 6.70
C VAL A 40 -42.51 5.88 7.89
N SER A 41 -42.03 6.40 9.01
CA SER A 41 -42.87 6.55 10.20
C SER A 41 -44.01 7.52 9.95
N GLY A 42 -43.67 8.71 9.46
CA GLY A 42 -44.67 9.72 9.14
C GLY A 42 -45.17 10.42 10.41
N THR A 43 -44.34 10.44 11.43
CA THR A 43 -44.70 11.03 12.71
C THR A 43 -43.77 12.18 13.07
N THR A 44 -44.30 13.14 13.82
CA THR A 44 -43.50 14.27 14.29
C THR A 44 -42.35 13.82 15.18
N GLU A 45 -42.63 12.83 16.02
CA GLU A 45 -41.62 12.26 16.91
C GLU A 45 -40.44 11.72 16.13
N ALA A 46 -40.73 10.93 15.10
CA ALA A 46 -39.68 10.34 14.27
C ALA A 46 -38.84 11.42 13.60
N VAL A 47 -39.50 12.48 13.12
CA VAL A 47 -38.81 13.60 12.52
C VAL A 47 -37.86 14.26 13.50
N LYS A 48 -38.34 14.50 14.71
CA LYS A 48 -37.53 15.08 15.77
C LYS A 48 -36.34 14.19 16.10
N LEU A 49 -36.58 12.88 16.16
CA LEU A 49 -35.53 11.92 16.47
C LEU A 49 -34.47 11.90 15.38
N ALA A 50 -34.91 11.99 14.13
CA ALA A 50 -33.99 12.03 12.99
C ALA A 50 -33.13 13.28 13.02
N LEU A 51 -33.72 14.39 13.42
CA LEU A 51 -32.99 15.64 13.58
C LEU A 51 -31.98 15.54 14.72
N GLU A 52 -32.35 14.81 15.77
CA GLU A 52 -31.42 14.53 16.86
C GLU A 52 -30.23 13.73 16.39
N VAL A 53 -30.49 12.73 15.56
CA VAL A 53 -29.42 11.96 14.93
C VAL A 53 -28.46 12.85 14.16
N VAL A 54 -29.02 13.72 13.32
CA VAL A 54 -28.22 14.64 12.53
C VAL A 54 -27.36 15.53 13.41
N ALA A 55 -27.96 16.07 14.47
CA ALA A 55 -27.25 16.92 15.41
C ALA A 55 -26.03 16.21 15.98
N ARG A 56 -26.25 15.00 16.49
CA ARG A 56 -25.19 14.24 17.13
C ARG A 56 -24.02 14.02 16.17
N VAL A 57 -24.33 13.66 14.93
CA VAL A 57 -23.32 13.39 13.93
C VAL A 57 -22.52 14.64 13.61
N ALA A 58 -23.21 15.74 13.37
CA ALA A 58 -22.58 16.99 12.96
C ALA A 58 -21.71 17.55 14.09
N ILE A 59 -22.19 17.41 15.32
CA ILE A 59 -21.45 17.87 16.48
C ILE A 59 -20.13 17.12 16.63
N GLU A 60 -20.19 15.80 16.55
CA GLU A 60 -19.00 14.97 16.69
C GLU A 60 -18.06 15.13 15.50
N ALA A 61 -18.65 15.32 14.32
CA ALA A 61 -17.87 15.57 13.12
C ALA A 61 -17.12 16.89 13.22
N ALA A 62 -17.78 17.90 13.75
CA ALA A 62 -17.15 19.20 13.96
C ALA A 62 -16.02 19.09 14.98
N ARG A 63 -16.22 18.30 16.01
CA ARG A 63 -15.19 18.04 17.01
C ARG A 63 -14.03 17.27 16.41
N ARG A 64 -14.34 16.33 15.53
CA ARG A 64 -13.31 15.56 14.83
C ARG A 64 -12.55 16.43 13.85
N GLY A 65 -13.24 17.38 13.24
CA GLY A 65 -12.65 18.24 12.22
C GLY A 65 -13.20 17.94 10.84
N ASN A 66 -14.14 17.00 10.78
CA ASN A 66 -14.73 16.61 9.50
C ASN A 66 -15.82 17.59 9.07
N THR A 67 -15.40 18.77 8.63
CA THR A 67 -16.33 19.83 8.30
C THR A 67 -17.24 19.43 7.13
N ASP A 68 -16.69 18.64 6.21
CA ASP A 68 -17.46 18.17 5.06
C ASP A 68 -18.69 17.40 5.50
N ALA A 69 -18.52 16.50 6.47
CA ALA A 69 -19.63 15.74 7.02
C ALA A 69 -20.63 16.66 7.72
N VAL A 70 -20.11 17.66 8.42
CA VAL A 70 -20.96 18.63 9.10
C VAL A 70 -21.85 19.38 8.11
N ARG A 71 -21.25 19.83 7.01
CA ARG A 71 -21.98 20.56 5.98
C ARG A 71 -23.13 19.74 5.44
N GLU A 72 -22.85 18.47 5.15
CA GLU A 72 -23.89 17.55 4.66
C GLU A 72 -25.00 17.37 5.68
N ALA A 73 -24.60 17.16 6.93
CA ALA A 73 -25.57 16.94 8.01
C ALA A 73 -26.47 18.15 8.19
N LEU A 74 -25.89 19.35 8.09
CA LEU A 74 -26.64 20.58 8.22
C LEU A 74 -27.69 20.70 7.13
N GLU A 75 -27.32 20.32 5.91
CA GLU A 75 -28.24 20.31 4.79
C GLU A 75 -29.36 19.30 5.00
N VAL A 76 -29.01 18.13 5.54
CA VAL A 76 -29.98 17.08 5.81
C VAL A 76 -30.99 17.53 6.85
N ALA A 77 -30.52 18.24 7.86
CA ALA A 77 -31.40 18.82 8.87
C ALA A 77 -32.50 19.66 8.24
N LEU A 78 -32.11 20.53 7.32
CA LEU A 78 -33.08 21.31 6.55
C LEU A 78 -34.04 20.41 5.79
N GLU A 79 -33.49 19.41 5.11
CA GLU A 79 -34.28 18.53 4.27
C GLU A 79 -35.32 17.77 5.09
N ILE A 80 -34.93 17.36 6.29
CA ILE A 80 -35.84 16.68 7.20
C ILE A 80 -37.02 17.57 7.58
N ALA A 81 -36.72 18.82 7.92
CA ALA A 81 -37.76 19.80 8.23
C ALA A 81 -38.67 20.05 7.04
N ARG A 82 -38.07 20.09 5.85
CA ARG A 82 -38.82 20.28 4.62
C ARG A 82 -39.75 19.11 4.36
N GLU A 83 -39.27 17.90 4.62
CA GLU A 83 -40.06 16.69 4.42
C GLU A 83 -41.26 16.68 5.37
N SER A 84 -41.04 17.10 6.61
CA SER A 84 -42.13 17.22 7.57
C SER A 84 -43.15 18.26 7.13
N GLY A 85 -42.66 19.45 6.79
CA GLY A 85 -43.52 20.53 6.32
C GLY A 85 -44.24 21.21 7.47
N THR A 86 -43.64 21.14 8.66
CA THR A 86 -44.24 21.72 9.85
C THR A 86 -43.34 22.80 10.44
N THR A 87 -43.96 23.78 11.10
CA THR A 87 -43.21 24.84 11.77
C THR A 87 -42.33 24.28 12.87
N GLU A 88 -42.86 23.31 13.61
CA GLU A 88 -42.10 22.65 14.68
C GLU A 88 -40.82 22.05 14.16
N ALA A 89 -40.92 21.30 13.06
CA ALA A 89 -39.76 20.65 12.45
C ALA A 89 -38.72 21.67 12.04
N VAL A 90 -39.18 22.79 11.48
CA VAL A 90 -38.28 23.89 11.12
C VAL A 90 -37.53 24.42 12.33
N LYS A 91 -38.26 24.65 13.41
CA LYS A 91 -37.66 25.09 14.67
C LYS A 91 -36.64 24.08 15.18
N LEU A 92 -37.00 22.80 15.10
CA LEU A 92 -36.13 21.73 15.57
C LEU A 92 -34.84 21.67 14.74
N ALA A 93 -34.99 21.86 13.43
CA ALA A 93 -33.85 21.88 12.53
C ALA A 93 -32.91 23.04 12.83
N LEU A 94 -33.50 24.19 13.18
CA LEU A 94 -32.73 25.35 13.59
C LEU A 94 -32.02 25.10 14.92
N GLU A 95 -32.68 24.34 15.79
CA GLU A 95 -32.06 23.92 17.04
C GLU A 95 -30.85 23.03 16.80
N VAL A 96 -30.98 22.11 15.85
CA VAL A 96 -29.86 21.28 15.42
C VAL A 96 -28.68 22.14 14.96
N VAL A 97 -28.96 23.11 14.09
CA VAL A 97 -27.93 24.00 13.58
C VAL A 97 -27.24 24.75 14.72
N ALA A 98 -28.04 25.27 15.65
CA ALA A 98 -27.52 25.98 16.80
C ALA A 98 -26.53 25.12 17.58
N ARG A 99 -26.94 23.90 17.91
CA ARG A 99 -26.11 22.99 18.69
C ARG A 99 -24.76 22.75 18.02
N VAL A 100 -24.80 22.53 16.70
CA VAL A 100 -23.59 22.24 15.95
C VAL A 100 -22.64 23.43 15.94
N ALA A 101 -23.19 24.61 15.64
CA ALA A 101 -22.39 25.82 15.51
C ALA A 101 -21.79 26.22 16.85
N ILE A 102 -22.56 26.04 17.91
CA ILE A 102 -22.09 26.36 19.26
C ILE A 102 -20.90 25.48 19.65
N GLU A 103 -21.05 24.18 19.44
CA GLU A 103 -19.99 23.24 19.79
C GLU A 103 -18.79 23.38 18.86
N ALA A 104 -19.05 23.70 17.60
CA ALA A 104 -17.99 23.96 16.64
C ALA A 104 -17.19 25.19 17.03
N ALA A 105 -17.89 26.23 17.46
CA ALA A 105 -17.23 27.46 17.92
C ALA A 105 -16.39 27.19 19.16
N ARG A 106 -16.90 26.36 20.06
CA ARG A 106 -16.17 25.95 21.25
C ARG A 106 -14.95 25.10 20.88
N ARG A 107 -15.12 24.25 19.88
CA ARG A 107 -14.04 23.41 19.39
C ARG A 107 -12.98 24.26 18.69
N GLY A 108 -13.42 25.31 18.00
CA GLY A 108 -12.52 26.15 17.23
C GLY A 108 -12.73 25.99 15.74
N ASN A 109 -13.70 25.15 15.38
CA ASN A 109 -14.01 24.89 13.98
C ASN A 109 -14.89 25.98 13.39
N THR A 110 -14.30 27.16 13.17
CA THR A 110 -15.05 28.32 12.73
C THR A 110 -15.66 28.09 11.35
N GLU A 111 -14.96 27.32 10.51
CA GLU A 111 -15.46 27.00 9.18
C GLU A 111 -16.82 26.32 9.24
N ALA A 112 -16.94 25.35 10.13
CA ALA A 112 -18.21 24.66 10.35
C ALA A 112 -19.28 25.61 10.86
N VAL A 113 -18.87 26.53 11.75
CA VAL A 113 -19.79 27.53 12.28
C VAL A 113 -20.34 28.40 11.17
N VAL A 114 -19.47 28.87 10.29
CA VAL A 114 -19.88 29.72 9.19
C VAL A 114 -20.93 29.04 8.32
N GLU A 115 -20.69 27.78 7.99
CA GLU A 115 -21.63 26.99 7.22
C GLU A 115 -22.97 26.86 7.93
N ALA A 116 -22.91 26.52 9.21
CA ALA A 116 -24.12 26.32 10.01
C ALA A 116 -24.94 27.61 10.07
N LEU A 117 -24.26 28.74 10.24
CA LEU A 117 -24.93 30.03 10.28
C LEU A 117 -25.67 30.32 8.99
N LEU A 118 -25.05 29.98 7.86
CA LEU A 118 -25.67 30.15 6.56
C LEU A 118 -26.88 29.23 6.41
N VAL A 119 -26.76 28.01 6.91
CA VAL A 119 -27.85 27.03 6.83
C VAL A 119 -29.04 27.50 7.64
N ALA A 120 -28.78 28.08 8.81
CA ALA A 120 -29.84 28.66 9.64
C ALA A 120 -30.69 29.63 8.84
N LEU A 121 -30.04 30.53 8.10
CA LEU A 121 -30.74 31.44 7.20
C LEU A 121 -31.55 30.67 6.17
N GLU A 122 -30.94 29.67 5.55
CA GLU A 122 -31.58 28.93 4.47
C GLU A 122 -32.82 28.20 4.97
N ILE A 123 -32.75 27.68 6.18
CA ILE A 123 -33.89 27.01 6.80
C ILE A 123 -35.06 27.97 6.98
N ALA A 124 -34.77 29.17 7.50
CA ALA A 124 -35.78 30.20 7.66
C ALA A 124 -36.36 30.61 6.32
N LYS A 125 -35.50 30.69 5.31
CA LYS A 125 -35.94 31.04 3.95
C LYS A 125 -36.88 29.97 3.39
N GLU A 126 -36.55 28.71 3.65
CA GLU A 126 -37.36 27.60 3.18
C GLU A 126 -38.74 27.62 3.82
N SER A 127 -38.79 27.93 5.11
CA SER A 127 -40.06 28.10 5.81
C SER A 127 -40.86 29.26 5.25
N GLY A 128 -40.21 30.42 5.15
CA GLY A 128 -40.85 31.60 4.58
C GLY A 128 -41.78 32.26 5.59
N THR A 129 -41.49 32.06 6.87
CA THR A 129 -42.31 32.61 7.94
C THR A 129 -41.50 33.56 8.82
N GLU A 130 -42.19 34.54 9.40
CA GLU A 130 -41.55 35.48 10.32
C GLU A 130 -40.97 34.76 11.53
N GLU A 131 -41.72 33.78 12.05
CA GLU A 131 -41.28 33.00 13.19
C GLU A 131 -39.95 32.31 12.92
N ALA A 132 -39.86 31.66 11.76
CA ALA A 132 -38.64 30.95 11.38
C ALA A 132 -37.45 31.90 11.29
N VAL A 133 -37.70 33.08 10.73
CA VAL A 133 -36.66 34.11 10.65
C VAL A 133 -36.17 34.51 12.04
N ARG A 134 -37.11 34.76 12.94
CA ARG A 134 -36.78 35.11 14.31
C ARG A 134 -36.01 33.99 14.99
N LEU A 135 -36.42 32.75 14.75
CA LEU A 135 -35.75 31.59 15.32
C LEU A 135 -34.33 31.46 14.79
N ALA A 136 -34.15 31.73 13.51
CA ALA A 136 -32.83 31.71 12.89
C ALA A 136 -31.92 32.77 13.50
N LEU A 137 -32.49 33.94 13.79
CA LEU A 137 -31.76 35.01 14.46
C LEU A 137 -31.38 34.61 15.87
N GLU A 138 -32.25 33.85 16.53
CA GLU A 138 -31.95 33.29 17.85
C GLU A 138 -30.78 32.32 17.78
N VAL A 139 -30.79 31.47 16.76
CA VAL A 139 -29.67 30.56 16.52
C VAL A 139 -28.35 31.31 16.40
N VAL A 140 -28.34 32.34 15.56
CA VAL A 140 -27.15 33.15 15.34
C VAL A 140 -26.69 33.79 16.65
N LYS A 141 -27.65 34.35 17.40
CA LYS A 141 -27.35 34.95 18.69
C LYS A 141 -26.64 33.97 19.62
N ARG A 142 -27.22 32.79 19.75
CA ARG A 142 -26.67 31.76 20.63
C ARG A 142 -25.22 31.45 20.28
N VAL A 143 -24.93 31.34 18.99
CA VAL A 143 -23.59 31.02 18.52
C VAL A 143 -22.61 32.12 18.89
N SER A 144 -22.99 33.37 18.63
CA SER A 144 -22.13 34.51 18.89
C SER A 144 -21.88 34.70 20.38
N ASN A 145 -22.91 34.42 21.18
CA ASN A 145 -22.80 34.53 22.63
C ASN A 145 -21.80 33.53 23.18
N GLU A 146 -21.95 32.27 22.79
CA GLU A 146 -21.08 31.20 23.28
C GLU A 146 -19.68 31.31 22.69
N ALA A 147 -19.61 31.76 21.44
CA ALA A 147 -18.33 32.02 20.78
C ALA A 147 -17.56 33.12 21.50
N LEU A 148 -18.28 34.16 21.92
CA LEU A 148 -17.68 35.25 22.69
C LEU A 148 -17.15 34.75 24.03
N LYS A 149 -17.89 33.83 24.64
CA LYS A 149 -17.45 33.21 25.89
C LYS A 149 -16.19 32.38 25.68
N GLN A 150 -16.14 31.67 24.55
CA GLN A 150 -14.98 30.86 24.20
C GLN A 150 -13.78 31.74 23.85
N GLY A 151 -14.05 32.86 23.20
CA GLY A 151 -13.00 33.75 22.72
C GLY A 151 -12.89 33.71 21.20
N ASN A 152 -13.80 32.99 20.57
CA ASN A 152 -13.78 32.81 19.12
C ASN A 152 -14.35 34.03 18.41
N VAL A 153 -13.58 35.11 18.37
CA VAL A 153 -14.05 36.38 17.81
C VAL A 153 -14.41 36.24 16.35
N ASP A 154 -13.69 35.38 15.64
CA ASP A 154 -13.94 35.13 14.23
C ASP A 154 -15.37 34.66 13.99
N ALA A 155 -15.80 33.69 14.80
CA ALA A 155 -17.16 33.18 14.72
C ALA A 155 -18.18 34.26 15.05
N VAL A 156 -17.86 35.07 16.05
CA VAL A 156 -18.73 36.18 16.44
C VAL A 156 -18.93 37.16 15.30
N LYS A 157 -17.84 37.55 14.65
CA LYS A 157 -17.90 38.47 13.54
C LYS A 157 -18.76 37.91 12.40
N VAL A 158 -18.55 36.64 12.08
CA VAL A 158 -19.34 35.98 11.05
C VAL A 158 -20.82 35.96 11.42
N ALA A 159 -21.10 35.62 12.67
CA ALA A 159 -22.48 35.54 13.15
C ALA A 159 -23.19 36.88 13.02
N LEU A 160 -22.47 37.96 13.33
CA LEU A 160 -23.01 39.31 13.23
C LEU A 160 -23.41 39.64 11.79
N GLU A 161 -22.55 39.23 10.84
CA GLU A 161 -22.83 39.44 9.43
C GLU A 161 -24.04 38.63 8.97
N VAL A 162 -24.11 37.38 9.42
CA VAL A 162 -25.21 36.50 9.08
C VAL A 162 -26.52 37.02 9.66
N ARG A 163 -26.47 37.51 10.89
CA ARG A 163 -27.64 38.13 11.52
C ARG A 163 -28.25 39.20 10.63
N LYS A 164 -27.40 40.10 10.13
CA LYS A 164 -27.83 41.12 9.18
C LYS A 164 -28.45 40.47 7.94
N MET A 165 -27.76 39.47 7.40
CA MET A 165 -28.17 38.84 6.14
C MET A 165 -29.56 38.21 6.29
N ILE A 166 -29.82 37.61 7.45
CA ILE A 166 -31.12 37.03 7.74
C ILE A 166 -32.21 38.10 7.73
N GLU A 167 -31.94 39.22 8.39
CA GLU A 167 -32.87 40.33 8.41
C GLU A 167 -33.11 40.90 7.01
N GLU A 168 -32.04 40.94 6.21
CA GLU A 168 -32.13 41.39 4.83
C GLU A 168 -33.00 40.45 4.00
N LEU A 169 -32.85 39.15 4.24
CA LEU A 169 -33.64 38.14 3.53
C LEU A 169 -35.13 38.27 3.87
N SER A 170 -35.41 38.54 5.14
CA SER A 170 -36.78 38.77 5.58
C SER A 170 -37.36 40.02 4.92
N GLY A 171 -36.61 41.12 4.99
CA GLY A 171 -37.04 42.38 4.40
C GLY A 171 -38.04 43.09 5.28
N THR B 1 -14.30 22.25 -37.96
CA THR B 1 -13.59 23.23 -37.16
C THR B 1 -14.08 23.23 -35.72
N LYS B 2 -15.38 23.43 -35.53
CA LYS B 2 -15.97 23.49 -34.21
C LYS B 2 -15.73 22.20 -33.44
N GLU B 3 -16.02 21.07 -34.08
CA GLU B 3 -15.87 19.76 -33.45
C GLU B 3 -14.43 19.53 -33.02
N GLU B 4 -13.49 19.90 -33.88
CA GLU B 4 -12.07 19.78 -33.56
C GLU B 4 -11.71 20.62 -32.34
N ARG B 5 -12.21 21.86 -32.32
CA ARG B 5 -11.97 22.75 -31.20
C ARG B 5 -12.49 22.16 -29.90
N VAL B 6 -13.68 21.58 -29.95
CA VAL B 6 -14.30 20.99 -28.78
C VAL B 6 -13.50 19.81 -28.26
N LEU B 7 -12.99 18.98 -29.18
CA LEU B 7 -12.15 17.86 -28.82
C LEU B 7 -10.82 18.32 -28.24
N LEU B 8 -10.28 19.39 -28.80
CA LEU B 8 -9.04 19.98 -28.29
C LEU B 8 -9.25 20.56 -26.89
N MET B 9 -10.44 21.09 -26.64
CA MET B 9 -10.81 21.55 -25.31
C MET B 9 -10.83 20.41 -24.31
N LYS B 10 -11.40 19.28 -24.74
CA LYS B 10 -11.36 18.06 -23.92
C LYS B 10 -9.93 17.67 -23.58
N VAL B 11 -9.07 17.64 -24.59
CA VAL B 11 -7.67 17.28 -24.41
C VAL B 11 -6.99 18.20 -23.40
N ALA B 12 -7.22 19.50 -23.55
CA ALA B 12 -6.65 20.49 -22.63
C ALA B 12 -7.04 20.20 -21.19
N ILE B 13 -8.34 20.04 -20.96
CA ILE B 13 -8.85 19.83 -19.61
C ILE B 13 -8.24 18.58 -18.98
N LEU B 14 -8.16 17.51 -19.77
CA LEU B 14 -7.61 16.25 -19.27
C LEU B 14 -6.14 16.38 -18.92
N ALA B 15 -5.38 16.99 -19.81
CA ALA B 15 -3.94 17.14 -19.63
C ALA B 15 -3.62 18.04 -18.43
N ILE B 16 -4.43 19.08 -18.27
CA ILE B 16 -4.26 19.99 -17.14
C ILE B 16 -4.45 19.28 -15.81
N VAL B 17 -5.52 18.50 -15.71
CA VAL B 17 -5.83 17.78 -14.49
C VAL B 17 -4.81 16.67 -14.23
N ALA B 18 -4.35 16.05 -15.32
CA ALA B 18 -3.31 15.02 -15.22
C ALA B 18 -2.01 15.61 -14.69
N ALA B 19 -1.66 16.79 -15.17
CA ALA B 19 -0.47 17.50 -14.70
C ALA B 19 -0.60 17.86 -13.23
N LYS B 20 -1.79 18.26 -12.82
CA LYS B 20 -2.07 18.58 -11.43
C LYS B 20 -1.97 17.33 -10.55
N LYS B 21 -2.46 16.21 -11.08
CA LYS B 21 -2.35 14.93 -10.39
C LYS B 21 -0.90 14.46 -10.31
N GLY B 22 -0.13 14.76 -11.35
CA GLY B 22 1.26 14.34 -11.42
C GLY B 22 1.47 13.28 -12.49
N ASN B 23 0.40 12.96 -13.20
CA ASN B 23 0.46 11.93 -14.24
C ASN B 23 1.01 12.51 -15.55
N THR B 24 2.32 12.74 -15.56
CA THR B 24 2.96 13.38 -16.70
C THR B 24 2.83 12.50 -17.95
N ASP B 25 2.84 11.20 -17.76
CA ASP B 25 2.70 10.26 -18.88
C ASP B 25 1.39 10.50 -19.63
N GLU B 26 0.32 10.67 -18.89
CA GLU B 26 -0.98 10.98 -19.48
C GLU B 26 -0.97 12.31 -20.20
N VAL B 27 -0.29 13.30 -19.60
CA VAL B 27 -0.14 14.61 -20.20
C VAL B 27 0.54 14.52 -21.56
N ARG B 28 1.63 13.75 -21.62
CA ARG B 28 2.36 13.57 -22.87
C ARG B 28 1.46 13.01 -23.96
N LYS B 29 0.67 12.00 -23.62
CA LYS B 29 -0.28 11.41 -24.55
C LYS B 29 -1.28 12.44 -25.05
N ALA B 30 -1.86 13.19 -24.11
CA ALA B 30 -2.86 14.20 -24.46
C ALA B 30 -2.26 15.27 -25.36
N LEU B 31 -1.03 15.66 -25.09
CA LEU B 31 -0.33 16.64 -25.91
C LEU B 31 -0.15 16.14 -27.33
N GLU B 32 0.17 14.85 -27.46
CA GLU B 32 0.28 14.21 -28.77
C GLU B 32 -1.07 14.19 -29.49
N LEU B 33 -2.13 13.94 -28.73
CA LEU B 33 -3.47 13.90 -29.29
C LEU B 33 -3.87 15.26 -29.86
N ALA B 34 -3.52 16.31 -29.14
CA ALA B 34 -3.74 17.67 -29.62
C ALA B 34 -3.11 17.88 -30.99
N LEU B 35 -1.85 17.47 -31.13
CA LEU B 35 -1.16 17.51 -32.41
C LEU B 35 -1.90 16.71 -33.46
N LEU B 36 -2.29 15.49 -33.10
CA LEU B 36 -2.92 14.57 -34.05
C LEU B 36 -4.23 15.15 -34.57
N ILE B 37 -4.98 15.79 -33.69
CA ILE B 37 -6.23 16.44 -34.06
C ILE B 37 -6.00 17.54 -35.08
N ALA B 38 -5.00 18.38 -34.82
CA ALA B 38 -4.63 19.45 -35.74
C ALA B 38 -4.17 18.90 -37.07
N LYS B 39 -3.42 17.80 -37.02
CA LYS B 39 -2.93 17.16 -38.23
C LYS B 39 -4.07 16.61 -39.07
N VAL B 40 -5.04 16.00 -38.41
CA VAL B 40 -6.20 15.43 -39.10
C VAL B 40 -7.04 16.53 -39.76
N SER B 41 -7.19 17.65 -39.06
CA SER B 41 -7.90 18.80 -39.61
C SER B 41 -7.18 19.38 -40.81
N GLY B 42 -5.89 19.66 -40.63
CA GLY B 42 -5.06 20.18 -41.72
C GLY B 42 -5.33 21.67 -41.95
N THR B 43 -5.77 22.35 -40.90
CA THR B 43 -6.09 23.76 -40.99
C THR B 43 -5.23 24.59 -40.04
N THR B 44 -4.99 25.84 -40.42
CA THR B 44 -4.22 26.76 -39.58
C THR B 44 -4.91 26.99 -38.24
N GLU B 45 -6.23 27.10 -38.28
CA GLU B 45 -7.03 27.29 -37.07
C GLU B 45 -6.81 26.16 -36.09
N ALA B 46 -6.89 24.93 -36.57
CA ALA B 46 -6.70 23.76 -35.72
C ALA B 46 -5.31 23.75 -35.10
N VAL B 47 -4.30 24.11 -35.89
CA VAL B 47 -2.94 24.21 -35.40
C VAL B 47 -2.83 25.22 -34.27
N LYS B 48 -3.42 26.40 -34.48
CA LYS B 48 -3.43 27.44 -33.46
C LYS B 48 -4.14 26.96 -32.20
N LEU B 49 -5.26 26.27 -32.36
CA LEU B 49 -6.02 25.76 -31.24
C LEU B 49 -5.23 24.73 -30.45
N ALA B 50 -4.51 23.87 -31.17
CA ALA B 50 -3.66 22.86 -30.54
C ALA B 50 -2.54 23.50 -29.74
N LEU B 51 -1.98 24.58 -30.28
CA LEU B 51 -0.95 25.34 -29.58
C LEU B 51 -1.52 26.01 -28.33
N GLU B 52 -2.78 26.44 -28.42
CA GLU B 52 -3.48 26.98 -27.25
C GLU B 52 -3.64 25.94 -26.17
N VAL B 53 -4.00 24.73 -26.57
CA VAL B 53 -4.07 23.60 -25.65
C VAL B 53 -2.75 23.39 -24.93
N VAL B 54 -1.67 23.34 -25.69
CA VAL B 54 -0.34 23.14 -25.14
C VAL B 54 0.01 24.23 -24.13
N ALA B 55 -0.28 25.49 -24.50
CA ALA B 55 -0.03 26.62 -23.62
C ALA B 55 -0.73 26.44 -22.28
N ARG B 56 -2.02 26.15 -22.32
CA ARG B 56 -2.82 26.02 -21.11
C ARG B 56 -2.24 24.95 -20.19
N VAL B 57 -1.86 23.81 -20.77
CA VAL B 57 -1.33 22.70 -20.00
C VAL B 57 -0.01 23.08 -19.34
N ALA B 58 0.89 23.66 -20.11
CA ALA B 58 2.23 24.00 -19.63
C ALA B 58 2.17 25.08 -18.56
N ILE B 59 1.25 26.03 -18.74
CA ILE B 59 1.08 27.10 -17.77
C ILE B 59 0.62 26.55 -16.42
N GLU B 60 -0.40 25.70 -16.44
CA GLU B 60 -0.95 25.12 -15.23
C GLU B 60 0.03 24.13 -14.60
N ALA B 61 0.77 23.42 -15.44
CA ALA B 61 1.80 22.51 -14.97
C ALA B 61 2.92 23.26 -14.26
N ALA B 62 3.30 24.39 -14.82
CA ALA B 62 4.32 25.24 -14.21
C ALA B 62 3.84 25.79 -12.87
N ARG B 63 2.57 26.15 -12.81
CA ARG B 63 1.96 26.61 -11.56
C ARG B 63 1.89 25.49 -10.54
N ARG B 64 1.60 24.28 -11.01
CA ARG B 64 1.56 23.11 -10.14
C ARG B 64 2.96 22.74 -9.66
N GLY B 65 3.95 22.95 -10.51
CA GLY B 65 5.33 22.58 -10.20
C GLY B 65 5.79 21.41 -11.04
N ASN B 66 4.93 20.94 -11.94
CA ASN B 66 5.25 19.80 -12.79
C ASN B 66 6.10 20.23 -13.98
N THR B 67 7.37 20.53 -13.72
CA THR B 67 8.25 21.06 -14.74
C THR B 67 8.45 20.05 -15.87
N ASP B 68 8.45 18.77 -15.53
CA ASP B 68 8.61 17.71 -16.51
C ASP B 68 7.54 17.79 -17.59
N ALA B 69 6.29 17.97 -17.16
CA ALA B 69 5.18 18.12 -18.09
C ALA B 69 5.34 19.38 -18.93
N VAL B 70 5.82 20.46 -18.30
CA VAL B 70 6.05 21.71 -19.01
C VAL B 70 7.07 21.52 -20.13
N ARG B 71 8.17 20.84 -19.82
CA ARG B 71 9.23 20.60 -20.79
C ARG B 71 8.69 19.86 -22.01
N GLU B 72 7.89 18.82 -21.75
CA GLU B 72 7.27 18.05 -22.84
C GLU B 72 6.35 18.93 -23.67
N ALA B 73 5.52 19.71 -23.00
CA ALA B 73 4.56 20.57 -23.68
C ALA B 73 5.27 21.59 -24.56
N LEU B 74 6.38 22.14 -24.06
CA LEU B 74 7.16 23.11 -24.82
C LEU B 74 7.71 22.49 -26.09
N GLU B 75 8.18 21.25 -25.99
CA GLU B 75 8.67 20.52 -27.15
C GLU B 75 7.55 20.26 -28.15
N VAL B 76 6.36 19.91 -27.64
CA VAL B 76 5.21 19.65 -28.48
C VAL B 76 4.79 20.89 -29.25
N ALA B 77 4.85 22.04 -28.58
CA ALA B 77 4.57 23.32 -29.23
C ALA B 77 5.42 23.51 -30.47
N LEU B 78 6.73 23.25 -30.34
CA LEU B 78 7.63 23.28 -31.49
C LEU B 78 7.19 22.29 -32.56
N GLU B 79 6.88 21.07 -32.14
CA GLU B 79 6.53 20.01 -33.08
C GLU B 79 5.27 20.36 -33.87
N ILE B 80 4.32 20.99 -33.20
CA ILE B 80 3.09 21.43 -33.85
C ILE B 80 3.39 22.45 -34.94
N ALA B 81 4.23 23.43 -34.62
CA ALA B 81 4.66 24.43 -35.60
C ALA B 81 5.40 23.79 -36.76
N ARG B 82 6.22 22.79 -36.45
CA ARG B 82 6.96 22.06 -37.47
C ARG B 82 6.02 21.30 -38.40
N GLU B 83 4.99 20.70 -37.82
CA GLU B 83 4.01 19.95 -38.59
C GLU B 83 3.25 20.87 -39.54
N SER B 84 2.90 22.06 -39.06
CA SER B 84 2.25 23.06 -39.90
C SER B 84 3.17 23.50 -41.03
N GLY B 85 4.40 23.88 -40.68
CA GLY B 85 5.38 24.30 -41.66
C GLY B 85 5.13 25.72 -42.13
N THR B 86 4.49 26.51 -41.27
CA THR B 86 4.17 27.89 -41.61
C THR B 86 4.83 28.86 -40.64
N THR B 87 5.12 30.07 -41.12
CA THR B 87 5.70 31.11 -40.28
C THR B 87 4.77 31.49 -39.14
N GLU B 88 3.48 31.57 -39.46
CA GLU B 88 2.47 31.88 -38.45
C GLU B 88 2.50 30.91 -37.30
N ALA B 89 2.53 29.61 -37.62
CA ALA B 89 2.55 28.56 -36.61
C ALA B 89 3.78 28.68 -35.73
N VAL B 90 4.92 29.00 -36.34
CA VAL B 90 6.16 29.23 -35.60
C VAL B 90 6.00 30.38 -34.61
N LYS B 91 5.44 31.48 -35.08
CA LYS B 91 5.16 32.63 -34.23
C LYS B 91 4.23 32.26 -33.08
N LEU B 92 3.20 31.48 -33.40
CA LEU B 92 2.22 31.06 -32.40
C LEU B 92 2.87 30.17 -31.34
N ALA B 93 3.75 29.29 -31.79
CA ALA B 93 4.49 28.42 -30.88
C ALA B 93 5.39 29.20 -29.95
N LEU B 94 6.01 30.26 -30.49
CA LEU B 94 6.82 31.16 -29.69
C LEU B 94 5.97 31.93 -28.68
N GLU B 95 4.75 32.26 -29.09
CA GLU B 95 3.79 32.88 -28.19
C GLU B 95 3.43 31.96 -27.04
N VAL B 96 3.22 30.69 -27.34
CA VAL B 96 3.00 29.67 -26.32
C VAL B 96 4.15 29.64 -25.31
N VAL B 97 5.37 29.59 -25.82
CA VAL B 97 6.56 29.56 -24.97
C VAL B 97 6.61 30.79 -24.07
N ALA B 98 6.35 31.96 -24.65
CA ALA B 98 6.34 33.21 -23.90
C ALA B 98 5.37 33.14 -22.73
N ARG B 99 4.14 32.72 -23.01
CA ARG B 99 3.10 32.66 -21.99
C ARG B 99 3.52 31.77 -20.83
N VAL B 100 4.10 30.62 -21.15
CA VAL B 100 4.51 29.66 -20.14
C VAL B 100 5.63 30.22 -19.26
N ALA B 101 6.65 30.77 -19.91
CA ALA B 101 7.82 31.28 -19.21
C ALA B 101 7.46 32.47 -18.33
N ILE B 102 6.58 33.31 -18.83
CA ILE B 102 6.13 34.49 -18.07
C ILE B 102 5.40 34.07 -16.80
N GLU B 103 4.46 33.15 -16.94
CA GLU B 103 3.68 32.69 -15.80
C GLU B 103 4.54 31.85 -14.85
N ALA B 104 5.48 31.10 -15.40
CA ALA B 104 6.42 30.33 -14.59
C ALA B 104 7.31 31.25 -13.78
N ALA B 105 7.77 32.33 -14.40
CA ALA B 105 8.59 33.32 -13.70
C ALA B 105 7.81 33.99 -12.59
N ARG B 106 6.54 34.28 -12.85
CA ARG B 106 5.65 34.84 -11.85
C ARG B 106 5.38 33.85 -10.72
N ARG B 107 5.25 32.58 -11.08
CA ARG B 107 5.06 31.51 -10.10
C ARG B 107 6.31 31.31 -9.27
N GLY B 108 7.48 31.48 -9.90
CA GLY B 108 8.74 31.24 -9.23
C GLY B 108 9.44 30.01 -9.77
N ASN B 109 8.82 29.38 -10.76
CA ASN B 109 9.38 28.18 -11.38
C ASN B 109 10.44 28.52 -12.41
N THR B 110 11.61 28.96 -11.93
CA THR B 110 12.67 29.43 -12.80
C THR B 110 13.17 28.32 -13.70
N GLU B 111 13.17 27.09 -13.19
CA GLU B 111 13.60 25.93 -13.96
C GLU B 111 12.79 25.78 -15.25
N ALA B 112 11.48 25.91 -15.12
CA ALA B 112 10.59 25.87 -16.28
C ALA B 112 10.88 27.02 -17.24
N VAL B 113 11.16 28.20 -16.67
CA VAL B 113 11.49 29.37 -17.48
C VAL B 113 12.74 29.12 -18.31
N VAL B 114 13.77 28.57 -17.68
CA VAL B 114 15.02 28.28 -18.37
C VAL B 114 14.81 27.37 -19.56
N GLU B 115 14.03 26.31 -19.35
CA GLU B 115 13.69 25.38 -20.42
C GLU B 115 12.94 26.07 -21.55
N ALA B 116 11.95 26.86 -21.18
CA ALA B 116 11.12 27.56 -22.17
C ALA B 116 11.97 28.52 -23.00
N LEU B 117 12.89 29.21 -22.35
CA LEU B 117 13.78 30.14 -23.04
C LEU B 117 14.64 29.42 -24.07
N LEU B 118 15.13 28.24 -23.71
CA LEU B 118 15.91 27.42 -24.62
C LEU B 118 15.07 26.94 -25.80
N VAL B 119 13.82 26.58 -25.51
CA VAL B 119 12.90 26.10 -26.55
C VAL B 119 12.61 27.21 -27.55
N ALA B 120 12.44 28.43 -27.05
CA ALA B 120 12.24 29.59 -27.91
C ALA B 120 13.34 29.69 -28.96
N LEU B 121 14.58 29.55 -28.53
CA LEU B 121 15.72 29.51 -29.45
C LEU B 121 15.57 28.38 -30.45
N GLU B 122 15.23 27.19 -29.95
CA GLU B 122 15.15 26.00 -30.79
C GLU B 122 14.08 26.15 -31.86
N ILE B 123 12.97 26.77 -31.50
CA ILE B 123 11.89 27.03 -32.43
C ILE B 123 12.35 27.94 -33.57
N ALA B 124 13.05 29.02 -33.21
CA ALA B 124 13.62 29.93 -34.20
C ALA B 124 14.63 29.22 -35.09
N LYS B 125 15.42 28.34 -34.49
CA LYS B 125 16.40 27.57 -35.24
C LYS B 125 15.72 26.63 -36.24
N GLU B 126 14.63 26.02 -35.81
CA GLU B 126 13.87 25.12 -36.66
C GLU B 126 13.29 25.85 -37.86
N SER B 127 12.78 27.06 -37.62
CA SER B 127 12.29 27.91 -38.70
C SER B 127 13.41 28.30 -39.65
N GLY B 128 14.50 28.81 -39.09
CA GLY B 128 15.66 29.18 -39.89
C GLY B 128 15.45 30.52 -40.59
N THR B 129 14.60 31.35 -40.00
CA THR B 129 14.28 32.65 -40.58
C THR B 129 14.66 33.78 -39.63
N GLU B 130 14.99 34.94 -40.20
CA GLU B 130 15.31 36.12 -39.40
C GLU B 130 14.14 36.54 -38.54
N GLU B 131 12.93 36.47 -39.11
CA GLU B 131 11.71 36.83 -38.39
C GLU B 131 11.55 35.98 -37.13
N ALA B 132 11.71 34.68 -37.28
CA ALA B 132 11.57 33.75 -36.16
C ALA B 132 12.58 34.06 -35.06
N VAL B 133 13.80 34.37 -35.47
CA VAL B 133 14.85 34.77 -34.52
C VAL B 133 14.44 36.01 -33.74
N ARG B 134 13.97 37.03 -34.46
CA ARG B 134 13.50 38.25 -33.83
C ARG B 134 12.34 37.98 -32.88
N LEU B 135 11.43 37.11 -33.30
CA LEU B 135 10.29 36.75 -32.47
C LEU B 135 10.72 36.03 -31.20
N ALA B 136 11.72 35.16 -31.33
CA ALA B 136 12.28 34.46 -30.19
C ALA B 136 12.93 35.43 -29.20
N LEU B 137 13.60 36.45 -29.74
CA LEU B 137 14.18 37.50 -28.91
C LEU B 137 13.10 38.30 -28.20
N GLU B 138 11.98 38.50 -28.87
CA GLU B 138 10.82 39.14 -28.26
C GLU B 138 10.27 38.31 -27.10
N VAL B 139 10.19 37.01 -27.31
CA VAL B 139 9.79 36.09 -26.24
C VAL B 139 10.68 36.24 -25.02
N VAL B 140 11.99 36.20 -25.24
CA VAL B 140 12.96 36.33 -24.16
C VAL B 140 12.79 37.66 -23.44
N LYS B 141 12.64 38.74 -24.22
CA LYS B 141 12.43 40.06 -23.65
C LYS B 141 11.22 40.08 -22.71
N ARG B 142 10.10 39.57 -23.20
CA ARG B 142 8.87 39.55 -22.43
C ARG B 142 9.07 38.86 -21.08
N VAL B 143 9.77 37.74 -21.10
CA VAL B 143 10.02 36.96 -19.89
C VAL B 143 10.85 37.76 -18.89
N SER B 144 11.93 38.37 -19.37
CA SER B 144 12.83 39.11 -18.51
C SER B 144 12.16 40.35 -17.94
N ASN B 145 11.30 40.98 -18.75
CA ASN B 145 10.57 42.16 -18.31
C ASN B 145 9.62 41.83 -17.17
N GLU B 146 8.81 40.78 -17.36
CA GLU B 146 7.83 40.39 -16.35
C GLU B 146 8.49 39.76 -15.14
N ALA B 147 9.58 39.04 -15.37
CA ALA B 147 10.39 38.48 -14.29
C ALA B 147 10.98 39.59 -13.42
N LEU B 148 11.44 40.66 -14.06
CA LEU B 148 11.96 41.82 -13.34
C LEU B 148 10.88 42.48 -12.50
N LYS B 149 9.67 42.53 -13.05
CA LYS B 149 8.52 43.05 -12.31
C LYS B 149 8.19 42.18 -11.10
N GLN B 150 8.29 40.86 -11.28
CA GLN B 150 8.04 39.92 -10.20
C GLN B 150 9.15 39.99 -9.15
N GLY B 151 10.38 40.20 -9.61
CA GLY B 151 11.54 40.19 -8.73
C GLY B 151 12.41 38.96 -8.96
N ASN B 152 12.04 38.18 -9.97
CA ASN B 152 12.75 36.93 -10.27
C ASN B 152 14.04 37.21 -11.04
N VAL B 153 15.05 37.69 -10.34
CA VAL B 153 16.30 38.10 -10.97
C VAL B 153 16.98 36.93 -11.66
N ASP B 154 16.83 35.74 -11.08
CA ASP B 154 17.41 34.53 -11.64
C ASP B 154 16.92 34.29 -13.07
N ALA B 155 15.61 34.41 -13.26
CA ALA B 155 15.02 34.26 -14.58
C ALA B 155 15.52 35.33 -15.54
N VAL B 156 15.65 36.55 -15.03
CA VAL B 156 16.15 37.66 -15.83
C VAL B 156 17.57 37.39 -16.33
N LYS B 157 18.43 36.95 -15.43
CA LYS B 157 19.81 36.64 -15.77
C LYS B 157 19.87 35.56 -16.85
N VAL B 158 19.08 34.50 -16.68
CA VAL B 158 19.02 33.43 -17.66
C VAL B 158 18.54 33.94 -19.01
N ALA B 159 17.50 34.76 -18.98
CA ALA B 159 16.92 35.31 -20.21
C ALA B 159 17.95 36.13 -20.98
N LEU B 160 18.75 36.90 -20.25
CA LEU B 160 19.79 37.72 -20.86
C LEU B 160 20.82 36.86 -21.58
N GLU B 161 21.19 35.74 -20.95
CA GLU B 161 22.13 34.80 -21.55
C GLU B 161 21.55 34.15 -22.80
N VAL B 162 20.28 33.77 -22.72
CA VAL B 162 19.59 33.15 -23.84
C VAL B 162 19.45 34.12 -25.00
N ARG B 163 19.14 35.37 -24.69
CA ARG B 163 19.06 36.42 -25.70
C ARG B 163 20.33 36.47 -26.54
N LYS B 164 21.48 36.49 -25.86
CA LYS B 164 22.77 36.42 -26.54
C LYS B 164 22.87 35.16 -27.40
N MET B 165 22.50 34.02 -26.81
CA MET B 165 22.66 32.73 -27.48
C MET B 165 21.84 32.69 -28.77
N ILE B 166 20.65 33.28 -28.74
CA ILE B 166 19.80 33.36 -29.91
C ILE B 166 20.47 34.17 -31.02
N GLU B 167 21.03 35.32 -30.64
CA GLU B 167 21.75 36.16 -31.59
C GLU B 167 22.97 35.44 -32.16
N GLU B 168 23.65 34.67 -31.31
CA GLU B 168 24.79 33.88 -31.73
C GLU B 168 24.38 32.80 -32.73
N LEU B 169 23.23 32.18 -32.48
CA LEU B 169 22.70 31.15 -33.37
C LEU B 169 22.36 31.73 -34.74
N SER B 170 21.79 32.92 -34.73
CA SER B 170 21.48 33.63 -35.98
C SER B 170 22.77 33.96 -36.74
N GLY B 171 23.73 34.56 -36.04
CA GLY B 171 25.01 34.92 -36.64
C GLY B 171 24.89 36.21 -37.43
N THR C 1 37.34 -13.97 -23.47
CA THR C 1 37.78 -12.86 -22.62
C THR C 1 36.87 -11.66 -22.77
N LYS C 2 36.70 -11.19 -24.00
CA LYS C 2 35.88 -10.02 -24.28
C LYS C 2 34.44 -10.24 -23.81
N GLU C 3 33.87 -11.37 -24.20
CA GLU C 3 32.49 -11.69 -23.86
C GLU C 3 32.29 -11.73 -22.35
N GLU C 4 33.24 -12.33 -21.65
CA GLU C 4 33.21 -12.38 -20.19
C GLU C 4 33.23 -10.97 -19.59
N ARG C 5 34.12 -10.13 -20.12
CA ARG C 5 34.22 -8.75 -19.66
C ARG C 5 32.91 -8.01 -19.85
N VAL C 6 32.27 -8.21 -21.00
CA VAL C 6 31.02 -7.55 -21.31
C VAL C 6 29.91 -7.99 -20.36
N LEU C 7 29.88 -9.29 -20.05
CA LEU C 7 28.91 -9.82 -19.11
C LEU C 7 29.16 -9.30 -17.70
N LEU C 8 30.43 -9.17 -17.34
CA LEU C 8 30.82 -8.62 -16.04
C LEU C 8 30.42 -7.14 -15.95
N MET C 9 30.51 -6.44 -17.06
CA MET C 9 30.05 -5.06 -17.14
C MET C 9 28.55 -4.97 -16.89
N LYS C 10 27.80 -5.89 -17.49
CA LYS C 10 26.36 -5.99 -17.23
C LYS C 10 26.09 -6.19 -15.74
N VAL C 11 26.80 -7.14 -15.14
CA VAL C 11 26.64 -7.43 -13.72
C VAL C 11 26.90 -6.20 -12.86
N ALA C 12 27.99 -5.50 -13.17
CA ALA C 12 28.34 -4.28 -12.44
C ALA C 12 27.21 -3.26 -12.48
N ILE C 13 26.73 -2.97 -13.69
CA ILE C 13 25.69 -1.96 -13.87
C ILE C 13 24.43 -2.32 -13.08
N LEU C 14 24.05 -3.59 -13.14
CA LEU C 14 22.85 -4.05 -12.45
C LEU C 14 23.00 -3.93 -10.94
N ALA C 15 24.13 -4.38 -10.42
CA ALA C 15 24.38 -4.38 -8.99
C ALA C 15 24.46 -2.96 -8.44
N ILE C 16 25.06 -2.07 -9.22
CA ILE C 16 25.16 -0.66 -8.83
C ILE C 16 23.79 -0.03 -8.69
N VAL C 17 22.93 -0.24 -9.68
CA VAL C 17 21.59 0.32 -9.68
C VAL C 17 20.73 -0.31 -8.58
N ALA C 18 20.94 -1.60 -8.35
CA ALA C 18 20.24 -2.31 -7.28
C ALA C 18 20.62 -1.75 -5.92
N ALA C 19 21.90 -1.47 -5.73
CA ALA C 19 22.39 -0.87 -4.50
C ALA C 19 21.81 0.51 -4.30
N LYS C 20 21.69 1.27 -5.38
CA LYS C 20 21.09 2.59 -5.34
C LYS C 20 19.60 2.51 -5.00
N LYS C 21 18.93 1.50 -5.55
CA LYS C 21 17.53 1.25 -5.24
C LYS C 21 17.35 0.80 -3.80
N GLY C 22 18.33 0.04 -3.29
CA GLY C 22 18.26 -0.49 -1.94
C GLY C 22 18.07 -1.99 -1.94
N ASN C 23 18.05 -2.58 -3.13
CA ASN C 23 17.85 -4.02 -3.28
C ASN C 23 19.16 -4.78 -3.06
N THR C 24 19.57 -4.86 -1.80
CA THR C 24 20.85 -5.47 -1.46
C THR C 24 20.85 -6.95 -1.84
N ASP C 25 19.70 -7.60 -1.74
CA ASP C 25 19.58 -9.01 -2.09
C ASP C 25 19.98 -9.24 -3.55
N GLU C 26 19.52 -8.38 -4.43
CA GLU C 26 19.88 -8.46 -5.84
C GLU C 26 21.37 -8.21 -6.04
N VAL C 27 21.92 -7.26 -5.28
CA VAL C 27 23.34 -6.96 -5.33
C VAL C 27 24.17 -8.19 -4.97
N ARG C 28 23.78 -8.87 -3.90
CA ARG C 28 24.47 -10.08 -3.47
C ARG C 28 24.51 -11.13 -4.57
N LYS C 29 23.37 -11.34 -5.22
CA LYS C 29 23.29 -12.27 -6.33
C LYS C 29 24.23 -11.87 -7.47
N ALA C 30 24.19 -10.60 -7.84
CA ALA C 30 25.03 -10.10 -8.93
C ALA C 30 26.50 -10.26 -8.60
N LEU C 31 26.86 -10.01 -7.35
CA LEU C 31 28.24 -10.17 -6.90
C LEU C 31 28.69 -11.61 -7.03
N GLU C 32 27.80 -12.54 -6.70
CA GLU C 32 28.06 -13.97 -6.87
C GLU C 32 28.24 -14.32 -8.35
N LEU C 33 27.41 -13.72 -9.19
CA LEU C 33 27.48 -13.96 -10.63
C LEU C 33 28.83 -13.52 -11.20
N ALA C 34 29.31 -12.38 -10.73
CA ALA C 34 30.64 -11.90 -11.11
C ALA C 34 31.71 -12.95 -10.81
N LEU C 35 31.67 -13.51 -9.60
CA LEU C 35 32.56 -14.60 -9.23
C LEU C 35 32.40 -15.78 -10.15
N LEU C 36 31.16 -16.18 -10.41
CA LEU C 36 30.87 -17.36 -11.20
C LEU C 36 31.41 -17.22 -12.62
N ILE C 37 31.29 -16.01 -13.17
CA ILE C 37 31.81 -15.72 -14.50
C ILE C 37 33.32 -15.89 -14.55
N ALA C 38 34.00 -15.33 -13.55
CA ALA C 38 35.45 -15.47 -13.44
C ALA C 38 35.87 -16.92 -13.28
N LYS C 39 35.09 -17.66 -12.50
CA LYS C 39 35.36 -19.08 -12.27
C LYS C 39 35.22 -19.87 -13.55
N VAL C 40 34.18 -19.57 -14.32
CA VAL C 40 33.94 -20.26 -15.58
C VAL C 40 35.05 -19.99 -16.59
N SER C 41 35.51 -18.74 -16.62
CA SER C 41 36.63 -18.36 -17.49
C SER C 41 37.91 -19.07 -17.08
N GLY C 42 38.25 -18.97 -15.79
CA GLY C 42 39.43 -19.64 -15.26
C GLY C 42 40.71 -18.88 -15.63
N THR C 43 40.56 -17.58 -15.84
CA THR C 43 41.69 -16.74 -16.23
C THR C 43 41.94 -15.65 -15.20
N THR C 44 43.20 -15.22 -15.11
CA THR C 44 43.57 -14.13 -14.20
C THR C 44 42.87 -12.84 -14.58
N GLU C 45 42.76 -12.59 -15.88
CA GLU C 45 42.07 -11.41 -16.38
C GLU C 45 40.64 -11.35 -15.90
N ALA C 46 39.93 -12.45 -16.04
CA ALA C 46 38.53 -12.53 -15.62
C ALA C 46 38.39 -12.27 -14.12
N VAL C 47 39.32 -12.83 -13.33
CA VAL C 47 39.34 -12.61 -11.90
C VAL C 47 39.50 -11.13 -11.57
N LYS C 48 40.46 -10.49 -12.24
CA LYS C 48 40.70 -9.07 -12.06
C LYS C 48 39.47 -8.25 -12.44
N LEU C 49 38.83 -8.62 -13.54
CA LEU C 49 37.64 -7.93 -14.01
C LEU C 49 36.49 -8.06 -13.01
N ALA C 50 36.35 -9.25 -12.45
CA ALA C 50 35.32 -9.51 -11.44
C ALA C 50 35.56 -8.68 -10.19
N LEU C 51 36.82 -8.54 -9.80
CA LEU C 51 37.19 -7.69 -8.68
C LEU C 51 36.90 -6.23 -8.97
N GLU C 52 37.09 -5.83 -10.23
CA GLU C 52 36.73 -4.48 -10.67
C GLU C 52 35.24 -4.24 -10.53
N VAL C 53 34.45 -5.23 -10.93
CA VAL C 53 33.00 -5.17 -10.74
C VAL C 53 32.64 -4.95 -9.29
N VAL C 54 33.22 -5.75 -8.41
CA VAL C 54 32.97 -5.65 -6.98
C VAL C 54 33.31 -4.26 -6.45
N ALA C 55 34.47 -3.74 -6.86
CA ALA C 55 34.91 -2.42 -6.46
C ALA C 55 33.87 -1.36 -6.83
N ARG C 56 33.45 -1.37 -8.08
CA ARG C 56 32.51 -0.37 -8.58
C ARG C 56 31.22 -0.39 -7.77
N VAL C 57 30.71 -1.58 -7.48
CA VAL C 57 29.47 -1.74 -6.74
C VAL C 57 29.61 -1.21 -5.32
N ALA C 58 30.67 -1.61 -4.65
CA ALA C 58 30.89 -1.24 -3.25
C ALA C 58 31.12 0.26 -3.10
N ILE C 59 31.83 0.84 -4.07
CA ILE C 59 32.09 2.27 -4.06
C ILE C 59 30.79 3.06 -4.18
N GLU C 60 29.95 2.70 -5.14
CA GLU C 60 28.70 3.39 -5.37
C GLU C 60 27.71 3.13 -4.24
N ALA C 61 27.75 1.92 -3.69
CA ALA C 61 26.93 1.57 -2.55
C ALA C 61 27.30 2.40 -1.32
N ALA C 62 28.59 2.58 -1.12
CA ALA C 62 29.09 3.41 -0.02
C ALA C 62 28.67 4.86 -0.21
N ARG C 63 28.70 5.33 -1.44
CA ARG C 63 28.24 6.68 -1.76
C ARG C 63 26.75 6.82 -1.56
N ARG C 64 26.01 5.77 -1.90
CA ARG C 64 24.56 5.75 -1.69
C ARG C 64 24.23 5.68 -0.21
N GLY C 65 25.05 4.98 0.55
CA GLY C 65 24.81 4.78 1.98
C GLY C 65 24.44 3.34 2.29
N ASN C 66 24.44 2.50 1.25
CA ASN C 66 24.08 1.09 1.42
C ASN C 66 25.26 0.28 1.95
N THR C 67 25.56 0.47 3.23
CA THR C 67 26.72 -0.16 3.84
C THR C 67 26.61 -1.68 3.81
N ASP C 68 25.39 -2.18 3.94
CA ASP C 68 25.14 -3.62 3.91
C ASP C 68 25.65 -4.23 2.62
N ALA C 69 25.33 -3.59 1.49
CA ALA C 69 25.81 -4.05 0.19
C ALA C 69 27.33 -3.97 0.11
N VAL C 70 27.90 -2.91 0.68
CA VAL C 70 29.35 -2.75 0.70
C VAL C 70 30.02 -3.90 1.44
N ARG C 71 29.48 -4.24 2.60
CA ARG C 71 30.03 -5.32 3.42
C ARG C 71 30.06 -6.63 2.64
N GLU C 72 28.95 -6.93 1.97
CA GLU C 72 28.86 -8.14 1.15
C GLU C 72 29.88 -8.12 0.02
N ALA C 73 29.97 -6.99 -0.66
CA ALA C 73 30.90 -6.85 -1.78
C ALA C 73 32.34 -7.03 -1.33
N LEU C 74 32.68 -6.49 -0.16
CA LEU C 74 34.01 -6.62 0.39
C LEU C 74 34.36 -8.08 0.66
N GLU C 75 33.39 -8.83 1.18
CA GLU C 75 33.56 -10.25 1.42
C GLU C 75 33.74 -11.01 0.11
N VAL C 76 32.97 -10.63 -0.91
CA VAL C 76 33.06 -11.26 -2.21
C VAL C 76 34.42 -11.04 -2.84
N ALA C 77 34.96 -9.84 -2.68
CA ALA C 77 36.31 -9.53 -3.14
C ALA C 77 37.32 -10.53 -2.61
N LEU C 78 37.26 -10.78 -1.30
CA LEU C 78 38.10 -11.81 -0.69
C LEU C 78 37.86 -13.17 -1.32
N GLU C 79 36.59 -13.53 -1.48
CA GLU C 79 36.23 -14.85 -2.00
C GLU C 79 36.76 -15.05 -3.41
N ILE C 80 36.71 -13.99 -4.21
CA ILE C 80 37.23 -14.04 -5.57
C ILE C 80 38.73 -14.32 -5.58
N ALA C 81 39.47 -13.62 -4.72
CA ALA C 81 40.90 -13.85 -4.57
C ALA C 81 41.19 -15.27 -4.09
N ARG C 82 40.36 -15.76 -3.18
CA ARG C 82 40.49 -17.11 -2.66
C ARG C 82 40.26 -18.14 -3.76
N GLU C 83 39.28 -17.89 -4.61
CA GLU C 83 38.95 -18.79 -5.71
C GLU C 83 40.11 -18.85 -6.70
N SER C 84 40.72 -17.70 -6.98
CA SER C 84 41.90 -17.65 -7.84
C SER C 84 43.06 -18.41 -7.22
N GLY C 85 43.36 -18.11 -5.97
CA GLY C 85 44.44 -18.79 -5.24
C GLY C 85 45.80 -18.25 -5.65
N THR C 86 45.83 -17.00 -6.11
CA THR C 86 47.07 -16.38 -6.55
C THR C 86 47.39 -15.15 -5.72
N THR C 87 48.68 -14.85 -5.60
CA THR C 87 49.12 -13.66 -4.88
C THR C 87 48.61 -12.39 -5.54
N GLU C 88 48.63 -12.38 -6.87
CA GLU C 88 48.13 -11.24 -7.64
C GLU C 88 46.69 -10.93 -7.30
N ALA C 89 45.85 -11.97 -7.30
CA ALA C 89 44.43 -11.81 -7.00
C ALA C 89 44.22 -11.25 -5.61
N VAL C 90 45.02 -11.72 -4.65
CA VAL C 90 44.98 -11.20 -3.29
C VAL C 90 45.29 -9.71 -3.26
N LYS C 91 46.36 -9.32 -3.96
CA LYS C 91 46.73 -7.92 -4.08
C LYS C 91 45.61 -7.10 -4.70
N LEU C 92 45.00 -7.65 -5.75
CA LEU C 92 43.93 -6.96 -6.46
C LEU C 92 42.71 -6.78 -5.55
N ALA C 93 42.41 -7.80 -4.76
CA ALA C 93 41.32 -7.74 -3.81
C ALA C 93 41.56 -6.68 -2.74
N LEU C 94 42.81 -6.56 -2.31
CA LEU C 94 43.20 -5.52 -1.36
C LEU C 94 43.09 -4.13 -1.99
N GLU C 95 43.39 -4.06 -3.29
CA GLU C 95 43.20 -2.83 -4.04
C GLU C 95 41.73 -2.42 -4.09
N VAL C 96 40.86 -3.40 -4.31
CA VAL C 96 39.42 -3.18 -4.25
C VAL C 96 39.00 -2.59 -2.90
N VAL C 97 39.47 -3.21 -1.82
CA VAL C 97 39.15 -2.75 -0.48
C VAL C 97 39.62 -1.32 -0.27
N ALA C 98 40.84 -1.03 -0.70
CA ALA C 98 41.40 0.31 -0.59
C ALA C 98 40.50 1.34 -1.26
N ARG C 99 40.13 1.07 -2.51
CA ARG C 99 39.30 1.99 -3.28
C ARG C 99 37.99 2.30 -2.57
N VAL C 100 37.36 1.26 -2.03
CA VAL C 100 36.08 1.41 -1.36
C VAL C 100 36.20 2.25 -0.10
N ALA C 101 37.20 1.91 0.72
CA ALA C 101 37.38 2.58 2.00
C ALA C 101 37.77 4.04 1.81
N ILE C 102 38.58 4.30 0.80
CA ILE C 102 39.00 5.67 0.50
C ILE C 102 37.81 6.53 0.10
N GLU C 103 36.99 6.02 -0.81
CA GLU C 103 35.83 6.76 -1.29
C GLU C 103 34.76 6.86 -0.21
N ALA C 104 34.64 5.82 0.61
CA ALA C 104 33.72 5.84 1.74
C ALA C 104 34.13 6.89 2.76
N ALA C 105 35.43 6.98 3.02
CA ALA C 105 35.95 7.99 3.94
C ALA C 105 35.71 9.39 3.40
N ARG C 106 35.88 9.57 2.10
CA ARG C 106 35.60 10.83 1.44
C ARG C 106 34.10 11.15 1.48
N ARG C 107 33.28 10.13 1.32
CA ARG C 107 31.83 10.28 1.40
C ARG C 107 31.39 10.62 2.82
N GLY C 108 32.09 10.03 3.80
CA GLY C 108 31.72 10.21 5.19
C GLY C 108 31.17 8.93 5.80
N ASN C 109 31.14 7.88 4.99
CA ASN C 109 30.64 6.58 5.44
C ASN C 109 31.68 5.81 6.22
N THR C 110 31.95 6.27 7.45
CA THR C 110 33.01 5.70 8.26
C THR C 110 32.73 4.24 8.59
N GLU C 111 31.45 3.90 8.74
CA GLU C 111 31.05 2.53 9.04
C GLU C 111 31.55 1.57 7.96
N ALA C 112 31.36 1.95 6.71
CA ALA C 112 31.85 1.17 5.58
C ALA C 112 33.37 1.06 5.59
N VAL C 113 34.02 2.17 5.95
CA VAL C 113 35.48 2.19 6.05
C VAL C 113 35.97 1.19 7.08
N VAL C 114 35.35 1.19 8.25
CA VAL C 114 35.72 0.28 9.31
C VAL C 114 35.65 -1.17 8.87
N GLU C 115 34.55 -1.52 8.20
CA GLU C 115 34.37 -2.86 7.67
C GLU C 115 35.46 -3.21 6.65
N ALA C 116 35.71 -2.29 5.74
CA ALA C 116 36.70 -2.50 4.68
C ALA C 116 38.08 -2.72 5.28
N LEU C 117 38.42 -1.94 6.29
CA LEU C 117 39.70 -2.06 6.97
C LEU C 117 39.87 -3.44 7.59
N LEU C 118 38.80 -3.94 8.20
CA LEU C 118 38.81 -5.28 8.78
C LEU C 118 38.97 -6.35 7.71
N VAL C 119 38.30 -6.15 6.58
CA VAL C 119 38.38 -7.10 5.46
C VAL C 119 39.78 -7.16 4.90
N ALA C 120 40.44 -6.01 4.81
CA ALA C 120 41.83 -5.94 4.37
C ALA C 120 42.70 -6.88 5.19
N LEU C 121 42.56 -6.83 6.51
CA LEU C 121 43.24 -7.76 7.41
C LEU C 121 42.89 -9.20 7.07
N GLU C 122 41.61 -9.47 6.91
CA GLU C 122 41.13 -10.84 6.68
C GLU C 122 41.69 -11.40 5.39
N ILE C 123 41.79 -10.57 4.37
CA ILE C 123 42.36 -10.97 3.09
C ILE C 123 43.82 -11.39 3.25
N ALA C 124 44.59 -10.56 3.97
CA ALA C 124 45.98 -10.88 4.26
C ALA C 124 46.10 -12.17 5.06
N LYS C 125 45.19 -12.35 6.00
CA LYS C 125 45.17 -13.57 6.82
C LYS C 125 44.89 -14.80 5.97
N GLU C 126 43.97 -14.66 5.02
CA GLU C 126 43.62 -15.75 4.13
C GLU C 126 44.80 -16.15 3.26
N SER C 127 45.54 -15.15 2.77
CA SER C 127 46.76 -15.41 2.01
C SER C 127 47.81 -16.09 2.87
N GLY C 128 48.07 -15.53 4.04
CA GLY C 128 49.03 -16.11 4.97
C GLY C 128 50.46 -15.82 4.56
N THR C 129 50.65 -14.72 3.83
CA THR C 129 51.96 -14.34 3.34
C THR C 129 52.38 -12.97 3.88
N GLU C 130 53.68 -12.77 4.02
CA GLU C 130 54.21 -11.49 4.48
C GLU C 130 53.85 -10.37 3.52
N GLU C 131 53.93 -10.66 2.21
CA GLU C 131 53.59 -9.70 1.18
C GLU C 131 52.16 -9.19 1.34
N ALA C 132 51.23 -10.13 1.52
CA ALA C 132 49.82 -9.78 1.67
C ALA C 132 49.60 -8.90 2.89
N VAL C 133 50.29 -9.23 3.98
CA VAL C 133 50.23 -8.41 5.20
C VAL C 133 50.70 -6.99 4.93
N ARG C 134 51.84 -6.86 4.27
CA ARG C 134 52.38 -5.56 3.91
C ARG C 134 51.42 -4.79 3.01
N LEU C 135 50.82 -5.50 2.06
CA LEU C 135 49.86 -4.89 1.16
C LEU C 135 48.62 -4.39 1.90
N ALA C 136 48.17 -5.18 2.87
CA ALA C 136 47.04 -4.80 3.71
C ALA C 136 47.35 -3.55 4.52
N LEU C 137 48.59 -3.46 5.01
CA LEU C 137 49.04 -2.28 5.73
C LEU C 137 49.09 -1.07 4.81
N GLU C 138 49.44 -1.29 3.56
CA GLU C 138 49.41 -0.24 2.54
C GLU C 138 47.98 0.26 2.31
N VAL C 139 47.05 -0.68 2.23
CA VAL C 139 45.63 -0.33 2.12
C VAL C 139 45.19 0.57 3.26
N VAL C 140 45.51 0.16 4.49
CA VAL C 140 45.15 0.93 5.68
C VAL C 140 45.76 2.32 5.63
N LYS C 141 47.05 2.39 5.26
CA LYS C 141 47.74 3.66 5.13
C LYS C 141 47.01 4.60 4.17
N ARG C 142 46.70 4.09 2.99
CA ARG C 142 46.02 4.88 1.97
C ARG C 142 44.73 5.48 2.50
N VAL C 143 43.96 4.68 3.22
CA VAL C 143 42.68 5.12 3.77
C VAL C 143 42.88 6.24 4.77
N SER C 144 43.82 6.07 5.69
CA SER C 144 44.07 7.04 6.74
C SER C 144 44.61 8.34 6.17
N ASN C 145 45.44 8.23 5.13
CA ASN C 145 46.00 9.40 4.47
C ASN C 145 44.91 10.24 3.82
N GLU C 146 44.05 9.59 3.03
CA GLU C 146 42.99 10.30 2.32
C GLU C 146 41.90 10.77 3.27
N ALA C 147 41.65 9.98 4.30
CA ALA C 147 40.71 10.35 5.35
C ALA C 147 41.19 11.61 6.09
N LEU C 148 42.49 11.67 6.35
CA LEU C 148 43.08 12.85 6.98
C LEU C 148 42.94 14.08 6.09
N LYS C 149 43.09 13.88 4.79
CA LYS C 149 42.89 14.96 3.82
C LYS C 149 41.43 15.43 3.81
N GLN C 150 40.51 14.48 3.91
CA GLN C 150 39.09 14.79 3.96
C GLN C 150 38.72 15.48 5.27
N GLY C 151 39.36 15.05 6.35
CA GLY C 151 39.03 15.55 7.68
C GLY C 151 38.34 14.48 8.52
N ASN C 152 38.24 13.28 7.97
CA ASN C 152 37.54 12.18 8.63
C ASN C 152 38.42 11.54 9.70
N VAL C 153 38.57 12.22 10.82
CA VAL C 153 39.48 11.77 11.88
C VAL C 153 39.05 10.42 12.43
N ASP C 154 37.74 10.18 12.46
CA ASP C 154 37.20 8.91 12.94
C ASP C 154 37.76 7.73 12.15
N ALA C 155 37.74 7.86 10.83
CA ALA C 155 38.29 6.84 9.96
C ALA C 155 39.78 6.65 10.18
N VAL C 156 40.48 7.76 10.38
CA VAL C 156 41.92 7.73 10.64
C VAL C 156 42.22 6.95 11.91
N LYS C 157 41.50 7.25 12.98
CA LYS C 157 41.68 6.57 14.25
C LYS C 157 41.46 5.06 14.10
N VAL C 158 40.38 4.69 13.42
CA VAL C 158 40.08 3.29 13.17
C VAL C 158 41.20 2.62 12.38
N ALA C 159 41.66 3.30 11.33
CA ALA C 159 42.71 2.77 10.47
C ALA C 159 43.98 2.49 11.27
N LEU C 160 44.31 3.40 12.18
CA LEU C 160 45.49 3.25 13.02
C LEU C 160 45.40 2.00 13.89
N GLU C 161 44.20 1.76 14.44
CA GLU C 161 43.96 0.57 15.25
C GLU C 161 44.07 -0.70 14.43
N VAL C 162 43.50 -0.66 13.22
CA VAL C 162 43.54 -1.80 12.32
C VAL C 162 44.97 -2.10 11.88
N ARG C 163 45.72 -1.06 11.60
CA ARG C 163 47.14 -1.20 11.26
C ARG C 163 47.88 -2.03 12.30
N LYS C 164 47.70 -1.68 13.57
CA LYS C 164 48.25 -2.45 14.67
C LYS C 164 47.76 -3.90 14.62
N MET C 165 46.45 -4.07 14.44
CA MET C 165 45.84 -5.39 14.48
C MET C 165 46.42 -6.29 13.40
N ILE C 166 46.66 -5.72 12.22
CA ILE C 166 47.27 -6.46 11.12
C ILE C 166 48.67 -6.94 11.49
N GLU C 167 49.46 -6.04 12.08
CA GLU C 167 50.80 -6.39 12.52
C GLU C 167 50.76 -7.47 13.61
N GLU C 168 49.77 -7.37 14.50
CA GLU C 168 49.57 -8.37 15.54
C GLU C 168 49.23 -9.73 14.95
N LEU C 169 48.39 -9.73 13.91
CA LEU C 169 48.00 -10.96 13.24
C LEU C 169 49.20 -11.63 12.56
N SER C 170 50.05 -10.81 11.97
CA SER C 170 51.29 -11.30 11.36
C SER C 170 52.21 -11.90 12.42
N GLY C 171 52.43 -11.15 13.49
CA GLY C 171 53.29 -11.61 14.58
C GLY C 171 54.76 -11.44 14.24
N THR D 1 8.75 -32.76 31.47
CA THR D 1 9.22 -31.50 32.05
C THR D 1 10.11 -30.74 31.08
N LYS D 2 11.17 -31.40 30.62
CA LYS D 2 12.13 -30.77 29.72
C LYS D 2 11.44 -30.31 28.43
N GLU D 3 10.67 -31.21 27.83
CA GLU D 3 9.98 -30.91 26.57
C GLU D 3 9.04 -29.72 26.73
N GLU D 4 8.32 -29.69 27.84
CA GLU D 4 7.43 -28.57 28.14
C GLU D 4 8.20 -27.27 28.25
N ARG D 5 9.33 -27.31 28.96
CA ARG D 5 10.18 -26.14 29.11
C ARG D 5 10.66 -25.62 27.76
N VAL D 6 11.06 -26.55 26.89
CA VAL D 6 11.55 -26.19 25.57
C VAL D 6 10.47 -25.54 24.73
N LEU D 7 9.25 -26.06 24.82
CA LEU D 7 8.12 -25.50 24.11
C LEU D 7 7.75 -24.12 24.66
N LEU D 8 7.86 -23.97 25.98
CA LEU D 8 7.61 -22.68 26.62
C LEU D 8 8.67 -21.66 26.21
N MET D 9 9.90 -22.12 26.01
CA MET D 9 10.95 -21.27 25.49
C MET D 9 10.63 -20.78 24.08
N LYS D 10 10.13 -21.68 23.25
CA LYS D 10 9.65 -21.31 21.92
C LYS D 10 8.58 -20.23 22.00
N VAL D 11 7.60 -20.44 22.87
CA VAL D 11 6.51 -19.48 23.05
C VAL D 11 7.04 -18.11 23.45
N ALA D 12 7.96 -18.10 24.41
CA ALA D 12 8.57 -16.85 24.88
C ALA D 12 9.21 -16.09 23.73
N ILE D 13 10.07 -16.78 22.98
CA ILE D 13 10.80 -16.15 21.89
C ILE D 13 9.84 -15.55 20.85
N LEU D 14 8.80 -16.30 20.52
CA LEU D 14 7.83 -15.84 19.52
C LEU D 14 7.08 -14.61 20.01
N ALA D 15 6.61 -14.66 21.25
CA ALA D 15 5.82 -13.58 21.82
C ALA D 15 6.65 -12.31 21.97
N ILE D 16 7.91 -12.48 22.34
CA ILE D 16 8.82 -11.34 22.47
C ILE D 16 9.02 -10.63 21.14
N VAL D 17 9.27 -11.39 20.09
CA VAL D 17 9.50 -10.83 18.77
C VAL D 17 8.21 -10.22 18.21
N ALA D 18 7.09 -10.86 18.51
CA ALA D 18 5.79 -10.33 18.11
C ALA D 18 5.51 -8.99 18.77
N ALA D 19 5.83 -8.89 20.04
CA ALA D 19 5.68 -7.64 20.78
C ALA D 19 6.57 -6.55 20.21
N LYS D 20 7.78 -6.93 19.81
CA LYS D 20 8.71 -6.00 19.19
C LYS D 20 8.20 -5.54 17.82
N LYS D 21 7.60 -6.47 17.09
CA LYS D 21 6.98 -6.15 15.80
C LYS D 21 5.76 -5.27 15.98
N GLY D 22 5.02 -5.49 17.07
CA GLY D 22 3.81 -4.74 17.34
C GLY D 22 2.58 -5.62 17.21
N ASN D 23 2.80 -6.90 16.94
CA ASN D 23 1.70 -7.85 16.76
C ASN D 23 1.19 -8.34 18.11
N THR D 24 0.46 -7.47 18.81
CA THR D 24 -0.01 -7.79 20.15
C THR D 24 -0.97 -8.98 20.13
N ASP D 25 -1.74 -9.10 19.06
CA ASP D 25 -2.67 -10.21 18.91
C ASP D 25 -1.95 -11.55 18.98
N GLU D 26 -0.83 -11.65 18.29
CA GLU D 26 -0.01 -12.85 18.32
C GLU D 26 0.55 -13.10 19.71
N VAL D 27 0.96 -12.02 20.38
CA VAL D 27 1.46 -12.11 21.74
C VAL D 27 0.42 -12.70 22.68
N ARG D 28 -0.81 -12.21 22.57
CA ARG D 28 -1.91 -12.71 23.39
C ARG D 28 -2.10 -14.22 23.22
N LYS D 29 -2.08 -14.67 21.97
CA LYS D 29 -2.19 -16.08 21.67
C LYS D 29 -1.06 -16.88 22.31
N ALA D 30 0.16 -16.40 22.13
CA ALA D 30 1.33 -17.09 22.68
C ALA D 30 1.27 -17.16 24.20
N LEU D 31 0.80 -16.09 24.82
CA LEU D 31 0.64 -16.05 26.27
C LEU D 31 -0.35 -17.10 26.74
N GLU D 32 -1.44 -17.26 25.98
CA GLU D 32 -2.43 -18.30 26.25
C GLU D 32 -1.83 -19.69 26.10
N LEU D 33 -1.00 -19.85 25.08
CA LEU D 33 -0.35 -21.13 24.83
C LEU D 33 0.56 -21.53 25.99
N ALA D 34 1.28 -20.55 26.53
CA ALA D 34 2.10 -20.78 27.71
C ALA D 34 1.28 -21.34 28.85
N LEU D 35 0.12 -20.73 29.12
CA LEU D 35 -0.81 -21.24 30.12
C LEU D 35 -1.24 -22.65 29.79
N LEU D 36 -1.62 -22.89 28.54
CA LEU D 36 -2.16 -24.18 28.12
C LEU D 36 -1.12 -25.28 28.32
N ILE D 37 0.13 -24.97 28.03
CA ILE D 37 1.23 -25.91 28.22
C ILE D 37 1.38 -26.30 29.68
N ALA D 38 1.35 -25.29 30.55
CA ALA D 38 1.43 -25.52 31.99
C ALA D 38 0.24 -26.33 32.49
N LYS D 39 -0.93 -26.05 31.94
CA LYS D 39 -2.15 -26.76 32.31
C LYS D 39 -2.06 -28.23 31.91
N VAL D 40 -1.55 -28.48 30.71
CA VAL D 40 -1.41 -29.84 30.21
C VAL D 40 -0.42 -30.64 31.06
N SER D 41 0.67 -29.99 31.45
CA SER D 41 1.66 -30.61 32.32
C SER D 41 1.08 -30.93 33.68
N GLY D 42 0.47 -29.92 34.31
CA GLY D 42 -0.18 -30.10 35.60
C GLY D 42 0.86 -30.13 36.73
N THR D 43 1.99 -29.49 36.50
CA THR D 43 3.08 -29.47 37.46
C THR D 43 3.40 -28.05 37.91
N THR D 44 3.89 -27.92 39.13
CA THR D 44 4.30 -26.62 39.66
C THR D 44 5.43 -26.01 38.85
N GLU D 45 6.36 -26.87 38.43
CA GLU D 45 7.48 -26.43 37.60
C GLU D 45 7.00 -25.79 36.32
N ALA D 46 6.09 -26.45 35.63
CA ALA D 46 5.54 -25.94 34.37
C ALA D 46 4.86 -24.60 34.57
N VAL D 47 4.11 -24.47 35.67
CA VAL D 47 3.46 -23.22 36.02
C VAL D 47 4.48 -22.10 36.19
N LYS D 48 5.54 -22.39 36.95
CA LYS D 48 6.61 -21.43 37.17
C LYS D 48 7.27 -21.03 35.86
N LEU D 49 7.50 -22.01 34.99
CA LEU D 49 8.13 -21.77 33.70
C LEU D 49 7.25 -20.89 32.82
N ALA D 50 5.95 -21.14 32.86
CA ALA D 50 4.99 -20.34 32.09
C ALA D 50 4.96 -18.90 32.58
N LEU D 51 5.07 -18.72 33.89
CA LEU D 51 5.15 -17.39 34.48
C LEU D 51 6.44 -16.69 34.08
N GLU D 52 7.52 -17.47 33.95
CA GLU D 52 8.79 -16.94 33.45
C GLU D 52 8.65 -16.45 32.02
N VAL D 53 7.96 -17.23 31.20
CA VAL D 53 7.65 -16.81 29.83
C VAL D 53 6.93 -15.48 29.80
N VAL D 54 5.87 -15.37 30.61
CA VAL D 54 5.09 -14.15 30.68
C VAL D 54 5.95 -12.96 31.08
N ALA D 55 6.79 -13.16 32.10
CA ALA D 55 7.69 -12.11 32.57
C ALA D 55 8.57 -11.60 31.43
N ARG D 56 9.22 -12.51 30.73
CA ARG D 56 10.15 -12.15 29.67
C ARG D 56 9.44 -11.31 28.60
N VAL D 57 8.24 -11.73 28.22
CA VAL D 57 7.48 -11.05 27.18
C VAL D 57 7.10 -9.64 27.62
N ALA D 58 6.57 -9.53 28.83
CA ALA D 58 6.09 -8.25 29.35
C ALA D 58 7.23 -7.27 29.54
N ILE D 59 8.38 -7.79 29.99
CA ILE D 59 9.56 -6.96 30.19
C ILE D 59 10.04 -6.36 28.87
N GLU D 60 10.17 -7.20 27.85
CA GLU D 60 10.64 -6.77 26.55
C GLU D 60 9.61 -5.87 25.86
N ALA D 61 8.34 -6.18 26.07
CA ALA D 61 7.25 -5.37 25.55
C ALA D 61 7.27 -3.97 26.16
N ALA D 62 7.51 -3.91 27.46
CA ALA D 62 7.62 -2.63 28.16
C ALA D 62 8.82 -1.83 27.65
N ARG D 63 9.91 -2.52 27.38
CA ARG D 63 11.10 -1.89 26.81
C ARG D 63 10.83 -1.40 25.39
N ARG D 64 10.07 -2.19 24.64
CA ARG D 64 9.69 -1.80 23.28
C ARG D 64 8.72 -0.63 23.30
N GLY D 65 7.86 -0.59 24.30
CA GLY D 65 6.84 0.44 24.40
C GLY D 65 5.45 -0.12 24.17
N ASN D 66 5.37 -1.44 23.96
CA ASN D 66 4.10 -2.10 23.71
C ASN D 66 3.34 -2.36 25.00
N THR D 67 2.79 -1.30 25.59
CA THR D 67 2.14 -1.39 26.88
C THR D 67 0.92 -2.30 26.82
N ASP D 68 0.24 -2.31 25.68
CA ASP D 68 -0.93 -3.16 25.49
C ASP D 68 -0.58 -4.62 25.71
N ALA D 69 0.53 -5.07 25.12
CA ALA D 69 1.00 -6.43 25.30
C ALA D 69 1.36 -6.70 26.76
N VAL D 70 1.97 -5.70 27.40
CA VAL D 70 2.33 -5.82 28.81
C VAL D 70 1.10 -6.04 29.68
N ARG D 71 0.06 -5.25 29.43
CA ARG D 71 -1.17 -5.35 30.19
C ARG D 71 -1.77 -6.75 30.09
N GLU D 72 -1.80 -7.28 28.87
CA GLU D 72 -2.30 -8.64 28.64
C GLU D 72 -1.46 -9.67 29.38
N ALA D 73 -0.15 -9.54 29.27
CA ALA D 73 0.77 -10.48 29.91
C ALA D 73 0.60 -10.48 31.42
N LEU D 74 0.41 -9.28 31.99
CA LEU D 74 0.21 -9.15 33.43
C LEU D 74 -1.05 -9.87 33.88
N GLU D 75 -2.11 -9.76 33.08
CA GLU D 75 -3.35 -10.45 33.35
C GLU D 75 -3.17 -11.96 33.27
N VAL D 76 -2.40 -12.41 32.26
CA VAL D 76 -2.13 -13.83 32.08
C VAL D 76 -1.37 -14.40 33.25
N ALA D 77 -0.41 -13.64 33.76
CA ALA D 77 0.33 -14.03 34.96
C ALA D 77 -0.60 -14.38 36.11
N LEU D 78 -1.58 -13.50 36.35
CA LEU D 78 -2.61 -13.77 37.35
C LEU D 78 -3.37 -15.05 37.02
N GLU D 79 -3.77 -15.19 35.77
CA GLU D 79 -4.58 -16.33 35.35
C GLU D 79 -3.84 -17.64 35.54
N ILE D 80 -2.54 -17.62 35.28
CA ILE D 80 -1.70 -18.79 35.48
C ILE D 80 -1.67 -19.21 36.94
N ALA D 81 -1.49 -18.23 37.83
CA ALA D 81 -1.52 -18.48 39.27
C ALA D 81 -2.87 -19.01 39.71
N ARG D 82 -3.94 -18.46 39.13
CA ARG D 82 -5.29 -18.90 39.43
C ARG D 82 -5.51 -20.34 38.99
N GLU D 83 -4.98 -20.69 37.83
CA GLU D 83 -5.11 -22.04 37.29
C GLU D 83 -4.39 -23.04 38.20
N SER D 84 -3.22 -22.66 38.69
CA SER D 84 -2.48 -23.49 39.63
C SER D 84 -3.25 -23.66 40.93
N GLY D 85 -3.69 -22.54 41.50
CA GLY D 85 -4.47 -22.56 42.74
C GLY D 85 -3.58 -22.77 43.95
N THR D 86 -2.31 -22.38 43.82
CA THR D 86 -1.35 -22.55 44.90
C THR D 86 -0.79 -21.21 45.36
N THR D 87 -0.41 -21.14 46.63
CA THR D 87 0.20 -19.93 47.18
C THR D 87 1.51 -19.60 46.48
N GLU D 88 2.29 -20.64 46.20
CA GLU D 88 3.56 -20.47 45.49
C GLU D 88 3.37 -19.79 44.15
N ALA D 89 2.40 -20.28 43.38
CA ALA D 89 2.11 -19.72 42.06
C ALA D 89 1.72 -18.26 42.15
N VAL D 90 0.92 -17.93 43.17
CA VAL D 90 0.54 -16.55 43.42
C VAL D 90 1.76 -15.67 43.68
N LYS D 91 2.66 -16.16 44.54
CA LYS D 91 3.91 -15.46 44.82
C LYS D 91 4.74 -15.28 43.56
N LEU D 92 4.81 -16.33 42.75
CA LEU D 92 5.58 -16.30 41.51
C LEU D 92 5.00 -15.28 40.53
N ALA D 93 3.67 -15.23 40.46
CA ALA D 93 2.99 -14.27 39.61
C ALA D 93 3.25 -12.84 40.05
N LEU D 94 3.30 -12.63 41.36
CA LEU D 94 3.65 -11.33 41.92
C LEU D 94 5.10 -10.97 41.61
N GLU D 95 5.96 -11.98 41.60
CA GLU D 95 7.35 -11.80 41.20
C GLU D 95 7.45 -11.36 39.75
N VAL D 96 6.66 -11.98 38.88
CA VAL D 96 6.56 -11.57 37.49
C VAL D 96 6.18 -10.09 37.37
N VAL D 97 5.13 -9.70 38.09
CA VAL D 97 4.66 -8.32 38.07
C VAL D 97 5.77 -7.36 38.52
N ALA D 98 6.45 -7.72 39.60
CA ALA D 98 7.55 -6.92 40.12
C ALA D 98 8.60 -6.68 39.05
N ARG D 99 9.05 -7.76 38.41
CA ARG D 99 10.10 -7.67 37.40
C ARG D 99 9.71 -6.72 36.27
N VAL D 100 8.46 -6.83 35.82
CA VAL D 100 7.98 -6.01 34.72
C VAL D 100 7.94 -4.53 35.10
N ALA D 101 7.36 -4.25 36.27
CA ALA D 101 7.18 -2.88 36.72
C ALA D 101 8.52 -2.21 37.00
N ILE D 102 9.45 -2.98 37.55
CA ILE D 102 10.79 -2.46 37.83
C ILE D 102 11.50 -2.05 36.55
N GLU D 103 11.49 -2.95 35.56
CA GLU D 103 12.16 -2.69 34.30
C GLU D 103 11.43 -1.61 33.50
N ALA D 104 10.11 -1.58 33.61
CA ALA D 104 9.31 -0.54 32.97
C ALA D 104 9.63 0.83 33.57
N ALA D 105 9.77 0.88 34.89
CA ALA D 105 10.13 2.12 35.57
C ALA D 105 11.51 2.59 35.15
N ARG D 106 12.44 1.65 35.01
CA ARG D 106 13.78 1.94 34.54
C ARG D 106 13.76 2.41 33.08
N ARG D 107 12.90 1.80 32.28
CA ARG D 107 12.74 2.18 30.88
C ARG D 107 12.10 3.56 30.77
N GLY D 108 11.19 3.86 31.70
CA GLY D 108 10.46 5.12 31.65
C GLY D 108 9.00 4.91 31.31
N ASN D 109 8.62 3.64 31.13
CA ASN D 109 7.24 3.30 30.79
C ASN D 109 6.35 3.28 32.02
N THR D 110 6.05 4.47 32.55
CA THR D 110 5.30 4.59 33.78
C THR D 110 3.90 4.01 33.64
N GLU D 111 3.32 4.14 32.45
CA GLU D 111 1.99 3.60 32.18
C GLU D 111 1.93 2.10 32.45
N ALA D 112 2.94 1.38 31.96
CA ALA D 112 3.05 -0.05 32.21
C ALA D 112 3.21 -0.35 33.70
N VAL D 113 4.00 0.50 34.37
CA VAL D 113 4.20 0.35 35.81
C VAL D 113 2.89 0.48 36.56
N VAL D 114 2.10 1.49 36.22
CA VAL D 114 0.82 1.71 36.87
C VAL D 114 -0.09 0.50 36.75
N GLU D 115 -0.16 -0.05 35.54
CA GLU D 115 -0.95 -1.25 35.30
C GLU D 115 -0.46 -2.43 36.13
N ALA D 116 0.85 -2.63 36.13
CA ALA D 116 1.46 -3.74 36.86
C ALA D 116 1.17 -3.63 38.35
N LEU D 117 1.26 -2.41 38.88
CA LEU D 117 0.99 -2.17 40.29
C LEU D 117 -0.44 -2.54 40.65
N LEU D 118 -1.37 -2.20 39.77
CA LEU D 118 -2.78 -2.54 39.96
C LEU D 118 -2.98 -4.06 39.91
N VAL D 119 -2.28 -4.71 39.00
CA VAL D 119 -2.37 -6.17 38.85
C VAL D 119 -1.86 -6.87 40.09
N ALA D 120 -0.78 -6.35 40.67
CA ALA D 120 -0.24 -6.88 41.92
C ALA D 120 -1.32 -6.94 42.99
N LEU D 121 -2.07 -5.86 43.14
CA LEU D 121 -3.21 -5.83 44.05
C LEU D 121 -4.22 -6.90 43.69
N GLU D 122 -4.56 -6.99 42.41
CA GLU D 122 -5.60 -7.91 41.95
C GLU D 122 -5.21 -9.35 42.22
N ILE D 123 -3.93 -9.66 42.05
CA ILE D 123 -3.41 -10.99 42.33
C ILE D 123 -3.60 -11.36 43.80
N ALA D 124 -3.23 -10.42 44.68
CA ALA D 124 -3.41 -10.61 46.11
C ALA D 124 -4.88 -10.78 46.47
N LYS D 125 -5.73 -10.01 45.80
CA LYS D 125 -7.18 -10.10 46.02
C LYS D 125 -7.71 -11.46 45.59
N GLU D 126 -7.21 -11.97 44.47
CA GLU D 126 -7.62 -13.27 43.97
C GLU D 126 -7.23 -14.38 44.94
N SER D 127 -6.03 -14.28 45.51
CA SER D 127 -5.59 -15.22 46.53
C SER D 127 -6.46 -15.13 47.77
N GLY D 128 -6.64 -13.92 48.28
CA GLY D 128 -7.49 -13.70 49.44
C GLY D 128 -6.77 -14.07 50.73
N THR D 129 -5.44 -14.01 50.70
CA THR D 129 -4.63 -14.38 51.85
C THR D 129 -3.79 -13.19 52.33
N GLU D 130 -3.49 -13.17 53.62
CA GLU D 130 -2.64 -12.13 54.20
C GLU D 130 -1.25 -12.15 53.58
N GLU D 131 -0.72 -13.35 53.37
CA GLU D 131 0.60 -13.52 52.77
C GLU D 131 0.66 -12.87 51.39
N ALA D 132 -0.34 -13.14 50.56
CA ALA D 132 -0.40 -12.59 49.21
C ALA D 132 -0.44 -11.06 49.24
N VAL D 133 -1.21 -10.52 50.18
CA VAL D 133 -1.28 -9.07 50.37
C VAL D 133 0.09 -8.50 50.71
N ARG D 134 0.77 -9.12 51.67
CA ARG D 134 2.10 -8.70 52.06
C ARG D 134 3.08 -8.79 50.89
N LEU D 135 2.96 -9.86 50.11
CA LEU D 135 3.82 -10.05 48.94
C LEU D 135 3.57 -8.97 47.89
N ALA D 136 2.30 -8.61 47.71
CA ALA D 136 1.93 -7.55 46.79
C ALA D 136 2.50 -6.21 47.23
N LEU D 137 2.50 -5.97 48.54
CA LEU D 137 3.11 -4.77 49.10
C LEU D 137 4.61 -4.76 48.89
N GLU D 138 5.22 -5.94 48.96
CA GLU D 138 6.64 -6.09 48.65
C GLU D 138 6.93 -5.74 47.19
N VAL D 139 6.07 -6.22 46.30
CA VAL D 139 6.18 -5.86 44.88
C VAL D 139 6.16 -4.36 44.68
N VAL D 140 5.17 -3.70 45.28
CA VAL D 140 5.04 -2.25 45.18
C VAL D 140 6.28 -1.55 45.71
N LYS D 141 6.76 -2.00 46.87
CA LYS D 141 7.97 -1.45 47.47
C LYS D 141 9.15 -1.51 46.50
N ARG D 142 9.37 -2.69 45.95
CA ARG D 142 10.49 -2.91 45.03
C ARG D 142 10.44 -1.92 43.87
N VAL D 143 9.25 -1.71 43.31
CA VAL D 143 9.07 -0.82 42.18
C VAL D 143 9.42 0.61 42.56
N SER D 144 8.90 1.07 43.69
CA SER D 144 9.11 2.44 44.14
C SER D 144 10.57 2.69 44.49
N ASN D 145 11.22 1.67 45.05
CA ASN D 145 12.63 1.77 45.40
C ASN D 145 13.50 1.94 44.17
N GLU D 146 13.29 1.08 43.18
CA GLU D 146 14.09 1.12 41.95
C GLU D 146 13.73 2.31 41.09
N ALA D 147 12.46 2.69 41.11
CA ALA D 147 11.99 3.89 40.43
C ALA D 147 12.65 5.14 41.01
N LEU D 148 12.77 5.18 42.33
CA LEU D 148 13.44 6.28 43.01
C LEU D 148 14.91 6.35 42.62
N LYS D 149 15.53 5.19 42.47
CA LYS D 149 16.92 5.11 42.01
C LYS D 149 17.05 5.63 40.58
N GLN D 150 16.08 5.28 39.74
CA GLN D 150 16.06 5.73 38.36
C GLN D 150 15.79 7.23 38.27
N GLY D 151 14.93 7.72 39.16
CA GLY D 151 14.50 9.11 39.13
C GLY D 151 13.04 9.23 38.69
N ASN D 152 12.39 8.09 38.51
CA ASN D 152 11.01 8.06 38.03
C ASN D 152 10.03 8.36 39.15
N VAL D 153 9.94 9.63 39.53
CA VAL D 153 9.12 10.04 40.67
C VAL D 153 7.66 9.72 40.43
N ASP D 154 7.23 9.81 39.18
CA ASP D 154 5.85 9.52 38.81
C ASP D 154 5.46 8.10 39.21
N ALA D 155 6.33 7.14 38.89
CA ALA D 155 6.11 5.75 39.26
C ALA D 155 6.09 5.58 40.77
N VAL D 156 6.97 6.29 41.45
CA VAL D 156 7.04 6.24 42.92
C VAL D 156 5.73 6.72 43.53
N LYS D 157 5.22 7.85 43.06
CA LYS D 157 3.98 8.40 43.56
C LYS D 157 2.82 7.42 43.36
N VAL D 158 2.74 6.83 42.17
CA VAL D 158 1.72 5.84 41.88
C VAL D 158 1.84 4.64 42.80
N ALA D 159 3.06 4.16 42.99
CA ALA D 159 3.31 3.00 43.83
C ALA D 159 2.85 3.25 45.26
N LEU D 160 3.09 4.46 45.76
CA LEU D 160 2.68 4.84 47.11
C LEU D 160 1.17 4.78 47.26
N GLU D 161 0.46 5.25 46.23
CA GLU D 161 -1.00 5.21 46.23
C GLU D 161 -1.52 3.78 46.20
N VAL D 162 -0.89 2.95 45.37
CA VAL D 162 -1.27 1.56 45.24
C VAL D 162 -1.01 0.80 46.54
N ARG D 163 0.12 1.09 47.17
CA ARG D 163 0.43 0.51 48.47
C ARG D 163 -0.70 0.70 49.46
N LYS D 164 -1.19 1.94 49.57
CA LYS D 164 -2.35 2.24 50.39
C LYS D 164 -3.56 1.41 49.96
N MET D 165 -3.81 1.38 48.65
CA MET D 165 -4.99 0.71 48.11
C MET D 165 -4.98 -0.77 48.46
N ILE D 166 -3.81 -1.39 48.41
CA ILE D 166 -3.65 -2.79 48.77
C ILE D 166 -4.01 -3.01 50.24
N GLU D 167 -3.51 -2.14 51.11
CA GLU D 167 -3.82 -2.22 52.52
C GLU D 167 -5.31 -2.01 52.78
N GLU D 168 -5.92 -1.10 52.01
CA GLU D 168 -7.35 -0.85 52.10
C GLU D 168 -8.15 -2.08 51.68
N LEU D 169 -7.69 -2.76 50.63
CA LEU D 169 -8.35 -3.96 50.14
C LEU D 169 -8.28 -5.08 51.17
N SER D 170 -7.14 -5.19 51.84
CA SER D 170 -6.98 -6.17 52.92
C SER D 170 -7.91 -5.85 54.08
N GLY D 171 -7.90 -4.59 54.52
CA GLY D 171 -8.75 -4.15 55.62
C GLY D 171 -8.17 -4.55 56.96
N THR E 1 12.36 53.30 -20.79
CA THR E 1 13.03 54.29 -19.96
C THR E 1 12.32 54.48 -18.63
N LYS E 2 11.04 54.83 -18.69
CA LYS E 2 10.26 55.07 -17.49
C LYS E 2 10.23 53.83 -16.59
N GLU E 3 9.92 52.69 -17.19
CA GLU E 3 9.82 51.44 -16.44
C GLU E 3 11.13 51.10 -15.75
N GLU E 4 12.23 51.30 -16.45
CA GLU E 4 13.56 51.07 -15.89
C GLU E 4 13.81 52.00 -14.70
N ARG E 5 13.46 53.27 -14.86
CA ARG E 5 13.61 54.25 -13.79
C ARG E 5 12.82 53.84 -12.55
N VAL E 6 11.59 53.37 -12.77
CA VAL E 6 10.73 52.95 -11.68
C VAL E 6 11.31 51.76 -10.93
N LEU E 7 11.86 50.81 -11.69
CA LEU E 7 12.49 49.64 -11.10
C LEU E 7 13.76 50.02 -10.34
N LEU E 8 14.50 50.98 -10.88
CA LEU E 8 15.69 51.50 -10.21
C LEU E 8 15.33 52.21 -8.91
N MET E 9 14.18 52.89 -8.92
CA MET E 9 13.65 53.52 -7.71
C MET E 9 13.34 52.47 -6.64
N LYS E 10 12.74 51.37 -7.06
CA LYS E 10 12.49 50.24 -6.17
C LYS E 10 13.80 49.74 -5.56
N VAL E 11 14.80 49.55 -6.40
CA VAL E 11 16.11 49.07 -5.94
C VAL E 11 16.70 50.01 -4.91
N ALA E 12 16.65 51.31 -5.19
CA ALA E 12 17.17 52.32 -4.29
C ALA E 12 16.52 52.21 -2.91
N ILE E 13 15.20 52.21 -2.90
CA ILE E 13 14.45 52.17 -1.65
C ILE E 13 14.81 50.94 -0.82
N LEU E 14 14.91 49.79 -1.49
CA LEU E 14 15.21 48.53 -0.82
C LEU E 14 16.61 48.56 -0.22
N ALA E 15 17.58 49.02 -1.02
CA ALA E 15 18.98 49.03 -0.59
C ALA E 15 19.19 50.01 0.55
N ILE E 16 18.49 51.14 0.50
CA ILE E 16 18.58 52.14 1.56
C ILE E 16 18.09 51.58 2.89
N VAL E 17 16.94 50.91 2.86
CA VAL E 17 16.35 50.34 4.07
C VAL E 17 17.18 49.17 4.58
N ALA E 18 17.74 48.41 3.65
CA ALA E 18 18.63 47.31 4.00
C ALA E 18 19.89 47.81 4.70
N ALA E 19 20.44 48.90 4.20
CA ALA E 19 21.61 49.53 4.80
C ALA E 19 21.29 50.05 6.20
N LYS E 20 20.08 50.60 6.36
CA LYS E 20 19.64 51.08 7.66
C LYS E 20 19.44 49.91 8.64
N LYS E 21 18.93 48.80 8.12
CA LYS E 21 18.78 47.59 8.91
C LYS E 21 20.13 46.99 9.28
N GLY E 22 21.09 47.12 8.37
CA GLY E 22 22.42 46.56 8.58
C GLY E 22 22.69 45.38 7.64
N ASN E 23 21.71 45.10 6.79
CA ASN E 23 21.82 43.98 5.86
C ASN E 23 22.65 44.36 4.63
N THR E 24 23.96 44.47 4.81
CA THR E 24 24.85 44.92 3.75
C THR E 24 24.82 43.96 2.58
N ASP E 25 24.66 42.68 2.87
CA ASP E 25 24.60 41.66 1.83
C ASP E 25 23.47 41.95 0.85
N GLU E 26 22.30 42.29 1.37
CA GLU E 26 21.16 42.66 0.54
C GLU E 26 21.44 43.92 -0.26
N VAL E 27 22.11 44.88 0.37
CA VAL E 27 22.50 46.11 -0.31
C VAL E 27 23.39 45.82 -1.52
N ARG E 28 24.38 44.95 -1.33
CA ARG E 28 25.28 44.57 -2.42
C ARG E 28 24.51 44.01 -3.59
N LYS E 29 23.57 43.12 -3.31
CA LYS E 29 22.73 42.52 -4.34
C LYS E 29 21.94 43.59 -5.08
N ALA E 30 21.31 44.49 -4.33
CA ALA E 30 20.49 45.55 -4.92
C ALA E 30 21.34 46.47 -5.80
N LEU E 31 22.55 46.76 -5.33
CA LEU E 31 23.47 47.59 -6.11
C LEU E 31 23.83 46.93 -7.44
N GLU E 32 24.01 45.61 -7.40
CA GLU E 32 24.27 44.85 -8.62
C GLU E 32 23.06 44.89 -9.55
N LEU E 33 21.87 44.80 -8.97
CA LEU E 33 20.64 44.85 -9.74
C LEU E 33 20.48 46.17 -10.48
N ALA E 34 20.84 47.26 -9.80
CA ALA E 34 20.85 48.58 -10.42
C ALA E 34 21.72 48.58 -11.67
N LEU E 35 22.93 48.03 -11.55
CA LEU E 35 23.83 47.90 -12.70
C LEU E 35 23.18 47.06 -13.80
N LEU E 36 22.61 45.93 -13.41
CA LEU E 36 22.04 44.99 -14.38
C LEU E 36 20.89 45.63 -15.16
N ILE E 37 20.10 46.44 -14.47
CA ILE E 37 19.00 47.16 -15.11
C ILE E 37 19.51 48.14 -16.16
N ALA E 38 20.54 48.89 -15.80
CA ALA E 38 21.17 49.83 -16.72
C ALA E 38 21.79 49.11 -17.91
N LYS E 39 22.39 47.95 -17.64
CA LYS E 39 23.00 47.15 -18.69
C LYS E 39 21.95 46.63 -19.67
N VAL E 40 20.82 46.18 -19.14
CA VAL E 40 19.74 45.68 -19.97
C VAL E 40 19.15 46.78 -20.85
N SER E 41 19.01 47.97 -20.28
CA SER E 41 18.52 49.12 -21.02
C SER E 41 19.50 49.51 -22.13
N GLY E 42 20.76 49.67 -21.77
CA GLY E 42 21.80 50.00 -22.73
C GLY E 42 21.75 51.48 -23.10
N THR E 43 21.22 52.30 -22.22
CA THR E 43 21.07 53.73 -22.46
C THR E 43 21.86 54.55 -21.46
N THR E 44 22.30 55.73 -21.88
CA THR E 44 23.02 56.64 -21.00
C THR E 44 22.14 57.08 -19.83
N GLU E 45 20.85 57.31 -20.11
CA GLU E 45 19.91 57.69 -19.07
C GLU E 45 19.85 56.65 -17.97
N ALA E 46 19.70 55.38 -18.36
CA ALA E 46 19.62 54.29 -17.40
C ALA E 46 20.88 54.20 -16.55
N VAL E 47 22.03 54.40 -17.19
CA VAL E 47 23.30 54.41 -16.48
C VAL E 47 23.34 55.52 -15.43
N LYS E 48 22.93 56.72 -15.83
CA LYS E 48 22.86 57.85 -14.91
C LYS E 48 21.92 57.57 -13.75
N LEU E 49 20.77 56.97 -14.06
CA LEU E 49 19.78 56.65 -13.05
C LEU E 49 20.30 55.62 -12.06
N ALA E 50 21.04 54.63 -12.57
CA ALA E 50 21.65 53.61 -11.73
C ALA E 50 22.69 54.22 -10.80
N LEU E 51 23.46 55.18 -11.31
CA LEU E 51 24.43 55.90 -10.51
C LEU E 51 23.74 56.74 -9.44
N GLU E 52 22.57 57.29 -9.77
CA GLU E 52 21.75 58.00 -8.80
C GLU E 52 21.30 57.09 -7.68
N VAL E 53 20.88 55.87 -8.03
CA VAL E 53 20.53 54.86 -7.05
C VAL E 53 21.69 54.59 -6.10
N VAL E 54 22.88 54.38 -6.66
CA VAL E 54 24.07 54.10 -5.86
C VAL E 54 24.35 55.25 -4.90
N ALA E 55 24.27 56.48 -5.41
CA ALA E 55 24.50 57.66 -4.60
C ALA E 55 23.58 57.68 -3.39
N ARG E 56 22.29 57.51 -3.64
CA ARG E 56 21.29 57.57 -2.57
C ARG E 56 21.59 56.55 -1.49
N VAL E 57 21.93 55.33 -1.89
CA VAL E 57 22.21 54.26 -0.95
C VAL E 57 23.44 54.56 -0.11
N ALA E 58 24.52 54.98 -0.76
CA ALA E 58 25.78 55.24 -0.09
C ALA E 58 25.67 56.41 0.86
N ILE E 59 24.91 57.42 0.46
CA ILE E 59 24.69 58.61 1.30
C ILE E 59 23.96 58.24 2.58
N GLU E 60 22.88 57.49 2.45
CA GLU E 60 22.07 57.09 3.60
C GLU E 60 22.82 56.07 4.47
N ALA E 61 23.60 55.21 3.82
CA ALA E 61 24.43 54.25 4.53
C ALA E 61 25.49 54.96 5.36
N ALA E 62 26.10 55.99 4.79
CA ALA E 62 27.09 56.80 5.49
C ALA E 62 26.46 57.52 6.69
N ARG E 63 25.23 58.00 6.49
CA ARG E 63 24.49 58.64 7.58
C ARG E 63 24.12 57.63 8.66
N ARG E 64 23.79 56.41 8.24
CA ARG E 64 23.48 55.34 9.17
C ARG E 64 24.74 54.90 9.93
N GLY E 65 25.87 54.92 9.24
CA GLY E 65 27.13 54.46 9.82
C GLY E 65 27.59 53.16 9.17
N ASN E 66 26.84 52.70 8.18
CA ASN E 66 27.16 51.47 7.48
C ASN E 66 28.23 51.69 6.43
N THR E 67 29.47 51.88 6.88
CA THR E 67 30.57 52.23 5.98
C THR E 67 30.83 51.10 4.99
N ASP E 68 30.63 49.87 5.43
CA ASP E 68 30.83 48.70 4.58
C ASP E 68 29.96 48.78 3.33
N ALA E 69 28.69 49.12 3.52
CA ALA E 69 27.76 49.29 2.40
C ALA E 69 28.20 50.44 1.50
N VAL E 70 28.68 51.51 2.11
CA VAL E 70 29.18 52.66 1.37
C VAL E 70 30.33 52.27 0.46
N ARG E 71 31.29 51.53 1.00
CA ARG E 71 32.45 51.09 0.24
C ARG E 71 32.04 50.29 -0.98
N GLU E 72 31.11 49.35 -0.79
CA GLU E 72 30.59 48.56 -1.89
C GLU E 72 29.92 49.42 -2.94
N ALA E 73 29.07 50.35 -2.49
CA ALA E 73 28.35 51.22 -3.40
C ALA E 73 29.30 52.08 -4.22
N LEU E 74 30.36 52.57 -3.58
CA LEU E 74 31.35 53.38 -4.26
C LEU E 74 32.04 52.59 -5.37
N GLU E 75 32.34 51.32 -5.09
CA GLU E 75 32.92 50.44 -6.09
C GLU E 75 31.97 50.19 -7.24
N VAL E 76 30.69 50.02 -6.91
CA VAL E 76 29.66 49.78 -7.92
C VAL E 76 29.52 50.98 -8.85
N ALA E 77 29.59 52.18 -8.27
CA ALA E 77 29.57 53.40 -9.06
C ALA E 77 30.62 53.38 -10.14
N LEU E 78 31.84 53.03 -9.77
CA LEU E 78 32.93 52.85 -10.73
C LEU E 78 32.57 51.82 -11.79
N GLU E 79 32.05 50.68 -11.34
CA GLU E 79 31.75 49.56 -12.24
C GLU E 79 30.68 49.95 -13.25
N ILE E 80 29.71 50.74 -12.81
CA ILE E 80 28.66 51.24 -13.69
C ILE E 80 29.23 52.11 -14.80
N ALA E 81 30.13 53.02 -14.42
CA ALA E 81 30.80 53.88 -15.38
C ALA E 81 31.65 53.06 -16.34
N ARG E 82 32.30 52.03 -15.82
CA ARG E 82 33.11 51.13 -16.64
C ARG E 82 32.26 50.38 -17.65
N GLU E 83 31.08 49.93 -17.20
CA GLU E 83 30.16 49.21 -18.07
C GLU E 83 29.67 50.10 -19.21
N SER E 84 29.39 51.36 -18.90
CA SER E 84 29.00 52.34 -19.91
C SER E 84 30.13 52.58 -20.89
N GLY E 85 31.32 52.87 -20.37
CA GLY E 85 32.49 53.09 -21.21
C GLY E 85 32.49 54.48 -21.82
N THR E 86 31.80 55.41 -21.14
CA THR E 86 31.69 56.78 -21.64
C THR E 86 32.30 57.77 -20.65
N THR E 87 32.80 58.88 -21.17
CA THR E 87 33.34 59.95 -20.33
C THR E 87 32.28 60.52 -19.41
N GLU E 88 31.07 60.69 -19.94
CA GLU E 88 29.95 61.20 -19.15
C GLU E 88 29.69 60.33 -17.93
N ALA E 89 29.62 59.02 -18.15
CA ALA E 89 29.36 58.07 -17.07
C ALA E 89 30.45 58.17 -16.00
N VAL E 90 31.69 58.31 -16.42
CA VAL E 90 32.81 58.49 -15.51
C VAL E 90 32.62 59.74 -14.66
N LYS E 91 32.26 60.84 -15.30
CA LYS E 91 32.00 62.09 -14.59
C LYS E 91 30.85 61.92 -13.61
N LEU E 92 29.80 61.23 -14.04
CA LEU E 92 28.64 61.00 -13.19
C LEU E 92 29.00 60.15 -11.97
N ALA E 93 29.84 59.15 -12.18
CA ALA E 93 30.31 58.30 -11.10
C ALA E 93 31.13 59.10 -10.09
N LEU E 94 31.95 60.02 -10.60
CA LEU E 94 32.71 60.92 -9.73
C LEU E 94 31.80 61.85 -8.97
N GLU E 95 30.71 62.27 -9.60
CA GLU E 95 29.68 63.07 -8.93
C GLU E 95 29.05 62.29 -7.78
N VAL E 96 28.76 61.01 -8.03
CA VAL E 96 28.26 60.14 -6.98
C VAL E 96 29.21 60.09 -5.79
N VAL E 97 30.49 59.87 -6.07
CA VAL E 97 31.51 59.82 -5.02
C VAL E 97 31.55 61.12 -4.24
N ALA E 98 31.52 62.24 -4.95
CA ALA E 98 31.52 63.55 -4.30
C ALA E 98 30.37 63.68 -3.32
N ARG E 99 29.16 63.37 -3.78
CA ARG E 99 27.97 63.51 -2.95
C ARG E 99 28.11 62.70 -1.66
N VAL E 100 28.59 61.47 -1.79
CA VAL E 100 28.72 60.57 -0.64
C VAL E 100 29.75 61.10 0.36
N ALA E 101 30.91 61.50 -0.15
CA ALA E 101 32.00 61.95 0.71
C ALA E 101 31.64 63.25 1.41
N ILE E 102 30.94 64.13 0.70
CA ILE E 102 30.51 65.40 1.27
C ILE E 102 29.55 65.19 2.44
N GLU E 103 28.55 64.35 2.21
CA GLU E 103 27.54 64.07 3.24
C GLU E 103 28.14 63.27 4.38
N ALA E 104 29.06 62.38 4.06
CA ALA E 104 29.77 61.60 5.07
C ALA E 104 30.62 62.51 5.96
N ALA E 105 31.29 63.47 5.34
CA ALA E 105 32.08 64.44 6.08
C ALA E 105 31.21 65.30 6.99
N ARG E 106 30.04 65.67 6.49
CA ARG E 106 29.06 66.42 7.28
C ARG E 106 28.51 65.56 8.41
N ARG E 107 28.30 64.28 8.14
CA ARG E 107 27.84 63.34 9.15
C ARG E 107 28.91 63.10 10.21
N GLY E 108 30.17 63.09 9.78
CA GLY E 108 31.28 62.81 10.68
C GLY E 108 31.92 61.45 10.36
N ASN E 109 31.40 60.80 9.32
CA ASN E 109 31.90 59.49 8.91
C ASN E 109 33.17 59.63 8.06
N THR E 110 34.27 60.00 8.69
CA THR E 110 35.50 60.29 7.98
C THR E 110 36.02 59.04 7.27
N GLU E 111 35.80 57.88 7.87
CA GLU E 111 36.22 56.62 7.28
C GLU E 111 35.62 56.43 5.89
N ALA E 112 34.33 56.68 5.77
CA ALA E 112 33.64 56.62 4.48
C ALA E 112 34.20 57.64 3.51
N VAL E 113 34.51 58.83 4.02
CA VAL E 113 35.11 59.88 3.20
C VAL E 113 36.43 59.43 2.61
N VAL E 114 37.29 58.85 3.44
CA VAL E 114 38.59 58.39 3.01
C VAL E 114 38.47 57.37 1.88
N GLU E 115 37.55 56.42 2.04
CA GLU E 115 37.30 55.43 1.00
C GLU E 115 36.82 56.08 -0.29
N ALA E 116 35.87 57.00 -0.17
CA ALA E 116 35.30 57.67 -1.34
C ALA E 116 36.37 58.45 -2.08
N LEU E 117 37.26 59.11 -1.34
CA LEU E 117 38.34 59.89 -1.94
C LEU E 117 39.28 58.99 -2.74
N LEU E 118 39.56 57.81 -2.21
CA LEU E 118 40.39 56.83 -2.90
C LEU E 118 39.69 56.32 -4.17
N VAL E 119 38.39 56.10 -4.07
CA VAL E 119 37.61 55.63 -5.21
C VAL E 119 37.60 56.65 -6.33
N ALA E 120 37.49 57.93 -5.97
CA ALA E 120 37.56 59.02 -6.94
C ALA E 120 38.82 58.90 -7.79
N LEU E 121 39.96 58.70 -7.14
CA LEU E 121 41.21 58.46 -7.84
C LEU E 121 41.10 57.24 -8.77
N GLU E 122 40.56 56.15 -8.23
CA GLU E 122 40.49 54.90 -8.98
C GLU E 122 39.63 55.04 -10.23
N ILE E 123 38.55 55.81 -10.11
CA ILE E 123 37.67 56.07 -11.24
C ILE E 123 38.41 56.82 -12.34
N ALA E 124 39.16 57.86 -11.96
CA ALA E 124 39.97 58.61 -12.91
C ALA E 124 41.03 57.73 -13.55
N LYS E 125 41.61 56.84 -12.76
CA LYS E 125 42.61 55.90 -13.25
C LYS E 125 42.01 54.94 -14.27
N GLU E 126 40.79 54.49 -14.00
CA GLU E 126 40.09 53.57 -14.90
C GLU E 126 39.79 54.24 -16.23
N SER E 127 39.40 55.50 -16.18
CA SER E 127 39.18 56.29 -17.40
C SER E 127 40.48 56.48 -18.16
N GLY E 128 41.52 56.93 -17.47
CA GLY E 128 42.82 57.11 -18.09
C GLY E 128 42.88 58.40 -18.91
N THR E 129 42.03 59.35 -18.54
CA THR E 129 41.96 60.62 -19.27
C THR E 129 42.31 61.79 -18.36
N GLU E 130 42.85 62.85 -18.96
CA GLU E 130 43.17 64.06 -18.21
C GLU E 130 41.92 64.68 -17.60
N GLU E 131 40.83 64.67 -18.37
CA GLU E 131 39.56 65.22 -17.89
C GLU E 131 39.11 64.52 -16.62
N ALA E 132 39.13 63.19 -16.63
CA ALA E 132 38.71 62.39 -15.49
C ALA E 132 39.56 62.72 -14.26
N VAL E 133 40.86 62.87 -14.46
CA VAL E 133 41.77 63.25 -13.39
C VAL E 133 41.38 64.59 -12.80
N ARG E 134 41.15 65.57 -13.66
CA ARG E 134 40.73 66.90 -13.22
C ARG E 134 39.40 66.84 -12.47
N LEU E 135 38.48 66.02 -12.97
CA LEU E 135 37.18 65.85 -12.32
C LEU E 135 37.33 65.22 -10.95
N ALA E 136 38.24 64.26 -10.83
CA ALA E 136 38.52 63.61 -9.55
C ALA E 136 39.10 64.60 -8.56
N LEU E 137 39.95 65.50 -9.05
CA LEU E 137 40.50 66.56 -8.22
C LEU E 137 39.42 67.54 -7.77
N GLU E 138 38.44 67.76 -8.64
CA GLU E 138 37.28 68.57 -8.29
C GLU E 138 36.47 67.93 -7.18
N VAL E 139 36.28 66.62 -7.28
CA VAL E 139 35.60 65.85 -6.24
C VAL E 139 36.30 66.03 -4.89
N VAL E 140 37.61 65.84 -4.89
CA VAL E 140 38.41 65.99 -3.67
C VAL E 140 38.27 67.40 -3.09
N LYS E 141 38.37 68.39 -3.97
CA LYS E 141 38.22 69.79 -3.56
C LYS E 141 36.88 70.00 -2.85
N ARG E 142 35.80 69.56 -3.48
CA ARG E 142 34.47 69.74 -2.93
C ARG E 142 34.36 69.17 -1.53
N VAL E 143 34.94 67.98 -1.33
CA VAL E 143 34.90 67.32 -0.04
C VAL E 143 35.63 68.12 1.03
N SER E 144 36.84 68.57 0.69
CA SER E 144 37.67 69.31 1.63
C SER E 144 37.05 70.66 1.98
N ASN E 145 36.41 71.27 0.99
CA ASN E 145 35.75 72.55 1.19
C ASN E 145 34.59 72.43 2.18
N GLU E 146 33.73 71.46 1.94
CA GLU E 146 32.55 71.25 2.78
C GLU E 146 32.94 70.69 4.15
N ALA E 147 33.97 69.86 4.16
CA ALA E 147 34.51 69.33 5.41
C ALA E 147 35.08 70.44 6.27
N LEU E 148 35.75 71.39 5.64
CA LEU E 148 36.27 72.57 6.34
C LEU E 148 35.15 73.40 6.93
N LYS E 149 34.05 73.51 6.18
CA LYS E 149 32.87 74.22 6.67
C LYS E 149 32.25 73.51 7.86
N GLN E 150 32.23 72.17 7.81
CA GLN E 150 31.71 71.37 8.91
C GLN E 150 32.62 71.44 10.11
N GLY E 151 33.93 71.48 9.86
CA GLY E 151 34.93 71.45 10.93
C GLY E 151 35.68 70.12 10.94
N ASN E 152 35.40 69.28 9.96
CA ASN E 152 36.00 67.95 9.88
C ASN E 152 37.42 68.03 9.32
N VAL E 153 38.35 68.49 10.15
CA VAL E 153 39.72 68.71 9.71
C VAL E 153 40.38 67.41 9.25
N ASP E 154 40.00 66.30 9.88
CA ASP E 154 40.53 64.99 9.52
C ASP E 154 40.26 64.67 8.07
N ALA E 155 39.02 64.89 7.64
CA ALA E 155 38.64 64.66 6.25
C ALA E 155 39.39 65.59 5.31
N VAL E 156 39.58 66.84 5.74
CA VAL E 156 40.32 67.81 4.95
C VAL E 156 41.76 67.36 4.72
N LYS E 157 42.41 66.92 5.80
CA LYS E 157 43.79 66.44 5.72
C LYS E 157 43.91 65.27 4.76
N VAL E 158 42.99 64.32 4.88
CA VAL E 158 42.96 63.16 3.99
C VAL E 158 42.77 63.59 2.54
N ALA E 159 41.84 64.50 2.32
CA ALA E 159 41.54 64.98 0.97
C ALA E 159 42.76 65.61 0.33
N LEU E 160 43.51 66.38 1.12
CA LEU E 160 44.72 67.03 0.64
C LEU E 160 45.75 66.00 0.18
N GLU E 161 45.89 64.93 0.95
CA GLU E 161 46.80 63.85 0.59
C GLU E 161 46.36 63.14 -0.67
N VAL E 162 45.06 62.89 -0.79
CA VAL E 162 44.50 62.22 -1.96
C VAL E 162 44.66 63.09 -3.21
N ARG E 163 44.45 64.39 -3.04
CA ARG E 163 44.65 65.33 -4.14
C ARG E 163 46.03 65.18 -4.75
N LYS E 164 47.05 65.16 -3.89
CA LYS E 164 48.42 64.91 -4.34
C LYS E 164 48.52 63.56 -5.05
N MET E 165 47.95 62.53 -4.45
CA MET E 165 48.05 61.18 -4.97
C MET E 165 47.46 61.08 -6.38
N ILE E 166 46.35 61.78 -6.59
CA ILE E 166 45.72 61.83 -7.90
C ILE E 166 46.64 62.46 -8.94
N GLU E 167 47.26 63.58 -8.57
CA GLU E 167 48.21 64.25 -9.43
C GLU E 167 49.41 63.36 -9.73
N GLU E 168 49.86 62.62 -8.72
CA GLU E 168 50.96 61.69 -8.88
C GLU E 168 50.60 60.56 -9.84
N LEU E 169 49.38 60.08 -9.74
CA LEU E 169 48.89 59.03 -10.62
C LEU E 169 48.83 59.50 -12.07
N SER E 170 48.40 60.74 -12.26
CA SER E 170 48.39 61.34 -13.59
C SER E 170 49.81 61.49 -14.14
N GLY E 171 50.70 62.05 -13.33
CA GLY E 171 52.08 62.22 -13.74
C GLY E 171 52.25 63.43 -14.65
N THR F 1 56.62 13.89 5.21
CA THR F 1 57.04 15.02 6.02
C THR F 1 56.30 16.29 5.63
N LYS F 2 56.40 16.66 4.36
CA LYS F 2 55.76 17.87 3.86
C LYS F 2 54.25 17.83 4.08
N GLU F 3 53.63 16.72 3.70
CA GLU F 3 52.19 16.58 3.82
C GLU F 3 51.73 16.70 5.26
N GLU F 4 52.49 16.09 6.16
CA GLU F 4 52.21 16.18 7.59
C GLU F 4 52.29 17.63 8.07
N ARG F 5 53.34 18.32 7.64
CA ARG F 5 53.52 19.73 8.00
C ARG F 5 52.35 20.58 7.53
N VAL F 6 51.90 20.32 6.31
CA VAL F 6 50.78 21.06 5.73
C VAL F 6 49.49 20.83 6.51
N LEU F 7 49.27 19.58 6.91
CA LEU F 7 48.11 19.23 7.71
C LEU F 7 48.18 19.86 9.10
N LEU F 8 49.38 19.89 9.66
CA LEU F 8 49.60 20.54 10.95
C LEU F 8 49.36 22.04 10.87
N MET F 9 49.71 22.62 9.72
CA MET F 9 49.42 24.03 9.46
C MET F 9 47.92 24.29 9.44
N LYS F 10 47.18 23.39 8.80
CA LYS F 10 45.73 23.45 8.81
C LYS F 10 45.19 23.42 10.24
N VAL F 11 45.70 22.48 11.03
CA VAL F 11 45.27 22.34 12.43
C VAL F 11 45.52 23.62 13.20
N ALA F 12 46.71 24.19 13.04
CA ALA F 12 47.07 25.42 13.72
C ALA F 12 46.08 26.54 13.40
N ILE F 13 45.85 26.76 12.12
CA ILE F 13 44.97 27.83 11.68
C ILE F 13 43.57 27.68 12.27
N LEU F 14 43.06 26.45 12.25
CA LEU F 14 41.72 26.17 12.74
C LEU F 14 41.62 26.42 14.25
N ALA F 15 42.61 25.92 14.99
CA ALA F 15 42.61 26.04 16.45
C ALA F 15 42.76 27.49 16.87
N ILE F 16 43.58 28.24 16.14
CA ILE F 16 43.78 29.66 16.43
C ILE F 16 42.48 30.44 16.28
N VAL F 17 41.77 30.20 15.18
CA VAL F 17 40.51 30.90 14.91
C VAL F 17 39.43 30.46 15.88
N ALA F 18 39.45 29.18 16.24
CA ALA F 18 38.52 28.65 17.23
C ALA F 18 38.72 29.30 18.59
N ALA F 19 39.98 29.47 18.97
CA ALA F 19 40.33 30.14 20.22
C ALA F 19 39.88 31.59 20.21
N LYS F 20 40.02 32.24 19.06
CA LYS F 20 39.57 33.62 18.90
C LYS F 20 38.04 33.71 18.97
N LYS F 21 37.37 32.72 18.40
CA LYS F 21 35.92 32.63 18.49
C LYS F 21 35.46 32.35 19.91
N GLY F 22 36.24 31.55 20.63
CA GLY F 22 35.91 31.17 22.00
C GLY F 22 35.55 29.68 22.08
N ASN F 23 35.66 29.00 20.95
CA ASN F 23 35.32 27.58 20.89
C ASN F 23 36.48 26.72 21.39
N THR F 24 36.68 26.72 22.70
CA THR F 24 37.81 26.02 23.31
C THR F 24 37.72 24.52 23.05
N ASP F 25 36.50 24.01 23.01
CA ASP F 25 36.28 22.59 22.75
C ASP F 25 36.89 22.18 21.41
N GLU F 26 36.66 22.98 20.39
CA GLU F 26 37.24 22.73 19.08
C GLU F 26 38.77 22.82 19.12
N VAL F 27 39.27 23.78 19.88
CA VAL F 27 40.71 23.93 20.05
C VAL F 27 41.33 22.67 20.64
N ARG F 28 40.70 22.13 21.69
CA ARG F 28 41.18 20.91 22.33
C ARG F 28 41.28 19.78 21.33
N LYS F 29 40.25 19.61 20.52
CA LYS F 29 40.24 18.58 19.48
C LYS F 29 41.38 18.77 18.50
N ALA F 30 41.56 20.00 18.03
CA ALA F 30 42.60 20.31 17.06
C ALA F 30 43.99 20.04 17.64
N LEU F 31 44.16 20.39 18.92
CA LEU F 31 45.42 20.13 19.61
C LEU F 31 45.73 18.64 19.67
N GLU F 32 44.69 17.85 19.91
CA GLU F 32 44.83 16.40 19.91
C GLU F 32 45.19 15.89 18.52
N LEU F 33 44.59 16.48 17.50
CA LEU F 33 44.87 16.10 16.12
C LEU F 33 46.32 16.34 15.75
N ALA F 34 46.85 17.48 16.22
CA ALA F 34 48.27 17.78 16.03
C ALA F 34 49.15 16.67 16.59
N LEU F 35 48.84 16.24 17.82
CA LEU F 35 49.55 15.11 18.43
C LEU F 35 49.41 13.85 17.58
N LEU F 36 48.19 13.57 17.15
CA LEU F 36 47.91 12.34 16.42
C LEU F 36 48.68 12.29 15.10
N ILE F 37 48.79 13.45 14.45
CA ILE F 37 49.54 13.56 13.21
C ILE F 37 51.02 13.24 13.43
N ALA F 38 51.59 13.82 14.49
CA ALA F 38 52.97 13.57 14.85
C ALA F 38 53.19 12.10 15.21
N LYS F 39 52.22 11.52 15.90
CA LYS F 39 52.29 10.11 16.28
C LYS F 39 52.27 9.20 15.06
N VAL F 40 51.41 9.53 14.09
CA VAL F 40 51.31 8.75 12.87
C VAL F 40 52.60 8.82 12.05
N SER F 41 53.19 10.00 12.00
CA SER F 41 54.46 10.20 11.31
C SER F 41 55.57 9.41 12.00
N GLY F 42 55.71 9.59 13.30
CA GLY F 42 56.70 8.86 14.08
C GLY F 42 58.09 9.47 13.89
N THR F 43 58.14 10.74 13.54
CA THR F 43 59.40 11.44 13.29
C THR F 43 59.60 12.60 14.26
N THR F 44 60.86 12.90 14.54
CA THR F 44 61.20 14.02 15.40
C THR F 44 60.72 15.34 14.80
N GLU F 45 60.85 15.47 13.48
CA GLU F 45 60.39 16.67 12.78
C GLU F 45 58.91 16.91 13.02
N ALA F 46 58.11 15.86 12.83
CA ALA F 46 56.67 15.97 13.02
C ALA F 46 56.31 16.37 14.44
N VAL F 47 57.03 15.81 15.41
CA VAL F 47 56.84 16.17 16.80
C VAL F 47 57.13 17.65 17.04
N LYS F 48 58.24 18.12 16.50
CA LYS F 48 58.60 19.54 16.60
C LYS F 48 57.55 20.42 15.96
N LEU F 49 57.06 20.01 14.80
CA LEU F 49 56.05 20.77 14.08
C LEU F 49 54.74 20.84 14.86
N ALA F 50 54.37 19.73 15.49
CA ALA F 50 53.18 19.66 16.32
C ALA F 50 53.29 20.59 17.52
N LEU F 51 54.49 20.65 18.11
CA LEU F 51 54.76 21.55 19.21
C LEU F 51 54.69 23.01 18.76
N GLU F 52 55.13 23.27 17.52
CA GLU F 52 55.00 24.58 16.92
C GLU F 52 53.53 24.98 16.77
N VAL F 53 52.70 24.04 16.33
CA VAL F 53 51.27 24.26 16.25
C VAL F 53 50.70 24.65 17.61
N VAL F 54 51.05 23.89 18.64
CA VAL F 54 50.57 24.16 19.99
C VAL F 54 50.98 25.56 20.45
N ALA F 55 52.24 25.91 20.20
CA ALA F 55 52.74 27.22 20.57
C ALA F 55 51.91 28.32 19.95
N ARG F 56 51.70 28.24 18.64
CA ARG F 56 50.96 29.27 17.91
C ARG F 56 49.57 29.45 18.49
N VAL F 57 48.89 28.35 18.78
CA VAL F 57 47.53 28.39 19.30
C VAL F 57 47.49 29.03 20.68
N ALA F 58 48.39 28.60 21.57
CA ALA F 58 48.42 29.08 22.94
C ALA F 58 48.78 30.55 23.00
N ILE F 59 49.69 30.97 22.13
CA ILE F 59 50.11 32.37 22.07
C ILE F 59 48.95 33.27 21.67
N GLU F 60 48.25 32.89 20.62
CA GLU F 60 47.13 33.67 20.11
C GLU F 60 45.94 33.62 21.07
N ALA F 61 45.75 32.47 21.71
CA ALA F 61 44.72 32.31 22.73
C ALA F 61 44.98 33.22 23.92
N ALA F 62 46.24 33.30 24.34
CA ALA F 62 46.64 34.18 25.43
C ALA F 62 46.41 35.64 25.07
N ARG F 63 46.71 35.98 23.81
CA ARG F 63 46.46 37.33 23.32
C ARG F 63 44.97 37.62 23.24
N ARG F 64 44.18 36.62 22.87
CA ARG F 64 42.74 36.75 22.82
C ARG F 64 42.16 36.87 24.23
N GLY F 65 42.76 36.17 25.17
CA GLY F 65 42.27 36.14 26.55
C GLY F 65 41.69 34.78 26.90
N ASN F 66 41.77 33.85 25.96
CA ASN F 66 41.25 32.51 26.16
C ASN F 66 42.22 31.64 26.96
N THR F 67 42.32 31.91 28.25
CA THR F 67 43.30 31.24 29.11
C THR F 67 43.02 29.75 29.17
N ASP F 68 41.75 29.38 29.13
CA ASP F 68 41.35 27.98 29.17
C ASP F 68 41.98 27.19 28.03
N ALA F 69 41.94 27.75 26.83
CA ALA F 69 42.57 27.13 25.67
C ALA F 69 44.07 27.05 25.84
N VAL F 70 44.66 28.09 26.41
CA VAL F 70 46.09 28.12 26.68
C VAL F 70 46.49 26.99 27.61
N ARG F 71 45.75 26.81 28.69
CA ARG F 71 46.03 25.77 29.67
C ARG F 71 46.04 24.39 29.01
N GLU F 72 45.02 24.13 28.19
CA GLU F 72 44.94 22.87 27.46
C GLU F 72 46.13 22.68 26.53
N ALA F 73 46.46 23.73 25.78
CA ALA F 73 47.56 23.66 24.83
C ALA F 73 48.89 23.38 25.54
N LEU F 74 49.08 24.01 26.70
CA LEU F 74 50.29 23.80 27.47
C LEU F 74 50.41 22.35 27.92
N GLU F 75 49.29 21.76 28.32
CA GLU F 75 49.27 20.35 28.70
C GLU F 75 49.58 19.45 27.51
N VAL F 76 49.04 19.81 26.35
CA VAL F 76 49.26 19.04 25.13
C VAL F 76 50.73 19.07 24.73
N ALA F 77 51.36 20.23 24.89
CA ALA F 77 52.79 20.36 24.64
C ALA F 77 53.58 19.33 25.42
N LEU F 78 53.29 19.21 26.70
CA LEU F 78 53.89 18.18 27.54
C LEU F 78 53.62 16.78 26.99
N GLU F 79 52.36 16.53 26.63
CA GLU F 79 51.94 15.21 26.17
C GLU F 79 52.65 14.82 24.89
N ILE F 80 52.87 15.80 24.02
CA ILE F 80 53.60 15.58 22.78
C ILE F 80 55.04 15.14 23.04
N ALA F 81 55.69 15.85 23.97
CA ALA F 81 57.04 15.50 24.37
C ALA F 81 57.09 14.12 25.01
N ARG F 82 56.08 13.80 25.80
CA ARG F 82 55.97 12.49 26.43
C ARG F 82 55.81 11.38 25.40
N GLU F 83 55.00 11.66 24.38
CA GLU F 83 54.78 10.69 23.31
C GLU F 83 56.06 10.42 22.54
N SER F 84 56.84 11.46 22.29
CA SER F 84 58.14 11.33 21.64
C SER F 84 59.10 10.52 22.50
N GLY F 85 59.22 10.91 23.77
CA GLY F 85 60.08 10.20 24.71
C GLY F 85 61.54 10.57 24.51
N THR F 86 61.78 11.76 23.96
CA THR F 86 63.13 12.22 23.68
C THR F 86 63.45 13.49 24.47
N THR F 87 64.72 13.67 24.79
CA THR F 87 65.18 14.88 25.47
C THR F 87 64.93 16.12 24.63
N GLU F 88 65.16 16.00 23.32
CA GLU F 88 64.93 17.10 22.40
C GLU F 88 63.48 17.57 22.46
N ALA F 89 62.55 16.63 22.39
CA ALA F 89 61.12 16.94 22.42
C ALA F 89 60.76 17.66 23.72
N VAL F 90 61.33 17.22 24.83
CA VAL F 90 61.13 17.86 26.12
C VAL F 90 61.60 19.30 26.08
N LYS F 91 62.79 19.52 25.54
CA LYS F 91 63.33 20.87 25.40
C LYS F 91 62.43 21.73 24.51
N LEU F 92 61.96 21.14 23.42
CA LEU F 92 61.08 21.86 22.50
C LEU F 92 59.76 22.23 23.16
N ALA F 93 59.23 21.33 23.97
CA ALA F 93 58.00 21.59 24.70
C ALA F 93 58.19 22.73 25.70
N LEU F 94 59.36 22.76 26.35
CA LEU F 94 59.70 23.85 27.25
C LEU F 94 59.85 25.16 26.50
N GLU F 95 60.37 25.09 25.28
CA GLU F 95 60.44 26.26 24.41
C GLU F 95 59.05 26.79 24.08
N VAL F 96 58.12 25.88 23.79
CA VAL F 96 56.73 26.25 23.58
C VAL F 96 56.17 27.00 24.78
N VAL F 97 56.37 26.44 25.97
CA VAL F 97 55.89 27.07 27.20
C VAL F 97 56.48 28.45 27.38
N ALA F 98 57.78 28.58 27.14
CA ALA F 98 58.45 29.88 27.24
C ALA F 98 57.79 30.91 26.34
N ARG F 99 57.60 30.56 25.07
CA ARG F 99 57.03 31.48 24.10
C ARG F 99 55.67 31.97 24.55
N VAL F 100 54.84 31.06 25.04
CA VAL F 100 53.48 31.39 25.47
C VAL F 100 53.49 32.33 26.67
N ALA F 101 54.30 31.98 27.67
CA ALA F 101 54.35 32.75 28.92
C ALA F 101 54.92 34.14 28.68
N ILE F 102 55.91 34.23 27.80
CA ILE F 102 56.52 35.51 27.47
C ILE F 102 55.52 36.45 26.81
N GLU F 103 54.81 35.93 25.81
CA GLU F 103 53.82 36.72 25.08
C GLU F 103 52.62 37.04 25.95
N ALA F 104 52.25 36.10 26.81
CA ALA F 104 51.16 36.31 27.76
C ALA F 104 51.51 37.41 28.76
N ALA F 105 52.75 37.40 29.23
CA ALA F 105 53.23 38.44 30.13
C ALA F 105 53.24 39.80 29.46
N ARG F 106 53.63 39.83 28.19
CA ARG F 106 53.60 41.05 27.39
C ARG F 106 52.17 41.51 27.15
N ARG F 107 51.27 40.56 26.93
CA ARG F 107 49.86 40.86 26.75
C ARG F 107 49.23 41.36 28.04
N GLY F 108 49.69 40.83 29.17
CA GLY F 108 49.13 41.17 30.46
C GLY F 108 48.34 40.01 31.06
N ASN F 109 48.33 38.88 30.35
CA ASN F 109 47.61 37.70 30.80
C ASN F 109 48.43 36.91 31.82
N THR F 110 48.54 37.45 33.03
CA THR F 110 49.39 36.87 34.05
C THR F 110 48.90 35.48 34.44
N GLU F 111 47.59 35.29 34.41
CA GLU F 111 47.00 34.00 34.73
C GLU F 111 47.54 32.89 33.84
N ALA F 112 47.61 33.16 32.54
CA ALA F 112 48.18 32.22 31.58
C ALA F 112 49.65 31.99 31.86
N VAL F 113 50.36 33.05 32.24
CA VAL F 113 51.78 32.95 32.59
C VAL F 113 51.98 32.01 33.76
N VAL F 114 51.18 32.17 34.80
CA VAL F 114 51.28 31.35 35.99
C VAL F 114 51.11 29.87 35.65
N GLU F 115 50.10 29.57 34.83
CA GLU F 115 49.87 28.20 34.39
C GLU F 115 51.05 27.66 33.60
N ALA F 116 51.56 28.46 32.67
CA ALA F 116 52.68 28.04 31.82
C ALA F 116 53.91 27.76 32.66
N LEU F 117 54.16 28.59 33.67
CA LEU F 117 55.30 28.42 34.55
C LEU F 117 55.21 27.10 35.31
N LEU F 118 54.01 26.76 35.76
CA LEU F 118 53.77 25.49 36.44
C LEU F 118 53.99 24.31 35.49
N VAL F 119 53.53 24.47 34.26
CA VAL F 119 53.68 23.42 33.25
C VAL F 119 55.15 23.16 32.94
N ALA F 120 55.94 24.23 32.87
CA ALA F 120 57.38 24.11 32.68
C ALA F 120 57.99 23.17 33.72
N LEU F 121 57.65 23.38 34.98
CA LEU F 121 58.07 22.48 36.05
C LEU F 121 57.62 21.04 35.78
N GLU F 122 56.35 20.89 35.42
CA GLU F 122 55.77 19.57 35.22
C GLU F 122 56.47 18.81 34.09
N ILE F 123 56.83 19.54 33.04
CA ILE F 123 57.55 18.95 31.92
C ILE F 123 58.91 18.43 32.36
N ALA F 124 59.63 19.23 33.13
CA ALA F 124 60.92 18.81 33.67
C ALA F 124 60.77 17.62 34.59
N LYS F 125 59.70 17.60 35.38
CA LYS F 125 59.41 16.49 36.26
C LYS F 125 59.13 15.21 35.49
N GLU F 126 58.41 15.35 34.38
CA GLU F 126 58.08 14.20 33.53
C GLU F 126 59.34 13.62 32.90
N SER F 127 60.25 14.47 32.48
CA SER F 127 61.54 14.04 31.96
C SER F 127 62.35 13.34 33.04
N GLY F 128 62.49 13.99 34.20
CA GLY F 128 63.21 13.40 35.32
C GLY F 128 64.72 13.53 35.14
N THR F 129 65.13 14.53 34.36
CA THR F 129 66.55 14.74 34.08
C THR F 129 67.01 16.09 34.58
N GLU F 130 68.30 16.18 34.92
CA GLU F 130 68.88 17.44 35.36
C GLU F 130 68.81 18.49 34.26
N GLU F 131 69.06 18.06 33.02
CA GLU F 131 69.01 18.96 31.88
C GLU F 131 67.64 19.61 31.76
N ALA F 132 66.59 18.79 31.83
CA ALA F 132 65.22 19.28 31.71
C ALA F 132 64.91 20.30 32.80
N VAL F 133 65.37 20.02 34.02
CA VAL F 133 65.20 20.94 35.13
C VAL F 133 65.86 22.28 34.84
N ARG F 134 67.10 22.23 34.38
CA ARG F 134 67.84 23.44 34.02
C ARG F 134 67.13 24.21 32.91
N LEU F 135 66.61 23.47 31.93
CA LEU F 135 65.88 24.08 30.82
C LEU F 135 64.61 24.75 31.30
N ALA F 136 63.93 24.12 32.25
CA ALA F 136 62.72 24.69 32.84
C ALA F 136 63.03 25.97 33.59
N LEU F 137 64.17 25.98 34.28
CA LEU F 137 64.63 27.18 34.96
C LEU F 137 64.97 28.30 33.98
N GLU F 138 65.49 27.92 32.82
CA GLU F 138 65.73 28.86 31.74
C GLU F 138 64.44 29.47 31.23
N VAL F 139 63.42 28.63 31.06
CA VAL F 139 62.09 29.09 30.68
C VAL F 139 61.57 30.14 31.66
N VAL F 140 61.64 29.82 32.94
CA VAL F 140 61.19 30.74 33.99
C VAL F 140 61.95 32.05 33.93
N LYS F 141 63.27 31.95 33.79
CA LYS F 141 64.11 33.14 33.69
C LYS F 141 63.65 34.04 32.54
N ARG F 142 63.48 33.45 31.36
CA ARG F 142 63.08 34.21 30.18
C ARG F 142 61.79 34.97 30.42
N VAL F 143 60.84 34.32 31.07
CA VAL F 143 59.55 34.94 31.36
C VAL F 143 59.69 36.13 32.28
N SER F 144 60.44 35.95 33.36
CA SER F 144 60.63 37.00 34.36
C SER F 144 61.40 38.18 33.79
N ASN F 145 62.36 37.88 32.91
CA ASN F 145 63.15 38.92 32.27
C ASN F 145 62.28 39.80 31.37
N GLU F 146 61.50 39.17 30.51
CA GLU F 146 60.65 39.89 29.57
C GLU F 146 59.48 40.56 30.29
N ALA F 147 58.98 39.90 31.32
CA ALA F 147 57.93 40.47 32.15
C ALA F 147 58.41 41.72 32.86
N LEU F 148 59.65 41.69 33.33
CA LEU F 148 60.26 42.87 33.95
C LEU F 148 60.40 44.01 32.97
N LYS F 149 60.73 43.67 31.72
CA LYS F 149 60.82 44.67 30.66
C LYS F 149 59.45 45.27 30.36
N GLN F 150 58.42 44.43 30.37
CA GLN F 150 57.05 44.88 30.15
C GLN F 150 56.56 45.72 31.31
N GLY F 151 56.96 45.34 32.52
CA GLY F 151 56.48 46.00 33.74
C GLY F 151 55.54 45.08 34.53
N ASN F 152 55.40 43.85 34.06
CA ASN F 152 54.49 42.89 34.68
C ASN F 152 55.11 42.28 35.93
N VAL F 153 55.15 43.05 37.01
CA VAL F 153 55.81 42.62 38.23
C VAL F 153 55.16 41.37 38.81
N ASP F 154 53.84 41.26 38.63
CA ASP F 154 53.10 40.10 39.12
C ASP F 154 53.63 38.82 38.53
N ALA F 155 53.86 38.81 37.22
CA ALA F 155 54.41 37.65 36.54
C ALA F 155 55.83 37.35 37.02
N VAL F 156 56.60 38.41 37.25
CA VAL F 156 57.95 38.26 37.75
C VAL F 156 57.97 37.58 39.12
N LYS F 157 57.10 38.05 40.02
CA LYS F 157 57.00 37.49 41.36
C LYS F 157 56.64 36.01 41.30
N VAL F 158 55.66 35.67 40.46
CA VAL F 158 55.25 34.28 40.28
C VAL F 158 56.40 33.44 39.74
N ALA F 159 57.10 33.96 38.75
CA ALA F 159 58.21 33.25 38.13
C ALA F 159 59.30 32.93 39.15
N LEU F 160 59.57 33.89 40.03
CA LEU F 160 60.57 33.71 41.07
C LEU F 160 60.20 32.57 42.01
N GLU F 161 58.91 32.50 42.36
CA GLU F 161 58.42 31.43 43.21
C GLU F 161 58.51 30.08 42.52
N VAL F 162 58.16 30.05 41.24
CA VAL F 162 58.22 28.82 40.45
C VAL F 162 59.65 28.35 40.28
N ARG F 163 60.56 29.29 40.07
CA ARG F 163 61.98 28.97 39.97
C ARG F 163 62.44 28.18 41.19
N LYS F 164 62.10 28.67 42.38
CA LYS F 164 62.39 27.95 43.61
C LYS F 164 61.75 26.57 43.60
N MET F 165 60.48 26.51 43.22
CA MET F 165 59.72 25.27 43.25
C MET F 165 60.36 24.21 42.36
N ILE F 166 60.86 24.64 41.21
CA ILE F 166 61.55 23.75 40.29
C ILE F 166 62.81 23.17 40.92
N GLU F 167 63.60 24.03 41.57
CA GLU F 167 64.79 23.61 42.27
C GLU F 167 64.46 22.65 43.40
N GLU F 168 63.36 22.92 44.10
CA GLU F 168 62.88 22.06 45.17
C GLU F 168 62.49 20.69 44.64
N LEU F 169 61.84 20.67 43.49
CA LEU F 169 61.43 19.42 42.85
C LEU F 169 62.63 18.58 42.45
N SER F 170 63.66 19.25 41.94
CA SER F 170 64.91 18.57 41.60
C SER F 170 65.59 18.00 42.85
N GLY F 171 65.71 18.83 43.88
CA GLY F 171 66.32 18.40 45.13
C GLY F 171 67.84 18.39 45.03
N THR G 1 17.57 3.35 55.73
CA THR G 1 18.07 4.60 56.28
C THR G 1 19.18 5.18 55.42
N LYS G 2 20.23 4.39 55.21
CA LYS G 2 21.37 4.83 54.44
C LYS G 2 20.97 5.23 53.02
N GLU G 3 20.20 4.36 52.37
CA GLU G 3 19.77 4.59 51.00
C GLU G 3 18.96 5.87 50.88
N GLU G 4 18.07 6.09 51.85
CA GLU G 4 17.27 7.31 51.90
C GLU G 4 18.16 8.54 52.04
N ARG G 5 19.14 8.45 52.93
CA ARG G 5 20.08 9.55 53.13
C ARG G 5 20.83 9.88 51.85
N VAL G 6 21.26 8.84 51.14
CA VAL G 6 22.00 9.02 49.90
C VAL G 6 21.15 9.70 48.83
N LEU G 7 19.88 9.29 48.76
CA LEU G 7 18.94 9.89 47.82
C LEU G 7 18.65 11.34 48.18
N LEU G 8 18.55 11.61 49.48
CA LEU G 8 18.36 12.97 49.97
C LEU G 8 19.56 13.85 49.66
N MET G 9 20.75 13.25 49.72
CA MET G 9 21.97 13.95 49.32
C MET G 9 21.94 14.32 47.84
N LYS G 10 21.47 13.40 47.02
CA LYS G 10 21.26 13.68 45.60
C LYS G 10 20.32 14.86 45.41
N VAL G 11 19.20 14.84 46.12
CA VAL G 11 18.21 15.91 46.02
C VAL G 11 18.82 17.25 46.40
N ALA G 12 19.57 17.27 47.49
CA ALA G 12 20.22 18.48 47.96
C ALA G 12 21.12 19.07 46.88
N ILE G 13 22.01 18.24 46.34
CA ILE G 13 22.97 18.68 45.35
C ILE G 13 22.27 19.27 44.13
N LEU G 14 21.21 18.60 43.67
CA LEU G 14 20.48 19.04 42.49
C LEU G 14 19.80 20.38 42.74
N ALA G 15 19.13 20.50 43.89
CA ALA G 15 18.38 21.71 44.22
C ALA G 15 19.31 22.89 44.41
N ILE G 16 20.47 22.64 45.01
CA ILE G 16 21.47 23.69 45.21
C ILE G 16 21.96 24.25 43.88
N VAL G 17 22.29 23.36 42.95
CA VAL G 17 22.79 23.77 41.64
C VAL G 17 21.69 24.44 40.82
N ALA G 18 20.47 23.95 40.98
CA ALA G 18 19.32 24.55 40.32
C ALA G 18 19.08 25.97 40.80
N ALA G 19 19.21 26.17 42.11
CA ALA G 19 19.07 27.50 42.70
C ALA G 19 20.16 28.44 42.21
N LYS G 20 21.37 27.90 42.06
CA LYS G 20 22.48 28.68 41.53
C LYS G 20 22.26 29.04 40.06
N LYS G 21 21.69 28.11 39.31
CA LYS G 21 21.32 28.35 37.93
C LYS G 21 20.19 29.37 37.81
N GLY G 22 19.28 29.32 38.77
CA GLY G 22 18.12 30.21 38.77
C GLY G 22 16.83 29.44 38.50
N ASN G 23 16.96 28.12 38.38
CA ASN G 23 15.81 27.28 38.09
C ASN G 23 15.02 26.97 39.36
N THR G 24 14.30 27.96 39.86
CA THR G 24 13.58 27.83 41.12
C THR G 24 12.52 26.74 41.03
N ASP G 25 11.92 26.60 39.86
CA ASP G 25 10.91 25.57 39.63
C ASP G 25 11.46 24.18 39.94
N GLU G 26 12.65 23.90 39.45
CA GLU G 26 13.32 22.63 39.73
C GLU G 26 13.62 22.47 41.21
N VAL G 27 14.03 23.56 41.85
CA VAL G 27 14.29 23.56 43.28
C VAL G 27 13.05 23.16 44.07
N ARG G 28 11.91 23.76 43.71
CA ARG G 28 10.64 23.45 44.37
C ARG G 28 10.33 21.97 44.28
N LYS G 29 10.50 21.40 43.10
CA LYS G 29 10.27 19.97 42.89
C LYS G 29 11.19 19.13 43.77
N ALA G 30 12.47 19.48 43.79
CA ALA G 30 13.46 18.73 44.57
C ALA G 30 13.13 18.81 46.06
N LEU G 31 12.71 19.99 46.50
CA LEU G 31 12.31 20.17 47.90
C LEU G 31 11.14 19.27 48.27
N GLU G 32 10.19 19.15 47.35
CA GLU G 32 9.05 18.25 47.54
C GLU G 32 9.52 16.80 47.60
N LEU G 33 10.48 16.45 46.75
CA LEU G 33 11.02 15.10 46.72
C LEU G 33 11.67 14.73 48.04
N ALA G 34 12.40 15.69 48.62
CA ALA G 34 12.99 15.50 49.94
C ALA G 34 11.92 15.12 50.97
N LEU G 35 10.82 15.87 50.97
CA LEU G 35 9.68 15.56 51.84
C LEU G 35 9.15 14.16 51.56
N LEU G 36 8.96 13.85 50.28
CA LEU G 36 8.36 12.58 49.89
C LEU G 36 9.22 11.40 50.34
N ILE G 37 10.54 11.57 50.25
CA ILE G 37 11.47 10.54 50.69
C ILE G 37 11.34 10.29 52.20
N ALA G 38 11.28 11.37 52.97
CA ALA G 38 11.10 11.28 54.41
C ALA G 38 9.77 10.64 54.76
N LYS G 39 8.74 10.98 53.99
CA LYS G 39 7.40 10.43 54.20
C LYS G 39 7.39 8.92 53.94
N VAL G 40 8.06 8.51 52.87
CA VAL G 40 8.13 7.10 52.52
C VAL G 40 8.88 6.29 53.58
N SER G 41 9.95 6.87 54.10
CA SER G 41 10.72 6.25 55.17
C SER G 41 9.88 6.13 56.44
N GLY G 42 9.29 7.23 56.87
CA GLY G 42 8.43 7.25 58.04
C GLY G 42 9.26 7.24 59.32
N THR G 43 10.48 7.73 59.24
CA THR G 43 11.39 7.74 60.38
C THR G 43 11.79 9.17 60.76
N THR G 44 12.08 9.37 62.04
CA THR G 44 12.53 10.67 62.51
C THR G 44 13.85 11.07 61.86
N GLU G 45 14.74 10.09 61.68
CA GLU G 45 16.02 10.34 61.03
C GLU G 45 15.83 10.91 59.63
N ALA G 46 14.97 10.26 58.85
CA ALA G 46 14.70 10.70 57.49
C ALA G 46 14.14 12.11 57.45
N VAL G 47 13.25 12.41 58.40
CA VAL G 47 12.70 13.75 58.52
C VAL G 47 13.78 14.79 58.79
N LYS G 48 14.66 14.47 59.74
CA LYS G 48 15.79 15.34 60.05
C LYS G 48 16.70 15.55 58.85
N LEU G 49 16.96 14.47 58.12
CA LEU G 49 17.81 14.52 56.94
C LEU G 49 17.19 15.38 55.85
N ALA G 50 15.88 15.27 55.68
CA ALA G 50 15.15 16.07 54.71
C ALA G 50 15.21 17.55 55.06
N LEU G 51 15.11 17.85 56.36
CA LEU G 51 15.24 19.21 56.84
C LEU G 51 16.65 19.75 56.61
N GLU G 52 17.65 18.87 56.74
CA GLU G 52 19.03 19.21 56.43
C GLU G 52 19.19 19.57 54.96
N VAL G 53 18.55 18.79 54.08
CA VAL G 53 18.53 19.09 52.66
C VAL G 53 17.96 20.48 52.40
N VAL G 54 16.81 20.77 53.01
CA VAL G 54 16.16 22.07 52.84
C VAL G 54 17.08 23.20 53.29
N ALA G 55 17.71 23.02 54.45
CA ALA G 55 18.63 24.01 54.97
C ALA G 55 19.73 24.33 53.98
N ARG G 56 20.38 23.29 53.47
CA ARG G 56 21.51 23.46 52.55
C ARG G 56 21.09 24.25 51.32
N VAL G 57 19.92 23.91 50.77
CA VAL G 57 19.42 24.57 49.57
C VAL G 57 19.13 26.04 49.82
N ALA G 58 18.42 26.33 50.92
CA ALA G 58 18.02 27.69 51.23
C ALA G 58 19.21 28.56 51.55
N ILE G 59 20.20 27.99 52.22
CA ILE G 59 21.43 28.71 52.56
C ILE G 59 22.18 29.13 51.30
N GLU G 60 22.37 28.19 50.39
CA GLU G 60 23.10 28.45 49.16
C GLU G 60 22.30 29.36 48.22
N ALA G 61 20.98 29.20 48.23
CA ALA G 61 20.09 30.06 47.47
C ALA G 61 20.17 31.49 47.96
N ALA G 62 20.19 31.67 49.28
CA ALA G 62 20.33 32.99 49.89
C ALA G 62 21.67 33.62 49.53
N ARG G 63 22.72 32.80 49.51
CA ARG G 63 24.04 33.26 49.10
C ARG G 63 24.07 33.62 47.62
N ARG G 64 23.35 32.85 46.81
CA ARG G 64 23.24 33.13 45.39
C ARG G 64 22.42 34.40 45.15
N GLY G 65 21.41 34.61 45.98
CA GLY G 65 20.51 35.75 45.82
C GLY G 65 19.13 35.29 45.39
N ASN G 66 18.94 33.99 45.28
CA ASN G 66 17.67 33.42 44.87
C ASN G 66 16.68 33.36 46.03
N THR G 67 16.17 34.52 46.41
CA THR G 67 15.30 34.63 47.59
C THR G 67 14.02 33.83 47.39
N ASP G 68 13.54 33.77 46.16
CA ASP G 68 12.33 33.03 45.83
C ASP G 68 12.47 31.56 46.22
N ALA G 69 13.61 30.96 45.88
CA ALA G 69 13.89 29.58 46.25
C ALA G 69 13.98 29.42 47.76
N VAL G 70 14.58 30.40 48.42
CA VAL G 70 14.69 30.40 49.87
C VAL G 70 13.32 30.38 50.52
N ARG G 71 12.42 31.24 50.05
CA ARG G 71 11.07 31.33 50.59
C ARG G 71 10.36 29.98 50.49
N GLU G 72 10.45 29.35 49.33
CA GLU G 72 9.86 28.04 49.13
C GLU G 72 10.44 27.00 50.08
N ALA G 73 11.77 26.99 50.19
CA ALA G 73 12.45 26.04 51.05
C ALA G 73 12.04 26.20 52.51
N LEU G 74 11.90 27.46 52.94
CA LEU G 74 11.49 27.75 54.30
C LEU G 74 10.09 27.20 54.58
N GLU G 75 9.20 27.34 53.60
CA GLU G 75 7.86 26.79 53.72
C GLU G 75 7.88 25.27 53.78
N VAL G 76 8.75 24.66 52.98
CA VAL G 76 8.88 23.21 52.94
C VAL G 76 9.38 22.68 54.28
N ALA G 77 10.32 23.40 54.89
CA ALA G 77 10.81 23.05 56.21
C ALA G 77 9.67 22.91 57.20
N LEU G 78 8.78 23.89 57.21
CA LEU G 78 7.57 23.83 58.03
C LEU G 78 6.74 22.60 57.69
N GLU G 79 6.53 22.38 56.40
CA GLU G 79 5.67 21.29 55.93
C GLU G 79 6.23 19.93 56.35
N ILE G 80 7.55 19.81 56.32
CA ILE G 80 8.21 18.58 56.76
C ILE G 80 7.95 18.30 58.23
N ALA G 81 8.09 19.34 59.05
CA ALA G 81 7.81 19.23 60.47
C ALA G 81 6.35 18.89 60.72
N ARG G 82 5.47 19.48 59.93
CA ARG G 82 4.04 19.20 60.02
C ARG G 82 3.72 17.75 59.67
N GLU G 83 4.40 17.25 58.64
CA GLU G 83 4.21 15.87 58.21
C GLU G 83 4.65 14.89 59.29
N SER G 84 5.76 15.20 59.95
CA SER G 84 6.25 14.41 61.08
C SER G 84 5.27 14.44 62.23
N GLY G 85 4.87 15.65 62.63
CA GLY G 85 3.90 15.82 63.71
C GLY G 85 4.55 15.65 65.07
N THR G 86 5.86 15.90 65.13
CA THR G 86 6.61 15.74 66.37
C THR G 86 7.23 17.07 66.81
N THR G 87 7.40 17.23 68.11
CA THR G 87 8.04 18.41 68.67
C THR G 87 9.47 18.54 68.18
N GLU G 88 10.18 17.41 68.11
CA GLU G 88 11.55 17.39 67.63
C GLU G 88 11.65 17.95 66.22
N ALA G 89 10.78 17.48 65.33
CA ALA G 89 10.77 17.93 63.94
C ALA G 89 10.53 19.43 63.86
N VAL G 90 9.63 19.94 64.69
CA VAL G 90 9.36 21.36 64.76
C VAL G 90 10.61 22.13 65.16
N LYS G 91 11.30 21.65 66.18
CA LYS G 91 12.55 22.27 66.62
C LYS G 91 13.59 22.23 65.51
N LEU G 92 13.68 21.11 64.82
CA LEU G 92 14.64 20.95 63.73
C LEU G 92 14.34 21.91 62.58
N ALA G 93 13.06 22.08 62.29
CA ALA G 93 12.63 23.01 61.25
C ALA G 93 12.99 24.45 61.62
N LEU G 94 12.84 24.78 62.90
CA LEU G 94 13.24 26.09 63.40
C LEU G 94 14.74 26.27 63.32
N GLU G 95 15.48 25.19 63.55
CA GLU G 95 16.93 25.20 63.38
C GLU G 95 17.31 25.49 61.93
N VAL G 96 16.60 24.86 60.99
CA VAL G 96 16.79 25.15 59.58
C VAL G 96 16.59 26.62 59.28
N VAL G 97 15.48 27.19 59.77
CA VAL G 97 15.19 28.60 59.56
C VAL G 97 16.29 29.48 60.12
N ALA G 98 16.75 29.16 61.32
CA ALA G 98 17.84 29.91 61.95
C ALA G 98 19.07 29.94 61.06
N ARG G 99 19.50 28.77 60.60
CA ARG G 99 20.70 28.65 59.79
C ARG G 99 20.60 29.53 58.55
N VAL G 100 19.45 29.49 57.89
CA VAL G 100 19.24 30.24 56.65
C VAL G 100 19.29 31.75 56.91
N ALA G 101 18.57 32.19 57.93
CA ALA G 101 18.47 33.61 58.24
C ALA G 101 19.81 34.18 58.68
N ILE G 102 20.56 33.39 59.45
CA ILE G 102 21.87 33.80 59.91
C ILE G 102 22.84 34.01 58.75
N GLU G 103 22.88 33.03 57.85
CA GLU G 103 23.77 33.09 56.69
C GLU G 103 23.32 34.16 55.71
N ALA G 104 22.01 34.32 55.58
CA ALA G 104 21.44 35.36 54.74
C ALA G 104 21.80 36.75 55.26
N ALA G 105 21.73 36.92 56.58
CA ALA G 105 22.11 38.17 57.21
C ALA G 105 23.59 38.47 57.01
N ARG G 106 24.41 37.43 57.10
CA ARG G 106 25.84 37.55 56.84
C ARG G 106 26.11 37.86 55.37
N ARG G 107 25.32 37.27 54.49
CA ARG G 107 25.43 37.53 53.07
C ARG G 107 24.98 38.94 52.73
N GLY G 108 23.98 39.43 53.45
CA GLY G 108 23.41 40.74 53.19
C GLY G 108 22.00 40.63 52.61
N ASN G 109 21.51 39.39 52.48
CA ASN G 109 20.19 39.15 51.93
C ASN G 109 19.11 39.35 52.99
N THR G 110 18.86 40.59 53.35
CA THR G 110 17.94 40.91 54.44
C THR G 110 16.52 40.45 54.10
N GLU G 111 16.17 40.52 52.83
CA GLU G 111 14.85 40.09 52.37
C GLU G 111 14.58 38.64 52.74
N ALA G 112 15.56 37.78 52.49
CA ALA G 112 15.47 36.37 52.87
C ALA G 112 15.37 36.22 54.37
N VAL G 113 16.11 37.03 55.11
CA VAL G 113 16.07 37.02 56.57
C VAL G 113 14.67 37.33 57.07
N VAL G 114 14.06 38.38 56.52
CA VAL G 114 12.73 38.79 56.93
C VAL G 114 11.72 37.66 56.74
N GLU G 115 11.79 37.00 55.58
CA GLU G 115 10.91 35.87 55.31
C GLU G 115 11.14 34.74 56.30
N ALA G 116 12.40 34.41 56.55
CA ALA G 116 12.75 33.32 57.46
C ALA G 116 12.25 33.60 58.86
N LEU G 117 12.37 34.85 59.30
CA LEU G 117 11.91 35.26 60.62
C LEU G 117 10.40 35.07 60.76
N LEU G 118 9.67 35.41 59.70
CA LEU G 118 8.22 35.21 59.67
C LEU G 118 7.87 33.73 59.71
N VAL G 119 8.63 32.93 58.98
CA VAL G 119 8.40 31.49 58.94
C VAL G 119 8.62 30.85 60.31
N ALA G 120 9.64 31.32 61.02
CA ALA G 120 9.91 30.87 62.38
C ALA G 120 8.66 31.01 63.25
N LEU G 121 8.03 32.18 63.19
CA LEU G 121 6.77 32.40 63.88
C LEU G 121 5.71 31.40 63.44
N GLU G 122 5.58 31.23 62.13
CA GLU G 122 4.54 30.37 61.57
C GLU G 122 4.71 28.92 62.02
N ILE G 123 5.97 28.48 62.10
CA ILE G 123 6.27 27.14 62.56
C ILE G 123 5.82 26.94 64.01
N ALA G 124 6.14 27.91 64.86
CA ALA G 124 5.70 27.88 66.25
C ALA G 124 4.19 27.90 66.36
N LYS G 125 3.55 28.68 65.50
CA LYS G 125 2.10 28.75 65.46
C LYS G 125 1.48 27.41 65.06
N GLU G 126 2.11 26.75 64.10
CA GLU G 126 1.63 25.44 63.63
C GLU G 126 1.74 24.40 64.73
N SER G 127 2.82 24.44 65.49
CA SER G 127 2.99 23.56 66.65
C SER G 127 1.95 23.86 67.71
N GLY G 128 1.82 25.13 68.08
CA GLY G 128 0.82 25.54 69.06
C GLY G 128 1.28 25.23 70.49
N THR G 129 2.60 25.16 70.67
CA THR G 129 3.17 24.83 71.97
C THR G 129 4.03 25.97 72.49
N GLU G 130 4.12 26.08 73.81
CA GLU G 130 4.97 27.09 74.44
C GLU G 130 6.43 26.88 74.07
N GLU G 131 6.85 25.61 74.05
CA GLU G 131 8.23 25.27 73.71
C GLU G 131 8.58 25.78 72.31
N ALA G 132 7.71 25.52 71.34
CA ALA G 132 7.94 25.93 69.97
C ALA G 132 8.07 27.46 69.88
N VAL G 133 7.21 28.16 70.61
CA VAL G 133 7.28 29.62 70.67
C VAL G 133 8.62 30.09 71.19
N ARG G 134 9.06 29.50 72.30
CA ARG G 134 10.35 29.83 72.88
C ARG G 134 11.49 29.54 71.91
N LEU G 135 11.39 28.41 71.21
CA LEU G 135 12.39 28.03 70.22
C LEU G 135 12.44 29.01 69.07
N ALA G 136 11.27 29.48 68.65
CA ALA G 136 11.17 30.47 67.59
C ALA G 136 11.81 31.79 68.01
N LEU G 137 11.62 32.15 69.27
CA LEU G 137 12.25 33.33 69.84
C LEU G 137 13.77 33.18 69.89
N GLU G 138 14.23 31.96 70.15
CA GLU G 138 15.65 31.65 70.10
C GLU G 138 16.21 31.83 68.71
N VAL G 139 15.46 31.35 67.71
CA VAL G 139 15.83 31.54 66.31
C VAL G 139 16.02 33.03 65.99
N VAL G 140 15.02 33.82 66.36
CA VAL G 140 15.07 35.27 66.13
C VAL G 140 16.28 35.90 66.81
N LYS G 141 16.50 35.51 68.06
CA LYS G 141 17.65 36.01 68.81
C LYS G 141 18.96 35.73 68.07
N ARG G 142 19.15 34.48 67.65
CA ARG G 142 20.37 34.08 66.96
C ARG G 142 20.62 34.94 65.74
N VAL G 143 19.56 35.20 64.98
CA VAL G 143 19.67 36.01 63.77
C VAL G 143 20.11 37.43 64.07
N SER G 144 19.46 38.04 65.06
CA SER G 144 19.75 39.42 65.43
C SER G 144 21.16 39.56 66.01
N ASN G 145 21.59 38.54 66.75
CA ASN G 145 22.92 38.54 67.33
C ASN G 145 24.00 38.51 66.24
N GLU G 146 23.86 37.58 65.31
CA GLU G 146 24.84 37.42 64.24
C GLU G 146 24.76 38.57 63.24
N ALA G 147 23.55 39.06 63.02
CA ALA G 147 23.34 40.22 62.16
C ALA G 147 24.01 41.46 62.74
N LEU G 148 23.92 41.61 64.06
CA LEU G 148 24.61 42.70 64.76
C LEU G 148 26.11 42.59 64.62
N LYS G 149 26.62 41.36 64.67
CA LYS G 149 28.05 41.12 64.47
C LYS G 149 28.47 41.47 63.05
N GLN G 150 27.62 41.14 62.08
CA GLN G 150 27.88 41.46 60.69
C GLN G 150 27.79 42.95 60.44
N GLY G 151 26.85 43.60 61.12
CA GLY G 151 26.59 45.03 60.91
C GLY G 151 25.24 45.24 60.21
N ASN G 152 24.51 44.16 60.01
CA ASN G 152 23.23 44.21 59.30
C ASN G 152 22.12 44.72 60.22
N VAL G 153 22.12 46.02 60.48
CA VAL G 153 21.18 46.61 61.41
C VAL G 153 19.74 46.41 60.96
N ASP G 154 19.53 46.42 59.64
CA ASP G 154 18.20 46.22 59.08
C ASP G 154 17.61 44.90 59.51
N ALA G 155 18.40 43.84 59.43
CA ALA G 155 17.97 42.51 59.86
C ALA G 155 17.68 42.49 61.36
N VAL G 156 18.52 43.18 62.12
CA VAL G 156 18.34 43.27 63.56
C VAL G 156 17.01 43.92 63.91
N LYS G 157 16.72 45.04 63.26
CA LYS G 157 15.47 45.77 63.49
C LYS G 157 14.27 44.89 63.18
N VAL G 158 14.32 44.19 62.05
CA VAL G 158 13.25 43.28 61.66
C VAL G 158 13.08 42.16 62.69
N ALA G 159 14.19 41.59 63.12
CA ALA G 159 14.17 40.50 64.09
C ALA G 159 13.51 40.93 65.39
N LEU G 160 13.81 42.15 65.82
CA LEU G 160 13.23 42.70 67.04
C LEU G 160 11.72 42.80 66.93
N GLU G 161 11.24 43.24 65.77
CA GLU G 161 9.81 43.34 65.52
C GLU G 161 9.15 41.97 65.51
N VAL G 162 9.81 41.01 64.87
CA VAL G 162 9.30 39.64 64.79
C VAL G 162 9.26 38.99 66.17
N ARG G 163 10.29 39.25 66.96
CA ARG G 163 10.33 38.75 68.34
C ARG G 163 9.07 39.16 69.10
N LYS G 164 8.72 40.43 69.02
CA LYS G 164 7.47 40.92 69.61
C LYS G 164 6.27 40.18 69.04
N MET G 165 6.23 40.05 67.72
CA MET G 165 5.09 39.45 67.04
C MET G 165 4.87 38.01 67.49
N ILE G 166 5.97 37.29 67.70
CA ILE G 166 5.91 35.92 68.19
C ILE G 166 5.29 35.86 69.59
N GLU G 167 5.73 36.77 70.47
CA GLU G 167 5.19 36.87 71.80
C GLU G 167 3.71 37.23 71.77
N GLU G 168 3.34 38.11 70.85
CA GLU G 168 1.95 38.50 70.67
C GLU G 168 1.10 37.33 70.22
N LEU G 169 1.64 36.52 69.32
CA LEU G 169 0.95 35.34 68.83
C LEU G 169 0.72 34.33 69.94
N SER G 170 1.72 34.16 70.79
CA SER G 170 1.59 33.29 71.96
C SER G 170 0.52 33.81 72.92
N GLY G 171 0.61 35.10 73.25
CA GLY G 171 -0.36 35.72 74.15
C GLY G 171 -0.06 35.39 75.60
N THR H 1 -26.70 42.77 29.73
CA THR H 1 -25.94 43.87 30.30
C THR H 1 -24.80 43.37 31.16
N LYS H 2 -25.12 42.56 32.17
CA LYS H 2 -24.13 42.04 33.08
C LYS H 2 -23.06 41.23 32.35
N GLU H 3 -23.51 40.32 31.49
CA GLU H 3 -22.59 39.46 30.75
C GLU H 3 -21.65 40.27 29.88
N GLU H 4 -22.18 41.30 29.23
CA GLU H 4 -21.38 42.20 28.42
C GLU H 4 -20.32 42.91 29.27
N ARG H 5 -20.75 43.40 30.42
CA ARG H 5 -19.83 44.07 31.35
C ARG H 5 -18.69 43.14 31.77
N VAL H 6 -19.04 41.89 32.07
CA VAL H 6 -18.06 40.91 32.49
C VAL H 6 -17.04 40.62 31.39
N LEU H 7 -17.53 40.52 30.16
CA LEU H 7 -16.67 40.30 29.01
C LEU H 7 -15.77 41.50 28.75
N LEU H 8 -16.33 42.70 28.94
CA LEU H 8 -15.56 43.93 28.81
C LEU H 8 -14.47 44.03 29.88
N MET H 9 -14.78 43.52 31.07
CA MET H 9 -13.80 43.43 32.15
C MET H 9 -12.65 42.51 31.76
N LYS H 10 -12.98 41.38 31.15
CA LYS H 10 -11.97 40.47 30.61
C LYS H 10 -11.07 41.19 29.60
N VAL H 11 -11.69 41.91 28.68
CA VAL H 11 -10.95 42.64 27.65
C VAL H 11 -10.00 43.64 28.28
N ALA H 12 -10.49 44.39 29.26
CA ALA H 12 -9.68 45.38 29.95
C ALA H 12 -8.44 44.74 30.56
N ILE H 13 -8.64 43.68 31.33
CA ILE H 13 -7.55 43.02 32.02
C ILE H 13 -6.49 42.53 31.04
N LEU H 14 -6.94 41.94 29.93
CA LEU H 14 -6.03 41.40 28.93
C LEU H 14 -5.22 42.51 28.27
N ALA H 15 -5.90 43.59 27.89
CA ALA H 15 -5.26 44.70 27.18
C ALA H 15 -4.26 45.41 28.09
N ILE H 16 -4.61 45.54 29.37
CA ILE H 16 -3.73 46.17 30.34
C ILE H 16 -2.43 45.39 30.49
N VAL H 17 -2.54 44.08 30.63
CA VAL H 17 -1.38 43.21 30.80
C VAL H 17 -0.55 43.16 29.52
N ALA H 18 -1.24 43.18 28.38
CA ALA H 18 -0.57 43.21 27.09
C ALA H 18 0.24 44.49 26.91
N ALA H 19 -0.34 45.60 27.33
CA ALA H 19 0.35 46.89 27.29
C ALA H 19 1.57 46.90 28.20
N LYS H 20 1.44 46.26 29.36
CA LYS H 20 2.55 46.14 30.29
C LYS H 20 3.65 45.24 29.72
N LYS H 21 3.25 44.18 29.03
CA LYS H 21 4.19 43.31 28.35
C LYS H 21 4.87 44.01 27.18
N GLY H 22 4.12 44.88 26.52
CA GLY H 22 4.64 45.61 25.36
C GLY H 22 3.96 45.14 24.07
N ASN H 23 3.01 44.22 24.22
CA ASN H 23 2.31 43.67 23.06
C ASN H 23 1.19 44.61 22.60
N THR H 24 1.57 45.71 21.97
CA THR H 24 0.62 46.74 21.57
C THR H 24 -0.38 46.18 20.56
N ASP H 25 0.09 45.27 19.72
CA ASP H 25 -0.77 44.64 18.72
C ASP H 25 -1.97 43.95 19.38
N GLU H 26 -1.70 43.21 20.44
CA GLU H 26 -2.76 42.56 21.19
C GLU H 26 -3.70 43.57 21.83
N VAL H 27 -3.13 44.66 22.34
CA VAL H 27 -3.92 45.74 22.92
C VAL H 27 -4.90 46.31 21.90
N ARG H 28 -4.41 46.57 20.69
CA ARG H 28 -5.26 47.11 19.62
C ARG H 28 -6.44 46.20 19.36
N LYS H 29 -6.18 44.90 19.27
CA LYS H 29 -7.23 43.91 19.06
C LYS H 29 -8.26 43.95 20.19
N ALA H 30 -7.77 43.96 21.42
CA ALA H 30 -8.66 43.97 22.59
C ALA H 30 -9.52 45.23 22.62
N LEU H 31 -8.91 46.36 22.25
CA LEU H 31 -9.64 47.62 22.18
C LEU H 31 -10.76 47.56 21.16
N GLU H 32 -10.49 46.91 20.03
CA GLU H 32 -11.50 46.70 19.01
C GLU H 32 -12.62 45.80 19.52
N LEU H 33 -12.24 44.77 20.28
CA LEU H 33 -13.21 43.85 20.85
C LEU H 33 -14.16 44.55 21.80
N ALA H 34 -13.61 45.47 22.60
CA ALA H 34 -14.43 46.30 23.49
C ALA H 34 -15.50 47.04 22.70
N LEU H 35 -15.09 47.67 21.60
CA LEU H 35 -16.04 48.35 20.71
C LEU H 35 -17.08 47.37 20.18
N LEU H 36 -16.62 46.21 19.72
CA LEU H 36 -17.50 45.23 19.09
C LEU H 36 -18.56 44.74 20.08
N ILE H 37 -18.15 44.56 21.33
CA ILE H 37 -19.07 44.14 22.38
C ILE H 37 -20.17 45.18 22.60
N ALA H 38 -19.76 46.44 22.68
CA ALA H 38 -20.70 47.55 22.84
C ALA H 38 -21.64 47.65 21.64
N LYS H 39 -21.09 47.42 20.45
CA LYS H 39 -21.88 47.46 19.23
C LYS H 39 -22.93 46.35 19.21
N VAL H 40 -22.53 45.16 19.63
CA VAL H 40 -23.44 44.02 19.68
C VAL H 40 -24.57 44.25 20.68
N SER H 41 -24.23 44.84 21.82
CA SER H 41 -25.22 45.17 22.84
C SER H 41 -26.19 46.22 22.31
N GLY H 42 -25.66 47.32 21.79
CA GLY H 42 -26.47 48.38 21.23
C GLY H 42 -27.08 49.25 22.33
N THR H 43 -26.44 49.28 23.48
CA THR H 43 -26.93 50.03 24.62
C THR H 43 -25.95 51.12 25.05
N THR H 44 -26.48 52.20 25.62
CA THR H 44 -25.65 53.28 26.11
C THR H 44 -24.73 52.80 27.23
N GLU H 45 -25.26 51.93 28.09
CA GLU H 45 -24.46 51.37 29.18
C GLU H 45 -23.23 50.65 28.65
N ALA H 46 -23.44 49.78 27.66
CA ALA H 46 -22.34 49.03 27.07
C ALA H 46 -21.29 49.94 26.46
N VAL H 47 -21.75 51.00 25.80
CA VAL H 47 -20.85 51.99 25.24
C VAL H 47 -20.00 52.66 26.32
N LYS H 48 -20.65 53.06 27.41
CA LYS H 48 -19.95 53.66 28.54
C LYS H 48 -18.94 52.69 29.14
N LEU H 49 -19.33 51.43 29.26
CA LEU H 49 -18.46 50.41 29.82
C LEU H 49 -17.24 50.17 28.94
N ALA H 50 -17.46 50.17 27.62
CA ALA H 50 -16.37 50.02 26.66
C ALA H 50 -15.39 51.17 26.74
N LEU H 51 -15.92 52.39 26.94
CA LEU H 51 -15.09 53.56 27.12
C LEU H 51 -14.30 53.48 28.42
N GLU H 52 -14.91 52.89 29.45
CA GLU H 52 -14.22 52.63 30.71
C GLU H 52 -13.05 51.67 30.51
N VAL H 53 -13.27 50.62 29.72
CA VAL H 53 -12.21 49.70 29.36
C VAL H 53 -11.05 50.42 28.69
N VAL H 54 -11.37 51.26 27.71
CA VAL H 54 -10.34 52.01 26.99
C VAL H 54 -9.54 52.90 27.94
N ALA H 55 -10.25 53.59 28.83
CA ALA H 55 -9.61 54.45 29.80
C ALA H 55 -8.60 53.69 30.64
N ARG H 56 -9.03 52.56 31.19
CA ARG H 56 -8.17 51.76 32.07
C ARG H 56 -6.90 51.34 31.35
N VAL H 57 -7.04 50.90 30.10
CA VAL H 57 -5.90 50.44 29.31
C VAL H 57 -4.93 51.57 29.03
N ALA H 58 -5.45 52.71 28.59
CA ALA H 58 -4.62 53.84 28.21
C ALA H 58 -3.90 54.42 29.41
N ILE H 59 -4.58 54.44 30.55
CA ILE H 59 -3.99 54.95 31.79
C ILE H 59 -2.81 54.10 32.22
N GLU H 60 -3.00 52.79 32.23
CA GLU H 60 -1.95 51.86 32.65
C GLU H 60 -0.82 51.81 31.62
N ALA H 61 -1.18 51.93 30.34
CA ALA H 61 -0.20 52.00 29.27
C ALA H 61 0.67 53.23 29.40
N ALA H 62 0.05 54.37 29.73
CA ALA H 62 0.78 55.61 29.95
C ALA H 62 1.72 55.50 31.15
N ARG H 63 1.24 54.82 32.19
CA ARG H 63 2.08 54.57 33.37
C ARG H 63 3.22 53.63 33.04
N ARG H 64 2.96 52.64 32.19
CA ARG H 64 3.98 51.72 31.74
C ARG H 64 5.00 52.42 30.84
N GLY H 65 4.52 53.36 30.04
CA GLY H 65 5.37 54.07 29.09
C GLY H 65 5.02 53.68 27.66
N ASN H 66 4.01 52.84 27.50
CA ASN H 66 3.58 52.38 26.19
C ASN H 66 2.70 53.41 25.50
N THR H 67 3.31 54.49 25.04
CA THR H 67 2.57 55.61 24.46
C THR H 67 1.83 55.18 23.21
N ASP H 68 2.42 54.26 22.46
CA ASP H 68 1.82 53.75 21.24
C ASP H 68 0.44 53.15 21.51
N ALA H 69 0.36 52.34 22.57
CA ALA H 69 -0.91 51.75 22.98
C ALA H 69 -1.89 52.82 23.42
N VAL H 70 -1.40 53.83 24.12
CA VAL H 70 -2.22 54.95 24.56
C VAL H 70 -2.85 55.66 23.37
N ARG H 71 -2.04 55.96 22.36
CA ARG H 71 -2.51 56.65 21.17
C ARG H 71 -3.65 55.88 20.50
N GLU H 72 -3.46 54.57 20.35
CA GLU H 72 -4.49 53.72 19.78
C GLU H 72 -5.77 53.74 20.60
N ALA H 73 -5.62 53.61 21.92
CA ALA H 73 -6.76 53.60 22.82
C ALA H 73 -7.54 54.90 22.75
N LEU H 74 -6.82 56.02 22.66
CA LEU H 74 -7.44 57.32 22.56
C LEU H 74 -8.28 57.44 21.29
N GLU H 75 -7.75 56.90 20.19
CA GLU H 75 -8.49 56.88 18.94
C GLU H 75 -9.73 56.00 19.03
N VAL H 76 -9.60 54.87 19.72
CA VAL H 76 -10.71 53.95 19.89
C VAL H 76 -11.83 54.59 20.70
N ALA H 77 -11.44 55.35 21.73
CA ALA H 77 -12.41 56.10 22.52
C ALA H 77 -13.29 56.97 21.64
N LEU H 78 -12.66 57.71 20.74
CA LEU H 78 -13.39 58.51 19.76
C LEU H 78 -14.32 57.64 18.91
N GLU H 79 -13.78 56.52 18.42
CA GLU H 79 -14.52 55.64 17.52
C GLU H 79 -15.75 55.06 18.22
N ILE H 80 -15.61 54.75 19.50
CA ILE H 80 -16.72 54.25 20.29
C ILE H 80 -17.85 55.27 20.39
N ALA H 81 -17.47 56.52 20.67
CA ALA H 81 -18.43 57.61 20.73
C ALA H 81 -19.09 57.83 19.37
N ARG H 82 -18.31 57.71 18.31
CA ARG H 82 -18.83 57.84 16.95
C ARG H 82 -19.83 56.75 16.62
N GLU H 83 -19.52 55.53 17.06
CA GLU H 83 -20.40 54.39 16.83
C GLU H 83 -21.74 54.58 17.55
N SER H 84 -21.69 55.10 18.77
CA SER H 84 -22.89 55.42 19.53
C SER H 84 -23.70 56.51 18.84
N GLY H 85 -23.04 57.61 18.49
CA GLY H 85 -23.69 58.71 17.79
C GLY H 85 -24.50 59.57 18.74
N THR H 86 -24.12 59.55 20.02
CA THR H 86 -24.83 60.30 21.05
C THR H 86 -23.93 61.35 21.69
N THR H 87 -24.53 62.44 22.15
CA THR H 87 -23.80 63.48 22.86
C THR H 87 -23.17 62.94 24.14
N GLU H 88 -23.92 62.10 24.85
CA GLU H 88 -23.42 61.49 26.08
C GLU H 88 -22.14 60.71 25.82
N ALA H 89 -22.15 59.87 24.79
CA ALA H 89 -20.99 59.06 24.45
C ALA H 89 -19.78 59.94 24.14
N VAL H 90 -20.01 61.03 23.44
CA VAL H 90 -18.96 61.99 23.13
C VAL H 90 -18.37 62.57 24.41
N LYS H 91 -19.23 62.97 25.34
CA LYS H 91 -18.78 63.48 26.63
C LYS H 91 -17.99 62.43 27.39
N LEU H 92 -18.47 61.19 27.36
CA LEU H 92 -17.80 60.09 28.05
C LEU H 92 -16.43 59.82 27.45
N ALA H 93 -16.33 59.90 26.14
CA ALA H 93 -15.06 59.72 25.45
C ALA H 93 -14.07 60.82 25.83
N LEU H 94 -14.57 62.04 25.96
CA LEU H 94 -13.75 63.16 26.41
C LEU H 94 -13.31 62.97 27.85
N GLU H 95 -14.18 62.37 28.66
CA GLU H 95 -13.83 62.01 30.03
C GLU H 95 -12.69 60.99 30.06
N VAL H 96 -12.77 60.00 29.17
CA VAL H 96 -11.69 59.03 29.02
C VAL H 96 -10.37 59.72 28.70
N VAL H 97 -10.39 60.62 27.72
CA VAL H 97 -9.19 61.36 27.34
C VAL H 97 -8.63 62.14 28.50
N ALA H 98 -9.51 62.82 29.23
CA ALA H 98 -9.09 63.59 30.41
C ALA H 98 -8.35 62.72 31.40
N ARG H 99 -8.94 61.58 31.75
CA ARG H 99 -8.36 60.68 32.74
C ARG H 99 -6.96 60.25 32.33
N VAL H 100 -6.80 59.90 31.06
CA VAL H 100 -5.52 59.42 30.55
C VAL H 100 -4.46 60.52 30.59
N ALA H 101 -4.82 61.70 30.11
CA ALA H 101 -3.88 62.82 30.03
C ALA H 101 -3.46 63.29 31.41
N ILE H 102 -4.41 63.29 32.35
CA ILE H 102 -4.13 63.69 33.72
C ILE H 102 -3.13 62.75 34.38
N GLU H 103 -3.38 61.45 34.25
CA GLU H 103 -2.51 60.44 34.85
C GLU H 103 -1.17 60.39 34.14
N ALA H 104 -1.18 60.60 32.83
CA ALA H 104 0.04 60.66 32.05
C ALA H 104 0.91 61.85 32.47
N ALA H 105 0.27 62.99 32.69
CA ALA H 105 0.96 64.17 33.16
C ALA H 105 1.56 63.96 34.54
N ARG H 106 0.82 63.27 35.40
CA ARG H 106 1.31 62.91 36.73
C ARG H 106 2.45 61.91 36.64
N ARG H 107 2.36 60.98 35.70
CA ARG H 107 3.41 60.02 35.46
C ARG H 107 4.66 60.68 34.89
N GLY H 108 4.46 61.69 34.06
CA GLY H 108 5.56 62.37 33.40
C GLY H 108 5.57 62.08 31.90
N ASN H 109 4.58 61.31 31.45
CA ASN H 109 4.48 60.94 30.04
C ASN H 109 3.84 62.07 29.23
N THR H 110 4.58 63.14 29.02
CA THR H 110 4.05 64.33 28.37
C THR H 110 3.64 64.01 26.93
N GLU H 111 4.38 63.12 26.29
CA GLU H 111 4.08 62.72 24.92
C GLU H 111 2.66 62.17 24.80
N ALA H 112 2.28 61.30 25.72
CA ALA H 112 0.93 60.76 25.77
C ALA H 112 -0.09 61.86 26.03
N VAL H 113 0.27 62.81 26.89
CA VAL H 113 -0.60 63.95 27.18
C VAL H 113 -0.88 64.75 25.92
N VAL H 114 0.17 65.05 25.17
CA VAL H 114 0.04 65.83 23.95
C VAL H 114 -0.92 65.17 22.96
N GLU H 115 -0.76 63.86 22.79
CA GLU H 115 -1.65 63.10 21.92
C GLU H 115 -3.09 63.16 22.41
N ALA H 116 -3.29 62.95 23.71
CA ALA H 116 -4.63 62.95 24.29
C ALA H 116 -5.30 64.30 24.12
N LEU H 117 -4.53 65.37 24.29
CA LEU H 117 -5.06 66.72 24.13
C LEU H 117 -5.53 66.96 22.70
N LEU H 118 -4.78 66.46 21.74
CA LEU H 118 -5.16 66.55 20.33
C LEU H 118 -6.43 65.74 20.05
N VAL H 119 -6.51 64.56 20.66
CA VAL H 119 -7.67 63.70 20.48
C VAL H 119 -8.94 64.35 21.03
N ALA H 120 -8.81 65.02 22.17
CA ALA H 120 -9.91 65.77 22.76
C ALA H 120 -10.51 66.74 21.74
N LEU H 121 -9.65 67.50 21.07
CA LEU H 121 -10.09 68.38 19.99
C LEU H 121 -10.81 67.60 18.89
N GLU H 122 -10.20 66.49 18.48
CA GLU H 122 -10.74 65.70 17.37
C GLU H 122 -12.12 65.15 17.70
N ILE H 123 -12.31 64.75 18.95
CA ILE H 123 -13.60 64.25 19.40
C ILE H 123 -14.67 65.34 19.31
N ALA H 124 -14.34 66.54 19.77
CA ALA H 124 -15.25 67.67 19.67
C ALA H 124 -15.55 68.01 18.23
N LYS H 125 -14.54 67.91 17.37
CA LYS H 125 -14.70 68.16 15.95
C LYS H 125 -15.64 67.14 15.31
N GLU H 126 -15.50 65.89 15.73
CA GLU H 126 -16.35 64.81 15.20
C GLU H 126 -17.80 65.03 15.60
N SER H 127 -18.03 65.47 16.83
CA SER H 127 -19.37 65.82 17.29
C SER H 127 -19.93 66.99 16.50
N GLY H 128 -19.15 68.07 16.41
CA GLY H 128 -19.56 69.24 15.66
C GLY H 128 -20.56 70.10 16.44
N THR H 129 -20.50 69.98 17.77
CA THR H 129 -21.42 70.72 18.63
C THR H 129 -20.67 71.66 19.55
N GLU H 130 -21.33 72.76 19.93
CA GLU H 130 -20.74 73.71 20.86
C GLU H 130 -20.46 73.07 22.21
N GLU H 131 -21.38 72.22 22.66
CA GLU H 131 -21.23 71.52 23.93
C GLU H 131 -19.95 70.69 23.94
N ALA H 132 -19.75 69.91 22.88
CA ALA H 132 -18.57 69.05 22.77
C ALA H 132 -17.29 69.87 22.82
N VAL H 133 -17.29 71.01 22.13
CA VAL H 133 -16.16 71.92 22.14
C VAL H 133 -15.86 72.40 23.55
N ARG H 134 -16.90 72.84 24.26
CA ARG H 134 -16.75 73.29 25.64
C ARG H 134 -16.23 72.17 26.53
N LEU H 135 -16.74 70.96 26.32
CA LEU H 135 -16.31 69.79 27.08
C LEU H 135 -14.85 69.48 26.82
N ALA H 136 -14.43 69.62 25.57
CA ALA H 136 -13.03 69.40 25.20
C ALA H 136 -12.12 70.42 25.86
N LEU H 137 -12.60 71.66 25.95
CA LEU H 137 -11.88 72.71 26.65
C LEU H 137 -11.78 72.42 28.15
N GLU H 138 -12.82 71.81 28.69
CA GLU H 138 -12.80 71.36 30.08
C GLU H 138 -11.76 70.29 30.30
N VAL H 139 -11.68 69.34 29.36
CA VAL H 139 -10.66 68.30 29.40
C VAL H 139 -9.26 68.92 29.44
N VAL H 140 -9.01 69.85 28.53
CA VAL H 140 -7.71 70.53 28.47
C VAL H 140 -7.40 71.24 29.78
N LYS H 141 -8.39 71.95 30.30
CA LYS H 141 -8.24 72.66 31.57
C LYS H 141 -7.81 71.70 32.67
N ARG H 142 -8.53 70.59 32.81
CA ARG H 142 -8.25 69.62 33.86
C ARG H 142 -6.81 69.13 33.79
N VAL H 143 -6.34 68.87 32.57
CA VAL H 143 -4.98 68.39 32.37
C VAL H 143 -3.95 69.41 32.82
N SER H 144 -4.15 70.66 32.39
CA SER H 144 -3.21 71.74 32.70
C SER H 144 -3.19 72.04 34.20
N ASN H 145 -4.36 71.94 34.82
CA ASN H 145 -4.48 72.17 36.25
C ASN H 145 -3.69 71.14 37.05
N GLU H 146 -3.92 69.87 36.74
CA GLU H 146 -3.26 68.78 37.46
C GLU H 146 -1.78 68.70 37.10
N ALA H 147 -1.46 69.02 35.86
CA ALA H 147 -0.07 69.08 35.42
C ALA H 147 0.69 70.17 36.15
N LEU H 148 0.03 71.31 36.36
CA LEU H 148 0.61 72.40 37.14
C LEU H 148 0.86 71.99 38.58
N LYS H 149 -0.07 71.21 39.13
CA LYS H 149 0.10 70.68 40.48
C LYS H 149 1.27 69.71 40.55
N GLN H 150 1.43 68.88 39.52
CA GLN H 150 2.53 67.95 39.44
C GLN H 150 3.85 68.66 39.24
N GLY H 151 3.82 69.74 38.46
CA GLY H 151 5.03 70.48 38.10
C GLY H 151 5.38 70.28 36.62
N ASN H 152 4.51 69.59 35.90
CA ASN H 152 4.75 69.27 34.50
C ASN H 152 4.44 70.47 33.61
N VAL H 153 5.32 71.46 33.62
CA VAL H 153 5.09 72.70 32.89
C VAL H 153 4.96 72.45 31.39
N ASP H 154 5.69 71.46 30.89
CA ASP H 154 5.64 71.11 29.48
C ASP H 154 4.23 70.75 29.05
N ALA H 155 3.57 69.92 29.84
CA ALA H 155 2.19 69.53 29.57
C ALA H 155 1.25 70.73 29.64
N VAL H 156 1.50 71.61 30.61
CA VAL H 156 0.71 72.81 30.76
C VAL H 156 0.80 73.70 29.51
N LYS H 157 2.02 73.91 29.04
CA LYS H 157 2.26 74.72 27.85
C LYS H 157 1.53 74.15 26.65
N VAL H 158 1.64 72.84 26.46
CA VAL H 158 0.96 72.15 25.36
C VAL H 158 -0.55 72.31 25.48
N ALA H 159 -1.07 72.13 26.68
CA ALA H 159 -2.50 72.23 26.93
C ALA H 159 -3.03 73.61 26.56
N LEU H 160 -2.26 74.64 26.91
CA LEU H 160 -2.62 76.01 26.60
C LEU H 160 -2.73 76.23 25.10
N GLU H 161 -1.79 75.67 24.36
CA GLU H 161 -1.81 75.76 22.90
C GLU H 161 -3.00 75.03 22.31
N VAL H 162 -3.29 73.85 22.85
CA VAL H 162 -4.42 73.05 22.38
C VAL H 162 -5.74 73.74 22.68
N ARG H 163 -5.82 74.35 23.85
CA ARG H 163 -7.01 75.12 24.23
C ARG H 163 -7.34 76.15 23.17
N LYS H 164 -6.34 76.92 22.75
CA LYS H 164 -6.50 77.87 21.66
C LYS H 164 -6.96 77.17 20.39
N MET H 165 -6.31 76.08 20.05
CA MET H 165 -6.58 75.36 18.81
C MET H 165 -8.03 74.88 18.76
N ILE H 166 -8.54 74.43 19.90
CA ILE H 166 -9.93 74.01 20.01
C ILE H 166 -10.89 75.16 19.73
N GLU H 167 -10.60 76.32 20.32
CA GLU H 167 -11.39 77.51 20.10
C GLU H 167 -11.33 77.95 18.64
N GLU H 168 -10.16 77.82 18.03
CA GLU H 168 -9.97 78.13 16.63
C GLU H 168 -10.79 77.21 15.74
N LEU H 169 -10.82 75.94 16.09
CA LEU H 169 -11.59 74.95 15.35
C LEU H 169 -13.08 75.24 15.42
N SER H 170 -13.54 75.65 16.59
CA SER H 170 -14.94 76.06 16.77
C SER H 170 -15.26 77.30 15.93
N GLY H 171 -14.41 78.32 16.04
CA GLY H 171 -14.60 79.54 15.28
C GLY H 171 -15.65 80.44 15.92
N THR I 1 -28.02 38.44 -7.29
CA THR I 1 -27.24 39.46 -6.61
C THR I 1 -26.87 39.02 -5.19
N LYS I 2 -27.89 38.70 -4.40
CA LYS I 2 -27.67 38.31 -3.01
C LYS I 2 -26.78 37.08 -2.92
N GLU I 3 -27.09 36.06 -3.71
CA GLU I 3 -26.34 34.81 -3.68
C GLU I 3 -24.88 35.04 -4.05
N GLU I 4 -24.65 35.88 -5.06
CA GLU I 4 -23.29 36.24 -5.46
C GLU I 4 -22.56 36.93 -4.32
N ARG I 5 -23.22 37.87 -3.67
CA ARG I 5 -22.64 38.59 -2.53
C ARG I 5 -22.25 37.62 -1.43
N VAL I 6 -23.12 36.66 -1.15
CA VAL I 6 -22.87 35.68 -0.09
C VAL I 6 -21.66 34.82 -0.42
N LEU I 7 -21.55 34.42 -1.68
CA LEU I 7 -20.42 33.63 -2.14
C LEU I 7 -19.13 34.44 -2.10
N LEU I 8 -19.22 35.71 -2.43
CA LEU I 8 -18.09 36.63 -2.35
C LEU I 8 -17.64 36.82 -0.90
N MET I 9 -18.60 36.83 0.01
CA MET I 9 -18.31 36.89 1.43
C MET I 9 -17.53 35.65 1.88
N LYS I 10 -17.95 34.50 1.40
CA LYS I 10 -17.23 33.25 1.65
C LYS I 10 -15.78 33.36 1.16
N VAL I 11 -15.62 33.84 -0.07
CA VAL I 11 -14.29 34.00 -0.65
C VAL I 11 -13.41 34.90 0.20
N ALA I 12 -13.97 36.02 0.61
CA ALA I 12 -13.25 36.99 1.45
C ALA I 12 -12.74 36.32 2.73
N ILE I 13 -13.64 35.66 3.43
CA ILE I 13 -13.30 35.04 4.71
C ILE I 13 -12.18 34.02 4.54
N LEU I 14 -12.28 33.21 3.50
CA LEU I 14 -11.28 32.17 3.23
C LEU I 14 -9.93 32.78 2.92
N ALA I 15 -9.92 33.77 2.05
CA ALA I 15 -8.67 34.40 1.61
C ALA I 15 -7.99 35.13 2.76
N ILE I 16 -8.79 35.77 3.62
CA ILE I 16 -8.28 36.46 4.78
C ILE I 16 -7.56 35.50 5.73
N VAL I 17 -8.21 34.38 6.03
CA VAL I 17 -7.65 33.39 6.93
C VAL I 17 -6.43 32.71 6.32
N ALA I 18 -6.48 32.50 5.01
CA ALA I 18 -5.34 31.93 4.28
C ALA I 18 -4.14 32.86 4.34
N ALA I 19 -4.37 34.15 4.18
CA ALA I 19 -3.32 35.15 4.29
C ALA I 19 -2.72 35.18 5.69
N LYS I 20 -3.59 35.04 6.69
CA LYS I 20 -3.13 34.97 8.08
C LYS I 20 -2.31 33.72 8.34
N LYS I 21 -2.73 32.61 7.73
CA LYS I 21 -1.98 31.36 7.83
C LYS I 21 -0.65 31.46 7.09
N GLY I 22 -0.64 32.20 5.99
CA GLY I 22 0.56 32.35 5.18
C GLY I 22 0.41 31.64 3.83
N ASN I 23 -0.77 31.07 3.61
CA ASN I 23 -1.04 30.34 2.37
C ASN I 23 -1.40 31.29 1.24
N THR I 24 -0.40 32.00 0.72
CA THR I 24 -0.62 33.02 -0.30
C THR I 24 -1.19 32.40 -1.57
N ASP I 25 -0.79 31.17 -1.86
CA ASP I 25 -1.27 30.45 -3.04
C ASP I 25 -2.79 30.32 -3.00
N GLU I 26 -3.32 29.94 -1.84
CA GLU I 26 -4.77 29.85 -1.67
C GLU I 26 -5.44 31.21 -1.81
N VAL I 27 -4.79 32.24 -1.28
CA VAL I 27 -5.30 33.60 -1.40
C VAL I 27 -5.43 34.01 -2.87
N ARG I 28 -4.41 33.72 -3.65
CA ARG I 28 -4.43 34.05 -5.08
C ARG I 28 -5.61 33.39 -5.78
N LYS I 29 -5.84 32.12 -5.47
CA LYS I 29 -6.98 31.39 -6.04
C LYS I 29 -8.29 32.05 -5.65
N ALA I 30 -8.44 32.36 -4.37
CA ALA I 30 -9.67 32.97 -3.88
C ALA I 30 -9.92 34.32 -4.52
N LEU I 31 -8.85 35.09 -4.70
CA LEU I 31 -8.94 36.38 -5.37
C LEU I 31 -9.43 36.24 -6.80
N GLU I 32 -8.95 35.21 -7.49
CA GLU I 32 -9.41 34.91 -8.84
C GLU I 32 -10.87 34.50 -8.84
N LEU I 33 -11.29 33.75 -7.83
CA LEU I 33 -12.67 33.30 -7.71
C LEU I 33 -13.60 34.49 -7.54
N ALA I 34 -13.18 35.47 -6.75
CA ALA I 34 -13.92 36.72 -6.59
C ALA I 34 -14.18 37.38 -7.94
N LEU I 35 -13.13 37.49 -8.75
CA LEU I 35 -13.25 38.01 -10.10
C LEU I 35 -14.23 37.19 -10.93
N LEU I 36 -14.08 35.87 -10.87
CA LEU I 36 -14.89 34.97 -11.68
C LEU I 36 -16.36 35.09 -11.34
N ILE I 37 -16.66 35.25 -10.05
CA ILE I 37 -18.03 35.45 -9.60
C ILE I 37 -18.63 36.71 -10.17
N ALA I 38 -17.87 37.80 -10.11
CA ALA I 38 -18.31 39.08 -10.67
C ALA I 38 -18.50 38.97 -12.18
N LYS I 39 -17.62 38.24 -12.84
CA LYS I 39 -17.70 38.05 -14.27
C LYS I 39 -18.95 37.27 -14.65
N VAL I 40 -19.26 36.24 -13.88
CA VAL I 40 -20.44 35.41 -14.12
C VAL I 40 -21.71 36.23 -13.93
N SER I 41 -21.73 37.07 -12.90
CA SER I 41 -22.86 37.95 -12.66
C SER I 41 -23.03 38.96 -13.78
N GLY I 42 -21.97 39.66 -14.12
CA GLY I 42 -21.99 40.63 -15.21
C GLY I 42 -22.66 41.93 -14.78
N THR I 43 -22.63 42.19 -13.47
CA THR I 43 -23.26 43.39 -12.92
C THR I 43 -22.25 44.29 -12.24
N THR I 44 -22.53 45.60 -12.24
CA THR I 44 -21.67 46.56 -11.57
C THR I 44 -21.59 46.29 -10.07
N GLU I 45 -22.72 45.91 -9.49
CA GLU I 45 -22.77 45.58 -8.06
C GLU I 45 -21.79 44.46 -7.72
N ALA I 46 -21.84 43.39 -8.51
CA ALA I 46 -20.97 42.23 -8.29
C ALA I 46 -19.50 42.63 -8.39
N VAL I 47 -19.19 43.48 -9.37
CA VAL I 47 -17.84 43.99 -9.53
C VAL I 47 -17.38 44.75 -8.30
N LYS I 48 -18.24 45.64 -7.82
CA LYS I 48 -17.94 46.41 -6.60
C LYS I 48 -17.74 45.50 -5.41
N LEU I 49 -18.59 44.48 -5.30
CA LEU I 49 -18.50 43.53 -4.18
C LEU I 49 -17.21 42.75 -4.24
N ALA I 50 -16.80 42.36 -5.44
CA ALA I 50 -15.55 41.64 -5.63
C ALA I 50 -14.34 42.50 -5.26
N LEU I 51 -14.42 43.78 -5.58
CA LEU I 51 -13.39 44.73 -5.19
C LEU I 51 -13.34 44.91 -3.68
N GLU I 52 -14.52 44.86 -3.04
CA GLU I 52 -14.61 44.90 -1.60
C GLU I 52 -13.92 43.68 -0.97
N VAL I 53 -14.15 42.52 -1.56
CA VAL I 53 -13.46 41.30 -1.14
C VAL I 53 -11.95 41.47 -1.20
N VAL I 54 -11.46 41.97 -2.34
CA VAL I 54 -10.03 42.18 -2.52
C VAL I 54 -9.47 43.12 -1.47
N ALA I 55 -10.18 44.22 -1.22
CA ALA I 55 -9.77 45.19 -0.23
C ALA I 55 -9.59 44.54 1.14
N ARG I 56 -10.61 43.81 1.57
CA ARG I 56 -10.59 43.18 2.89
C ARG I 56 -9.39 42.26 3.04
N VAL I 57 -9.12 41.46 2.00
CA VAL I 57 -8.02 40.52 2.03
C VAL I 57 -6.67 41.22 2.12
N ALA I 58 -6.49 42.23 1.27
CA ALA I 58 -5.22 42.95 1.19
C ALA I 58 -4.95 43.72 2.48
N ILE I 59 -6.01 44.28 3.06
CA ILE I 59 -5.89 45.02 4.31
C ILE I 59 -5.41 44.12 5.45
N GLU I 60 -6.06 42.97 5.58
CA GLU I 60 -5.73 42.02 6.64
C GLU I 60 -4.38 41.38 6.40
N ALA I 61 -4.06 41.14 5.14
CA ALA I 61 -2.76 40.61 4.75
C ALA I 61 -1.64 41.58 5.10
N ALA I 62 -1.89 42.86 4.84
CA ALA I 62 -0.93 43.91 5.19
C ALA I 62 -0.73 43.99 6.70
N ARG I 63 -1.83 43.84 7.44
CA ARG I 63 -1.77 43.83 8.90
C ARG I 63 -1.02 42.58 9.40
N ARG I 64 -1.24 41.46 8.73
CA ARG I 64 -0.54 40.23 9.07
C ARG I 64 0.95 40.32 8.73
N GLY I 65 1.26 41.03 7.64
CA GLY I 65 2.64 41.16 7.18
C GLY I 65 2.84 40.40 5.88
N ASN I 66 1.77 39.81 5.36
CA ASN I 66 1.84 39.05 4.13
C ASN I 66 1.80 39.95 2.90
N THR I 67 2.90 40.65 2.66
CA THR I 67 2.96 41.64 1.59
C THR I 67 2.76 41.00 0.23
N ASP I 68 3.24 39.77 0.08
CA ASP I 68 3.10 39.03 -1.16
C ASP I 68 1.63 38.89 -1.56
N ALA I 69 0.79 38.52 -0.59
CA ALA I 69 -0.64 38.42 -0.81
C ALA I 69 -1.25 39.76 -1.16
N VAL I 70 -0.78 40.81 -0.49
CA VAL I 70 -1.23 42.16 -0.75
C VAL I 70 -0.95 42.56 -2.20
N ARG I 71 0.27 42.30 -2.65
CA ARG I 71 0.67 42.64 -4.02
C ARG I 71 -0.25 41.97 -5.04
N GLU I 72 -0.52 40.69 -4.83
CA GLU I 72 -1.42 39.95 -5.72
C GLU I 72 -2.82 40.55 -5.70
N ALA I 73 -3.33 40.84 -4.51
CA ALA I 73 -4.67 41.39 -4.36
C ALA I 73 -4.79 42.74 -5.06
N LEU I 74 -3.75 43.56 -4.95
CA LEU I 74 -3.73 44.86 -5.59
C LEU I 74 -3.81 44.73 -7.10
N GLU I 75 -3.10 43.75 -7.64
CA GLU I 75 -3.14 43.47 -9.08
C GLU I 75 -4.52 42.99 -9.50
N VAL I 76 -5.14 42.15 -8.66
CA VAL I 76 -6.47 41.63 -8.95
C VAL I 76 -7.50 42.75 -8.97
N ALA I 77 -7.36 43.69 -8.06
CA ALA I 77 -8.22 44.87 -8.04
C ALA I 77 -8.23 45.57 -9.38
N LEU I 78 -7.05 45.80 -9.93
CA LEU I 78 -6.91 46.36 -11.27
C LEU I 78 -7.61 45.49 -12.30
N GLU I 79 -7.37 44.18 -12.24
CA GLU I 79 -7.91 43.24 -13.22
C GLU I 79 -9.43 43.24 -13.20
N ILE I 80 -9.99 43.35 -12.00
CA ILE I 80 -11.44 43.41 -11.86
C ILE I 80 -12.02 44.65 -12.55
N ALA I 81 -11.38 45.79 -12.33
CA ALA I 81 -11.78 47.02 -12.98
C ALA I 81 -11.65 46.92 -14.49
N ARG I 82 -10.58 46.27 -14.95
CA ARG I 82 -10.36 46.05 -16.37
C ARG I 82 -11.43 45.17 -16.97
N GLU I 83 -11.82 44.14 -16.24
CA GLU I 83 -12.87 43.23 -16.69
C GLU I 83 -14.20 43.94 -16.83
N SER I 84 -14.51 44.82 -15.89
CA SER I 84 -15.71 45.64 -15.95
C SER I 84 -15.66 46.59 -17.14
N GLY I 85 -14.55 47.32 -17.27
CA GLY I 85 -14.37 48.24 -18.39
C GLY I 85 -15.15 49.52 -18.18
N THR I 86 -15.40 49.86 -16.92
CA THR I 86 -16.16 51.07 -16.57
C THR I 86 -15.33 52.02 -15.75
N THR I 87 -15.61 53.31 -15.86
CA THR I 87 -14.94 54.33 -15.08
C THR I 87 -15.19 54.14 -13.59
N GLU I 88 -16.43 53.78 -13.24
CA GLU I 88 -16.79 53.53 -11.86
C GLU I 88 -15.92 52.43 -11.25
N ALA I 89 -15.78 51.32 -11.97
CA ALA I 89 -14.99 50.20 -11.50
C ALA I 89 -13.54 50.61 -11.26
N VAL I 90 -13.01 51.43 -12.17
CA VAL I 90 -11.67 51.97 -12.03
C VAL I 90 -11.53 52.78 -10.75
N LYS I 91 -12.49 53.66 -10.51
CA LYS I 91 -12.52 54.47 -9.29
C LYS I 91 -12.60 53.57 -8.05
N LEU I 92 -13.43 52.55 -8.12
CA LEU I 92 -13.60 51.62 -7.01
C LEU I 92 -12.31 50.87 -6.72
N ALA I 93 -11.62 50.47 -7.78
CA ALA I 93 -10.34 49.78 -7.64
C ALA I 93 -9.30 50.67 -7.00
N LEU I 94 -9.31 51.95 -7.37
CA LEU I 94 -8.43 52.93 -6.76
C LEU I 94 -8.77 53.15 -5.29
N GLU I 95 -10.07 53.07 -4.97
CA GLU I 95 -10.52 53.12 -3.59
C GLU I 95 -9.98 51.95 -2.79
N VAL I 96 -10.02 50.76 -3.38
CA VAL I 96 -9.43 49.58 -2.78
C VAL I 96 -7.95 49.80 -2.46
N VAL I 97 -7.21 50.29 -3.44
CA VAL I 97 -5.79 50.55 -3.26
C VAL I 97 -5.55 51.54 -2.12
N ALA I 98 -6.34 52.61 -2.09
CA ALA I 98 -6.24 53.62 -1.04
C ALA I 98 -6.39 52.98 0.34
N ARG I 99 -7.46 52.20 0.50
CA ARG I 99 -7.75 51.59 1.79
C ARG I 99 -6.58 50.73 2.27
N VAL I 100 -6.02 49.94 1.36
CA VAL I 100 -4.92 49.04 1.69
C VAL I 100 -3.67 49.81 2.10
N ALA I 101 -3.31 50.81 1.30
CA ALA I 101 -2.10 51.59 1.54
C ALA I 101 -2.19 52.38 2.83
N ILE I 102 -3.38 52.92 3.10
CA ILE I 102 -3.61 53.69 4.32
C ILE I 102 -3.44 52.83 5.55
N GLU I 103 -4.06 51.65 5.55
CA GLU I 103 -3.99 50.73 6.68
C GLU I 103 -2.60 50.14 6.82
N ALA I 104 -1.95 49.89 5.68
CA ALA I 104 -0.59 49.40 5.67
C ALA I 104 0.37 50.43 6.26
N ALA I 105 0.17 51.69 5.91
CA ALA I 105 0.97 52.77 6.46
C ALA I 105 0.77 52.91 7.96
N ARG I 106 -0.47 52.74 8.40
CA ARG I 106 -0.79 52.75 9.82
C ARG I 106 -0.19 51.54 10.53
N ARG I 107 -0.19 50.40 9.86
CA ARG I 107 0.41 49.18 10.40
C ARG I 107 1.93 49.32 10.47
N GLY I 108 2.51 50.00 9.49
CA GLY I 108 3.96 50.15 9.41
C GLY I 108 4.52 49.38 8.22
N ASN I 109 3.63 48.75 7.46
CA ASN I 109 4.03 47.96 6.30
C ASN I 109 4.28 48.85 5.09
N THR I 110 5.38 49.59 5.13
CA THR I 110 5.69 50.58 4.09
C THR I 110 5.87 49.90 2.73
N GLU I 111 6.41 48.70 2.75
CA GLU I 111 6.63 47.93 1.53
C GLU I 111 5.33 47.72 0.77
N ALA I 112 4.28 47.33 1.49
CA ALA I 112 2.95 47.16 0.91
C ALA I 112 2.42 48.49 0.38
N VAL I 113 2.67 49.56 1.13
CA VAL I 113 2.25 50.89 0.70
C VAL I 113 2.89 51.28 -0.63
N VAL I 114 4.19 51.05 -0.75
CA VAL I 114 4.91 51.37 -1.97
C VAL I 114 4.31 50.66 -3.17
N GLU I 115 4.04 49.37 -3.01
CA GLU I 115 3.42 48.58 -4.06
C GLU I 115 2.04 49.14 -4.43
N ALA I 116 1.24 49.42 -3.42
CA ALA I 116 -0.11 49.93 -3.64
C ALA I 116 -0.09 51.26 -4.39
N LEU I 117 0.85 52.12 -4.01
CA LEU I 117 1.00 53.42 -4.66
C LEU I 117 1.33 53.27 -6.15
N LEU I 118 2.19 52.30 -6.46
CA LEU I 118 2.53 52.00 -7.84
C LEU I 118 1.33 51.46 -8.61
N VAL I 119 0.54 50.61 -7.95
CA VAL I 119 -0.64 50.03 -8.55
C VAL I 119 -1.68 51.10 -8.88
N ALA I 120 -1.82 52.06 -7.98
CA ALA I 120 -2.71 53.20 -8.21
C ALA I 120 -2.39 53.88 -9.54
N LEU I 121 -1.11 54.15 -9.77
CA LEU I 121 -0.66 54.68 -11.06
C LEU I 121 -1.06 53.77 -12.21
N GLU I 122 -0.79 52.47 -12.04
CA GLU I 122 -1.02 51.51 -13.11
C GLU I 122 -2.51 51.43 -13.47
N ILE I 123 -3.35 51.53 -12.46
CA ILE I 123 -4.81 51.53 -12.68
C ILE I 123 -5.23 52.73 -13.51
N ALA I 124 -4.71 53.90 -13.16
CA ALA I 124 -5.00 55.12 -13.92
C ALA I 124 -4.48 55.00 -15.35
N LYS I 125 -3.31 54.39 -15.51
CA LYS I 125 -2.72 54.18 -16.82
C LYS I 125 -3.59 53.25 -17.66
N GLU I 126 -4.12 52.21 -17.03
CA GLU I 126 -4.98 51.25 -17.72
C GLU I 126 -6.26 51.92 -18.21
N SER I 127 -6.82 52.79 -17.38
CA SER I 127 -7.99 53.56 -17.76
C SER I 127 -7.67 54.50 -18.91
N GLY I 128 -6.60 55.28 -18.77
CA GLY I 128 -6.16 56.18 -19.82
C GLY I 128 -7.01 57.45 -19.84
N THR I 129 -7.59 57.79 -18.70
CA THR I 129 -8.45 58.96 -18.60
C THR I 129 -7.90 59.97 -17.60
N GLU I 130 -8.19 61.24 -17.82
CA GLU I 130 -7.78 62.30 -16.90
C GLU I 130 -8.38 62.10 -15.52
N GLU I 131 -9.65 61.69 -15.49
CA GLU I 131 -10.34 61.45 -14.23
C GLU I 131 -9.61 60.40 -13.40
N ALA I 132 -9.27 59.28 -14.03
CA ALA I 132 -8.58 58.19 -13.36
C ALA I 132 -7.25 58.66 -12.79
N VAL I 133 -6.52 59.47 -13.56
CA VAL I 133 -5.26 60.04 -13.10
C VAL I 133 -5.47 60.89 -11.86
N ARG I 134 -6.47 61.76 -11.90
CA ARG I 134 -6.80 62.60 -10.75
C ARG I 134 -7.18 61.77 -9.54
N LEU I 135 -7.95 60.71 -9.78
CA LEU I 135 -8.36 59.81 -8.72
C LEU I 135 -7.17 59.10 -8.09
N ALA I 136 -6.22 58.70 -8.94
CA ALA I 136 -4.99 58.06 -8.48
C ALA I 136 -4.17 59.01 -7.62
N LEU I 137 -4.15 60.28 -8.01
CA LEU I 137 -3.47 61.31 -7.23
C LEU I 137 -4.15 61.52 -5.88
N GLU I 138 -5.48 61.39 -5.87
CA GLU I 138 -6.24 61.45 -4.64
C GLU I 138 -5.89 60.29 -3.72
N VAL I 139 -5.76 59.10 -4.29
CA VAL I 139 -5.32 57.93 -3.54
C VAL I 139 -3.97 58.18 -2.87
N VAL I 140 -3.01 58.67 -3.65
CA VAL I 140 -1.69 58.96 -3.13
C VAL I 140 -1.75 59.99 -2.02
N LYS I 141 -2.53 61.05 -2.22
CA LYS I 141 -2.70 62.09 -1.21
C LYS I 141 -3.20 61.49 0.10
N ARG I 142 -4.26 60.69 0.02
CA ARG I 142 -4.85 60.08 1.21
C ARG I 142 -3.82 59.29 2.00
N VAL I 143 -2.99 58.53 1.29
CA VAL I 143 -1.97 57.70 1.93
C VAL I 143 -0.94 58.57 2.66
N SER I 144 -0.46 59.60 1.99
CA SER I 144 0.57 60.47 2.56
C SER I 144 0.03 61.25 3.74
N ASN I 145 -1.23 61.64 3.67
CA ASN I 145 -1.88 62.37 4.75
C ASN I 145 -1.98 61.51 6.01
N GLU I 146 -2.49 60.30 5.85
CA GLU I 146 -2.68 59.40 6.99
C GLU I 146 -1.34 58.87 7.49
N ALA I 147 -0.41 58.65 6.57
CA ALA I 147 0.95 58.25 6.93
C ALA I 147 1.64 59.33 7.76
N LEU I 148 1.43 60.58 7.39
CA LEU I 148 1.97 61.71 8.14
C LEU I 148 1.37 61.76 9.55
N LYS I 149 0.09 61.45 9.65
CA LYS I 149 -0.58 61.38 10.94
C LYS I 149 -0.01 60.25 11.80
N GLN I 150 0.28 59.12 11.16
CA GLN I 150 0.87 57.98 11.85
C GLN I 150 2.30 58.26 12.25
N GLY I 151 3.02 58.99 11.39
CA GLY I 151 4.44 59.26 11.61
C GLY I 151 5.30 58.50 10.62
N ASN I 152 4.66 57.82 9.68
CA ASN I 152 5.36 57.00 8.69
C ASN I 152 5.94 57.86 7.57
N VAL I 153 7.03 58.57 7.88
CA VAL I 153 7.62 59.51 6.93
C VAL I 153 8.09 58.81 5.66
N ASP I 154 8.53 57.57 5.81
CA ASP I 154 8.99 56.78 4.67
C ASP I 154 7.89 56.62 3.63
N ALA I 155 6.70 56.29 4.09
CA ALA I 155 5.55 56.16 3.20
C ALA I 155 5.19 57.49 2.55
N VAL I 156 5.30 58.57 3.33
CA VAL I 156 5.03 59.90 2.82
C VAL I 156 5.98 60.27 1.68
N LYS I 157 7.27 60.01 1.90
CA LYS I 157 8.28 60.31 0.89
C LYS I 157 8.02 59.54 -0.39
N VAL I 158 7.70 58.26 -0.26
CA VAL I 158 7.38 57.41 -1.41
C VAL I 158 6.15 57.95 -2.14
N ALA I 159 5.12 58.31 -1.38
CA ALA I 159 3.88 58.80 -1.96
C ALA I 159 4.12 60.07 -2.78
N LEU I 160 4.99 60.94 -2.27
CA LEU I 160 5.33 62.18 -2.95
C LEU I 160 5.99 61.90 -4.30
N GLU I 161 6.88 60.91 -4.31
CA GLU I 161 7.54 60.51 -5.55
C GLU I 161 6.56 59.92 -6.54
N VAL I 162 5.65 59.08 -6.04
CA VAL I 162 4.64 58.45 -6.89
C VAL I 162 3.68 59.49 -7.46
N ARG I 163 3.31 60.47 -6.63
CA ARG I 163 2.46 61.57 -7.09
C ARG I 163 3.05 62.23 -8.33
N LYS I 164 4.33 62.56 -8.27
CA LYS I 164 5.05 63.09 -9.43
C LYS I 164 4.97 62.13 -10.61
N MET I 165 5.24 60.85 -10.35
CA MET I 165 5.30 59.85 -11.41
C MET I 165 3.97 59.73 -12.13
N ILE I 166 2.88 59.83 -11.37
CA ILE I 166 1.54 59.79 -11.94
C ILE I 166 1.32 60.97 -12.88
N GLU I 167 1.71 62.16 -12.44
CA GLU I 167 1.61 63.36 -13.25
C GLU I 167 2.46 63.25 -14.51
N GLU I 168 3.64 62.65 -14.36
CA GLU I 168 4.54 62.42 -15.49
C GLU I 168 3.91 61.47 -16.50
N LEU I 169 3.26 60.43 -16.00
CA LEU I 169 2.60 59.45 -16.85
C LEU I 169 1.45 60.09 -17.64
N SER I 170 0.71 60.97 -16.97
CA SER I 170 -0.36 61.72 -17.64
C SER I 170 0.21 62.64 -18.72
N GLY I 171 1.24 63.40 -18.36
CA GLY I 171 1.87 64.32 -19.31
C GLY I 171 1.06 65.59 -19.48
N THR J 1 30.15 21.97 -30.40
CA THR J 1 30.70 22.99 -29.52
C THR J 1 29.60 23.77 -28.82
N LYS J 2 28.71 24.36 -29.61
CA LYS J 2 27.63 25.18 -29.07
C LYS J 2 26.75 24.37 -28.13
N GLU J 3 26.34 23.18 -28.58
CA GLU J 3 25.46 22.33 -27.80
C GLU J 3 26.09 21.95 -26.47
N GLU J 4 27.39 21.62 -26.51
CA GLU J 4 28.14 21.31 -25.29
C GLU J 4 28.15 22.50 -24.34
N ARG J 5 28.41 23.68 -24.88
CA ARG J 5 28.42 24.91 -24.08
C ARG J 5 27.08 25.13 -23.41
N VAL J 6 26.00 24.91 -24.15
CA VAL J 6 24.65 25.10 -23.63
C VAL J 6 24.36 24.13 -22.49
N LEU J 7 24.79 22.89 -22.66
CA LEU J 7 24.62 21.87 -21.64
C LEU J 7 25.45 22.19 -20.40
N LEU J 8 26.65 22.71 -20.62
CA LEU J 8 27.52 23.14 -19.53
C LEU J 8 26.91 24.32 -18.78
N MET J 9 26.23 25.19 -19.50
CA MET J 9 25.50 26.29 -18.89
C MET J 9 24.38 25.77 -17.99
N LYS J 10 23.67 24.76 -18.46
CA LYS J 10 22.65 24.10 -17.65
C LYS J 10 23.26 23.54 -16.36
N VAL J 11 24.39 22.84 -16.50
CA VAL J 11 25.08 22.27 -15.35
C VAL J 11 25.45 23.34 -14.34
N ALA J 12 26.01 24.43 -14.83
CA ALA J 12 26.41 25.55 -13.98
C ALA J 12 25.23 26.07 -13.16
N ILE J 13 24.14 26.36 -13.85
CA ILE J 13 22.96 26.93 -13.20
C ILE J 13 22.44 26.01 -12.11
N LEU J 14 22.38 24.72 -12.41
CA LEU J 14 21.87 23.72 -11.47
C LEU J 14 22.76 23.63 -10.24
N ALA J 15 24.07 23.54 -10.47
CA ALA J 15 25.03 23.38 -9.38
C ALA J 15 25.06 24.61 -8.48
N ILE J 16 24.93 25.79 -9.09
CA ILE J 16 24.89 27.04 -8.35
C ILE J 16 23.70 27.09 -7.40
N VAL J 17 22.53 26.75 -7.92
CA VAL J 17 21.31 26.76 -7.13
C VAL J 17 21.33 25.68 -6.06
N ALA J 18 21.91 24.54 -6.40
CA ALA J 18 22.07 23.45 -5.44
C ALA J 18 22.98 23.86 -4.28
N ALA J 19 24.06 24.55 -4.60
CA ALA J 19 24.97 25.07 -3.59
C ALA J 19 24.29 26.09 -2.69
N LYS J 20 23.44 26.92 -3.29
CA LYS J 20 22.66 27.89 -2.53
C LYS J 20 21.65 27.21 -1.63
N LYS J 21 21.05 26.13 -2.13
CA LYS J 21 20.13 25.34 -1.33
C LYS J 21 20.85 24.61 -0.21
N GLY J 22 22.08 24.19 -0.48
CA GLY J 22 22.87 23.45 0.50
C GLY J 22 23.06 22.00 0.06
N ASN J 23 22.54 21.67 -1.11
CA ASN J 23 22.63 20.31 -1.63
C ASN J 23 23.99 20.05 -2.28
N THR J 24 25.02 19.91 -1.45
CA THR J 24 26.39 19.76 -1.94
C THR J 24 26.53 18.49 -2.76
N ASP J 25 25.79 17.45 -2.39
CA ASP J 25 25.82 16.18 -3.10
C ASP J 25 25.44 16.38 -4.56
N GLU J 26 24.38 17.14 -4.80
CA GLU J 26 23.96 17.45 -6.16
C GLU J 26 25.01 18.27 -6.90
N VAL J 27 25.64 19.20 -6.19
CA VAL J 27 26.71 20.00 -6.76
C VAL J 27 27.86 19.13 -7.24
N ARG J 28 28.26 18.17 -6.42
CA ARG J 28 29.34 17.26 -6.77
C ARG J 28 29.03 16.51 -8.05
N LYS J 29 27.80 16.02 -8.16
CA LYS J 29 27.35 15.32 -9.37
C LYS J 29 27.43 16.22 -10.59
N ALA J 30 26.91 17.44 -10.45
CA ALA J 30 26.90 18.39 -11.56
C ALA J 30 28.31 18.74 -12.00
N LEU J 31 29.21 18.89 -11.03
CA LEU J 31 30.61 19.17 -11.32
C LEU J 31 31.25 18.04 -12.12
N GLU J 32 30.90 16.80 -11.77
CA GLU J 32 31.37 15.64 -12.51
C GLU J 32 30.80 15.62 -13.92
N LEU J 33 29.54 16.03 -14.06
CA LEU J 33 28.89 16.08 -15.36
C LEU J 33 29.58 17.08 -16.28
N ALA J 34 29.98 18.21 -15.72
CA ALA J 34 30.75 19.21 -16.46
C ALA J 34 32.02 18.59 -17.04
N LEU J 35 32.75 17.86 -16.21
CA LEU J 35 33.93 17.14 -16.66
C LEU J 35 33.59 16.15 -17.77
N LEU J 36 32.53 15.38 -17.56
CA LEU J 36 32.14 14.34 -18.49
C LEU J 36 31.79 14.91 -19.86
N ILE J 37 31.13 16.06 -19.85
CA ILE J 37 30.79 16.76 -21.09
C ILE J 37 32.03 17.17 -21.86
N ALA J 38 32.99 17.75 -21.14
CA ALA J 38 34.26 18.15 -21.75
C ALA J 38 35.02 16.94 -22.28
N LYS J 39 34.97 15.84 -21.54
CA LYS J 39 35.63 14.62 -21.94
C LYS J 39 35.02 14.05 -23.22
N VAL J 40 33.69 14.08 -23.30
CA VAL J 40 32.98 13.58 -24.47
C VAL J 40 33.31 14.43 -25.70
N SER J 41 33.38 15.75 -25.52
CA SER J 41 33.75 16.65 -26.59
C SER J 41 35.17 16.40 -27.05
N GLY J 42 36.11 16.39 -26.12
CA GLY J 42 37.51 16.13 -26.43
C GLY J 42 38.18 17.36 -27.04
N THR J 43 37.64 18.53 -26.71
CA THR J 43 38.17 19.79 -27.25
C THR J 43 38.67 20.69 -26.14
N THR J 44 39.66 21.53 -26.46
CA THR J 44 40.18 22.49 -25.51
C THR J 44 39.11 23.49 -25.08
N GLU J 45 38.28 23.90 -26.03
CA GLU J 45 37.18 24.82 -25.74
C GLU J 45 36.25 24.25 -24.67
N ALA J 46 35.85 23.00 -24.86
CA ALA J 46 34.95 22.34 -23.91
C ALA J 46 35.57 22.26 -22.52
N VAL J 47 36.86 21.96 -22.47
CA VAL J 47 37.59 21.92 -21.22
C VAL J 47 37.56 23.27 -20.52
N LYS J 48 37.85 24.32 -21.28
CA LYS J 48 37.81 25.69 -20.74
C LYS J 48 36.42 26.04 -20.24
N LEU J 49 35.40 25.65 -21.00
CA LEU J 49 34.01 25.93 -20.62
C LEU J 49 33.64 25.21 -19.34
N ALA J 50 34.10 23.97 -19.21
CA ALA J 50 33.84 23.18 -18.01
C ALA J 50 34.51 23.80 -16.78
N LEU J 51 35.71 24.34 -16.98
CA LEU J 51 36.41 25.05 -15.92
C LEU J 51 35.69 26.33 -15.54
N GLU J 52 35.08 26.99 -16.53
CA GLU J 52 34.26 28.15 -16.29
C GLU J 52 33.04 27.80 -15.43
N VAL J 53 32.41 26.68 -15.74
CA VAL J 53 31.32 26.16 -14.93
C VAL J 53 31.75 25.97 -13.48
N VAL J 54 32.88 25.30 -13.29
CA VAL J 54 33.40 25.05 -11.95
C VAL J 54 33.63 26.36 -11.20
N ALA J 55 34.25 27.33 -11.87
CA ALA J 55 34.51 28.63 -11.28
C ALA J 55 33.23 29.27 -10.77
N ARG J 56 32.22 29.33 -11.64
CA ARG J 56 30.96 29.98 -11.29
C ARG J 56 30.34 29.35 -10.05
N VAL J 57 30.35 28.02 -9.99
CA VAL J 57 29.77 27.29 -8.88
C VAL J 57 30.51 27.57 -7.58
N ALA J 58 31.84 27.48 -7.63
CA ALA J 58 32.66 27.65 -6.45
C ALA J 58 32.58 29.08 -5.92
N ILE J 59 32.51 30.05 -6.84
CA ILE J 59 32.40 31.45 -6.46
C ILE J 59 31.10 31.72 -5.70
N GLU J 60 29.99 31.23 -6.26
CA GLU J 60 28.68 31.44 -5.66
C GLU J 60 28.53 30.64 -4.37
N ALA J 61 29.13 29.46 -4.35
CA ALA J 61 29.15 28.63 -3.15
C ALA J 61 29.91 29.31 -2.02
N ALA J 62 31.04 29.92 -2.36
CA ALA J 62 31.83 30.67 -1.39
C ALA J 62 31.06 31.87 -0.86
N ARG J 63 30.32 32.53 -1.75
CA ARG J 63 29.48 33.65 -1.36
C ARG J 63 28.32 33.18 -0.47
N ARG J 64 27.78 32.01 -0.79
CA ARG J 64 26.72 31.42 0.02
C ARG J 64 27.23 30.97 1.38
N GLY J 65 28.48 30.50 1.41
CA GLY J 65 29.09 29.99 2.64
C GLY J 65 29.27 28.48 2.56
N ASN J 66 28.92 27.90 1.42
CA ASN J 66 29.04 26.46 1.24
C ASN J 66 30.46 26.05 0.89
N THR J 67 31.35 26.11 1.88
CA THR J 67 32.77 25.86 1.65
C THR J 67 33.01 24.44 1.17
N ASP J 68 32.19 23.51 1.65
CA ASP J 68 32.30 22.11 1.25
C ASP J 68 32.17 21.96 -0.26
N ALA J 69 31.18 22.62 -0.84
CA ALA J 69 30.98 22.62 -2.28
C ALA J 69 32.16 23.26 -3.00
N VAL J 70 32.68 24.34 -2.43
CA VAL J 70 33.84 25.02 -2.98
C VAL J 70 35.04 24.09 -3.06
N ARG J 71 35.30 23.38 -1.96
CA ARG J 71 36.43 22.45 -1.90
C ARG J 71 36.34 21.40 -3.00
N GLU J 72 35.15 20.83 -3.17
CA GLU J 72 34.92 19.83 -4.22
C GLU J 72 35.15 20.43 -5.60
N ALA J 73 34.61 21.63 -5.84
CA ALA J 73 34.74 22.29 -7.13
C ALA J 73 36.20 22.57 -7.46
N LEU J 74 36.96 22.99 -6.45
CA LEU J 74 38.37 23.27 -6.63
C LEU J 74 39.13 22.01 -7.04
N GLU J 75 38.78 20.89 -6.44
CA GLU J 75 39.38 19.61 -6.80
C GLU J 75 39.02 19.21 -8.22
N VAL J 76 37.76 19.46 -8.59
CA VAL J 76 37.28 19.13 -9.93
C VAL J 76 38.02 19.95 -10.99
N ALA J 77 38.26 21.21 -10.68
CA ALA J 77 39.05 22.08 -11.56
C ALA J 77 40.39 21.45 -11.90
N LEU J 78 41.08 20.97 -10.88
CA LEU J 78 42.33 20.24 -11.08
C LEU J 78 42.11 19.02 -11.97
N GLU J 79 41.08 18.25 -11.66
CA GLU J 79 40.81 17.00 -12.37
C GLU J 79 40.53 17.25 -13.85
N ILE J 80 39.84 18.35 -14.13
CA ILE J 80 39.56 18.73 -15.51
C ILE J 80 40.84 19.03 -16.28
N ALA J 81 41.74 19.79 -15.65
CA ALA J 81 43.03 20.09 -16.24
C ALA J 81 43.85 18.82 -16.45
N ARG J 82 43.77 17.90 -15.49
CA ARG J 82 44.46 16.62 -15.59
C ARG J 82 43.93 15.79 -16.74
N GLU J 83 42.61 15.80 -16.91
CA GLU J 83 41.97 15.07 -18.00
C GLU J 83 42.40 15.60 -19.35
N SER J 84 42.50 16.92 -19.47
CA SER J 84 42.99 17.55 -20.68
C SER J 84 44.45 17.19 -20.95
N GLY J 85 45.29 17.36 -19.93
CA GLY J 85 46.70 17.00 -20.04
C GLY J 85 47.47 18.07 -20.80
N THR J 86 46.97 19.29 -20.77
CA THR J 86 47.60 20.41 -21.47
C THR J 86 48.02 21.50 -20.51
N THR J 87 49.07 22.24 -20.86
CA THR J 87 49.54 23.35 -20.06
C THR J 87 48.48 24.44 -19.97
N GLU J 88 47.79 24.69 -21.07
CA GLU J 88 46.73 25.68 -21.10
C GLU J 88 45.64 25.36 -20.07
N ALA J 89 45.20 24.11 -20.06
CA ALA J 89 44.16 23.67 -19.14
C ALA J 89 44.60 23.88 -17.69
N VAL J 90 45.86 23.57 -17.41
CA VAL J 90 46.44 23.79 -16.09
C VAL J 90 46.37 25.26 -15.70
N LYS J 91 46.77 26.13 -16.61
CA LYS J 91 46.70 27.57 -16.39
C LYS J 91 45.26 28.02 -16.15
N LEU J 92 44.34 27.48 -16.93
CA LEU J 92 42.92 27.82 -16.81
C LEU J 92 42.37 27.38 -15.46
N ALA J 93 42.79 26.20 -15.02
CA ALA J 93 42.37 25.68 -13.72
C ALA J 93 42.89 26.56 -12.59
N LEU J 94 44.11 27.04 -12.74
CA LEU J 94 44.70 27.97 -11.78
C LEU J 94 43.95 29.31 -11.78
N GLU J 95 43.49 29.71 -12.96
CA GLU J 95 42.65 30.90 -13.08
C GLU J 95 41.34 30.73 -12.33
N VAL J 96 40.74 29.56 -12.46
CA VAL J 96 39.54 29.22 -11.70
C VAL J 96 39.78 29.37 -10.21
N VAL J 97 40.87 28.78 -9.73
CA VAL J 97 41.21 28.84 -8.31
C VAL J 97 41.38 30.29 -7.86
N ALA J 98 42.08 31.09 -8.66
CA ALA J 98 42.30 32.50 -8.36
C ALA J 98 40.96 33.22 -8.17
N ARG J 99 40.06 33.05 -9.13
CA ARG J 99 38.78 33.74 -9.10
C ARG J 99 38.02 33.40 -7.82
N VAL J 100 38.01 32.12 -7.45
CA VAL J 100 37.29 31.66 -6.28
C VAL J 100 37.87 32.25 -5.00
N ALA J 101 39.19 32.17 -4.87
CA ALA J 101 39.87 32.63 -3.66
C ALA J 101 39.75 34.13 -3.49
N ILE J 102 39.82 34.86 -4.60
CA ILE J 102 39.68 36.31 -4.58
C ILE J 102 38.31 36.73 -4.09
N GLU J 103 37.27 36.12 -4.66
CA GLU J 103 35.89 36.44 -4.29
C GLU J 103 35.57 35.96 -2.89
N ALA J 104 36.15 34.82 -2.51
CA ALA J 104 35.99 34.29 -1.16
C ALA J 104 36.63 35.23 -0.13
N ALA J 105 37.80 35.75 -0.46
CA ALA J 105 38.48 36.70 0.41
C ALA J 105 37.68 37.98 0.55
N ARG J 106 37.09 38.42 -0.55
CA ARG J 106 36.22 39.60 -0.53
C ARG J 106 34.95 39.33 0.26
N ARG J 107 34.43 38.11 0.15
CA ARG J 107 33.24 37.71 0.90
C ARG J 107 33.56 37.60 2.39
N GLY J 108 34.77 37.15 2.70
CA GLY J 108 35.19 36.94 4.09
C GLY J 108 35.35 35.46 4.39
N ASN J 109 35.14 34.62 3.37
CA ASN J 109 35.26 33.18 3.53
C ASN J 109 36.71 32.73 3.46
N THR J 110 37.46 33.03 4.51
CA THR J 110 38.90 32.76 4.53
C THR J 110 39.18 31.26 4.43
N GLU J 111 38.30 30.47 5.01
CA GLU J 111 38.44 29.01 4.97
C GLU J 111 38.49 28.51 3.53
N ALA J 112 37.58 29.00 2.69
CA ALA J 112 37.56 28.66 1.28
C ALA J 112 38.84 29.13 0.59
N VAL J 113 39.30 30.32 0.96
CA VAL J 113 40.54 30.86 0.41
C VAL J 113 41.72 29.95 0.70
N VAL J 114 41.83 29.51 1.95
CA VAL J 114 42.92 28.63 2.36
C VAL J 114 42.95 27.36 1.53
N GLU J 115 41.78 26.75 1.35
CA GLU J 115 41.65 25.56 0.53
C GLU J 115 42.08 25.82 -0.91
N ALA J 116 41.59 26.91 -1.47
CA ALA J 116 41.89 27.26 -2.86
C ALA J 116 43.39 27.48 -3.05
N LEU J 117 44.02 28.14 -2.09
CA LEU J 117 45.46 28.39 -2.14
C LEU J 117 46.25 27.08 -2.16
N LEU J 118 45.80 26.12 -1.36
CA LEU J 118 46.42 24.80 -1.33
C LEU J 118 46.23 24.07 -2.65
N VAL J 119 45.04 24.20 -3.23
CA VAL J 119 44.73 23.57 -4.50
C VAL J 119 45.60 24.12 -5.62
N ALA J 120 45.82 25.43 -5.59
CA ALA J 120 46.71 26.08 -6.55
C ALA J 120 48.08 25.40 -6.58
N LEU J 121 48.64 25.17 -5.39
CA LEU J 121 49.89 24.41 -5.27
C LEU J 121 49.76 23.03 -5.88
N GLU J 122 48.68 22.33 -5.54
CA GLU J 122 48.49 20.96 -5.97
C GLU J 122 48.39 20.87 -7.49
N ILE J 123 47.74 21.85 -8.09
CA ILE J 123 47.62 21.91 -9.55
C ILE J 123 48.99 22.06 -10.21
N ALA J 124 49.81 22.95 -9.67
CA ALA J 124 51.17 23.13 -10.16
C ALA J 124 51.99 21.86 -9.98
N LYS J 125 51.79 21.19 -8.86
CA LYS J 125 52.48 19.94 -8.57
C LYS J 125 52.09 18.86 -9.58
N GLU J 126 50.80 18.82 -9.91
CA GLU J 126 50.29 17.84 -10.86
C GLU J 126 50.89 18.06 -12.25
N SER J 127 51.01 19.32 -12.64
CA SER J 127 51.65 19.68 -13.90
C SER J 127 53.13 19.29 -13.88
N GLY J 128 53.84 19.71 -12.84
CA GLY J 128 55.24 19.36 -12.68
C GLY J 128 56.12 20.23 -13.56
N THR J 129 55.64 21.43 -13.88
CA THR J 129 56.36 22.35 -14.74
C THR J 129 56.68 23.65 -14.01
N GLU J 130 57.77 24.29 -14.40
CA GLU J 130 58.16 25.58 -13.83
C GLU J 130 57.09 26.64 -14.08
N GLU J 131 56.53 26.62 -15.30
CA GLU J 131 55.50 27.57 -15.67
C GLU J 131 54.29 27.47 -14.73
N ALA J 132 53.83 26.24 -14.50
CA ALA J 132 52.69 26.00 -13.63
C ALA J 132 52.95 26.52 -12.22
N VAL J 133 54.17 26.28 -11.72
CA VAL J 133 54.57 26.79 -10.42
C VAL J 133 54.49 28.31 -10.37
N ARG J 134 55.04 28.96 -11.38
CA ARG J 134 54.99 30.41 -11.48
C ARG J 134 53.56 30.92 -11.53
N LEU J 135 52.73 30.22 -12.30
CA LEU J 135 51.32 30.57 -12.42
C LEU J 135 50.59 30.44 -11.09
N ALA J 136 50.93 29.39 -10.35
CA ALA J 136 50.36 29.17 -9.02
C ALA J 136 50.75 30.28 -8.06
N LEU J 137 52.00 30.73 -8.18
CA LEU J 137 52.48 31.85 -7.38
C LEU J 137 51.75 33.14 -7.74
N GLU J 138 51.42 33.29 -9.03
CA GLU J 138 50.62 34.41 -9.49
C GLU J 138 49.22 34.38 -8.89
N VAL J 139 48.63 33.19 -8.84
CA VAL J 139 47.34 33.00 -8.20
C VAL J 139 47.37 33.46 -6.75
N VAL J 140 48.38 32.99 -6.02
CA VAL J 140 48.53 33.35 -4.61
C VAL J 140 48.70 34.86 -4.46
N LYS J 141 49.52 35.46 -5.30
CA LYS J 141 49.74 36.90 -5.28
C LYS J 141 48.41 37.65 -5.44
N ARG J 142 47.65 37.28 -6.46
CA ARG J 142 46.37 37.93 -6.74
C ARG J 142 45.46 37.91 -5.52
N VAL J 143 45.40 36.76 -4.85
CA VAL J 143 44.54 36.60 -3.68
C VAL J 143 44.98 37.52 -2.55
N SER J 144 46.27 37.55 -2.27
CA SER J 144 46.81 38.35 -1.18
C SER J 144 46.65 39.83 -1.46
N ASN J 145 46.80 40.21 -2.72
CA ASN J 145 46.64 41.60 -3.12
C ASN J 145 45.21 42.09 -2.90
N GLU J 146 44.25 41.32 -3.39
CA GLU J 146 42.84 41.69 -3.27
C GLU J 146 42.35 41.55 -1.84
N ALA J 147 42.88 40.55 -1.13
CA ALA J 147 42.57 40.37 0.28
C ALA J 147 43.07 41.55 1.10
N LEU J 148 44.25 42.05 0.76
CA LEU J 148 44.80 43.24 1.42
C LEU J 148 43.92 44.46 1.16
N LYS J 149 43.40 44.56 -0.05
CA LYS J 149 42.48 45.64 -0.40
C LYS J 149 41.18 45.53 0.39
N GLN J 150 40.69 44.31 0.57
CA GLN J 150 39.48 44.07 1.34
C GLN J 150 39.73 44.32 2.82
N GLY J 151 40.92 43.97 3.30
CA GLY J 151 41.24 44.07 4.71
C GLY J 151 41.36 42.70 5.35
N ASN J 152 41.26 41.66 4.53
CA ASN J 152 41.29 40.29 5.02
C ASN J 152 42.73 39.84 5.29
N VAL J 153 43.30 40.33 6.40
CA VAL J 153 44.70 40.06 6.72
C VAL J 153 44.95 38.57 6.91
N ASP J 154 43.95 37.87 7.43
CA ASP J 154 44.06 36.43 7.65
C ASP J 154 44.35 35.69 6.34
N ALA J 155 43.62 36.04 5.30
CA ALA J 155 43.84 35.45 3.98
C ALA J 155 45.22 35.81 3.44
N VAL J 156 45.64 37.04 3.67
CA VAL J 156 46.96 37.50 3.24
C VAL J 156 48.07 36.67 3.89
N LYS J 157 47.95 36.49 5.21
CA LYS J 157 48.94 35.71 5.95
C LYS J 157 49.03 34.29 5.43
N VAL J 158 47.88 33.67 5.20
CA VAL J 158 47.82 32.32 4.65
C VAL J 158 48.46 32.26 3.27
N ALA J 159 48.14 33.24 2.43
CA ALA J 159 48.66 33.28 1.07
C ALA J 159 50.18 33.37 1.07
N LEU J 160 50.73 34.15 2.00
CA LEU J 160 52.17 34.31 2.13
C LEU J 160 52.84 32.98 2.47
N GLU J 161 52.21 32.23 3.37
CA GLU J 161 52.72 30.92 3.75
C GLU J 161 52.66 29.94 2.59
N VAL J 162 51.54 29.98 1.85
CA VAL J 162 51.37 29.10 0.70
C VAL J 162 52.36 29.43 -0.40
N ARG J 163 52.60 30.72 -0.61
CA ARG J 163 53.60 31.17 -1.59
C ARG J 163 54.94 30.50 -1.33
N LYS J 164 55.39 30.54 -0.07
CA LYS J 164 56.61 29.84 0.33
C LYS J 164 56.51 28.36 0.02
N MET J 165 55.39 27.74 0.40
CA MET J 165 55.21 26.30 0.25
C MET J 165 55.32 25.88 -1.20
N ILE J 166 54.77 26.70 -2.10
CA ILE J 166 54.85 26.45 -3.53
C ILE J 166 56.29 26.46 -4.01
N GLU J 167 57.05 27.47 -3.57
CA GLU J 167 58.46 27.57 -3.90
C GLU J 167 59.24 26.38 -3.35
N GLU J 168 58.88 25.94 -2.14
CA GLU J 168 59.50 24.78 -1.53
C GLU J 168 59.22 23.52 -2.33
N LEU J 169 57.99 23.38 -2.82
CA LEU J 169 57.60 22.24 -3.61
C LEU J 169 58.37 22.20 -4.93
N SER J 170 58.56 23.36 -5.54
CA SER J 170 59.36 23.47 -6.75
C SER J 170 60.82 23.09 -6.49
N GLY J 171 61.39 23.65 -5.43
CA GLY J 171 62.78 23.37 -5.07
C GLY J 171 63.76 24.13 -5.95
N THR K 1 40.21 -15.36 21.52
CA THR K 1 40.61 -14.15 22.22
C THR K 1 40.64 -12.95 21.27
N LYS K 2 41.42 -13.08 20.20
CA LYS K 2 41.57 -11.99 19.24
C LYS K 2 40.24 -11.60 18.63
N GLU K 3 39.48 -12.60 18.18
CA GLU K 3 38.20 -12.36 17.53
C GLU K 3 37.23 -11.66 18.47
N GLU K 4 37.21 -12.09 19.74
CA GLU K 4 36.39 -11.45 20.75
C GLU K 4 36.78 -9.99 20.94
N ARG K 5 38.08 -9.74 21.02
CA ARG K 5 38.60 -8.37 21.17
C ARG K 5 38.16 -7.50 20.01
N VAL K 6 38.23 -8.04 18.80
CA VAL K 6 37.86 -7.30 17.60
C VAL K 6 36.38 -6.95 17.61
N LEU K 7 35.55 -7.90 18.04
CA LEU K 7 34.12 -7.68 18.14
C LEU K 7 33.79 -6.66 19.23
N LEU K 8 34.54 -6.71 20.32
CA LEU K 8 34.40 -5.74 21.40
C LEU K 8 34.80 -4.34 20.94
N MET K 9 35.80 -4.27 20.07
CA MET K 9 36.20 -3.01 19.46
C MET K 9 35.07 -2.44 18.61
N LYS K 10 34.42 -3.30 17.84
CA LYS K 10 33.25 -2.91 17.06
C LYS K 10 32.17 -2.34 17.97
N VAL K 11 31.88 -3.05 19.06
CA VAL K 11 30.87 -2.60 20.02
C VAL K 11 31.20 -1.22 20.57
N ALA K 12 32.44 -1.04 20.97
CA ALA K 12 32.91 0.23 21.51
C ALA K 12 32.65 1.37 20.53
N ILE K 13 33.10 1.19 19.29
CA ILE K 13 32.98 2.23 18.27
C ILE K 13 31.52 2.61 18.05
N LEU K 14 30.67 1.60 17.97
CA LEU K 14 29.23 1.82 17.73
C LEU K 14 28.60 2.58 18.89
N ALA K 15 28.88 2.14 20.11
CA ALA K 15 28.29 2.74 21.30
C ALA K 15 28.75 4.18 21.49
N ILE K 16 30.02 4.43 21.18
CA ILE K 16 30.58 5.77 21.26
C ILE K 16 29.87 6.73 20.32
N VAL K 17 29.70 6.31 19.07
CA VAL K 17 29.05 7.14 18.07
C VAL K 17 27.57 7.32 18.37
N ALA K 18 26.96 6.27 18.90
CA ALA K 18 25.56 6.34 19.32
C ALA K 18 25.36 7.34 20.45
N ALA K 19 26.28 7.33 21.41
CA ALA K 19 26.27 8.29 22.50
C ALA K 19 26.44 9.72 22.01
N LYS K 20 27.31 9.88 21.02
CA LYS K 20 27.51 11.19 20.39
C LYS K 20 26.27 11.65 19.65
N LYS K 21 25.60 10.71 18.99
CA LYS K 21 24.35 10.99 18.30
C LYS K 21 23.24 11.32 19.29
N GLY K 22 23.27 10.66 20.44
CA GLY K 22 22.25 10.85 21.46
C GLY K 22 21.37 9.60 21.60
N ASN K 23 21.70 8.57 20.84
CA ASN K 23 20.94 7.33 20.86
C ASN K 23 21.34 6.45 22.04
N THR K 24 20.92 6.85 23.24
CA THR K 24 21.31 6.16 24.47
C THR K 24 20.80 4.73 24.46
N ASP K 25 19.63 4.51 23.87
CA ASP K 25 19.03 3.18 23.78
C ASP K 25 19.98 2.22 23.07
N GLU K 26 20.54 2.66 21.95
CA GLU K 26 21.51 1.85 21.22
C GLU K 26 22.77 1.60 22.05
N VAL K 27 23.20 2.61 22.78
CA VAL K 27 24.35 2.48 23.66
C VAL K 27 24.13 1.39 24.70
N ARG K 28 22.96 1.40 25.32
CA ARG K 28 22.62 0.39 26.32
C ARG K 28 22.71 -1.01 25.75
N LYS K 29 22.17 -1.19 24.55
CA LYS K 29 22.24 -2.48 23.87
C LYS K 29 23.68 -2.90 23.63
N ALA K 30 24.48 -1.98 23.11
CA ALA K 30 25.88 -2.27 22.81
C ALA K 30 26.65 -2.63 24.07
N LEU K 31 26.36 -1.92 25.16
CA LEU K 31 26.99 -2.21 26.45
C LEU K 31 26.66 -3.62 26.92
N GLU K 32 25.41 -4.03 26.72
CA GLU K 32 24.99 -5.39 27.04
C GLU K 32 25.71 -6.41 26.17
N LEU K 33 25.90 -6.08 24.90
CA LEU K 33 26.58 -6.96 23.96
C LEU K 33 28.03 -7.18 24.38
N ALA K 34 28.68 -6.13 24.85
CA ALA K 34 30.03 -6.22 25.40
C ALA K 34 30.09 -7.26 26.52
N LEU K 35 29.14 -7.16 27.45
CA LEU K 35 29.02 -8.14 28.53
C LEU K 35 28.82 -9.55 27.98
N LEU K 36 27.91 -9.68 27.02
CA LEU K 36 27.55 -10.98 26.47
C LEU K 36 28.75 -11.64 25.80
N ILE K 37 29.55 -10.84 25.11
CA ILE K 37 30.77 -11.33 24.47
C ILE K 37 31.74 -11.88 25.48
N ALA K 38 31.95 -11.13 26.56
CA ALA K 38 32.84 -11.56 27.64
C ALA K 38 32.31 -12.83 28.30
N LYS K 39 31.00 -12.90 28.46
CA LYS K 39 30.37 -14.06 29.06
C LYS K 39 30.56 -15.30 28.20
N VAL K 40 30.40 -15.14 26.89
CA VAL K 40 30.56 -16.24 25.95
C VAL K 40 32.00 -16.74 25.95
N SER K 41 32.96 -15.81 26.01
CA SER K 41 34.37 -16.17 26.09
C SER K 41 34.68 -16.91 27.38
N GLY K 42 34.28 -16.34 28.50
CA GLY K 42 34.49 -16.96 29.80
C GLY K 42 35.93 -16.80 30.27
N THR K 43 36.59 -15.75 29.78
CA THR K 43 37.99 -15.50 30.12
C THR K 43 38.16 -14.17 30.82
N THR K 44 39.17 -14.08 31.68
CA THR K 44 39.48 -12.84 32.37
C THR K 44 39.85 -11.73 31.39
N GLU K 45 40.58 -12.09 30.35
CA GLU K 45 40.96 -11.13 29.31
C GLU K 45 39.73 -10.49 28.68
N ALA K 46 38.78 -11.32 28.29
CA ALA K 46 37.55 -10.84 27.65
C ALA K 46 36.79 -9.90 28.58
N VAL K 47 36.73 -10.25 29.86
CA VAL K 47 36.10 -9.41 30.86
C VAL K 47 36.76 -8.04 30.94
N LYS K 48 38.09 -8.05 31.00
CA LYS K 48 38.86 -6.80 31.03
C LYS K 48 38.62 -5.97 29.79
N LEU K 49 38.57 -6.64 28.63
CA LEU K 49 38.34 -5.95 27.36
C LEU K 49 36.97 -5.33 27.32
N ALA K 50 35.98 -6.04 27.84
CA ALA K 50 34.61 -5.54 27.90
C ALA K 50 34.51 -4.32 28.81
N LEU K 51 35.25 -4.34 29.90
CA LEU K 51 35.32 -3.20 30.81
C LEU K 51 36.00 -2.01 30.14
N GLU K 52 37.00 -2.29 29.30
CA GLU K 52 37.65 -1.27 28.51
C GLU K 52 36.66 -0.61 27.53
N VAL K 53 35.84 -1.43 26.90
CA VAL K 53 34.78 -0.93 26.04
C VAL K 53 33.86 0.02 26.79
N VAL K 54 33.40 -0.42 27.96
CA VAL K 54 32.51 0.40 28.78
C VAL K 54 33.16 1.73 29.13
N ALA K 55 34.43 1.69 29.54
CA ALA K 55 35.16 2.89 29.89
C ALA K 55 35.17 3.89 28.73
N ARG K 56 35.55 3.41 27.55
CA ARG K 56 35.65 4.27 26.37
C ARG K 56 34.32 4.96 26.08
N VAL K 57 33.23 4.20 26.16
CA VAL K 57 31.91 4.73 25.87
C VAL K 57 31.50 5.79 26.88
N ALA K 58 31.68 5.48 28.16
CA ALA K 58 31.27 6.38 29.23
C ALA K 58 32.09 7.67 29.22
N ILE K 59 33.38 7.54 28.90
CA ILE K 59 34.26 8.70 28.82
C ILE K 59 33.82 9.66 27.72
N GLU K 60 33.57 9.11 26.54
CA GLU K 60 33.16 9.92 25.39
C GLU K 60 31.75 10.47 25.58
N ALA K 61 30.90 9.68 26.21
CA ALA K 61 29.54 10.11 26.54
C ALA K 61 29.56 11.29 27.51
N ALA K 62 30.44 11.20 28.50
CA ALA K 62 30.60 12.28 29.47
C ALA K 62 31.12 13.55 28.79
N ARG K 63 32.04 13.37 27.85
CA ARG K 63 32.56 14.49 27.07
C ARG K 63 31.48 15.08 26.16
N ARG K 64 30.64 14.22 25.61
CA ARG K 64 29.52 14.66 24.79
C ARG K 64 28.47 15.37 25.62
N GLY K 65 28.29 14.91 26.86
CA GLY K 65 27.27 15.47 27.75
C GLY K 65 26.14 14.47 27.97
N ASN K 66 26.28 13.29 27.39
CA ASN K 66 25.25 12.25 27.52
C ASN K 66 25.37 11.50 28.84
N THR K 67 24.99 12.17 29.92
CA THR K 67 25.16 11.61 31.26
C THR K 67 24.35 10.35 31.44
N ASP K 68 23.20 10.29 30.79
CA ASP K 68 22.33 9.12 30.86
C ASP K 68 23.06 7.86 30.39
N ALA K 69 23.76 7.97 29.27
CA ALA K 69 24.56 6.88 28.75
C ALA K 69 25.68 6.51 29.70
N VAL K 70 26.30 7.52 30.30
CA VAL K 70 27.36 7.32 31.27
C VAL K 70 26.86 6.50 32.46
N ARG K 71 25.71 6.88 32.99
CA ARG K 71 25.12 6.19 34.14
C ARG K 71 24.91 4.71 33.83
N GLU K 72 24.35 4.43 32.66
CA GLU K 72 24.13 3.05 32.23
C GLU K 72 25.45 2.29 32.12
N ALA K 73 26.44 2.91 31.49
CA ALA K 73 27.74 2.28 31.30
C ALA K 73 28.40 1.96 32.63
N LEU K 74 28.27 2.88 33.59
CA LEU K 74 28.84 2.68 34.91
C LEU K 74 28.21 1.48 35.60
N GLU K 75 26.90 1.33 35.44
CA GLU K 75 26.19 0.18 36.00
C GLU K 75 26.64 -1.12 35.33
N VAL K 76 26.84 -1.05 34.01
CA VAL K 76 27.28 -2.22 33.25
C VAL K 76 28.67 -2.67 33.69
N ALA K 77 29.54 -1.71 33.95
CA ALA K 77 30.86 -2.00 34.48
C ALA K 77 30.79 -2.86 35.73
N LEU K 78 29.93 -2.47 36.66
CA LEU K 78 29.67 -3.26 37.86
C LEU K 78 29.18 -4.65 37.49
N GLU K 79 28.21 -4.72 36.58
CA GLU K 79 27.59 -5.98 36.20
C GLU K 79 28.60 -6.93 35.59
N ILE K 80 29.52 -6.38 34.80
CA ILE K 80 30.58 -7.19 34.20
C ILE K 80 31.47 -7.82 35.26
N ALA K 81 31.86 -7.01 36.25
CA ALA K 81 32.66 -7.49 37.36
C ALA K 81 31.91 -8.56 38.16
N ARG K 82 30.61 -8.35 38.33
CA ARG K 82 29.77 -9.30 39.03
C ARG K 82 29.68 -10.62 38.28
N GLU K 83 29.57 -10.54 36.97
CA GLU K 83 29.50 -11.72 36.12
C GLU K 83 30.79 -12.53 36.21
N SER K 84 31.92 -11.84 36.23
CA SER K 84 33.21 -12.49 36.40
C SER K 84 33.33 -13.15 37.77
N GLY K 85 33.00 -12.39 38.82
CA GLY K 85 33.03 -12.92 40.18
C GLY K 85 34.45 -12.99 40.71
N THR K 86 35.32 -12.15 40.19
CA THR K 86 36.73 -12.12 40.59
C THR K 86 37.11 -10.78 41.18
N THR K 87 38.07 -10.79 42.09
CA THR K 87 38.58 -9.56 42.69
C THR K 87 39.21 -8.66 41.64
N GLU K 88 39.94 -9.26 40.70
CA GLU K 88 40.56 -8.52 39.63
C GLU K 88 39.53 -7.73 38.82
N ALA K 89 38.45 -8.41 38.44
CA ALA K 89 37.39 -7.78 37.66
C ALA K 89 36.79 -6.60 38.41
N VAL K 90 36.59 -6.77 39.71
CA VAL K 90 36.10 -5.70 40.57
C VAL K 90 37.03 -4.49 40.53
N LYS K 91 38.32 -4.75 40.68
CA LYS K 91 39.34 -3.69 40.60
C LYS K 91 39.30 -3.00 39.24
N LEU K 92 39.18 -3.79 38.19
CA LEU K 92 39.14 -3.27 36.83
C LEU K 92 37.91 -2.39 36.62
N ALA K 93 36.78 -2.82 37.17
CA ALA K 93 35.55 -2.05 37.08
C ALA K 93 35.68 -0.72 37.81
N LEU K 94 36.36 -0.74 38.95
CA LEU K 94 36.64 0.48 39.70
C LEU K 94 37.58 1.40 38.93
N GLU K 95 38.51 0.79 38.19
CA GLU K 95 39.39 1.55 37.30
C GLU K 95 38.60 2.24 36.21
N VAL K 96 37.64 1.53 35.63
CA VAL K 96 36.72 2.11 34.66
C VAL K 96 36.01 3.33 35.23
N VAL K 97 35.45 3.18 36.42
CA VAL K 97 34.74 4.27 37.08
C VAL K 97 35.66 5.47 37.29
N ALA K 98 36.87 5.21 37.76
CA ALA K 98 37.87 6.26 37.98
C ALA K 98 38.10 7.06 36.70
N ARG K 99 38.38 6.35 35.61
CA ARG K 99 38.68 6.99 34.34
C ARG K 99 37.55 7.91 33.90
N VAL K 100 36.32 7.43 34.03
CA VAL K 100 35.14 8.19 33.61
C VAL K 100 34.97 9.45 34.45
N ALA K 101 35.05 9.29 35.77
CA ALA K 101 34.83 10.40 36.69
C ALA K 101 35.91 11.46 36.55
N ILE K 102 37.15 11.02 36.34
CA ILE K 102 38.27 11.93 36.16
C ILE K 102 38.09 12.79 34.92
N GLU K 103 37.76 12.15 33.80
CA GLU K 103 37.57 12.85 32.53
C GLU K 103 36.32 13.71 32.56
N ALA K 104 35.28 13.22 33.25
CA ALA K 104 34.06 13.98 33.42
C ALA K 104 34.31 15.25 34.24
N ALA K 105 35.11 15.12 35.30
CA ALA K 105 35.48 16.26 36.11
C ALA K 105 36.29 17.27 35.32
N ARG K 106 37.18 16.77 34.48
CA ARG K 106 37.96 17.63 33.59
C ARG K 106 37.07 18.29 32.54
N ARG K 107 36.08 17.56 32.06
CA ARG K 107 35.12 18.09 31.09
C ARG K 107 34.23 19.14 31.75
N GLY K 108 33.89 18.92 33.02
CA GLY K 108 32.99 19.81 33.74
C GLY K 108 31.66 19.13 34.03
N ASN K 109 31.55 17.86 33.62
CA ASN K 109 30.32 17.09 33.83
C ASN K 109 30.25 16.53 35.24
N THR K 110 30.01 17.42 36.20
CA THR K 110 30.02 17.04 37.62
C THR K 110 28.94 16.01 37.93
N GLU K 111 27.82 16.13 37.23
CA GLU K 111 26.71 15.20 37.41
C GLU K 111 27.14 13.76 37.15
N ALA K 112 27.87 13.55 36.06
CA ALA K 112 28.42 12.24 35.73
C ALA K 112 29.41 11.78 36.79
N VAL K 113 30.22 12.71 37.28
CA VAL K 113 31.18 12.41 38.34
C VAL K 113 30.48 11.90 39.59
N VAL K 114 29.42 12.59 40.00
CA VAL K 114 28.67 12.21 41.19
C VAL K 114 28.14 10.79 41.07
N GLU K 115 27.56 10.47 39.92
CA GLU K 115 27.06 9.13 39.66
C GLU K 115 28.18 8.09 39.73
N ALA K 116 29.29 8.40 39.08
CA ALA K 116 30.43 7.47 39.05
C ALA K 116 30.97 7.21 40.45
N LEU K 117 31.04 8.26 41.26
CA LEU K 117 31.51 8.14 42.63
C LEU K 117 30.61 7.21 43.45
N LEU K 118 29.30 7.33 43.23
CA LEU K 118 28.35 6.45 43.90
C LEU K 118 28.50 5.01 43.44
N VAL K 119 28.74 4.83 42.14
CA VAL K 119 28.91 3.51 41.57
C VAL K 119 30.15 2.82 42.14
N ALA K 120 31.22 3.60 42.31
CA ALA K 120 32.44 3.10 42.94
C ALA K 120 32.14 2.45 44.29
N LEU K 121 31.36 3.15 45.11
CA LEU K 121 30.90 2.58 46.38
C LEU K 121 30.13 1.29 46.17
N GLU K 122 29.20 1.31 45.22
CA GLU K 122 28.32 0.18 44.99
C GLU K 122 29.11 -1.05 44.55
N ILE K 123 30.14 -0.82 43.74
CA ILE K 123 31.01 -1.91 43.29
C ILE K 123 31.74 -2.55 44.46
N ALA K 124 32.27 -1.72 45.35
CA ALA K 124 32.94 -2.22 46.55
C ALA K 124 31.95 -2.97 47.44
N LYS K 125 30.73 -2.47 47.53
CA LYS K 125 29.69 -3.11 48.32
C LYS K 125 29.34 -4.48 47.74
N GLU K 126 29.28 -4.56 46.42
CA GLU K 126 28.97 -5.82 45.74
C GLU K 126 30.05 -6.86 46.00
N SER K 127 31.30 -6.42 45.97
CA SER K 127 32.43 -7.29 46.30
C SER K 127 32.36 -7.75 47.75
N GLY K 128 32.20 -6.81 48.66
CA GLY K 128 32.07 -7.12 50.08
C GLY K 128 33.43 -7.42 50.70
N THR K 129 34.48 -6.87 50.11
CA THR K 129 35.84 -7.10 50.58
C THR K 129 36.51 -5.80 51.01
N GLU K 130 37.42 -5.89 51.96
CA GLU K 130 38.19 -4.73 52.41
C GLU K 130 39.00 -4.12 51.28
N GLU K 131 39.59 -4.99 50.46
CA GLU K 131 40.39 -4.54 49.33
C GLU K 131 39.57 -3.68 48.38
N ALA K 132 38.38 -4.16 48.03
CA ALA K 132 37.49 -3.44 47.13
C ALA K 132 37.13 -2.08 47.69
N VAL K 133 36.86 -2.02 49.00
CA VAL K 133 36.57 -0.76 49.66
C VAL K 133 37.74 0.21 49.54
N ARG K 134 38.94 -0.28 49.82
CA ARG K 134 40.14 0.53 49.69
C ARG K 134 40.34 1.02 48.26
N LEU K 135 40.08 0.14 47.31
CA LEU K 135 40.20 0.48 45.90
C LEU K 135 39.20 1.55 45.50
N ALA K 136 37.99 1.44 46.04
CA ALA K 136 36.95 2.44 45.79
C ALA K 136 37.34 3.80 46.36
N LEU K 137 37.98 3.78 47.52
CA LEU K 137 38.49 5.01 48.13
C LEU K 137 39.61 5.61 47.29
N GLU K 138 40.41 4.75 46.67
CA GLU K 138 41.44 5.19 45.74
C GLU K 138 40.83 5.86 44.52
N VAL K 139 39.76 5.29 44.00
CA VAL K 139 39.02 5.88 42.90
C VAL K 139 38.54 7.28 43.24
N VAL K 140 37.91 7.41 44.41
CA VAL K 140 37.42 8.70 44.87
C VAL K 140 38.56 9.70 45.01
N LYS K 141 39.66 9.27 45.60
CA LYS K 141 40.84 10.13 45.75
C LYS K 141 41.30 10.66 44.40
N ARG K 142 41.47 9.77 43.43
CA ARG K 142 41.93 10.15 42.11
C ARG K 142 41.06 11.23 41.50
N VAL K 143 39.75 11.07 41.64
CA VAL K 143 38.79 12.03 41.08
C VAL K 143 38.95 13.40 41.73
N SER K 144 39.02 13.42 43.05
CA SER K 144 39.12 14.68 43.79
C SER K 144 40.44 15.37 43.52
N ASN K 145 41.50 14.59 43.35
CA ASN K 145 42.81 15.14 43.05
C ASN K 145 42.83 15.84 41.70
N GLU K 146 42.34 15.14 40.68
CA GLU K 146 42.33 15.69 39.32
C GLU K 146 41.31 16.80 39.18
N ALA K 147 40.18 16.67 39.89
CA ALA K 147 39.17 17.72 39.93
C ALA K 147 39.72 18.99 40.55
N LEU K 148 40.52 18.84 41.60
CA LEU K 148 41.17 19.98 42.24
C LEU K 148 42.15 20.65 41.29
N LYS K 149 42.84 19.85 40.49
CA LYS K 149 43.75 20.37 39.48
C LYS K 149 42.99 21.14 38.40
N GLN K 150 41.83 20.61 38.01
CA GLN K 150 40.98 21.27 37.02
C GLN K 150 40.37 22.53 37.59
N GLY K 151 40.02 22.51 38.87
CA GLY K 151 39.33 23.62 39.51
C GLY K 151 37.88 23.28 39.82
N ASN K 152 37.52 22.03 39.58
CA ASN K 152 36.14 21.58 39.77
C ASN K 152 35.87 21.29 41.25
N VAL K 153 35.71 22.36 42.03
CA VAL K 153 35.55 22.22 43.48
C VAL K 153 34.29 21.43 43.83
N ASP K 154 33.26 21.57 43.00
CA ASP K 154 32.01 20.86 43.21
C ASP K 154 32.23 19.35 43.23
N ALA K 155 32.99 18.86 42.26
CA ALA K 155 33.32 17.44 42.19
C ALA K 155 34.15 17.01 43.40
N VAL K 156 35.07 17.87 43.82
CA VAL K 156 35.90 17.59 44.98
C VAL K 156 35.05 17.43 46.24
N LYS K 157 34.12 18.36 46.44
CA LYS K 157 33.24 18.32 47.60
C LYS K 157 32.43 17.04 47.62
N VAL K 158 31.87 16.67 46.47
CA VAL K 158 31.10 15.44 46.34
C VAL K 158 31.96 14.22 46.65
N ALA K 159 33.17 14.20 46.10
CA ALA K 159 34.09 13.08 46.30
C ALA K 159 34.41 12.89 47.78
N LEU K 160 34.59 14.00 48.49
CA LEU K 160 34.88 13.96 49.91
C LEU K 160 33.74 13.33 50.70
N GLU K 161 32.52 13.68 50.32
CA GLU K 161 31.33 13.10 50.95
C GLU K 161 31.22 11.61 50.66
N VAL K 162 31.48 11.24 49.41
CA VAL K 162 31.42 9.83 49.01
C VAL K 162 32.50 9.01 49.71
N ARG K 163 33.68 9.59 49.84
CA ARG K 163 34.77 8.94 50.58
C ARG K 163 34.32 8.53 51.97
N LYS K 164 33.70 9.46 52.68
CA LYS K 164 33.11 9.15 53.99
C LYS K 164 32.09 8.03 53.88
N MET K 165 31.19 8.13 52.90
CA MET K 165 30.10 7.18 52.75
C MET K 165 30.62 5.77 52.53
N ILE K 166 31.71 5.66 51.77
CA ILE K 166 32.35 4.38 51.52
C ILE K 166 32.88 3.78 52.82
N GLU K 167 33.55 4.60 53.62
CA GLU K 167 34.06 4.18 54.91
C GLU K 167 32.93 3.77 55.84
N GLU K 168 31.82 4.51 55.78
CA GLU K 168 30.64 4.19 56.57
C GLU K 168 30.05 2.84 56.17
N LEU K 169 30.02 2.58 54.87
CA LEU K 169 29.50 1.33 54.34
C LEU K 169 30.36 0.15 54.79
N SER K 170 31.67 0.35 54.79
CA SER K 170 32.60 -0.67 55.29
C SER K 170 32.39 -0.92 56.78
N GLY K 171 32.32 0.15 57.56
CA GLY K 171 32.12 0.04 59.00
C GLY K 171 33.40 -0.34 59.72
N THR L 1 -17.97 1.11 44.63
CA THR L 1 -17.34 2.32 45.13
C THR L 1 -15.83 2.30 44.90
N LYS L 2 -15.18 1.26 45.42
CA LYS L 2 -13.73 1.14 45.30
C LYS L 2 -13.29 1.11 43.85
N GLU L 3 -13.95 0.28 43.05
CA GLU L 3 -13.60 0.12 41.65
C GLU L 3 -13.75 1.44 40.90
N GLU L 4 -14.83 2.17 41.18
CA GLU L 4 -15.04 3.48 40.59
C GLU L 4 -13.93 4.44 40.96
N ARG L 5 -13.55 4.45 42.23
CA ARG L 5 -12.47 5.31 42.71
C ARG L 5 -11.17 4.99 41.99
N VAL L 6 -10.89 3.71 41.80
CA VAL L 6 -9.66 3.28 41.14
C VAL L 6 -9.64 3.74 39.68
N LEU L 7 -10.79 3.63 39.02
CA LEU L 7 -10.91 4.07 37.64
C LEU L 7 -10.78 5.59 37.53
N LEU L 8 -11.33 6.30 38.51
CA LEU L 8 -11.21 7.75 38.58
C LEU L 8 -9.76 8.16 38.81
N MET L 9 -9.03 7.37 39.59
CA MET L 9 -7.60 7.59 39.78
C MET L 9 -6.84 7.44 38.47
N LYS L 10 -7.20 6.43 37.70
CA LYS L 10 -6.63 6.24 36.36
C LYS L 10 -6.88 7.48 35.50
N VAL L 11 -8.13 7.95 35.49
CA VAL L 11 -8.49 9.12 34.71
C VAL L 11 -7.66 10.33 35.11
N ALA L 12 -7.54 10.55 36.40
CA ALA L 12 -6.76 11.67 36.93
C ALA L 12 -5.32 11.63 36.41
N ILE L 13 -4.68 10.48 36.57
CA ILE L 13 -3.28 10.33 36.18
C ILE L 13 -3.09 10.62 34.70
N LEU L 14 -3.99 10.09 33.88
CA LEU L 14 -3.92 10.27 32.43
C LEU L 14 -4.09 11.73 32.05
N ALA L 15 -5.10 12.37 32.62
CA ALA L 15 -5.41 13.76 32.29
C ALA L 15 -4.30 14.70 32.73
N ILE L 16 -3.70 14.41 33.89
CA ILE L 16 -2.59 15.19 34.40
C ILE L 16 -1.40 15.15 33.45
N VAL L 17 -1.04 13.95 33.02
CA VAL L 17 0.09 13.76 32.12
C VAL L 17 -0.19 14.35 30.75
N ALA L 18 -1.43 14.23 30.31
CA ALA L 18 -1.86 14.82 29.04
C ALA L 18 -1.75 16.34 29.08
N ALA L 19 -2.15 16.94 30.19
CA ALA L 19 -2.03 18.37 30.39
C ALA L 19 -0.57 18.82 30.38
N LYS L 20 0.28 18.00 31.00
CA LYS L 20 1.72 18.27 31.00
C LYS L 20 2.31 18.16 29.61
N LYS L 21 1.82 17.19 28.85
CA LYS L 21 2.24 17.02 27.46
C LYS L 21 1.74 18.17 26.59
N GLY L 22 0.55 18.67 26.91
CA GLY L 22 -0.06 19.74 26.15
C GLY L 22 -1.28 19.24 25.37
N ASN L 23 -1.61 17.97 25.56
CA ASN L 23 -2.74 17.36 24.87
C ASN L 23 -4.06 17.69 25.56
N THR L 24 -4.50 18.93 25.41
CA THR L 24 -5.70 19.41 26.10
C THR L 24 -6.93 18.63 25.66
N ASP L 25 -6.95 18.23 24.39
CA ASP L 25 -8.06 17.45 23.84
C ASP L 25 -8.25 16.16 24.63
N GLU L 26 -7.16 15.47 24.91
CA GLU L 26 -7.21 14.25 25.72
C GLU L 26 -7.69 14.54 27.14
N VAL L 27 -7.23 15.66 27.69
CA VAL L 27 -7.65 16.08 29.01
C VAL L 27 -9.16 16.27 29.08
N ARG L 28 -9.71 16.95 28.08
CA ARG L 28 -11.15 17.18 28.02
C ARG L 28 -11.92 15.88 28.03
N LYS L 29 -11.46 14.91 27.24
CA LYS L 29 -12.09 13.59 27.20
C LYS L 29 -12.04 12.92 28.56
N ALA L 30 -10.87 12.94 29.19
CA ALA L 30 -10.69 12.31 30.49
C ALA L 30 -11.58 12.95 31.54
N LEU L 31 -11.69 14.27 31.48
CA LEU L 31 -12.56 15.01 32.39
C LEU L 31 -14.02 14.58 32.24
N GLU L 32 -14.44 14.37 31.00
CA GLU L 32 -15.78 13.88 30.72
C GLU L 32 -15.97 12.46 31.25
N LEU L 33 -14.93 11.64 31.13
CA LEU L 33 -14.97 10.27 31.61
C LEU L 33 -15.16 10.23 33.12
N ALA L 34 -14.48 11.13 33.82
CA ALA L 34 -14.65 11.28 35.27
C ALA L 34 -16.11 11.53 35.62
N LEU L 35 -16.73 12.46 34.91
CA LEU L 35 -18.16 12.74 35.08
C LEU L 35 -18.99 11.49 34.81
N LEU L 36 -18.70 10.81 33.71
CA LEU L 36 -19.47 9.65 33.29
C LEU L 36 -19.41 8.54 34.32
N ILE L 37 -18.24 8.35 34.91
CA ILE L 37 -18.05 7.36 35.97
C ILE L 37 -18.92 7.66 37.17
N ALA L 38 -18.90 8.93 37.59
CA ALA L 38 -19.73 9.37 38.72
C ALA L 38 -21.21 9.21 38.41
N LYS L 39 -21.58 9.50 37.17
CA LYS L 39 -22.96 9.37 36.74
C LYS L 39 -23.42 7.92 36.77
N VAL L 40 -22.55 7.02 36.31
CA VAL L 40 -22.86 5.59 36.30
C VAL L 40 -23.02 5.06 37.72
N SER L 41 -22.15 5.51 38.63
CA SER L 41 -22.25 5.13 40.03
C SER L 41 -23.53 5.64 40.65
N GLY L 42 -23.79 6.93 40.51
CA GLY L 42 -25.01 7.54 41.03
C GLY L 42 -24.91 7.77 42.53
N THR L 43 -23.68 7.91 43.02
CA THR L 43 -23.44 8.10 44.45
C THR L 43 -22.76 9.43 44.72
N THR L 44 -23.01 9.99 45.90
CA THR L 44 -22.37 11.23 46.31
C THR L 44 -20.86 11.07 46.40
N GLU L 45 -20.42 9.92 46.89
CA GLU L 45 -18.98 9.63 46.99
C GLU L 45 -18.31 9.72 45.62
N ALA L 46 -18.91 9.06 44.63
CA ALA L 46 -18.36 9.06 43.27
C ALA L 46 -18.28 10.47 42.71
N VAL L 47 -19.32 11.27 42.97
CA VAL L 47 -19.33 12.66 42.54
C VAL L 47 -18.18 13.44 43.16
N LYS L 48 -17.99 13.27 44.46
CA LYS L 48 -16.89 13.92 45.17
C LYS L 48 -15.55 13.49 44.62
N LEU L 49 -15.42 12.19 44.33
CA LEU L 49 -14.17 11.64 43.79
C LEU L 49 -13.87 12.21 42.42
N ALA L 50 -14.92 12.34 41.61
CA ALA L 50 -14.78 12.92 40.27
C ALA L 50 -14.35 14.38 40.33
N LEU L 51 -14.88 15.10 41.31
CA LEU L 51 -14.48 16.48 41.54
C LEU L 51 -13.03 16.57 42.00
N GLU L 52 -12.60 15.58 42.79
CA GLU L 52 -11.21 15.48 43.20
C GLU L 52 -10.29 15.27 42.00
N VAL L 53 -10.72 14.41 41.08
CA VAL L 53 -10.00 14.21 39.83
C VAL L 53 -9.84 15.52 39.07
N VAL L 54 -10.94 16.24 38.92
CA VAL L 54 -10.91 17.52 38.21
C VAL L 54 -9.94 18.49 38.87
N ALA L 55 -10.00 18.58 40.19
CA ALA L 55 -9.12 19.46 40.94
C ALA L 55 -7.65 19.15 40.64
N ARG L 56 -7.29 17.88 40.76
CA ARG L 56 -5.90 17.47 40.56
C ARG L 56 -5.41 17.87 39.17
N VAL L 57 -6.24 17.65 38.16
CA VAL L 57 -5.88 17.95 36.79
C VAL L 57 -5.68 19.45 36.58
N ALA L 58 -6.64 20.23 37.06
CA ALA L 58 -6.61 21.67 36.87
C ALA L 58 -5.44 22.31 37.62
N ILE L 59 -5.14 21.78 38.80
CA ILE L 59 -4.03 22.27 39.60
C ILE L 59 -2.69 22.07 38.88
N GLU L 60 -2.49 20.85 38.38
CA GLU L 60 -1.25 20.50 37.69
C GLU L 60 -1.15 21.20 36.35
N ALA L 61 -2.29 21.36 35.69
CA ALA L 61 -2.36 22.10 34.43
C ALA L 61 -1.99 23.56 34.62
N ALA L 62 -2.49 24.14 35.71
CA ALA L 62 -2.16 25.52 36.05
C ALA L 62 -0.67 25.67 36.35
N ARG L 63 -0.11 24.68 37.04
CA ARG L 63 1.32 24.66 37.32
C ARG L 63 2.14 24.49 36.04
N ARG L 64 1.63 23.67 35.13
CA ARG L 64 2.27 23.47 33.84
C ARG L 64 2.18 24.72 32.97
N GLY L 65 1.06 25.44 33.10
CA GLY L 65 0.82 26.63 32.29
C GLY L 65 -0.29 26.39 31.28
N ASN L 66 -0.88 25.20 31.33
CA ASN L 66 -1.95 24.84 30.40
C ASN L 66 -3.29 25.40 30.85
N THR L 67 -3.45 26.71 30.70
CA THR L 67 -4.64 27.39 31.20
C THR L 67 -5.90 26.90 30.50
N ASP L 68 -5.76 26.55 29.23
CA ASP L 68 -6.88 26.04 28.44
C ASP L 68 -7.49 24.79 29.10
N ALA L 69 -6.63 23.87 29.51
CA ALA L 69 -7.06 22.67 30.21
C ALA L 69 -7.72 23.01 31.54
N VAL L 70 -7.15 23.99 32.24
CA VAL L 70 -7.70 24.46 33.50
C VAL L 70 -9.13 24.98 33.32
N ARG L 71 -9.33 25.81 32.30
CA ARG L 71 -10.64 26.38 32.02
C ARG L 71 -11.68 25.29 31.80
N GLU L 72 -11.32 24.29 31.00
CA GLU L 72 -12.21 23.16 30.74
C GLU L 72 -12.53 22.41 32.03
N ALA L 73 -11.50 22.13 32.82
CA ALA L 73 -11.67 21.39 34.07
C ALA L 73 -12.59 22.13 35.03
N LEU L 74 -12.43 23.45 35.09
CA LEU L 74 -13.27 24.28 35.95
C LEU L 74 -14.73 24.19 35.54
N GLU L 75 -14.98 24.19 34.24
CA GLU L 75 -16.33 24.04 33.72
C GLU L 75 -16.90 22.67 34.05
N VAL L 76 -16.05 21.64 33.94
CA VAL L 76 -16.47 20.28 34.24
C VAL L 76 -16.85 20.12 35.71
N ALA L 77 -16.09 20.77 36.58
CA ALA L 77 -16.41 20.79 38.00
C ALA L 77 -17.83 21.26 38.25
N LEU L 78 -18.20 22.36 37.61
CA LEU L 78 -19.57 22.86 37.67
C LEU L 78 -20.55 21.82 37.15
N GLU L 79 -20.23 21.22 36.01
CA GLU L 79 -21.13 20.27 35.36
C GLU L 79 -21.36 19.05 36.24
N ILE L 80 -20.31 18.62 36.93
CA ILE L 80 -20.43 17.49 37.85
C ILE L 80 -21.39 17.80 38.99
N ALA L 81 -21.25 19.00 39.57
CA ALA L 81 -22.15 19.44 40.62
C ALA L 81 -23.59 19.55 40.11
N ARG L 82 -23.74 20.02 38.88
CA ARG L 82 -25.05 20.13 38.25
C ARG L 82 -25.68 18.76 38.05
N GLU L 83 -24.87 17.80 37.64
CA GLU L 83 -25.34 16.43 37.43
C GLU L 83 -25.81 15.81 38.73
N SER L 84 -25.08 16.06 39.81
CA SER L 84 -25.49 15.59 41.13
C SER L 84 -26.78 16.25 41.58
N GLY L 85 -26.84 17.58 41.47
CA GLY L 85 -28.05 18.32 41.83
C GLY L 85 -28.18 18.46 43.33
N THR L 86 -27.05 18.42 44.03
CA THR L 86 -27.03 18.53 45.49
C THR L 86 -26.24 19.73 45.95
N THR L 87 -26.61 20.29 47.09
CA THR L 87 -25.90 21.41 47.67
C THR L 87 -24.46 21.04 48.02
N GLU L 88 -24.28 19.82 48.53
CA GLU L 88 -22.95 19.33 48.86
C GLU L 88 -22.03 19.34 47.64
N ALA L 89 -22.53 18.81 46.53
CA ALA L 89 -21.76 18.74 45.30
C ALA L 89 -21.35 20.14 44.84
N VAL L 90 -22.28 21.09 44.96
CA VAL L 90 -22.00 22.48 44.63
C VAL L 90 -20.86 23.03 45.48
N LYS L 91 -20.94 22.78 46.78
CA LYS L 91 -19.88 23.20 47.71
C LYS L 91 -18.55 22.55 47.34
N LEU L 92 -18.59 21.28 47.00
CA LEU L 92 -17.39 20.53 46.64
C LEU L 92 -16.77 21.10 45.36
N ALA L 93 -17.62 21.45 44.41
CA ALA L 93 -17.16 22.05 43.16
C ALA L 93 -16.51 23.39 43.40
N LEU L 94 -17.07 24.16 44.32
CA LEU L 94 -16.49 25.44 44.72
C LEU L 94 -15.15 25.24 45.42
N GLU L 95 -15.05 24.15 46.18
CA GLU L 95 -13.78 23.77 46.80
C GLU L 95 -12.73 23.46 45.75
N VAL L 96 -13.12 22.74 44.72
CA VAL L 96 -12.25 22.47 43.58
C VAL L 96 -11.73 23.77 42.98
N VAL L 97 -12.63 24.69 42.71
CA VAL L 97 -12.26 25.98 42.12
C VAL L 97 -11.27 26.72 43.02
N ALA L 98 -11.55 26.73 44.32
CA ALA L 98 -10.67 27.38 45.30
C ALA L 98 -9.25 26.82 45.20
N ARG L 99 -9.14 25.50 45.25
CA ARG L 99 -7.84 24.85 45.23
C ARG L 99 -7.05 25.24 44.00
N VAL L 100 -7.71 25.25 42.84
CA VAL L 100 -7.06 25.57 41.57
C VAL L 100 -6.57 27.01 41.55
N ALA L 101 -7.45 27.93 41.94
CA ALA L 101 -7.14 29.36 41.89
C ALA L 101 -6.03 29.71 42.87
N ILE L 102 -6.05 29.08 44.04
CA ILE L 102 -5.03 29.31 45.05
C ILE L 102 -3.66 28.89 44.56
N GLU L 103 -3.58 27.68 44.01
CA GLU L 103 -2.31 27.14 43.50
C GLU L 103 -1.86 27.88 42.27
N ALA L 104 -2.81 28.29 41.43
CA ALA L 104 -2.52 29.08 40.25
C ALA L 104 -1.94 30.45 40.64
N ALA L 105 -2.52 31.06 41.66
CA ALA L 105 -2.02 32.33 42.17
C ALA L 105 -0.62 32.19 42.73
N ARG L 106 -0.38 31.09 43.42
CA ARG L 106 0.95 30.79 43.94
C ARG L 106 1.94 30.51 42.81
N ARG L 107 1.46 29.85 41.77
CA ARG L 107 2.29 29.57 40.59
C ARG L 107 2.59 30.86 39.84
N GLY L 108 1.62 31.77 39.81
CA GLY L 108 1.76 33.02 39.07
C GLY L 108 0.83 33.05 37.86
N ASN L 109 0.04 31.98 37.71
CA ASN L 109 -0.90 31.88 36.59
C ASN L 109 -2.18 32.65 36.87
N THR L 110 -2.07 33.98 36.82
CA THR L 110 -3.19 34.86 37.17
C THR L 110 -4.37 34.65 36.23
N GLU L 111 -4.06 34.35 34.98
CA GLU L 111 -5.10 34.12 33.97
C GLU L 111 -6.02 32.98 34.39
N ALA L 112 -5.43 31.88 34.86
CA ALA L 112 -6.19 30.74 35.36
C ALA L 112 -7.01 31.14 36.59
N VAL L 113 -6.41 31.95 37.45
CA VAL L 113 -7.11 32.44 38.64
C VAL L 113 -8.36 33.23 38.27
N VAL L 114 -8.22 34.13 37.31
CA VAL L 114 -9.34 34.95 36.86
C VAL L 114 -10.49 34.09 36.37
N GLU L 115 -10.17 33.09 35.56
CA GLU L 115 -11.17 32.16 35.06
C GLU L 115 -11.85 31.41 36.21
N ALA L 116 -11.05 30.91 37.13
CA ALA L 116 -11.58 30.14 38.26
C ALA L 116 -12.51 30.99 39.12
N LEU L 117 -12.13 32.24 39.33
CA LEU L 117 -12.94 33.17 40.11
C LEU L 117 -14.31 33.39 39.46
N LEU L 118 -14.31 33.51 38.13
CA LEU L 118 -15.55 33.65 37.39
C LEU L 118 -16.41 32.40 37.48
N VAL L 119 -15.76 31.24 37.43
CA VAL L 119 -16.46 29.97 37.52
C VAL L 119 -17.12 29.80 38.88
N ALA L 120 -16.43 30.23 39.92
CA ALA L 120 -16.98 30.22 41.27
C ALA L 120 -18.33 30.93 41.32
N LEU L 121 -18.38 32.12 40.73
CA LEU L 121 -19.65 32.85 40.59
C LEU L 121 -20.68 32.03 39.84
N GLU L 122 -20.27 31.45 38.72
CA GLU L 122 -21.19 30.73 37.85
C GLU L 122 -21.78 29.52 38.57
N ILE L 123 -20.96 28.86 39.37
CA ILE L 123 -21.42 27.71 40.16
C ILE L 123 -22.48 28.12 41.16
N ALA L 124 -22.25 29.23 41.85
CA ALA L 124 -23.23 29.76 42.79
C ALA L 124 -24.51 30.17 42.07
N LYS L 125 -24.37 30.73 40.88
CA LYS L 125 -25.51 31.13 40.07
C LYS L 125 -26.33 29.91 39.66
N GLU L 126 -25.63 28.84 39.30
CA GLU L 126 -26.29 27.59 38.89
C GLU L 126 -27.10 27.00 40.04
N SER L 127 -26.52 27.04 41.23
CA SER L 127 -27.22 26.59 42.44
C SER L 127 -28.44 27.46 42.72
N GLY L 128 -28.24 28.77 42.74
CA GLY L 128 -29.33 29.71 42.94
C GLY L 128 -29.70 29.79 44.42
N THR L 129 -28.74 29.50 45.29
CA THR L 129 -28.97 29.51 46.73
C THR L 129 -28.07 30.52 47.42
N GLU L 130 -28.54 31.06 48.54
CA GLU L 130 -27.75 31.99 49.34
C GLU L 130 -26.47 31.34 49.84
N GLU L 131 -26.59 30.08 50.27
CA GLU L 131 -25.44 29.34 50.77
C GLU L 131 -24.34 29.25 49.71
N ALA L 132 -24.72 28.88 48.50
CA ALA L 132 -23.78 28.74 47.40
C ALA L 132 -23.07 30.06 47.12
N VAL L 133 -23.84 31.16 47.16
CA VAL L 133 -23.27 32.49 46.98
C VAL L 133 -22.23 32.79 48.05
N ARG L 134 -22.57 32.52 49.30
CA ARG L 134 -21.65 32.72 50.42
C ARG L 134 -20.40 31.87 50.26
N LEU L 135 -20.59 30.63 49.83
CA LEU L 135 -19.48 29.72 49.60
C LEU L 135 -18.56 30.21 48.50
N ALA L 136 -19.17 30.76 47.45
CA ALA L 136 -18.40 31.34 46.34
C ALA L 136 -17.59 32.53 46.80
N LEU L 137 -18.17 33.33 47.69
CA LEU L 137 -17.45 34.46 48.28
C LEU L 137 -16.30 33.99 49.15
N GLU L 138 -16.49 32.85 49.82
CA GLU L 138 -15.43 32.23 50.59
C GLU L 138 -14.28 31.78 49.70
N VAL L 139 -14.62 31.20 48.56
CA VAL L 139 -13.63 30.81 47.56
C VAL L 139 -12.80 32.00 47.12
N VAL L 140 -13.48 33.10 46.77
CA VAL L 140 -12.80 34.31 46.35
C VAL L 140 -11.89 34.84 47.45
N LYS L 141 -12.39 34.86 48.67
CA LYS L 141 -11.60 35.31 49.82
C LYS L 141 -10.31 34.50 49.94
N ARG L 142 -10.44 33.18 49.91
CA ARG L 142 -9.29 32.30 50.05
C ARG L 142 -8.21 32.61 49.02
N VAL L 143 -8.64 32.84 47.78
CA VAL L 143 -7.72 33.13 46.69
C VAL L 143 -6.98 34.44 46.94
N SER L 144 -7.71 35.47 47.31
CA SER L 144 -7.13 36.80 47.53
C SER L 144 -6.19 36.79 48.72
N ASN L 145 -6.54 36.02 49.74
CA ASN L 145 -5.71 35.91 50.93
C ASN L 145 -4.36 35.26 50.61
N GLU L 146 -4.41 34.13 49.92
CA GLU L 146 -3.18 33.39 49.58
C GLU L 146 -2.39 34.12 48.52
N ALA L 147 -3.10 34.77 47.59
CA ALA L 147 -2.45 35.60 46.57
C ALA L 147 -1.71 36.76 47.21
N LEU L 148 -2.30 37.36 48.22
CA LEU L 148 -1.66 38.45 48.96
C LEU L 148 -0.40 37.95 49.67
N LYS L 149 -0.46 36.74 50.19
CA LYS L 149 0.69 36.11 50.82
C LYS L 149 1.80 35.85 49.81
N GLN L 150 1.41 35.42 48.61
CA GLN L 150 2.37 35.18 47.54
C GLN L 150 2.95 36.48 47.02
N GLY L 151 2.12 37.53 46.97
CA GLY L 151 2.53 38.81 46.41
C GLY L 151 1.82 39.08 45.09
N ASN L 152 0.91 38.19 44.72
CA ASN L 152 0.20 38.29 43.44
C ASN L 152 -0.93 39.31 43.53
N VAL L 153 -0.56 40.60 43.51
CA VAL L 153 -1.53 41.67 43.69
C VAL L 153 -2.58 41.67 42.58
N ASP L 154 -2.16 41.27 41.39
CA ASP L 154 -3.06 41.21 40.24
C ASP L 154 -4.23 40.28 40.52
N ALA L 155 -3.94 39.11 41.05
CA ALA L 155 -4.97 38.14 41.41
C ALA L 155 -5.88 38.69 42.51
N VAL L 156 -5.28 39.39 43.47
CA VAL L 156 -6.03 40.00 44.55
C VAL L 156 -7.04 41.02 44.03
N LYS L 157 -6.56 41.89 43.13
CA LYS L 157 -7.42 42.91 42.54
C LYS L 157 -8.59 42.29 41.80
N VAL L 158 -8.31 41.26 41.01
CA VAL L 158 -9.35 40.53 40.28
C VAL L 158 -10.35 39.91 41.24
N ALA L 159 -9.84 39.27 42.29
CA ALA L 159 -10.70 38.60 43.27
C ALA L 159 -11.65 39.59 43.93
N LEU L 160 -11.15 40.79 44.22
CA LEU L 160 -11.96 41.83 44.84
C LEU L 160 -13.11 42.24 43.93
N GLU L 161 -12.82 42.35 42.64
CA GLU L 161 -13.84 42.69 41.65
C GLU L 161 -14.88 41.59 41.53
N VAL L 162 -14.41 40.34 41.52
CA VAL L 162 -15.30 39.19 41.42
C VAL L 162 -16.18 39.07 42.66
N ARG L 163 -15.60 39.33 43.82
CA ARG L 163 -16.37 39.34 45.07
C ARG L 163 -17.58 40.25 44.97
N LYS L 164 -17.36 41.47 44.49
CA LYS L 164 -18.46 42.41 44.23
C LYS L 164 -19.46 41.81 43.26
N MET L 165 -18.96 41.25 42.15
CA MET L 165 -19.81 40.73 41.09
C MET L 165 -20.72 39.63 41.61
N ILE L 166 -20.18 38.79 42.49
CA ILE L 166 -20.96 37.72 43.11
C ILE L 166 -22.10 38.29 43.94
N GLU L 167 -21.79 39.30 44.75
CA GLU L 167 -22.79 39.97 45.55
C GLU L 167 -23.85 40.63 44.68
N GLU L 168 -23.41 41.21 43.56
CA GLU L 168 -24.33 41.83 42.61
C GLU L 168 -25.26 40.79 42.00
N LEU L 169 -24.72 39.62 41.68
CA LEU L 169 -25.50 38.55 41.10
C LEU L 169 -26.56 38.05 42.09
N SER L 170 -26.18 37.95 43.36
CA SER L 170 -27.12 37.58 44.41
C SER L 170 -28.23 38.63 44.55
N GLY L 171 -27.83 39.90 44.63
CA GLY L 171 -28.79 40.99 44.76
C GLY L 171 -29.30 41.12 46.19
N THR M 1 -27.78 -38.04 26.13
CA THR M 1 -27.18 -36.81 26.64
C THR M 1 -25.75 -36.64 26.17
N LYS M 2 -24.92 -37.63 26.47
CA LYS M 2 -23.51 -37.59 26.11
C LYS M 2 -23.33 -37.45 24.60
N GLU M 3 -24.03 -38.29 23.86
CA GLU M 3 -23.91 -38.29 22.39
C GLU M 3 -24.31 -36.94 21.82
N GLU M 4 -25.39 -36.37 22.35
CA GLU M 4 -25.84 -35.04 21.93
C GLU M 4 -24.76 -33.99 22.20
N ARG M 5 -24.18 -34.04 23.39
CA ARG M 5 -23.12 -33.12 23.77
C ARG M 5 -21.94 -33.22 22.82
N VAL M 6 -21.57 -34.45 22.47
CA VAL M 6 -20.45 -34.68 21.56
C VAL M 6 -20.72 -34.12 20.18
N LEU M 7 -21.95 -34.29 19.70
CA LEU M 7 -22.35 -33.76 18.41
C LEU M 7 -22.39 -32.23 18.44
N LEU M 8 -22.82 -31.67 19.56
CA LEU M 8 -22.82 -30.23 19.74
C LEU M 8 -21.40 -29.67 19.77
N MET M 9 -20.48 -30.44 20.34
CA MET M 9 -19.08 -30.09 20.32
C MET M 9 -18.54 -30.04 18.90
N LYS M 10 -18.92 -31.03 18.10
CA LYS M 10 -18.58 -31.03 16.67
C LYS M 10 -19.09 -29.78 15.98
N VAL M 11 -20.35 -29.44 16.22
CA VAL M 11 -20.97 -28.26 15.63
C VAL M 11 -20.21 -27.00 16.00
N ALA M 12 -19.88 -26.87 17.28
CA ALA M 12 -19.12 -25.71 17.78
C ALA M 12 -17.81 -25.56 17.03
N ILE M 13 -17.03 -26.63 16.97
CA ILE M 13 -15.72 -26.60 16.34
C ILE M 13 -15.81 -26.18 14.88
N LEU M 14 -16.80 -26.73 14.19
CA LEU M 14 -16.99 -26.43 12.77
C LEU M 14 -17.36 -24.98 12.55
N ALA M 15 -18.31 -24.49 13.35
CA ALA M 15 -18.80 -23.13 13.21
C ALA M 15 -17.72 -22.12 13.54
N ILE M 16 -16.92 -22.43 14.55
CA ILE M 16 -15.81 -21.56 14.96
C ILE M 16 -14.80 -21.40 13.83
N VAL M 17 -14.41 -22.52 13.22
CA VAL M 17 -13.43 -22.50 12.15
C VAL M 17 -14.01 -21.85 10.89
N ALA M 18 -15.29 -22.06 10.66
CA ALA M 18 -15.99 -21.42 9.54
C ALA M 18 -16.01 -19.91 9.71
N ALA M 19 -16.27 -19.46 10.93
CA ALA M 19 -16.27 -18.04 11.24
C ALA M 19 -14.87 -17.44 11.04
N LYS M 20 -13.85 -18.19 11.43
CA LYS M 20 -12.47 -17.77 11.22
C LYS M 20 -12.12 -17.70 9.75
N LYS M 21 -12.63 -18.66 8.98
CA LYS M 21 -12.44 -18.66 7.53
C LYS M 21 -13.19 -17.51 6.88
N GLY M 22 -14.35 -17.18 7.43
CA GLY M 22 -15.19 -16.13 6.88
C GLY M 22 -16.47 -16.68 6.28
N ASN M 23 -16.64 -18.00 6.38
CA ASN M 23 -17.81 -18.67 5.83
C ASN M 23 -19.01 -18.54 6.77
N THR M 24 -19.59 -17.35 6.81
CA THR M 24 -20.69 -17.08 7.73
C THR M 24 -21.90 -17.95 7.42
N ASP M 25 -22.09 -18.24 6.14
CA ASP M 25 -23.20 -19.09 5.70
C ASP M 25 -23.14 -20.46 6.39
N GLU M 26 -21.95 -21.04 6.42
CA GLU M 26 -21.75 -22.32 7.09
C GLU M 26 -22.00 -22.20 8.59
N VAL M 27 -21.56 -21.08 9.17
CA VAL M 27 -21.79 -20.81 10.59
C VAL M 27 -23.28 -20.80 10.91
N ARG M 28 -24.04 -20.11 10.09
CA ARG M 28 -25.49 -20.03 10.28
C ARG M 28 -26.12 -21.41 10.29
N LYS M 29 -25.72 -22.26 9.35
CA LYS M 29 -26.21 -23.63 9.27
C LYS M 29 -25.86 -24.40 10.55
N ALA M 30 -24.61 -24.30 10.98
CA ALA M 30 -24.14 -25.01 12.16
C ALA M 30 -24.90 -24.55 13.41
N LEU M 31 -25.16 -23.25 13.48
CA LEU M 31 -25.92 -22.69 14.60
C LEU M 31 -27.34 -23.26 14.64
N GLU M 32 -27.93 -23.42 13.47
CA GLU M 32 -29.25 -24.04 13.36
C GLU M 32 -29.20 -25.50 13.78
N LEU M 33 -28.13 -26.19 13.40
CA LEU M 33 -27.96 -27.59 13.76
C LEU M 33 -27.88 -27.76 15.27
N ALA M 34 -27.17 -26.86 15.94
CA ALA M 34 -27.11 -26.85 17.39
C ALA M 34 -28.50 -26.79 18.01
N LEU M 35 -29.33 -25.87 17.50
CA LEU M 35 -30.72 -25.78 17.92
C LEU M 35 -31.46 -27.09 17.68
N LEU M 36 -31.30 -27.64 16.48
CA LEU M 36 -32.03 -28.84 16.08
C LEU M 36 -31.67 -30.02 16.98
N ILE M 37 -30.40 -30.12 17.35
CA ILE M 37 -29.96 -31.17 18.25
C ILE M 37 -30.62 -31.05 19.61
N ALA M 38 -30.66 -29.83 20.15
CA ALA M 38 -31.31 -29.58 21.43
C ALA M 38 -32.80 -29.87 21.35
N LYS M 39 -33.41 -29.53 20.22
CA LYS M 39 -34.83 -29.78 20.01
C LYS M 39 -35.13 -31.27 19.97
N VAL M 40 -34.27 -32.02 19.30
CA VAL M 40 -34.44 -33.47 19.19
C VAL M 40 -34.30 -34.14 20.56
N SER M 41 -33.34 -33.66 21.34
CA SER M 41 -33.14 -34.16 22.70
C SER M 41 -34.35 -33.85 23.58
N GLY M 42 -34.75 -32.58 23.60
CA GLY M 42 -35.92 -32.16 24.37
C GLY M 42 -35.58 -32.03 25.85
N THR M 43 -34.31 -31.80 26.15
CA THR M 43 -33.84 -31.71 27.53
C THR M 43 -33.26 -30.32 27.82
N THR M 44 -33.36 -29.90 29.07
CA THR M 44 -32.77 -28.63 29.49
C THR M 44 -31.26 -28.62 29.31
N GLU M 45 -30.63 -29.75 29.61
CA GLU M 45 -29.19 -29.90 29.44
C GLU M 45 -28.77 -29.63 28.00
N ALA M 46 -29.46 -30.26 27.07
CA ALA M 46 -29.16 -30.10 25.65
C ALA M 46 -29.31 -28.65 25.22
N VAL M 47 -30.36 -27.99 25.71
CA VAL M 47 -30.57 -26.58 25.44
C VAL M 47 -29.42 -25.73 25.93
N LYS M 48 -29.00 -25.98 27.16
CA LYS M 48 -27.86 -25.27 27.74
C LYS M 48 -26.59 -25.51 26.93
N LEU M 49 -26.38 -26.75 26.51
CA LEU M 49 -25.20 -27.11 25.73
C LEU M 49 -25.21 -26.42 24.38
N ALA M 50 -26.38 -26.33 23.76
CA ALA M 50 -26.53 -25.63 22.49
C ALA M 50 -26.24 -24.15 22.63
N LEU M 51 -26.66 -23.56 23.74
CA LEU M 51 -26.36 -22.17 24.03
C LEU M 51 -24.87 -21.96 24.27
N GLU M 52 -24.22 -22.96 24.86
CA GLU M 52 -22.77 -22.94 25.02
C GLU M 52 -22.06 -22.94 23.68
N VAL M 53 -22.56 -23.78 22.76
CA VAL M 53 -22.05 -23.80 21.40
C VAL M 53 -22.14 -22.42 20.76
N VAL M 54 -23.32 -21.80 20.86
CA VAL M 54 -23.53 -20.48 20.28
C VAL M 54 -22.57 -19.46 20.86
N ALA M 55 -22.41 -19.50 22.18
CA ALA M 55 -21.49 -18.58 22.86
C ALA M 55 -20.08 -18.70 22.30
N ARG M 56 -19.58 -19.92 22.22
CA ARG M 56 -18.21 -20.17 21.76
C ARG M 56 -18.00 -19.60 20.36
N VAL M 57 -18.98 -19.84 19.49
CA VAL M 57 -18.89 -19.39 18.10
C VAL M 57 -18.87 -17.87 18.02
N ALA M 58 -19.80 -17.23 18.72
CA ALA M 58 -19.94 -15.79 18.67
C ALA M 58 -18.73 -15.08 19.27
N ILE M 59 -18.19 -15.67 20.34
CA ILE M 59 -17.00 -15.12 20.98
C ILE M 59 -15.81 -15.13 20.04
N GLU M 60 -15.57 -16.27 19.41
CA GLU M 60 -14.44 -16.42 18.49
C GLU M 60 -14.64 -15.61 17.23
N ALA M 61 -15.90 -15.53 16.77
CA ALA M 61 -16.24 -14.71 15.62
C ALA M 61 -15.99 -13.23 15.90
N ALA M 62 -16.35 -12.78 17.10
CA ALA M 62 -16.09 -11.41 17.52
C ALA M 62 -14.59 -11.12 17.58
N ARG M 63 -13.83 -12.09 18.07
CA ARG M 63 -12.38 -11.99 18.11
C ARG M 63 -11.78 -11.96 16.70
N ARG M 64 -12.37 -12.76 15.81
CA ARG M 64 -11.94 -12.78 14.41
C ARG M 64 -12.30 -11.48 13.71
N GLY M 65 -13.44 -10.90 14.08
CA GLY M 65 -13.92 -9.70 13.44
C GLY M 65 -15.17 -9.97 12.61
N ASN M 66 -15.63 -11.22 12.64
CA ASN M 66 -16.79 -11.63 11.86
C ASN M 66 -18.09 -11.25 12.58
N THR M 67 -18.40 -9.95 12.59
CA THR M 67 -19.54 -9.45 13.34
C THR M 67 -20.85 -10.03 12.81
N ASP M 68 -20.90 -10.26 11.50
CA ASP M 68 -22.08 -10.83 10.86
C ASP M 68 -22.44 -12.17 11.49
N ALA M 69 -21.44 -13.03 11.66
CA ALA M 69 -21.63 -14.32 12.30
C ALA M 69 -22.08 -14.16 13.75
N VAL M 70 -21.50 -13.17 14.44
CA VAL M 70 -21.88 -12.88 15.81
C VAL M 70 -23.35 -12.51 15.92
N ARG M 71 -23.80 -11.63 15.03
CA ARG M 71 -25.19 -11.19 15.02
C ARG M 71 -26.14 -12.36 14.87
N GLU M 72 -25.83 -13.25 13.93
CA GLU M 72 -26.63 -14.45 13.71
C GLU M 72 -26.65 -15.33 14.95
N ALA M 73 -25.48 -15.56 15.53
CA ALA M 73 -25.37 -16.40 16.71
C ALA M 73 -26.16 -15.85 17.88
N LEU M 74 -26.13 -14.53 18.04
CA LEU M 74 -26.88 -13.87 19.10
C LEU M 74 -28.38 -14.08 18.93
N GLU M 75 -28.84 -14.01 17.69
CA GLU M 75 -30.25 -14.26 17.39
C GLU M 75 -30.61 -15.72 17.67
N VAL M 76 -29.71 -16.63 17.32
CA VAL M 76 -29.94 -18.05 17.56
C VAL M 76 -30.04 -18.36 19.05
N ALA M 77 -29.21 -17.70 19.84
CA ALA M 77 -29.27 -17.84 21.29
C ALA M 77 -30.67 -17.55 21.81
N LEU M 78 -31.25 -16.44 21.35
CA LEU M 78 -32.63 -16.11 21.67
C LEU M 78 -33.59 -17.21 21.23
N GLU M 79 -33.41 -17.68 19.99
CA GLU M 79 -34.31 -18.67 19.42
C GLU M 79 -34.27 -19.97 20.20
N ILE M 80 -33.09 -20.34 20.66
CA ILE M 80 -32.91 -21.54 21.48
C ILE M 80 -33.70 -21.43 22.79
N ALA M 81 -33.58 -20.28 23.44
CA ALA M 81 -34.34 -20.02 24.66
C ALA M 81 -35.84 -20.03 24.41
N ARG M 82 -36.23 -19.48 23.26
CA ARG M 82 -37.64 -19.47 22.88
C ARG M 82 -38.16 -20.88 22.65
N GLU M 83 -37.35 -21.72 22.02
CA GLU M 83 -37.71 -23.10 21.75
C GLU M 83 -37.90 -23.88 23.05
N SER M 84 -37.01 -23.63 24.02
CA SER M 84 -37.14 -24.24 25.34
C SER M 84 -38.40 -23.77 26.04
N GLY M 85 -38.60 -22.46 26.09
CA GLY M 85 -39.79 -21.89 26.70
C GLY M 85 -39.68 -21.86 28.22
N THR M 86 -38.44 -21.84 28.71
CA THR M 86 -38.19 -21.86 30.15
C THR M 86 -37.45 -20.60 30.59
N THR M 87 -37.67 -20.19 31.83
CA THR M 87 -36.97 -19.05 32.40
C THR M 87 -35.47 -19.28 32.46
N GLU M 88 -35.09 -20.51 32.81
CA GLU M 88 -33.68 -20.88 32.87
C GLU M 88 -32.99 -20.68 31.53
N ALA M 89 -33.62 -21.16 30.47
CA ALA M 89 -33.07 -21.04 29.13
C ALA M 89 -32.89 -19.58 28.74
N VAL M 90 -33.86 -18.74 29.10
CA VAL M 90 -33.78 -17.31 28.88
C VAL M 90 -32.57 -16.71 29.58
N LYS M 91 -32.39 -17.06 30.84
CA LYS M 91 -31.24 -16.62 31.62
C LYS M 91 -29.93 -17.07 30.98
N LEU M 92 -29.92 -18.32 30.53
CA LEU M 92 -28.72 -18.88 29.90
C LEU M 92 -28.40 -18.17 28.60
N ALA M 93 -29.43 -17.83 27.84
CA ALA M 93 -29.25 -17.08 26.59
C ALA M 93 -28.69 -15.70 26.86
N LEU M 94 -29.16 -15.07 27.94
CA LEU M 94 -28.64 -13.77 28.35
C LEU M 94 -27.18 -13.88 28.80
N GLU M 95 -26.85 -15.01 29.43
CA GLU M 95 -25.47 -15.29 29.80
C GLU M 95 -24.59 -15.40 28.57
N VAL M 96 -25.09 -16.08 27.54
CA VAL M 96 -24.39 -16.16 26.26
C VAL M 96 -24.11 -14.77 25.70
N VAL M 97 -25.13 -13.92 25.68
CA VAL M 97 -25.00 -12.56 25.17
C VAL M 97 -23.94 -11.79 25.96
N ALA M 98 -23.99 -11.91 27.28
CA ALA M 98 -23.03 -11.25 28.15
C ALA M 98 -21.60 -11.64 27.78
N ARG M 99 -21.35 -12.94 27.68
CA ARG M 99 -20.02 -13.45 27.38
C ARG M 99 -19.49 -12.87 26.07
N VAL M 100 -20.35 -12.84 25.06
CA VAL M 100 -19.95 -12.35 23.74
C VAL M 100 -19.61 -10.86 23.78
N ALA M 101 -20.49 -10.08 24.39
CA ALA M 101 -20.34 -8.64 24.43
C ALA M 101 -19.11 -8.24 25.24
N ILE M 102 -18.88 -8.96 26.33
CA ILE M 102 -17.73 -8.71 27.19
C ILE M 102 -16.42 -8.93 26.43
N GLU M 103 -16.32 -10.08 25.76
CA GLU M 103 -15.12 -10.42 25.02
C GLU M 103 -14.96 -9.54 23.79
N ALA M 104 -16.08 -9.18 23.18
CA ALA M 104 -16.06 -8.26 22.04
C ALA M 104 -15.57 -6.88 22.46
N ALA M 105 -16.02 -6.42 23.62
CA ALA M 105 -15.56 -5.14 24.16
C ALA M 105 -14.07 -5.18 24.48
N ARG M 106 -13.61 -6.30 25.00
CA ARG M 106 -12.19 -6.49 25.26
C ARG M 106 -11.39 -6.56 23.97
N ARG M 107 -11.97 -7.19 22.96
CA ARG M 107 -11.34 -7.27 21.65
C ARG M 107 -11.30 -5.91 20.97
N GLY M 108 -12.34 -5.11 21.20
CA GLY M 108 -12.45 -3.80 20.56
C GLY M 108 -13.58 -3.78 19.54
N ASN M 109 -14.27 -4.90 19.42
CA ASN M 109 -15.37 -5.02 18.46
C ASN M 109 -16.65 -4.41 19.01
N THR M 110 -16.69 -3.08 19.08
CA THR M 110 -17.81 -2.38 19.69
C THR M 110 -19.10 -2.63 18.93
N GLU M 111 -19.00 -2.79 17.62
CA GLU M 111 -20.15 -3.07 16.78
C GLU M 111 -20.88 -4.33 17.24
N ALA M 112 -20.11 -5.39 17.49
CA ALA M 112 -20.66 -6.63 18.00
C ALA M 112 -21.29 -6.44 19.38
N VAL M 113 -20.64 -5.63 20.20
CA VAL M 113 -21.16 -5.31 21.53
C VAL M 113 -22.53 -4.65 21.44
N VAL M 114 -22.65 -3.65 20.57
CA VAL M 114 -23.90 -2.93 20.39
C VAL M 114 -25.04 -3.87 20.01
N GLU M 115 -24.75 -4.77 19.08
CA GLU M 115 -25.74 -5.77 18.66
C GLU M 115 -26.14 -6.67 19.81
N ALA M 116 -25.15 -7.16 20.55
CA ALA M 116 -25.39 -8.06 21.67
C ALA M 116 -26.24 -7.39 22.74
N LEU M 117 -25.95 -6.12 23.01
CA LEU M 117 -26.71 -5.36 23.99
C LEU M 117 -28.17 -5.24 23.60
N LEU M 118 -28.42 -5.01 22.31
CA LEU M 118 -29.78 -4.94 21.80
C LEU M 118 -30.47 -6.30 21.91
N VAL M 119 -29.74 -7.36 21.64
CA VAL M 119 -30.29 -8.72 21.71
C VAL M 119 -30.69 -9.06 23.14
N ALA M 120 -29.86 -8.64 24.10
CA ALA M 120 -30.18 -8.82 25.52
C ALA M 120 -31.56 -8.27 25.84
N LEU M 121 -31.84 -7.05 25.39
CA LEU M 121 -33.15 -6.46 25.53
C LEU M 121 -34.22 -7.33 24.89
N GLU M 122 -33.97 -7.76 23.66
CA GLU M 122 -34.94 -8.52 22.89
C GLU M 122 -35.28 -9.83 23.57
N ILE M 123 -34.28 -10.46 24.16
CA ILE M 123 -34.48 -11.70 24.90
C ILE M 123 -35.40 -11.50 26.09
N ALA M 124 -35.15 -10.44 26.85
CA ALA M 124 -36.00 -10.08 27.98
C ALA M 124 -37.42 -9.77 27.52
N LYS M 125 -37.54 -9.09 26.38
CA LYS M 125 -38.84 -8.78 25.81
C LYS M 125 -39.59 -10.04 25.41
N GLU M 126 -38.87 -11.00 24.85
CA GLU M 126 -39.46 -12.26 24.43
C GLU M 126 -39.99 -13.03 25.63
N SER M 127 -39.24 -13.02 26.73
CA SER M 127 -39.67 -13.64 27.97
C SER M 127 -40.90 -12.94 28.53
N GLY M 128 -40.83 -11.62 28.64
CA GLY M 128 -41.95 -10.83 29.12
C GLY M 128 -42.07 -10.90 30.64
N THR M 129 -40.95 -11.17 31.30
CA THR M 129 -40.92 -11.29 32.75
C THR M 129 -40.01 -10.24 33.38
N GLU M 130 -40.33 -9.85 34.61
CA GLU M 130 -39.52 -8.90 35.36
C GLU M 130 -38.11 -9.46 35.58
N GLU M 131 -38.04 -10.74 35.91
CA GLU M 131 -36.75 -11.40 36.12
C GLU M 131 -35.85 -11.27 34.90
N ALA M 132 -36.40 -11.59 33.73
CA ALA M 132 -35.64 -11.52 32.49
C ALA M 132 -35.13 -10.11 32.23
N VAL M 133 -35.97 -9.12 32.49
CA VAL M 133 -35.58 -7.72 32.36
C VAL M 133 -34.40 -7.39 33.28
N ARG M 134 -34.50 -7.81 34.53
CA ARG M 134 -33.42 -7.59 35.49
C ARG M 134 -32.15 -8.29 35.05
N LEU M 135 -32.29 -9.50 34.53
CA LEU M 135 -31.15 -10.27 34.05
C LEU M 135 -30.49 -9.58 32.86
N ALA M 136 -31.31 -9.02 31.98
CA ALA M 136 -30.80 -8.28 30.83
C ALA M 136 -30.04 -7.04 31.26
N LEU M 137 -30.53 -6.38 32.31
CA LEU M 137 -29.84 -5.23 32.88
C LEU M 137 -28.52 -5.64 33.51
N GLU M 138 -28.48 -6.83 34.09
CA GLU M 138 -27.24 -7.40 34.61
C GLU M 138 -26.23 -7.64 33.49
N VAL M 139 -26.71 -8.18 32.37
CA VAL M 139 -25.88 -8.37 31.19
C VAL M 139 -25.24 -7.05 30.75
N VAL M 140 -26.07 -6.02 30.62
CA VAL M 140 -25.59 -4.71 30.21
C VAL M 140 -24.56 -4.17 31.19
N LYS M 141 -24.85 -4.31 32.48
CA LYS M 141 -23.92 -3.87 33.52
C LYS M 141 -22.56 -4.52 33.35
N ARG M 142 -22.56 -5.85 33.21
CA ARG M 142 -21.32 -6.61 33.08
C ARG M 142 -20.48 -6.09 31.92
N VAL M 143 -21.13 -5.82 30.81
CA VAL M 143 -20.44 -5.34 29.61
C VAL M 143 -19.80 -3.99 29.85
N SER M 144 -20.56 -3.06 30.44
CA SER M 144 -20.08 -1.71 30.68
C SER M 144 -18.94 -1.71 31.70
N ASN M 145 -19.04 -2.59 32.69
CA ASN M 145 -18.00 -2.71 33.72
C ASN M 145 -16.68 -3.16 33.11
N GLU M 146 -16.73 -4.24 32.34
CA GLU M 146 -15.53 -4.80 31.74
C GLU M 146 -15.00 -3.92 30.62
N ALA M 147 -15.91 -3.28 29.90
CA ALA M 147 -15.54 -2.31 28.88
C ALA M 147 -14.80 -1.12 29.48
N LEU M 148 -15.27 -0.66 30.63
CA LEU M 148 -14.62 0.41 31.36
C LEU M 148 -13.22 0.00 31.81
N LYS M 149 -13.07 -1.25 32.22
CA LYS M 149 -11.77 -1.78 32.58
C LYS M 149 -10.83 -1.84 31.38
N GLN M 150 -11.38 -2.21 30.23
CA GLN M 150 -10.61 -2.27 28.99
C GLN M 150 -10.25 -0.87 28.52
N GLY M 151 -11.17 0.08 28.71
CA GLY M 151 -10.99 1.44 28.21
C GLY M 151 -11.93 1.74 27.06
N ASN M 152 -12.81 0.78 26.75
CA ASN M 152 -13.73 0.91 25.63
C ASN M 152 -14.91 1.79 25.99
N VAL M 153 -14.69 3.10 26.04
CA VAL M 153 -15.71 4.05 26.48
C VAL M 153 -16.93 4.01 25.56
N ASP M 154 -16.69 3.77 24.29
CA ASP M 154 -17.76 3.69 23.30
C ASP M 154 -18.78 2.62 23.68
N ALA M 155 -18.28 1.44 24.04
CA ALA M 155 -19.14 0.34 24.46
C ALA M 155 -19.88 0.70 25.74
N VAL M 156 -19.20 1.38 26.66
CA VAL M 156 -19.82 1.82 27.91
C VAL M 156 -20.98 2.76 27.64
N LYS M 157 -20.76 3.75 26.78
CA LYS M 157 -21.81 4.71 26.43
C LYS M 157 -23.02 4.01 25.84
N VAL M 158 -22.78 3.09 24.91
CA VAL M 158 -23.85 2.33 24.30
C VAL M 158 -24.61 1.51 25.33
N ALA M 159 -23.87 0.86 26.23
CA ALA M 159 -24.47 0.02 27.26
C ALA M 159 -25.39 0.85 28.16
N LEU M 160 -24.96 2.06 28.49
CA LEU M 160 -25.75 2.95 29.33
C LEU M 160 -27.07 3.30 28.66
N GLU M 161 -27.03 3.55 27.35
CA GLU M 161 -28.23 3.85 26.58
C GLU M 161 -29.16 2.65 26.52
N VAL M 162 -28.59 1.47 26.32
CA VAL M 162 -29.36 0.24 26.26
C VAL M 162 -30.01 -0.08 27.60
N ARG M 163 -29.26 0.15 28.67
CA ARG M 163 -29.79 -0.01 30.02
C ARG M 163 -31.09 0.76 30.21
N LYS M 164 -31.08 2.03 29.82
CA LYS M 164 -32.28 2.85 29.83
C LYS M 164 -33.38 2.22 28.99
N MET M 165 -33.02 1.82 27.77
CA MET M 165 -33.99 1.29 26.82
C MET M 165 -34.68 0.06 27.37
N ILE M 166 -33.93 -0.79 28.05
CA ILE M 166 -34.49 -1.98 28.69
C ILE M 166 -35.51 -1.61 29.75
N GLU M 167 -35.16 -0.64 30.58
CA GLU M 167 -36.07 -0.15 31.61
C GLU M 167 -37.32 0.46 30.98
N GLU M 168 -37.15 1.18 29.88
CA GLU M 168 -38.25 1.75 29.16
C GLU M 168 -39.18 0.68 28.59
N LEU M 169 -38.59 -0.39 28.08
CA LEU M 169 -39.36 -1.51 27.54
C LEU M 169 -40.18 -2.19 28.63
N SER M 170 -39.58 -2.35 29.80
CA SER M 170 -40.29 -2.89 30.96
C SER M 170 -41.44 -2.00 31.37
N GLY M 171 -41.16 -0.71 31.52
CA GLY M 171 -42.19 0.26 31.91
C GLY M 171 -42.45 0.22 33.40
N THR N 1 -50.15 1.96 -19.57
CA THR N 1 -49.36 3.01 -18.92
C THR N 1 -48.71 2.51 -17.64
N LYS N 2 -49.54 2.01 -16.73
CA LYS N 2 -49.06 1.53 -15.44
C LYS N 2 -48.04 0.41 -15.62
N GLU N 3 -48.40 -0.57 -16.44
CA GLU N 3 -47.53 -1.73 -16.66
C GLU N 3 -46.19 -1.31 -17.23
N GLU N 4 -46.22 -0.37 -18.17
CA GLU N 4 -44.99 0.17 -18.76
C GLU N 4 -44.13 0.85 -17.70
N ARG N 5 -44.77 1.65 -16.85
CA ARG N 5 -44.07 2.33 -15.77
C ARG N 5 -43.41 1.34 -14.84
N VAL N 6 -44.12 0.27 -14.51
CA VAL N 6 -43.59 -0.76 -13.62
C VAL N 6 -42.38 -1.46 -14.22
N LEU N 7 -42.45 -1.74 -15.52
CA LEU N 7 -41.34 -2.37 -16.23
C LEU N 7 -40.15 -1.41 -16.31
N LEU N 8 -40.42 -0.14 -16.50
CA LEU N 8 -39.38 0.88 -16.52
C LEU N 8 -38.72 1.01 -15.15
N MET N 9 -39.51 0.85 -14.09
CA MET N 9 -38.97 0.81 -12.74
C MET N 9 -38.02 -0.35 -12.55
N LYS N 10 -38.41 -1.51 -13.07
CA LYS N 10 -37.53 -2.68 -13.06
C LYS N 10 -36.21 -2.39 -13.76
N VAL N 11 -36.30 -1.79 -14.95
CA VAL N 11 -35.11 -1.45 -15.73
C VAL N 11 -34.20 -0.51 -14.95
N ALA N 12 -34.78 0.51 -14.34
CA ALA N 12 -34.02 1.47 -13.54
C ALA N 12 -33.24 0.77 -12.44
N ILE N 13 -33.93 -0.05 -11.66
CA ILE N 13 -33.32 -0.73 -10.52
C ILE N 13 -32.16 -1.61 -10.96
N LEU N 14 -32.36 -2.33 -12.06
CA LEU N 14 -31.33 -3.22 -12.58
C LEU N 14 -30.10 -2.46 -13.05
N ALA N 15 -30.34 -1.39 -13.81
CA ALA N 15 -29.26 -0.59 -14.37
C ALA N 15 -28.46 0.10 -13.28
N ILE N 16 -29.16 0.58 -12.26
CA ILE N 16 -28.52 1.24 -11.13
C ILE N 16 -27.57 0.29 -10.41
N VAL N 17 -28.04 -0.92 -10.12
CA VAL N 17 -27.24 -1.91 -9.42
C VAL N 17 -26.09 -2.40 -10.29
N ALA N 18 -26.33 -2.51 -11.58
CA ALA N 18 -25.30 -2.89 -12.55
C ALA N 18 -24.19 -1.84 -12.58
N ALA N 19 -24.58 -0.57 -12.57
CA ALA N 19 -23.63 0.53 -12.56
C ALA N 19 -22.80 0.51 -11.27
N LYS N 20 -23.46 0.19 -10.16
CA LYS N 20 -22.77 0.07 -8.87
C LYS N 20 -21.80 -1.10 -8.87
N LYS N 21 -22.20 -2.19 -9.51
CA LYS N 21 -21.33 -3.36 -9.66
C LYS N 21 -20.16 -3.06 -10.59
N GLY N 22 -20.41 -2.24 -11.60
CA GLY N 22 -19.40 -1.90 -12.58
C GLY N 22 -19.71 -2.50 -13.94
N ASN N 23 -20.85 -3.19 -14.03
CA ASN N 23 -21.25 -3.83 -15.27
C ASN N 23 -21.90 -2.84 -16.23
N THR N 24 -21.07 -1.99 -16.83
CA THR N 24 -21.57 -0.93 -17.70
C THR N 24 -22.29 -1.50 -18.91
N ASP N 25 -21.81 -2.65 -19.38
CA ASP N 25 -22.42 -3.32 -20.52
C ASP N 25 -23.90 -3.62 -20.26
N GLU N 26 -24.18 -4.14 -19.07
CA GLU N 26 -25.56 -4.42 -18.67
C GLU N 26 -26.37 -3.13 -18.58
N VAL N 27 -25.75 -2.07 -18.06
CA VAL N 27 -26.39 -0.77 -17.97
C VAL N 27 -26.82 -0.27 -19.34
N ARG N 28 -25.92 -0.38 -20.30
CA ARG N 28 -26.21 0.05 -21.67
C ARG N 28 -27.43 -0.67 -22.23
N LYS N 29 -27.49 -1.98 -22.02
CA LYS N 29 -28.62 -2.78 -22.46
C LYS N 29 -29.91 -2.30 -21.80
N ALA N 30 -29.87 -2.11 -20.49
CA ALA N 30 -31.04 -1.69 -19.74
C ALA N 30 -31.53 -0.32 -20.20
N LEU N 31 -30.58 0.57 -20.49
CA LEU N 31 -30.91 1.90 -20.99
C LEU N 31 -31.63 1.81 -22.34
N GLU N 32 -31.17 0.90 -23.18
CA GLU N 32 -31.82 0.65 -24.47
C GLU N 32 -33.23 0.09 -24.27
N LEU N 33 -33.38 -0.79 -23.28
CA LEU N 33 -34.67 -1.38 -22.98
C LEU N 33 -35.67 -0.32 -22.55
N ALA N 34 -35.22 0.64 -21.75
CA ALA N 34 -36.04 1.77 -21.36
C ALA N 34 -36.59 2.51 -22.57
N LEU N 35 -35.70 2.80 -23.52
CA LEU N 35 -36.11 3.40 -24.78
C LEU N 35 -37.14 2.54 -25.51
N LEU N 36 -36.85 1.25 -25.60
CA LEU N 36 -37.70 0.33 -26.36
C LEU N 36 -39.10 0.27 -25.76
N ILE N 37 -39.18 0.29 -24.44
CA ILE N 37 -40.47 0.29 -23.76
C ILE N 37 -41.28 1.53 -24.09
N ALA N 38 -40.62 2.70 -24.05
CA ALA N 38 -41.27 3.95 -24.41
C ALA N 38 -41.71 3.95 -25.87
N LYS N 39 -40.88 3.38 -26.73
CA LYS N 39 -41.19 3.28 -28.15
C LYS N 39 -42.41 2.40 -28.40
N VAL N 40 -42.48 1.29 -27.68
CA VAL N 40 -43.60 0.36 -27.82
C VAL N 40 -44.90 1.01 -27.34
N SER N 41 -44.81 1.75 -26.24
CA SER N 41 -45.97 2.48 -25.72
C SER N 41 -46.43 3.55 -26.71
N GLY N 42 -45.50 4.39 -27.14
CA GLY N 42 -45.81 5.44 -28.11
C GLY N 42 -46.51 6.61 -27.45
N THR N 43 -46.28 6.78 -26.15
CA THR N 43 -46.93 7.84 -25.39
C THR N 43 -45.90 8.81 -24.81
N THR N 44 -46.30 10.06 -24.63
CA THR N 44 -45.43 11.06 -24.02
C THR N 44 -45.07 10.68 -22.58
N GLU N 45 -46.04 10.13 -21.86
CA GLU N 45 -45.82 9.68 -20.49
C GLU N 45 -44.69 8.65 -20.43
N ALA N 46 -44.77 7.65 -21.29
CA ALA N 46 -43.77 6.59 -21.33
C ALA N 46 -42.39 7.16 -21.63
N VAL N 47 -42.32 8.10 -22.56
CA VAL N 47 -41.08 8.77 -22.89
C VAL N 47 -40.49 9.48 -21.68
N LYS N 48 -41.34 10.23 -20.98
CA LYS N 48 -40.92 10.93 -19.77
C LYS N 48 -40.42 9.95 -18.71
N LEU N 49 -41.14 8.84 -18.55
CA LEU N 49 -40.77 7.82 -17.58
C LEU N 49 -39.43 7.18 -17.92
N ALA N 50 -39.20 6.94 -19.20
CA ALA N 50 -37.94 6.39 -19.67
C ALA N 50 -36.78 7.35 -19.41
N LEU N 51 -37.03 8.63 -19.59
CA LEU N 51 -36.04 9.66 -19.28
C LEU N 51 -35.76 9.73 -17.79
N GLU N 52 -36.79 9.49 -16.98
CA GLU N 52 -36.62 9.39 -15.53
C GLU N 52 -35.73 8.23 -15.15
N VAL N 53 -35.95 7.08 -15.81
CA VAL N 53 -35.09 5.92 -15.63
C VAL N 53 -33.63 6.27 -15.92
N VAL N 54 -33.40 6.91 -17.06
CA VAL N 54 -32.04 7.29 -17.46
C VAL N 54 -31.40 8.20 -16.42
N ALA N 55 -32.17 9.19 -15.96
CA ALA N 55 -31.68 10.12 -14.95
C ALA N 55 -31.22 9.39 -13.70
N ARG N 56 -32.06 8.51 -13.19
CA ARG N 56 -31.76 7.78 -11.96
C ARG N 56 -30.46 6.99 -12.09
N VAL N 57 -30.30 6.32 -13.23
CA VAL N 57 -29.12 5.49 -13.48
C VAL N 57 -27.86 6.35 -13.54
N ALA N 58 -27.92 7.43 -14.30
CA ALA N 58 -26.77 8.29 -14.51
C ALA N 58 -26.35 8.98 -13.22
N ILE N 59 -27.34 9.38 -12.42
CA ILE N 59 -27.08 10.02 -11.15
C ILE N 59 -26.34 9.09 -10.20
N GLU N 60 -26.84 7.87 -10.07
CA GLU N 60 -26.24 6.88 -9.17
C GLU N 60 -24.89 6.41 -9.69
N ALA N 61 -24.78 6.31 -11.02
CA ALA N 61 -23.52 5.95 -11.65
C ALA N 61 -22.45 7.03 -11.40
N ALA N 62 -22.85 8.28 -11.49
CA ALA N 62 -21.96 9.40 -11.20
C ALA N 62 -21.52 9.38 -9.74
N ARG N 63 -22.44 9.05 -8.85
CA ARG N 63 -22.14 8.92 -7.43
C ARG N 63 -21.20 7.74 -7.18
N ARG N 64 -21.42 6.65 -7.92
CA ARG N 64 -20.56 5.48 -7.82
C ARG N 64 -19.17 5.78 -8.38
N GLY N 65 -19.12 6.60 -9.42
CA GLY N 65 -17.87 6.90 -10.09
C GLY N 65 -17.81 6.28 -11.48
N ASN N 66 -18.90 5.62 -11.87
CA ASN N 66 -18.97 4.96 -13.17
C ASN N 66 -19.30 5.96 -14.27
N THR N 67 -18.32 6.80 -14.63
CA THR N 67 -18.55 7.87 -15.59
C THR N 67 -18.93 7.32 -16.96
N ASP N 68 -18.36 6.16 -17.30
CA ASP N 68 -18.64 5.51 -18.57
C ASP N 68 -20.14 5.25 -18.73
N ALA N 69 -20.75 4.70 -17.68
CA ALA N 69 -22.19 4.46 -17.67
C ALA N 69 -22.97 5.76 -17.78
N VAL N 70 -22.49 6.80 -17.10
CA VAL N 70 -23.11 8.11 -17.16
C VAL N 70 -23.12 8.65 -18.58
N ARG N 71 -21.99 8.56 -19.26
CA ARG N 71 -21.87 9.04 -20.62
C ARG N 71 -22.87 8.37 -21.54
N GLU N 72 -22.98 7.05 -21.43
CA GLU N 72 -23.95 6.29 -22.21
C GLU N 72 -25.37 6.72 -21.91
N ALA N 73 -25.69 6.86 -20.63
CA ALA N 73 -27.03 7.25 -20.21
C ALA N 73 -27.40 8.63 -20.74
N LEU N 74 -26.44 9.54 -20.73
CA LEU N 74 -26.65 10.89 -21.24
C LEU N 74 -26.97 10.87 -22.72
N GLU N 75 -26.27 10.02 -23.46
CA GLU N 75 -26.54 9.85 -24.89
C GLU N 75 -27.92 9.26 -25.12
N VAL N 76 -28.30 8.29 -24.29
CA VAL N 76 -29.60 7.65 -24.40
C VAL N 76 -30.73 8.65 -24.15
N ALA N 77 -30.53 9.53 -23.18
CA ALA N 77 -31.49 10.59 -22.90
C ALA N 77 -31.79 11.39 -24.16
N LEU N 78 -30.74 11.80 -24.87
CA LEU N 78 -30.90 12.47 -26.15
C LEU N 78 -31.68 11.61 -27.14
N GLU N 79 -31.30 10.34 -27.24
CA GLU N 79 -31.91 9.44 -28.20
C GLU N 79 -33.39 9.26 -27.94
N ILE N 80 -33.76 9.21 -26.67
CA ILE N 80 -35.16 9.10 -26.26
C ILE N 80 -35.96 10.31 -26.73
N ALA N 81 -35.41 11.49 -26.51
CA ALA N 81 -36.03 12.73 -26.98
C ALA N 81 -36.15 12.76 -28.49
N ARG N 82 -35.11 12.26 -29.16
CA ARG N 82 -35.12 12.19 -30.61
C ARG N 82 -36.20 11.25 -31.12
N GLU N 83 -36.37 10.12 -30.44
CA GLU N 83 -37.37 9.14 -30.81
C GLU N 83 -38.78 9.71 -30.66
N SER N 84 -38.99 10.48 -29.59
CA SER N 84 -40.26 11.16 -29.38
C SER N 84 -40.51 12.20 -30.47
N GLY N 85 -39.52 13.06 -30.70
CA GLY N 85 -39.62 14.07 -31.74
C GLY N 85 -40.46 15.25 -31.28
N THR N 86 -40.52 15.45 -29.97
CA THR N 86 -41.33 16.52 -29.39
C THR N 86 -40.46 17.51 -28.62
N THR N 87 -40.89 18.76 -28.57
CA THR N 87 -40.19 19.79 -27.80
C THR N 87 -40.16 19.45 -26.32
N GLU N 88 -41.28 18.92 -25.82
CA GLU N 88 -41.37 18.52 -24.42
C GLU N 88 -40.32 17.48 -24.07
N ALA N 89 -40.19 16.47 -24.91
CA ALA N 89 -39.22 15.40 -24.68
C ALA N 89 -37.81 15.95 -24.65
N VAL N 90 -37.51 16.89 -25.54
CA VAL N 90 -36.22 17.56 -25.57
C VAL N 90 -35.95 18.29 -24.26
N LYS N 91 -36.94 19.03 -23.78
CA LYS N 91 -36.84 19.72 -22.50
C LYS N 91 -36.61 18.74 -21.36
N LEU N 92 -37.34 17.63 -21.40
CA LEU N 92 -37.22 16.60 -20.36
C LEU N 92 -35.84 15.97 -20.37
N ALA N 93 -35.31 15.74 -21.56
CA ALA N 93 -33.96 15.19 -21.69
C ALA N 93 -32.92 16.14 -21.15
N LEU N 94 -33.12 17.44 -21.38
CA LEU N 94 -32.24 18.46 -20.83
C LEU N 94 -32.34 18.52 -19.31
N GLU N 95 -33.55 18.27 -18.79
CA GLU N 95 -33.75 18.16 -17.36
C GLU N 95 -32.98 17.00 -16.78
N VAL N 96 -33.01 15.87 -17.47
CA VAL N 96 -32.21 14.71 -17.08
C VAL N 96 -30.73 15.06 -16.99
N VAL N 97 -30.22 15.71 -18.02
CA VAL N 97 -28.82 16.12 -18.06
C VAL N 97 -28.48 17.03 -16.88
N ALA N 98 -29.35 18.00 -16.63
CA ALA N 98 -29.17 18.92 -15.51
C ALA N 98 -29.02 18.17 -14.20
N ARG N 99 -29.96 17.26 -13.92
CA ARG N 99 -29.96 16.51 -12.68
C ARG N 99 -28.66 15.75 -12.48
N VAL N 100 -28.19 15.12 -13.55
CA VAL N 100 -26.97 14.32 -13.49
C VAL N 100 -25.75 15.19 -13.21
N ALA N 101 -25.63 16.28 -13.95
CA ALA N 101 -24.47 17.15 -13.85
C ALA N 101 -24.42 17.83 -12.49
N ILE N 102 -25.59 18.21 -11.98
CA ILE N 102 -25.69 18.85 -10.68
C ILE N 102 -25.21 17.92 -9.57
N GLU N 103 -25.72 16.69 -9.58
CA GLU N 103 -25.36 15.71 -8.57
C GLU N 103 -23.91 15.25 -8.73
N ALA N 104 -23.46 15.17 -9.97
CA ALA N 104 -22.06 14.83 -10.25
C ALA N 104 -21.13 15.91 -9.73
N ALA N 105 -21.51 17.17 -9.92
CA ALA N 105 -20.72 18.29 -9.40
C ALA N 105 -20.69 18.27 -7.88
N ARG N 106 -21.81 17.93 -7.26
CA ARG N 106 -21.87 17.79 -5.81
C ARG N 106 -21.04 16.62 -5.33
N ARG N 107 -21.06 15.54 -6.11
CA ARG N 107 -20.26 14.36 -5.79
C ARG N 107 -18.77 14.64 -5.96
N GLY N 108 -18.44 15.48 -6.94
CA GLY N 108 -17.04 15.78 -7.25
C GLY N 108 -16.63 15.17 -8.58
N ASN N 109 -17.57 14.52 -9.24
CA ASN N 109 -17.29 13.87 -10.52
C ASN N 109 -17.35 14.88 -11.67
N THR N 110 -16.33 15.74 -11.74
CA THR N 110 -16.31 16.82 -12.71
C THR N 110 -16.29 16.28 -14.13
N GLU N 111 -15.64 15.14 -14.33
CA GLU N 111 -15.57 14.51 -15.64
C GLU N 111 -16.96 14.22 -16.19
N ALA N 112 -17.82 13.66 -15.34
CA ALA N 112 -19.20 13.39 -15.71
C ALA N 112 -19.95 14.68 -16.02
N VAL N 113 -19.67 15.71 -15.23
CA VAL N 113 -20.28 17.03 -15.45
C VAL N 113 -19.93 17.57 -16.82
N VAL N 114 -18.65 17.52 -17.17
CA VAL N 114 -18.17 18.01 -18.46
C VAL N 114 -18.90 17.33 -19.61
N GLU N 115 -19.03 16.01 -19.52
CA GLU N 115 -19.75 15.24 -20.54
C GLU N 115 -21.20 15.66 -20.63
N ALA N 116 -21.85 15.79 -19.47
CA ALA N 116 -23.26 16.16 -19.42
C ALA N 116 -23.49 17.53 -20.02
N LEU N 117 -22.59 18.47 -19.73
CA LEU N 117 -22.68 19.82 -20.27
C LEU N 117 -22.60 19.81 -21.79
N LEU N 118 -21.72 18.98 -22.33
CA LEU N 118 -21.59 18.84 -23.78
C LEU N 118 -22.85 18.23 -24.37
N VAL N 119 -23.42 17.25 -23.68
CA VAL N 119 -24.63 16.58 -24.15
C VAL N 119 -25.80 17.55 -24.20
N ALA N 120 -25.89 18.43 -23.19
CA ALA N 120 -26.90 19.48 -23.16
C ALA N 120 -26.88 20.28 -24.46
N LEU N 121 -25.70 20.71 -24.87
CA LEU N 121 -25.53 21.39 -26.14
C LEU N 121 -26.03 20.53 -27.30
N GLU N 122 -25.62 19.27 -27.32
CA GLU N 122 -25.94 18.37 -28.41
C GLU N 122 -27.44 18.17 -28.54
N ILE N 123 -28.11 18.08 -27.40
CA ILE N 123 -29.56 17.94 -27.38
C ILE N 123 -30.24 19.15 -28.01
N ALA N 124 -29.80 20.34 -27.64
CA ALA N 124 -30.31 21.57 -28.21
C ALA N 124 -30.04 21.63 -29.71
N LYS N 125 -28.86 21.17 -30.12
CA LYS N 125 -28.49 21.12 -31.52
C LYS N 125 -29.39 20.17 -32.30
N GLU N 126 -29.71 19.03 -31.69
CA GLU N 126 -30.58 18.05 -32.31
C GLU N 126 -31.98 18.60 -32.52
N SER N 127 -32.48 19.34 -31.53
CA SER N 127 -33.76 20.01 -31.65
C SER N 127 -33.73 21.07 -32.74
N GLY N 128 -32.74 21.94 -32.70
CA GLY N 128 -32.57 22.97 -33.71
C GLY N 128 -33.53 24.13 -33.47
N THR N 129 -33.94 24.31 -32.22
CA THR N 129 -34.87 25.37 -31.86
C THR N 129 -34.25 26.35 -30.87
N GLU N 130 -34.71 27.60 -30.92
CA GLU N 130 -34.24 28.62 -29.99
C GLU N 130 -34.58 28.24 -28.55
N GLU N 131 -35.78 27.70 -28.35
CA GLU N 131 -36.21 27.27 -27.03
C GLU N 131 -35.26 26.24 -26.44
N ALA N 132 -34.92 25.22 -27.23
CA ALA N 132 -34.02 24.17 -26.77
C ALA N 132 -32.66 24.74 -26.39
N VAL N 133 -32.16 25.68 -27.18
CA VAL N 133 -30.91 26.35 -26.89
C VAL N 133 -30.97 27.08 -25.54
N ARG N 134 -32.05 27.83 -25.34
CA ARG N 134 -32.25 28.53 -24.08
C ARG N 134 -32.34 27.57 -22.91
N LEU N 135 -33.03 26.45 -23.12
CA LEU N 135 -33.17 25.43 -22.10
C LEU N 135 -31.82 24.81 -21.75
N ALA N 136 -31.00 24.58 -22.77
CA ALA N 136 -29.66 24.05 -22.58
C ALA N 136 -28.79 25.02 -21.78
N LEU N 137 -28.96 26.31 -22.04
CA LEU N 137 -28.26 27.34 -21.28
C LEU N 137 -28.72 27.37 -19.84
N GLU N 138 -30.00 27.10 -19.62
CA GLU N 138 -30.55 26.97 -18.28
C GLU N 138 -29.92 25.79 -17.54
N VAL N 139 -29.78 24.67 -18.25
CA VAL N 139 -29.11 23.50 -17.70
C VAL N 139 -27.70 23.84 -17.23
N VAL N 140 -26.94 24.49 -18.11
CA VAL N 140 -25.58 24.89 -17.78
C VAL N 140 -25.54 25.81 -16.57
N LYS N 141 -26.45 26.78 -16.56
CA LYS N 141 -26.54 27.71 -15.43
C LYS N 141 -26.74 26.97 -14.12
N ARG N 142 -27.72 26.06 -14.11
CA ARG N 142 -28.04 25.30 -12.89
C ARG N 142 -26.81 24.57 -12.37
N VAL N 143 -26.06 23.97 -13.27
CA VAL N 143 -24.86 23.21 -12.89
C VAL N 143 -23.82 24.11 -12.26
N SER N 144 -23.55 25.25 -12.90
CA SER N 144 -22.54 26.18 -12.43
C SER N 144 -22.93 26.79 -11.08
N ASN N 145 -24.23 27.05 -10.93
CA ASN N 145 -24.74 27.61 -9.68
C ASN N 145 -24.53 26.66 -8.51
N GLU N 146 -24.95 25.41 -8.70
CA GLU N 146 -24.85 24.41 -7.64
C GLU N 146 -23.41 23.98 -7.41
N ALA N 147 -22.63 23.95 -8.49
CA ALA N 147 -21.20 23.67 -8.41
C ALA N 147 -20.48 24.75 -7.59
N LEU N 148 -20.86 26.00 -7.81
CA LEU N 148 -20.32 27.11 -7.05
C LEU N 148 -20.67 26.98 -5.56
N LYS N 149 -21.88 26.53 -5.28
CA LYS N 149 -22.30 26.28 -3.91
C LYS N 149 -21.49 25.16 -3.27
N GLN N 150 -21.21 24.13 -4.05
CA GLN N 150 -20.40 23.00 -3.59
C GLN N 150 -18.95 23.41 -3.40
N GLY N 151 -18.46 24.28 -4.28
CA GLY N 151 -17.06 24.69 -4.27
C GLY N 151 -16.32 24.11 -5.47
N ASN N 152 -17.05 23.44 -6.36
CA ASN N 152 -16.45 22.79 -7.51
C ASN N 152 -16.16 23.79 -8.61
N VAL N 153 -15.10 24.58 -8.44
CA VAL N 153 -14.77 25.66 -9.36
C VAL N 153 -14.48 25.11 -10.76
N ASP N 154 -13.89 23.93 -10.80
CA ASP N 154 -13.56 23.29 -12.07
C ASP N 154 -14.80 23.10 -12.94
N ALA N 155 -15.87 22.59 -12.32
CA ALA N 155 -17.13 22.40 -13.02
C ALA N 155 -17.71 23.74 -13.47
N VAL N 156 -17.59 24.75 -12.62
CA VAL N 156 -18.06 26.09 -12.95
C VAL N 156 -17.36 26.64 -14.17
N LYS N 157 -16.03 26.52 -14.20
CA LYS N 157 -15.24 27.00 -15.33
C LYS N 157 -15.65 26.31 -16.62
N VAL N 158 -15.81 24.99 -16.56
CA VAL N 158 -16.25 24.22 -17.72
C VAL N 158 -17.63 24.66 -18.19
N ALA N 159 -18.54 24.85 -17.23
CA ALA N 159 -19.91 25.25 -17.55
C ALA N 159 -19.93 26.60 -18.27
N LEU N 160 -19.08 27.51 -17.83
CA LEU N 160 -18.99 28.83 -18.44
C LEU N 160 -18.54 28.73 -19.89
N GLU N 161 -17.57 27.86 -20.16
CA GLU N 161 -17.09 27.63 -21.51
C GLU N 161 -18.17 27.01 -22.38
N VAL N 162 -18.90 26.05 -21.83
CA VAL N 162 -19.97 25.38 -22.55
C VAL N 162 -21.11 26.34 -22.86
N ARG N 163 -21.43 27.20 -21.89
CA ARG N 163 -22.43 28.24 -22.09
C ARG N 163 -22.14 29.07 -23.34
N LYS N 164 -20.90 29.52 -23.47
CA LYS N 164 -20.46 30.22 -24.67
C LYS N 164 -20.65 29.36 -25.90
N MET N 165 -20.21 28.10 -25.81
CA MET N 165 -20.24 27.20 -26.96
C MET N 165 -21.66 27.00 -27.46
N ILE N 166 -22.60 26.90 -26.53
CA ILE N 166 -24.02 26.77 -26.89
C ILE N 166 -24.51 27.99 -27.65
N GLU N 167 -24.16 29.17 -27.17
CA GLU N 167 -24.52 30.41 -27.83
C GLU N 167 -23.88 30.49 -29.21
N GLU N 168 -22.64 30.03 -29.32
CA GLU N 168 -21.94 29.99 -30.59
C GLU N 168 -22.63 29.05 -31.58
N LEU N 169 -23.09 27.91 -31.08
CA LEU N 169 -23.79 26.94 -31.91
C LEU N 169 -25.11 27.50 -32.43
N SER N 170 -25.81 28.24 -31.58
CA SER N 170 -27.03 28.92 -31.97
C SER N 170 -26.76 29.97 -33.04
N GLY N 171 -25.76 30.82 -32.78
CA GLY N 171 -25.39 31.87 -33.73
C GLY N 171 -26.33 33.06 -33.64
N THR O 1 4.49 -6.07 -53.34
CA THR O 1 5.08 -5.05 -52.46
C THR O 1 4.04 -4.46 -51.52
N LYS O 2 2.98 -3.91 -52.10
CA LYS O 2 1.93 -3.27 -51.31
C LYS O 2 1.31 -4.25 -50.32
N GLU O 3 0.94 -5.43 -50.82
CA GLU O 3 0.29 -6.44 -49.98
C GLU O 3 1.19 -6.84 -48.82
N GLU O 4 2.48 -7.01 -49.10
CA GLU O 4 3.45 -7.34 -48.07
C GLU O 4 3.52 -6.24 -47.01
N ARG O 5 3.57 -4.99 -47.47
CA ARG O 5 3.60 -3.85 -46.57
C ARG O 5 2.38 -3.82 -45.67
N VAL O 6 1.21 -4.10 -46.25
CA VAL O 6 -0.04 -4.10 -45.48
C VAL O 6 -0.04 -5.19 -44.42
N LEU O 7 0.48 -6.37 -44.78
CA LEU O 7 0.57 -7.47 -43.84
C LEU O 7 1.58 -7.16 -42.74
N LEU O 8 2.67 -6.49 -43.09
CA LEU O 8 3.66 -6.06 -42.12
C LEU O 8 3.09 -5.02 -41.17
N MET O 9 2.21 -4.16 -41.69
CA MET O 9 1.49 -3.21 -40.86
C MET O 9 0.60 -3.92 -39.84
N LYS O 10 -0.08 -4.96 -40.29
CA LYS O 10 -0.87 -5.80 -39.39
C LYS O 10 -0.01 -6.38 -38.28
N VAL O 11 1.14 -6.94 -38.66
CA VAL O 11 2.07 -7.53 -37.70
C VAL O 11 2.51 -6.51 -36.67
N ALA O 12 2.88 -5.32 -37.14
CA ALA O 12 3.30 -4.23 -36.25
C ALA O 12 2.24 -3.93 -35.21
N ILE O 13 1.02 -3.69 -35.67
CA ILE O 13 -0.08 -3.32 -34.80
C ILE O 13 -0.33 -4.37 -33.73
N LEU O 14 -0.30 -5.64 -34.15
CA LEU O 14 -0.54 -6.74 -33.24
C LEU O 14 0.55 -6.85 -32.18
N ALA O 15 1.80 -6.76 -32.62
CA ALA O 15 2.94 -6.90 -31.73
C ALA O 15 3.00 -5.75 -30.73
N ILE O 16 2.67 -4.56 -31.19
CA ILE O 16 2.65 -3.37 -30.34
C ILE O 16 1.64 -3.53 -29.21
N VAL O 17 0.42 -3.96 -29.56
CA VAL O 17 -0.64 -4.14 -28.58
C VAL O 17 -0.33 -5.31 -27.64
N ALA O 18 0.29 -6.34 -28.17
CA ALA O 18 0.72 -7.48 -27.37
C ALA O 18 1.77 -7.06 -26.34
N ALA O 19 2.70 -6.22 -26.77
CA ALA O 19 3.73 -5.70 -25.88
C ALA O 19 3.11 -4.84 -24.78
N LYS O 20 2.10 -4.06 -25.15
CA LYS O 20 1.37 -3.24 -24.18
C LYS O 20 0.61 -4.10 -23.20
N LYS O 21 0.03 -5.19 -23.69
CA LYS O 21 -0.66 -6.15 -22.83
C LYS O 21 0.31 -6.88 -21.92
N GLY O 22 1.51 -7.14 -22.43
CA GLY O 22 2.52 -7.86 -21.68
C GLY O 22 2.78 -9.25 -22.27
N ASN O 23 2.09 -9.54 -23.37
CA ASN O 23 2.23 -10.83 -24.03
C ASN O 23 3.47 -10.88 -24.91
N THR O 24 4.64 -10.97 -24.28
CA THR O 24 5.90 -10.93 -25.00
C THR O 24 6.02 -12.11 -25.96
N ASP O 25 5.46 -13.25 -25.56
CA ASP O 25 5.49 -14.44 -26.39
C ASP O 25 4.85 -14.18 -27.75
N GLU O 26 3.70 -13.52 -27.73
CA GLU O 26 3.01 -13.16 -28.97
C GLU O 26 3.85 -12.18 -29.79
N VAL O 27 4.49 -11.23 -29.10
CA VAL O 27 5.37 -10.27 -29.76
C VAL O 27 6.49 -10.98 -30.51
N ARG O 28 7.12 -11.94 -29.85
CA ARG O 28 8.20 -12.70 -30.46
C ARG O 28 7.75 -13.38 -31.75
N LYS O 29 6.57 -13.99 -31.70
CA LYS O 29 6.00 -14.64 -32.88
C LYS O 29 5.78 -13.62 -34.00
N ALA O 30 5.18 -12.50 -33.67
CA ALA O 30 4.88 -11.46 -34.65
C ALA O 30 6.16 -10.92 -35.29
N LEU O 31 7.19 -10.76 -34.46
CA LEU O 31 8.50 -10.30 -34.95
C LEU O 31 9.08 -11.30 -35.95
N GLU O 32 8.92 -12.57 -35.67
CA GLU O 32 9.36 -13.63 -36.59
C GLU O 32 8.56 -13.58 -37.88
N LEU O 33 7.26 -13.32 -37.77
CA LEU O 33 6.40 -13.23 -38.94
C LEU O 33 6.83 -12.09 -39.85
N ALA O 34 7.20 -10.96 -39.27
CA ALA O 34 7.74 -9.84 -40.02
C ALA O 34 8.94 -10.25 -40.86
N LEU O 35 9.87 -10.97 -40.23
CA LEU O 35 11.02 -11.52 -40.94
C LEU O 35 10.58 -12.45 -42.07
N LEU O 36 9.65 -13.35 -41.76
CA LEU O 36 9.22 -14.35 -42.72
C LEU O 36 8.58 -13.70 -43.94
N ILE O 37 7.82 -12.64 -43.72
CA ILE O 37 7.21 -11.90 -44.82
C ILE O 37 8.26 -11.28 -45.73
N ALA O 38 9.27 -10.66 -45.13
CA ALA O 38 10.37 -10.07 -45.88
C ALA O 38 11.14 -11.14 -46.65
N LYS O 39 11.32 -12.30 -46.02
CA LYS O 39 12.02 -13.41 -46.65
C LYS O 39 11.26 -13.94 -47.85
N VAL O 40 9.94 -14.04 -47.71
CA VAL O 40 9.10 -14.52 -48.79
C VAL O 40 9.11 -13.56 -49.98
N SER O 41 9.09 -12.26 -49.67
CA SER O 41 9.17 -11.23 -50.70
C SER O 41 10.52 -11.29 -51.42
N GLY O 42 11.60 -11.26 -50.65
CA GLY O 42 12.94 -11.35 -51.20
C GLY O 42 13.38 -10.01 -51.78
N THR O 43 12.80 -8.93 -51.27
CA THR O 43 13.09 -7.59 -51.76
C THR O 43 13.70 -6.72 -50.66
N THR O 44 14.52 -5.76 -51.07
CA THR O 44 15.11 -4.81 -50.12
C THR O 44 14.04 -3.98 -49.42
N GLU O 45 13.02 -3.59 -50.18
CA GLU O 45 11.90 -2.83 -49.63
C GLU O 45 11.23 -3.58 -48.48
N ALA O 46 10.93 -4.84 -48.72
CA ALA O 46 10.27 -5.67 -47.71
C ALA O 46 11.12 -5.79 -46.46
N VAL O 47 12.43 -5.96 -46.65
CA VAL O 47 13.36 -6.01 -45.54
C VAL O 47 13.33 -4.73 -44.71
N LYS O 48 13.38 -3.60 -45.40
CA LYS O 48 13.30 -2.30 -44.75
C LYS O 48 11.99 -2.14 -43.99
N LEU O 49 10.89 -2.57 -44.60
CA LEU O 49 9.58 -2.48 -43.98
C LEU O 49 9.49 -3.35 -42.74
N ALA O 50 10.08 -4.53 -42.80
CA ALA O 50 10.12 -5.43 -41.65
C ALA O 50 10.93 -4.84 -40.51
N LEU O 51 12.02 -4.16 -40.84
CA LEU O 51 12.82 -3.46 -39.84
C LEU O 51 12.06 -2.30 -39.23
N GLU O 52 11.23 -1.65 -40.04
CA GLU O 52 10.34 -0.60 -39.54
C GLU O 52 9.34 -1.15 -38.54
N VAL O 53 8.77 -2.32 -38.86
CA VAL O 53 7.89 -3.01 -37.93
C VAL O 53 8.58 -3.26 -36.60
N VAL O 54 9.79 -3.81 -36.66
CA VAL O 54 10.55 -4.11 -35.45
C VAL O 54 10.79 -2.85 -34.62
N ALA O 55 11.17 -1.77 -35.30
CA ALA O 55 11.41 -0.50 -34.63
C ALA O 55 10.18 -0.04 -33.86
N ARG O 56 9.04 -0.03 -34.53
CA ARG O 56 7.79 0.44 -33.93
C ARG O 56 7.47 -0.35 -32.67
N VAL O 57 7.62 -1.67 -32.75
CA VAL O 57 7.30 -2.55 -31.63
C VAL O 57 8.23 -2.28 -30.45
N ALA O 58 9.52 -2.22 -30.72
CA ALA O 58 10.52 -2.05 -29.68
C ALA O 58 10.40 -0.69 -29.00
N ILE O 59 10.08 0.33 -29.80
CA ILE O 59 9.90 1.67 -29.27
C ILE O 59 8.73 1.73 -28.31
N GLU O 60 7.60 1.18 -28.72
CA GLU O 60 6.40 1.19 -27.89
C GLU O 60 6.55 0.28 -26.68
N ALA O 61 7.25 -0.84 -26.87
CA ALA O 61 7.55 -1.75 -25.77
C ALA O 61 8.44 -1.07 -24.72
N ALA O 62 9.43 -0.32 -25.18
CA ALA O 62 10.30 0.44 -24.29
C ALA O 62 9.51 1.50 -23.52
N ARG O 63 8.57 2.14 -24.20
CA ARG O 63 7.69 3.12 -23.58
C ARG O 63 6.77 2.46 -22.56
N ARG O 64 6.29 1.26 -22.90
CA ARG O 64 5.45 0.49 -22.00
C ARG O 64 6.24 0.01 -20.79
N GLY O 65 7.51 -0.32 -21.01
CA GLY O 65 8.35 -0.86 -19.95
C GLY O 65 8.67 -2.33 -20.19
N ASN O 66 8.19 -2.86 -21.32
CA ASN O 66 8.40 -4.26 -21.66
C ASN O 66 9.79 -4.47 -22.27
N THR O 67 10.82 -4.40 -21.44
CA THR O 67 12.20 -4.47 -21.92
C THR O 67 12.49 -5.81 -22.58
N ASP O 68 11.85 -6.86 -22.06
CA ASP O 68 12.02 -8.20 -22.60
C ASP O 68 11.66 -8.24 -24.08
N ALA O 69 10.52 -7.65 -24.41
CA ALA O 69 10.07 -7.57 -25.80
C ALA O 69 11.04 -6.74 -26.64
N VAL O 70 11.56 -5.66 -26.05
CA VAL O 70 12.53 -4.82 -26.72
C VAL O 70 13.79 -5.60 -27.08
N ARG O 71 14.30 -6.36 -26.13
CA ARG O 71 15.49 -7.16 -26.34
C ARG O 71 15.32 -8.12 -27.50
N GLU O 72 14.18 -8.81 -27.53
CA GLU O 72 13.87 -9.72 -28.62
C GLU O 72 13.80 -9.00 -29.95
N ALA O 73 13.11 -7.87 -29.98
CA ALA O 73 12.96 -7.09 -31.20
C ALA O 73 14.30 -6.62 -31.74
N LEU O 74 15.18 -6.21 -30.83
CA LEU O 74 16.52 -5.76 -31.21
C LEU O 74 17.31 -6.88 -31.86
N GLU O 75 17.18 -8.08 -31.32
CA GLU O 75 17.82 -9.26 -31.89
C GLU O 75 17.26 -9.57 -33.27
N VAL O 76 15.94 -9.45 -33.41
CA VAL O 76 15.28 -9.71 -34.68
C VAL O 76 15.73 -8.73 -35.76
N ALA O 77 15.91 -7.48 -35.37
CA ALA O 77 16.43 -6.46 -36.28
C ALA O 77 17.75 -6.92 -36.90
N LEU O 78 18.67 -7.40 -36.05
CA LEU O 78 19.91 -7.97 -36.52
C LEU O 78 19.67 -9.13 -37.48
N GLU O 79 18.78 -10.04 -37.09
CA GLU O 79 18.52 -11.24 -37.86
C GLU O 79 17.97 -10.90 -39.24
N ILE O 80 17.13 -9.88 -39.30
CA ILE O 80 16.57 -9.40 -40.57
C ILE O 80 17.68 -8.91 -41.50
N ALA O 81 18.59 -8.11 -40.95
CA ALA O 81 19.73 -7.63 -41.72
C ALA O 81 20.62 -8.78 -42.18
N ARG O 82 20.79 -9.77 -41.31
CA ARG O 82 21.57 -10.94 -41.64
C ARG O 82 20.93 -11.74 -42.77
N GLU O 83 19.61 -11.86 -42.74
CA GLU O 83 18.87 -12.58 -43.76
C GLU O 83 19.00 -11.89 -45.12
N SER O 84 18.96 -10.55 -45.11
CA SER O 84 19.17 -9.78 -46.32
C SER O 84 20.59 -9.97 -46.85
N GLY O 85 21.57 -9.79 -45.98
CA GLY O 85 22.96 -9.97 -46.35
C GLY O 85 23.50 -8.77 -47.11
N THR O 86 22.89 -7.61 -46.88
CA THR O 86 23.27 -6.38 -47.57
C THR O 86 23.75 -5.33 -46.58
N THR O 87 24.65 -4.46 -47.04
CA THR O 87 25.14 -3.36 -46.22
C THR O 87 24.02 -2.41 -45.84
N GLU O 88 23.12 -2.16 -46.79
CA GLU O 88 21.97 -1.29 -46.55
C GLU O 88 21.12 -1.80 -45.40
N ALA O 89 20.82 -3.09 -45.43
CA ALA O 89 20.00 -3.71 -44.39
C ALA O 89 20.66 -3.59 -43.03
N VAL O 90 21.97 -3.77 -42.99
CA VAL O 90 22.74 -3.59 -41.76
C VAL O 90 22.60 -2.17 -41.23
N LYS O 91 22.75 -1.19 -42.10
CA LYS O 91 22.58 0.21 -41.74
C LYS O 91 21.17 0.47 -41.22
N LEU O 92 20.18 -0.11 -41.90
CA LEU O 92 18.78 0.07 -41.51
C LEU O 92 18.52 -0.54 -40.14
N ALA O 93 19.12 -1.70 -39.89
CA ALA O 93 18.98 -2.35 -38.58
C ALA O 93 19.60 -1.52 -37.48
N LEU O 94 20.74 -0.89 -37.78
CA LEU O 94 21.37 0.02 -36.84
C LEU O 94 20.52 1.26 -36.59
N GLU O 95 19.82 1.70 -37.63
CA GLU O 95 18.87 2.80 -37.50
C GLU O 95 17.73 2.43 -36.58
N VAL O 96 17.23 1.21 -36.72
CA VAL O 96 16.21 0.68 -35.81
C VAL O 96 16.69 0.73 -34.36
N VAL O 97 17.90 0.23 -34.12
CA VAL O 97 18.48 0.22 -32.79
C VAL O 97 18.58 1.64 -32.22
N ALA O 98 19.06 2.56 -33.05
CA ALA O 98 19.18 3.96 -32.65
C ALA O 98 17.84 4.51 -32.18
N ARG O 99 16.80 4.33 -32.99
CA ARG O 99 15.48 4.85 -32.68
C ARG O 99 14.98 4.34 -31.34
N VAL O 100 15.17 3.04 -31.10
CA VAL O 100 14.70 2.42 -29.87
C VAL O 100 15.44 2.96 -28.65
N ALA O 101 16.76 3.02 -28.75
CA ALA O 101 17.60 3.44 -27.64
C ALA O 101 17.35 4.91 -27.30
N ILE O 102 17.17 5.72 -28.33
CA ILE O 102 16.90 7.14 -28.16
C ILE O 102 15.59 7.37 -27.40
N GLU O 103 14.54 6.69 -27.85
CA GLU O 103 13.23 6.84 -27.23
C GLU O 103 13.20 6.20 -25.84
N ALA O 104 13.93 5.11 -25.68
CA ALA O 104 14.06 4.47 -24.38
C ALA O 104 14.77 5.38 -23.39
N ALA O 105 15.82 6.05 -23.85
CA ALA O 105 16.54 7.00 -23.01
C ALA O 105 15.66 8.17 -22.63
N ARG O 106 14.84 8.63 -23.57
CA ARG O 106 13.88 9.69 -23.29
C ARG O 106 12.80 9.23 -22.33
N ARG O 107 12.39 7.97 -22.48
CA ARG O 107 11.40 7.38 -21.58
C ARG O 107 11.97 7.18 -20.18
N GLY O 108 13.26 6.86 -20.12
CA GLY O 108 13.92 6.58 -18.84
C GLY O 108 14.28 5.10 -18.72
N ASN O 109 13.98 4.35 -19.76
CA ASN O 109 14.25 2.91 -19.76
C ASN O 109 15.71 2.63 -20.12
N THR O 110 16.61 2.93 -19.17
CA THR O 110 18.04 2.82 -19.42
C THR O 110 18.43 1.38 -19.71
N GLU O 111 17.75 0.43 -19.08
CA GLU O 111 18.02 -0.98 -19.28
C GLU O 111 17.87 -1.36 -20.75
N ALA O 112 16.79 -0.90 -21.37
CA ALA O 112 16.56 -1.13 -22.79
C ALA O 112 17.64 -0.47 -23.64
N VAL O 113 18.05 0.72 -23.23
CA VAL O 113 19.12 1.45 -23.92
C VAL O 113 20.41 0.64 -23.91
N VAL O 114 20.78 0.13 -22.74
CA VAL O 114 22.01 -0.66 -22.60
C VAL O 114 22.01 -1.85 -23.54
N GLU O 115 20.89 -2.55 -23.60
CA GLU O 115 20.74 -3.70 -24.50
C GLU O 115 20.89 -3.28 -25.95
N ALA O 116 20.21 -2.20 -26.32
CA ALA O 116 20.23 -1.71 -27.69
C ALA O 116 21.64 -1.32 -28.11
N LEU O 117 22.37 -0.67 -27.20
CA LEU O 117 23.74 -0.26 -27.46
C LEU O 117 24.63 -1.47 -27.73
N LEU O 118 24.43 -2.53 -26.97
CA LEU O 118 25.18 -3.76 -27.17
C LEU O 118 24.82 -4.40 -28.51
N VAL O 119 23.55 -4.36 -28.87
CA VAL O 119 23.08 -4.93 -30.13
C VAL O 119 23.69 -4.19 -31.32
N ALA O 120 23.79 -2.86 -31.20
CA ALA O 120 24.44 -2.05 -32.22
C ALA O 120 25.83 -2.58 -32.53
N LEU O 121 26.61 -2.84 -31.49
CA LEU O 121 27.92 -3.45 -31.64
C LEU O 121 27.82 -4.78 -32.36
N GLU O 122 26.90 -5.62 -31.91
CA GLU O 122 26.76 -6.97 -32.45
C GLU O 122 26.42 -6.95 -33.93
N ILE O 123 25.58 -6.01 -34.32
CA ILE O 123 25.21 -5.84 -35.72
C ILE O 123 26.43 -5.50 -36.57
N ALA O 124 27.23 -4.56 -36.10
CA ALA O 124 28.46 -4.19 -36.78
C ALA O 124 29.43 -5.37 -36.86
N LYS O 125 29.49 -6.15 -35.78
CA LYS O 125 30.33 -7.34 -35.74
C LYS O 125 29.87 -8.37 -36.76
N GLU O 126 28.56 -8.53 -36.89
CA GLU O 126 27.99 -9.47 -37.84
C GLU O 126 28.31 -9.08 -39.27
N SER O 127 28.25 -7.78 -39.56
CA SER O 127 28.63 -7.26 -40.86
C SER O 127 30.12 -7.48 -41.12
N GLY O 128 30.95 -7.09 -40.18
CA GLY O 128 32.39 -7.28 -40.29
C GLY O 128 33.01 -6.24 -41.21
N THR O 129 32.36 -5.09 -41.33
CA THR O 129 32.84 -4.02 -42.19
C THR O 129 33.15 -2.75 -41.40
N GLU O 130 34.10 -1.96 -41.90
CA GLU O 130 34.45 -0.70 -41.27
C GLU O 130 33.25 0.25 -41.26
N GLU O 131 32.51 0.28 -42.36
CA GLU O 131 31.32 1.12 -42.46
C GLU O 131 30.33 0.81 -41.36
N ALA O 132 30.03 -0.48 -41.17
CA ALA O 132 29.08 -0.90 -40.15
C ALA O 132 29.54 -0.48 -38.76
N VAL O 133 30.83 -0.61 -38.50
CA VAL O 133 31.41 -0.18 -37.23
C VAL O 133 31.19 1.32 -37.02
N ARG O 134 31.49 2.11 -38.05
CA ARG O 134 31.29 3.55 -37.98
C ARG O 134 29.83 3.89 -37.76
N LEU O 135 28.94 3.17 -38.44
CA LEU O 135 27.51 3.38 -38.30
C LEU O 135 27.04 3.06 -36.88
N ALA O 136 27.59 1.99 -36.31
CA ALA O 136 27.28 1.61 -34.94
C ALA O 136 27.73 2.68 -33.95
N LEU O 137 28.89 3.28 -34.22
CA LEU O 137 29.39 4.38 -33.41
C LEU O 137 28.49 5.60 -33.53
N GLU O 138 27.94 5.81 -34.72
CA GLU O 138 26.96 6.87 -34.94
C GLU O 138 25.70 6.63 -34.11
N VAL O 139 25.24 5.38 -34.10
CA VAL O 139 24.10 5.00 -33.27
C VAL O 139 24.34 5.34 -31.80
N VAL O 140 25.50 4.93 -31.29
CA VAL O 140 25.85 5.20 -29.90
C VAL O 140 25.89 6.70 -29.63
N LYS O 141 26.50 7.44 -30.54
CA LYS O 141 26.58 8.90 -30.42
C LYS O 141 25.19 9.51 -30.28
N ARG O 142 24.29 9.13 -31.19
CA ARG O 142 22.93 9.67 -31.19
C ARG O 142 22.25 9.45 -29.85
N VAL O 143 22.42 8.25 -29.30
CA VAL O 143 21.80 7.90 -28.02
C VAL O 143 22.32 8.77 -26.90
N SER O 144 23.65 8.92 -26.83
CA SER O 144 24.28 9.68 -25.77
C SER O 144 23.93 11.16 -25.87
N ASN O 145 23.82 11.65 -27.10
CA ASN O 145 23.46 13.05 -27.34
C ASN O 145 22.06 13.35 -26.83
N GLU O 146 21.10 12.52 -27.23
CA GLU O 146 19.71 12.72 -26.85
C GLU O 146 19.48 12.41 -25.38
N ALA O 147 20.21 11.43 -24.87
CA ALA O 147 20.18 11.10 -23.45
C ALA O 147 20.69 12.26 -22.60
N LEU O 148 21.74 12.92 -23.08
CA LEU O 148 22.28 14.09 -22.42
C LEU O 148 21.26 15.23 -22.41
N LYS O 149 20.53 15.38 -23.50
CA LYS O 149 19.47 16.36 -23.59
C LYS O 149 18.34 16.05 -22.61
N GLN O 150 18.02 14.78 -22.49
CA GLN O 150 16.98 14.33 -21.55
C GLN O 150 17.45 14.50 -20.11
N GLY O 151 18.74 14.25 -19.87
CA GLY O 151 19.29 14.27 -18.52
C GLY O 151 19.65 12.88 -18.05
N ASN O 152 19.50 11.89 -18.94
CA ASN O 152 19.76 10.50 -18.59
C ASN O 152 21.25 10.20 -18.60
N VAL O 153 21.95 10.64 -17.56
CA VAL O 153 23.40 10.52 -17.50
C VAL O 153 23.82 9.05 -17.51
N ASP O 154 23.01 8.21 -16.90
CA ASP O 154 23.29 6.77 -16.85
C ASP O 154 23.43 6.18 -18.24
N ALA O 155 22.49 6.53 -19.12
CA ALA O 155 22.53 6.07 -20.50
C ALA O 155 23.76 6.62 -21.22
N VAL O 156 24.09 7.88 -20.95
CA VAL O 156 25.27 8.51 -21.54
C VAL O 156 26.54 7.76 -21.15
N LYS O 157 26.68 7.46 -19.86
CA LYS O 157 27.85 6.73 -19.37
C LYS O 157 27.98 5.38 -20.04
N VAL O 158 26.87 4.66 -20.13
CA VAL O 158 26.86 3.36 -20.79
C VAL O 158 27.25 3.47 -22.26
N ALA O 159 26.69 4.48 -22.94
CA ALA O 159 26.96 4.70 -24.35
C ALA O 159 28.45 4.95 -24.59
N LEU O 160 29.06 5.71 -23.70
CA LEU O 160 30.49 6.01 -23.80
C LEU O 160 31.32 4.75 -23.69
N GLU O 161 30.94 3.85 -22.78
CA GLU O 161 31.63 2.58 -22.61
C GLU O 161 31.46 1.70 -23.84
N VAL O 162 30.25 1.67 -24.38
CA VAL O 162 29.95 0.88 -25.57
C VAL O 162 30.71 1.40 -26.78
N ARG O 163 30.78 2.72 -26.90
CA ARG O 163 31.55 3.35 -27.96
C ARG O 163 32.98 2.83 -28.00
N LYS O 164 33.63 2.80 -26.84
CA LYS O 164 34.95 2.22 -26.71
C LYS O 164 34.95 0.76 -27.15
N MET O 165 33.98 0.00 -26.65
CA MET O 165 33.91 -1.43 -26.90
C MET O 165 33.81 -1.72 -28.40
N ILE O 166 33.03 -0.90 -29.10
CA ILE O 166 32.90 -1.03 -30.55
C ILE O 166 34.23 -0.81 -31.25
N GLU O 167 34.94 0.22 -30.84
CA GLU O 167 36.26 0.51 -31.39
C GLU O 167 37.23 -0.63 -31.09
N GLU O 168 37.14 -1.19 -29.89
CA GLU O 168 37.96 -2.31 -29.50
C GLU O 168 37.67 -3.55 -30.36
N LEU O 169 36.39 -3.77 -30.65
CA LEU O 169 35.98 -4.89 -31.49
C LEU O 169 36.51 -4.74 -32.91
N SER O 170 36.48 -3.52 -33.42
CA SER O 170 37.06 -3.22 -34.73
C SER O 170 38.56 -3.47 -34.74
N GLY O 171 39.25 -2.91 -33.75
CA GLY O 171 40.70 -3.08 -33.65
C GLY O 171 41.44 -2.15 -34.58
N THR P 1 26.85 -46.07 -7.63
CA THR P 1 27.25 -44.87 -6.90
C THR P 1 27.01 -43.60 -7.71
N LYS P 2 27.60 -43.56 -8.90
CA LYS P 2 27.48 -42.39 -9.76
C LYS P 2 26.02 -42.11 -10.10
N GLU P 3 25.31 -43.15 -10.53
CA GLU P 3 23.91 -43.00 -10.93
C GLU P 3 23.07 -42.48 -9.78
N GLU P 4 23.31 -43.01 -8.58
CA GLU P 4 22.61 -42.55 -7.38
C GLU P 4 22.89 -41.07 -7.12
N ARG P 5 24.15 -40.69 -7.22
CA ARG P 5 24.55 -39.30 -7.03
C ARG P 5 23.84 -38.38 -8.01
N VAL P 6 23.76 -38.82 -9.27
CA VAL P 6 23.10 -38.02 -10.31
C VAL P 6 21.62 -37.85 -10.03
N LEU P 7 20.98 -38.92 -9.56
CA LEU P 7 19.57 -38.87 -9.21
C LEU P 7 19.35 -37.97 -7.98
N LEU P 8 20.27 -38.03 -7.04
CA LEU P 8 20.22 -37.16 -5.86
C LEU P 8 20.40 -35.70 -6.24
N MET P 9 21.23 -35.45 -7.25
CA MET P 9 21.39 -34.12 -7.80
C MET P 9 20.09 -33.60 -8.40
N LYS P 10 19.40 -34.47 -9.13
CA LYS P 10 18.08 -34.14 -9.66
C LYS P 10 17.12 -33.77 -8.54
N VAL P 11 17.09 -34.58 -7.49
CA VAL P 11 16.22 -34.34 -6.35
C VAL P 11 16.50 -32.99 -5.71
N ALA P 12 17.78 -32.70 -5.51
CA ALA P 12 18.20 -31.42 -4.94
C ALA P 12 17.67 -30.25 -5.74
N ILE P 13 17.92 -30.27 -7.05
CA ILE P 13 17.52 -29.19 -7.93
C ILE P 13 16.02 -28.95 -7.88
N LEU P 14 15.27 -30.05 -7.90
CA LEU P 14 13.81 -29.96 -7.88
C LEU P 14 13.30 -29.37 -6.58
N ALA P 15 13.84 -29.87 -5.47
CA ALA P 15 13.40 -29.43 -4.15
C ALA P 15 13.74 -27.97 -3.91
N ILE P 16 14.91 -27.56 -4.38
CA ILE P 16 15.35 -26.17 -4.25
C ILE P 16 14.40 -25.23 -4.97
N VAL P 17 14.06 -25.56 -6.22
CA VAL P 17 13.17 -24.74 -7.01
C VAL P 17 11.75 -24.75 -6.45
N ALA P 18 11.34 -25.89 -5.93
CA ALA P 18 10.03 -26.02 -5.29
C ALA P 18 9.95 -25.13 -4.05
N ALA P 19 11.02 -25.11 -3.27
CA ALA P 19 11.09 -24.27 -2.09
C ALA P 19 11.04 -22.79 -2.47
N LYS P 20 11.71 -22.44 -3.57
CA LYS P 20 11.67 -21.07 -4.08
C LYS P 20 10.29 -20.70 -4.57
N LYS P 21 9.61 -21.65 -5.20
CA LYS P 21 8.23 -21.45 -5.64
C LYS P 21 7.28 -21.33 -4.46
N GLY P 22 7.57 -22.07 -3.40
CA GLY P 22 6.73 -22.09 -2.22
C GLY P 22 6.01 -23.42 -2.05
N ASN P 23 6.30 -24.36 -2.96
CA ASN P 23 5.68 -25.67 -2.93
C ASN P 23 6.36 -26.59 -1.92
N THR P 24 6.11 -26.33 -0.64
CA THR P 24 6.78 -27.08 0.42
C THR P 24 6.41 -28.55 0.37
N ASP P 25 5.18 -28.84 -0.04
CA ASP P 25 4.71 -30.21 -0.16
C ASP P 25 5.61 -31.02 -1.10
N GLU P 26 5.93 -30.42 -2.24
CA GLU P 26 6.82 -31.06 -3.21
C GLU P 26 8.22 -31.24 -2.62
N VAL P 27 8.68 -30.24 -1.87
CA VAL P 27 9.97 -30.31 -1.20
C VAL P 27 10.04 -31.51 -0.26
N ARG P 28 9.00 -31.67 0.54
CA ARG P 28 8.93 -32.78 1.48
C ARG P 28 9.05 -34.12 0.77
N LYS P 29 8.34 -34.27 -0.34
CA LYS P 29 8.41 -35.49 -1.14
C LYS P 29 9.83 -35.72 -1.65
N ALA P 30 10.44 -34.68 -2.20
CA ALA P 30 11.78 -34.78 -2.76
C ALA P 30 12.80 -35.16 -1.68
N LEU P 31 12.62 -34.58 -0.49
CA LEU P 31 13.49 -34.89 0.64
C LEU P 31 13.38 -36.37 1.03
N GLU P 32 12.17 -36.89 0.98
CA GLU P 32 11.93 -38.31 1.24
C GLU P 32 12.59 -39.17 0.16
N LEU P 33 12.51 -38.72 -1.09
CA LEU P 33 13.12 -39.44 -2.19
C LEU P 33 14.63 -39.54 -2.03
N ALA P 34 15.25 -38.46 -1.58
CA ALA P 34 16.67 -38.46 -1.27
C ALA P 34 17.03 -39.55 -0.28
N LEU P 35 16.25 -39.64 0.80
CA LEU P 35 16.41 -40.71 1.77
C LEU P 35 16.25 -42.08 1.12
N LEU P 36 15.21 -42.24 0.32
CA LEU P 36 14.88 -43.52 -0.28
C LEU P 36 16.01 -43.99 -1.20
N ILE P 37 16.60 -43.05 -1.93
CA ILE P 37 17.72 -43.36 -2.80
C ILE P 37 18.92 -43.87 -2.02
N ALA P 38 19.24 -43.19 -0.92
CA ALA P 38 20.32 -43.60 -0.05
C ALA P 38 20.04 -44.97 0.57
N LYS P 39 18.79 -45.20 0.93
CA LYS P 39 18.38 -46.48 1.51
C LYS P 39 18.54 -47.62 0.51
N VAL P 40 18.15 -47.35 -0.73
CA VAL P 40 18.25 -48.35 -1.78
C VAL P 40 19.72 -48.70 -2.08
N SER P 41 20.56 -47.68 -2.08
CA SER P 41 21.99 -47.87 -2.28
C SER P 41 22.59 -48.68 -1.13
N GLY P 42 22.35 -48.24 0.10
CA GLY P 42 22.83 -48.94 1.28
C GLY P 42 24.30 -48.66 1.52
N THR P 43 24.77 -47.51 1.04
CA THR P 43 26.18 -47.14 1.15
C THR P 43 26.33 -45.85 1.96
N THR P 44 27.47 -45.72 2.64
CA THR P 44 27.77 -44.50 3.39
C THR P 44 27.85 -43.29 2.48
N GLU P 45 28.43 -43.48 1.29
CA GLU P 45 28.53 -42.41 0.31
C GLU P 45 27.16 -41.86 -0.06
N ALA P 46 26.23 -42.76 -0.36
CA ALA P 46 24.87 -42.36 -0.74
C ALA P 46 24.20 -41.59 0.39
N VAL P 47 24.39 -42.05 1.62
CA VAL P 47 23.87 -41.36 2.79
C VAL P 47 24.40 -39.95 2.90
N LYS P 48 25.72 -39.81 2.74
CA LYS P 48 26.35 -38.50 2.77
C LYS P 48 25.82 -37.60 1.66
N LEU P 49 25.65 -38.16 0.47
CA LEU P 49 25.14 -37.41 -0.67
C LEU P 49 23.72 -36.95 -0.44
N ALA P 50 22.90 -37.81 0.17
CA ALA P 50 21.53 -37.46 0.51
C ALA P 50 21.48 -36.33 1.53
N LEU P 51 22.39 -36.36 2.49
CA LEU P 51 22.50 -35.29 3.47
C LEU P 51 22.95 -33.99 2.82
N GLU P 52 23.79 -34.09 1.81
CA GLU P 52 24.19 -32.93 1.01
C GLU P 52 23.01 -32.32 0.29
N VAL P 53 22.17 -33.18 -0.29
CA VAL P 53 20.93 -32.74 -0.91
C VAL P 53 20.07 -31.95 0.08
N VAL P 54 19.87 -32.52 1.26
CA VAL P 54 19.06 -31.88 2.29
C VAL P 54 19.62 -30.51 2.66
N ALA P 55 20.94 -30.46 2.84
CA ALA P 55 21.61 -29.20 3.18
C ALA P 55 21.32 -28.13 2.14
N ARG P 56 21.52 -28.46 0.88
CA ARG P 56 21.34 -27.51 -0.22
C ARG P 56 19.92 -26.94 -0.21
N VAL P 57 18.95 -27.83 -0.03
CA VAL P 57 17.54 -27.43 -0.05
C VAL P 57 17.22 -26.50 1.11
N ALA P 58 17.65 -26.88 2.31
CA ALA P 58 17.35 -26.12 3.51
C ALA P 58 18.02 -24.75 3.49
N ILE P 59 19.24 -24.72 2.96
CA ILE P 59 19.98 -23.47 2.86
C ILE P 59 19.27 -22.49 1.94
N GLU P 60 18.87 -22.96 0.76
CA GLU P 60 18.20 -22.11 -0.22
C GLU P 60 16.80 -21.74 0.24
N ALA P 61 16.14 -22.67 0.93
CA ALA P 61 14.83 -22.41 1.50
C ALA P 61 14.90 -21.32 2.58
N ALA P 62 15.93 -21.39 3.41
CA ALA P 62 16.17 -20.38 4.43
C ALA P 62 16.43 -19.01 3.80
N ARG P 63 17.19 -19.00 2.71
CA ARG P 63 17.46 -17.78 1.96
C ARG P 63 16.18 -17.24 1.32
N ARG P 64 15.34 -18.15 0.82
CA ARG P 64 14.06 -17.78 0.24
C ARG P 64 13.11 -17.25 1.30
N GLY P 65 13.19 -17.82 2.50
CA GLY P 65 12.29 -17.46 3.58
C GLY P 65 11.32 -18.58 3.89
N ASN P 66 11.47 -19.70 3.19
CA ASN P 66 10.58 -20.84 3.37
C ASN P 66 11.01 -21.67 4.58
N THR P 67 10.75 -21.14 5.78
CA THR P 67 11.20 -21.78 7.01
C THR P 67 10.56 -23.15 7.19
N ASP P 68 9.32 -23.28 6.73
CA ASP P 68 8.59 -24.54 6.83
C ASP P 68 9.36 -25.66 6.14
N ALA P 69 9.83 -25.38 4.92
CA ALA P 69 10.63 -26.35 4.17
C ALA P 69 11.93 -26.66 4.89
N VAL P 70 12.54 -25.63 5.48
CA VAL P 70 13.76 -25.80 6.24
C VAL P 70 13.56 -26.75 7.41
N ARG P 71 12.48 -26.55 8.16
CA ARG P 71 12.17 -27.39 9.31
C ARG P 71 12.05 -28.85 8.91
N GLU P 72 11.33 -29.11 7.82
CA GLU P 72 11.18 -30.46 7.30
C GLU P 72 12.52 -31.05 6.90
N ALA P 73 13.32 -30.28 6.18
CA ALA P 73 14.62 -30.74 5.73
C ALA P 73 15.54 -31.09 6.89
N LEU P 74 15.49 -30.28 7.93
CA LEU P 74 16.29 -30.52 9.13
C LEU P 74 15.91 -31.83 9.79
N GLU P 75 14.61 -32.11 9.84
CA GLU P 75 14.12 -33.37 10.38
C GLU P 75 14.57 -34.55 9.52
N VAL P 76 14.52 -34.37 8.20
CA VAL P 76 14.94 -35.41 7.28
C VAL P 76 16.42 -35.74 7.44
N ALA P 77 17.23 -34.71 7.65
CA ALA P 77 18.66 -34.89 7.91
C ALA P 77 18.87 -35.86 9.07
N LEU P 78 18.15 -35.63 10.17
CA LEU P 78 18.18 -36.55 11.30
C LEU P 78 17.76 -37.96 10.89
N GLU P 79 16.67 -38.05 10.14
CA GLU P 79 16.12 -39.34 9.76
C GLU P 79 17.09 -40.12 8.90
N ILE P 80 17.80 -39.42 8.03
CA ILE P 80 18.82 -40.04 7.18
C ILE P 80 19.94 -40.65 8.02
N ALA P 81 20.41 -39.89 9.00
CA ALA P 81 21.43 -40.38 9.92
C ALA P 81 20.93 -41.57 10.72
N ARG P 82 19.67 -41.51 11.12
CA ARG P 82 19.05 -42.61 11.86
C ARG P 82 18.97 -43.87 11.00
N GLU P 83 18.63 -43.70 9.73
CA GLU P 83 18.53 -44.81 8.80
C GLU P 83 19.89 -45.48 8.60
N SER P 84 20.94 -44.66 8.50
CA SER P 84 22.29 -45.18 8.40
C SER P 84 22.69 -45.93 9.66
N GLY P 85 22.49 -45.30 10.82
CA GLY P 85 22.80 -45.93 12.09
C GLY P 85 24.29 -45.88 12.39
N THR P 86 24.97 -44.90 11.80
CA THR P 86 26.41 -44.77 11.97
C THR P 86 26.77 -43.44 12.63
N THR P 87 27.87 -43.41 13.36
CA THR P 87 28.36 -42.19 13.98
C THR P 87 28.71 -41.14 12.94
N GLU P 88 29.31 -41.59 11.84
CA GLU P 88 29.66 -40.69 10.75
C GLU P 88 28.44 -39.97 10.20
N ALA P 89 27.38 -40.72 9.95
CA ALA P 89 26.15 -40.15 9.41
C ALA P 89 25.57 -39.11 10.36
N VAL P 90 25.62 -39.40 11.66
CA VAL P 90 25.18 -38.46 12.68
C VAL P 90 25.98 -37.16 12.62
N LYS P 91 27.29 -37.28 12.52
CA LYS P 91 28.17 -36.13 12.38
C LYS P 91 27.84 -35.33 11.12
N LEU P 92 27.61 -36.06 10.03
CA LEU P 92 27.28 -35.42 8.75
C LEU P 92 25.96 -34.68 8.83
N ALA P 93 24.99 -35.27 9.51
CA ALA P 93 23.69 -34.62 9.71
C ALA P 93 23.82 -33.36 10.53
N LEU P 94 24.69 -33.40 11.54
CA LEU P 94 24.97 -32.21 12.34
C LEU P 94 25.67 -31.14 11.52
N GLU P 95 26.52 -31.57 10.59
CA GLU P 95 27.15 -30.66 9.65
C GLU P 95 26.13 -29.98 8.77
N VAL P 96 25.15 -30.74 8.29
CA VAL P 96 24.04 -30.18 7.54
C VAL P 96 23.32 -29.10 8.33
N VAL P 97 22.98 -29.41 9.58
CA VAL P 97 22.30 -28.46 10.45
C VAL P 97 23.12 -27.18 10.62
N ALA P 98 24.42 -27.35 10.86
CA ALA P 98 25.32 -26.22 11.01
C ALA P 98 25.26 -25.30 9.80
N ARG P 99 25.41 -25.88 8.61
CA ARG P 99 25.42 -25.11 7.38
C ARG P 99 24.15 -24.29 7.22
N VAL P 100 23.01 -24.91 7.51
CA VAL P 100 21.72 -24.25 7.36
C VAL P 100 21.57 -23.09 8.34
N ALA P 101 21.90 -23.35 9.60
CA ALA P 101 21.73 -22.35 10.65
C ALA P 101 22.66 -21.17 10.43
N ILE P 102 23.88 -21.46 9.98
CA ILE P 102 24.86 -20.42 9.71
C ILE P 102 24.38 -19.48 8.60
N GLU P 103 23.93 -20.07 7.50
CA GLU P 103 23.47 -19.29 6.36
C GLU P 103 22.15 -18.58 6.67
N ALA P 104 21.31 -19.23 7.46
CA ALA P 104 20.06 -18.62 7.92
C ALA P 104 20.33 -17.42 8.80
N ALA P 105 21.31 -17.54 9.69
CA ALA P 105 21.71 -16.42 10.55
C ALA P 105 22.27 -15.27 9.73
N ARG P 106 23.04 -15.60 8.70
CA ARG P 106 23.56 -14.59 7.79
C ARG P 106 22.46 -13.94 6.98
N ARG P 107 21.47 -14.76 6.59
CA ARG P 107 20.32 -14.25 5.86
C ARG P 107 19.44 -13.37 6.74
N GLY P 108 19.37 -13.72 8.02
CA GLY P 108 18.51 -13.00 8.96
C GLY P 108 17.33 -13.85 9.40
N ASN P 109 17.28 -15.07 8.90
CA ASN P 109 16.17 -15.98 9.22
C ASN P 109 16.40 -16.66 10.57
N THR P 110 16.25 -15.89 11.65
CA THR P 110 16.54 -16.38 12.98
C THR P 110 15.63 -17.53 13.36
N GLU P 111 14.39 -17.50 12.88
CA GLU P 111 13.43 -18.56 13.14
C GLU P 111 13.95 -19.91 12.68
N ALA P 112 14.50 -19.94 11.47
CA ALA P 112 15.10 -21.15 10.93
C ALA P 112 16.30 -21.59 11.76
N VAL P 113 17.08 -20.62 12.21
CA VAL P 113 18.24 -20.89 13.06
C VAL P 113 17.81 -21.58 14.35
N VAL P 114 16.79 -21.04 15.00
CA VAL P 114 16.28 -21.59 16.25
C VAL P 114 15.88 -23.06 16.08
N GLU P 115 15.16 -23.34 15.00
CA GLU P 115 14.74 -24.71 14.70
C GLU P 115 15.95 -25.62 14.49
N ALA P 116 16.91 -25.15 13.70
CA ALA P 116 18.10 -25.92 13.39
C ALA P 116 18.89 -26.24 14.65
N LEU P 117 19.00 -25.25 15.54
CA LEU P 117 19.71 -25.43 16.80
C LEU P 117 19.06 -26.52 17.65
N LEU P 118 17.73 -26.53 17.68
CA LEU P 118 16.99 -27.55 18.41
C LEU P 118 17.20 -28.92 17.78
N VAL P 119 17.23 -28.97 16.45
CA VAL P 119 17.42 -30.23 15.73
C VAL P 119 18.80 -30.81 16.02
N ALA P 120 19.81 -29.93 16.09
CA ALA P 120 21.16 -30.34 16.46
C ALA P 120 21.15 -31.13 17.76
N LEU P 121 20.47 -30.60 18.77
CA LEU P 121 20.30 -31.29 20.03
C LEU P 121 19.63 -32.64 19.83
N GLU P 122 18.55 -32.66 19.06
CA GLU P 122 17.76 -33.86 18.85
C GLU P 122 18.58 -34.95 18.19
N ILE P 123 19.41 -34.55 17.24
CA ILE P 123 20.30 -35.49 16.56
C ILE P 123 21.27 -36.15 17.53
N ALA P 124 21.88 -35.34 18.39
CA ALA P 124 22.78 -35.84 19.41
C ALA P 124 22.05 -36.77 20.38
N LYS P 125 20.81 -36.41 20.71
CA LYS P 125 19.98 -37.23 21.58
C LYS P 125 19.67 -38.58 20.94
N GLU P 126 19.40 -38.56 19.64
CA GLU P 126 19.10 -39.78 18.91
C GLU P 126 20.30 -40.71 18.88
N SER P 127 21.49 -40.15 18.70
CA SER P 127 22.73 -40.91 18.76
C SER P 127 22.95 -41.49 20.15
N GLY P 128 22.86 -40.64 21.16
CA GLY P 128 23.01 -41.07 22.54
C GLY P 128 24.48 -41.27 22.90
N THR P 129 25.35 -40.57 22.20
CA THR P 129 26.79 -40.68 22.42
C THR P 129 27.39 -39.34 22.86
N GLU P 130 28.47 -39.41 23.63
CA GLU P 130 29.18 -38.21 24.07
C GLU P 130 29.72 -37.44 22.87
N GLU P 131 30.25 -38.16 21.90
CA GLU P 131 30.78 -37.54 20.69
C GLU P 131 29.73 -36.71 19.98
N ALA P 132 28.55 -37.29 19.79
CA ALA P 132 27.46 -36.59 19.11
C ALA P 132 27.06 -35.33 19.86
N VAL P 133 27.02 -35.41 21.18
CA VAL P 133 26.73 -34.25 22.02
C VAL P 133 27.77 -33.15 21.80
N ARG P 134 29.04 -33.52 21.82
CA ARG P 134 30.12 -32.57 21.59
C ARG P 134 30.02 -31.96 20.20
N LEU P 135 29.69 -32.78 19.22
CA LEU P 135 29.53 -32.32 17.85
C LEU P 135 28.38 -31.33 17.73
N ALA P 136 27.29 -31.62 18.44
CA ALA P 136 26.14 -30.73 18.46
C ALA P 136 26.49 -29.38 19.09
N LEU P 137 27.32 -29.42 20.13
CA LEU P 137 27.81 -28.20 20.76
C LEU P 137 28.70 -27.41 19.81
N GLU P 138 29.46 -28.12 18.99
CA GLU P 138 30.27 -27.50 17.95
C GLU P 138 29.39 -26.80 16.92
N VAL P 139 28.31 -27.46 16.53
CA VAL P 139 27.33 -26.86 15.62
C VAL P 139 26.80 -25.55 16.18
N VAL P 140 26.36 -25.58 17.44
CA VAL P 140 25.84 -24.39 18.09
C VAL P 140 26.88 -23.28 18.13
N LYS P 141 28.10 -23.64 18.49
CA LYS P 141 29.20 -22.68 18.53
C LYS P 141 29.38 -21.98 17.19
N ARG P 142 29.45 -22.78 16.13
CA ARG P 142 29.65 -22.24 14.78
C ARG P 142 28.59 -21.22 14.43
N VAL P 143 27.34 -21.53 14.77
CA VAL P 143 26.22 -20.64 14.47
C VAL P 143 26.34 -19.33 15.21
N SER P 144 26.64 -19.39 16.51
CA SER P 144 26.74 -18.21 17.34
C SER P 144 27.93 -17.34 16.92
N ASN P 145 29.01 -17.99 16.51
CA ASN P 145 30.20 -17.27 16.05
C ASN P 145 29.91 -16.47 14.80
N GLU P 146 29.32 -17.13 13.80
CA GLU P 146 29.03 -16.49 12.53
C GLU P 146 27.89 -15.49 12.65
N ALA P 147 26.93 -15.80 13.52
CA ALA P 147 25.84 -14.88 13.83
C ALA P 147 26.36 -13.60 14.47
N LEU P 148 27.33 -13.75 15.36
CA LEU P 148 27.98 -12.61 15.99
C LEU P 148 28.71 -11.75 14.96
N LYS P 149 29.34 -12.40 13.99
CA LYS P 149 30.00 -11.70 12.90
C LYS P 149 28.99 -10.95 12.04
N GLN P 150 27.85 -11.56 11.80
CA GLN P 150 26.78 -10.93 11.03
C GLN P 150 26.15 -9.78 11.80
N GLY P 151 26.03 -9.95 13.12
CA GLY P 151 25.36 -8.97 13.97
C GLY P 151 24.03 -9.50 14.48
N ASN P 152 23.74 -10.77 14.17
CA ASN P 152 22.48 -11.38 14.55
C ASN P 152 22.49 -11.80 16.01
N VAL P 153 22.36 -10.84 16.91
CA VAL P 153 22.47 -11.09 18.34
C VAL P 153 21.37 -12.06 18.81
N ASP P 154 20.21 -11.96 18.19
CA ASP P 154 19.09 -12.83 18.53
C ASP P 154 19.45 -14.30 18.37
N ALA P 155 20.07 -14.62 17.24
CA ALA P 155 20.52 -15.98 16.98
C ALA P 155 21.58 -16.41 17.99
N VAL P 156 22.48 -15.49 18.32
CA VAL P 156 23.52 -15.77 19.31
C VAL P 156 22.92 -16.11 20.67
N LYS P 157 21.95 -15.31 21.11
CA LYS P 157 21.28 -15.55 22.39
C LYS P 157 20.62 -16.92 22.41
N VAL P 158 19.91 -17.24 21.34
CA VAL P 158 19.25 -18.54 21.23
C VAL P 158 20.26 -19.68 21.26
N ALA P 159 21.36 -19.51 20.53
CA ALA P 159 22.40 -20.53 20.46
C ALA P 159 22.98 -20.81 21.85
N LEU P 160 23.18 -19.75 22.62
CA LEU P 160 23.72 -19.87 23.96
C LEU P 160 22.79 -20.69 24.85
N GLU P 161 21.48 -20.45 24.73
CA GLU P 161 20.49 -21.20 25.48
C GLU P 161 20.47 -22.66 25.06
N VAL P 162 20.55 -22.91 23.77
CA VAL P 162 20.57 -24.27 23.24
C VAL P 162 21.81 -25.02 23.68
N ARG P 163 22.95 -24.33 23.66
CA ARG P 163 24.19 -24.90 24.15
C ARG P 163 24.04 -25.48 25.55
N LYS P 164 23.45 -24.69 26.45
CA LYS P 164 23.13 -25.16 27.79
C LYS P 164 22.23 -26.38 27.74
N MET P 165 21.17 -26.28 26.94
CA MET P 165 20.16 -27.34 26.87
C MET P 165 20.78 -28.66 26.44
N ILE P 166 21.71 -28.59 25.49
CA ILE P 166 22.43 -29.78 25.03
C ILE P 166 23.23 -30.41 26.16
N GLU P 167 23.94 -29.58 26.91
CA GLU P 167 24.71 -30.05 28.05
C GLU P 167 23.79 -30.66 29.11
N GLU P 168 22.63 -30.04 29.31
CA GLU P 168 21.65 -30.55 30.24
C GLU P 168 21.11 -31.92 29.81
N LEU P 169 20.89 -32.07 28.51
CA LEU P 169 20.41 -33.33 27.96
C LEU P 169 21.44 -34.44 28.15
N SER P 170 22.71 -34.10 27.96
CA SER P 170 23.80 -35.04 28.20
C SER P 170 23.87 -35.44 29.67
N GLY P 171 23.85 -34.44 30.55
CA GLY P 171 23.90 -34.69 31.99
C GLY P 171 25.31 -34.98 32.45
N THR Q 1 -0.61 -67.58 5.58
CA THR Q 1 -0.16 -66.33 6.19
C THR Q 1 0.47 -65.41 5.16
N LYS Q 2 1.50 -65.89 4.48
CA LYS Q 2 2.22 -65.09 3.49
C LYS Q 2 1.28 -64.61 2.39
N GLU Q 3 0.50 -65.54 1.85
CA GLU Q 3 -0.41 -65.22 0.75
C GLU Q 3 -1.42 -64.15 1.16
N GLU Q 4 -1.94 -64.30 2.38
CA GLU Q 4 -2.88 -63.31 2.92
C GLU Q 4 -2.21 -61.94 3.03
N ARG Q 5 -0.99 -61.91 3.55
CA ARG Q 5 -0.24 -60.67 3.67
C ARG Q 5 -0.05 -60.00 2.32
N VAL Q 6 0.28 -60.80 1.31
CA VAL Q 6 0.51 -60.29 -0.03
C VAL Q 6 -0.77 -59.69 -0.62
N LEU Q 7 -1.89 -60.36 -0.38
CA LEU Q 7 -3.19 -59.87 -0.85
C LEU Q 7 -3.58 -58.60 -0.11
N LEU Q 8 -3.26 -58.53 1.18
CA LEU Q 8 -3.51 -57.33 1.98
C LEU Q 8 -2.66 -56.17 1.49
N MET Q 9 -1.44 -56.48 1.06
CA MET Q 9 -0.57 -55.47 0.46
C MET Q 9 -1.17 -54.91 -0.82
N LYS Q 10 -1.73 -55.79 -1.65
CA LYS Q 10 -2.47 -55.37 -2.84
C LYS Q 10 -3.60 -54.43 -2.48
N VAL Q 11 -4.39 -54.81 -1.48
CA VAL Q 11 -5.52 -54.00 -1.04
C VAL Q 11 -5.06 -52.62 -0.60
N ALA Q 12 -4.00 -52.57 0.20
CA ALA Q 12 -3.43 -51.31 0.68
C ALA Q 12 -3.08 -50.40 -0.48
N ILE Q 13 -2.31 -50.92 -1.43
CA ILE Q 13 -1.84 -50.13 -2.56
C ILE Q 13 -3.00 -49.56 -3.35
N LEU Q 14 -4.02 -50.38 -3.59
CA LEU Q 14 -5.18 -49.97 -4.35
C LEU Q 14 -5.96 -48.88 -3.64
N ALA Q 15 -6.19 -49.07 -2.35
CA ALA Q 15 -6.98 -48.13 -1.56
C ALA Q 15 -6.26 -46.80 -1.43
N ILE Q 16 -4.94 -46.85 -1.28
CA ILE Q 16 -4.13 -45.64 -1.18
C ILE Q 16 -4.24 -44.80 -2.45
N VAL Q 17 -4.09 -45.45 -3.60
CA VAL Q 17 -4.16 -44.76 -4.88
C VAL Q 17 -5.57 -44.26 -5.17
N ALA Q 18 -6.56 -45.03 -4.76
CA ALA Q 18 -7.95 -44.63 -4.89
C ALA Q 18 -8.25 -43.38 -4.06
N ALA Q 19 -7.72 -43.34 -2.84
CA ALA Q 19 -7.87 -42.19 -1.97
C ALA Q 19 -7.19 -40.96 -2.58
N LYS Q 20 -6.03 -41.16 -3.20
CA LYS Q 20 -5.32 -40.09 -3.88
C LYS Q 20 -6.10 -39.60 -5.09
N LYS Q 21 -6.73 -40.52 -5.80
CA LYS Q 21 -7.58 -40.17 -6.93
C LYS Q 21 -8.84 -39.45 -6.48
N GLY Q 22 -9.35 -39.82 -5.31
CA GLY Q 22 -10.56 -39.24 -4.77
C GLY Q 22 -11.71 -40.24 -4.78
N ASN Q 23 -11.42 -41.46 -5.21
CA ASN Q 23 -12.43 -42.51 -5.30
C ASN Q 23 -12.66 -43.17 -3.94
N THR Q 24 -13.32 -42.44 -3.05
CA THR Q 24 -13.54 -42.91 -1.68
C THR Q 24 -14.36 -44.19 -1.66
N ASP Q 25 -15.29 -44.31 -2.60
CA ASP Q 25 -16.13 -45.50 -2.71
C ASP Q 25 -15.27 -46.75 -2.89
N GLU Q 26 -14.28 -46.68 -3.76
CA GLU Q 26 -13.36 -47.79 -3.97
C GLU Q 26 -12.55 -48.07 -2.72
N VAL Q 27 -12.14 -47.02 -2.03
CA VAL Q 27 -11.40 -47.15 -0.78
C VAL Q 27 -12.21 -47.93 0.25
N ARG Q 28 -13.48 -47.58 0.38
CA ARG Q 28 -14.36 -48.25 1.33
C ARG Q 28 -14.44 -49.75 1.04
N LYS Q 29 -14.58 -50.09 -0.24
CA LYS Q 29 -14.62 -51.49 -0.65
C LYS Q 29 -13.33 -52.21 -0.28
N ALA Q 30 -12.20 -51.58 -0.60
CA ALA Q 30 -10.89 -52.17 -0.33
C ALA Q 30 -10.68 -52.38 1.17
N LEU Q 31 -11.13 -51.42 1.96
CA LEU Q 31 -11.05 -51.52 3.41
C LEU Q 31 -11.85 -52.70 3.93
N GLU Q 32 -13.02 -52.92 3.34
CA GLU Q 32 -13.84 -54.07 3.68
C GLU Q 32 -13.15 -55.37 3.30
N LEU Q 33 -12.49 -55.37 2.14
CA LEU Q 33 -11.77 -56.53 1.66
C LEU Q 33 -10.65 -56.92 2.61
N ALA Q 34 -9.94 -55.92 3.13
CA ALA Q 34 -8.91 -56.14 4.13
C ALA Q 34 -9.47 -56.90 5.33
N LEU Q 35 -10.62 -56.43 5.83
CA LEU Q 35 -11.31 -57.11 6.92
C LEU Q 35 -11.66 -58.55 6.54
N LEU Q 36 -12.22 -58.71 5.34
CA LEU Q 36 -12.69 -60.02 4.90
C LEU Q 36 -11.54 -61.02 4.80
N ILE Q 37 -10.39 -60.54 4.36
CA ILE Q 37 -9.19 -61.38 4.27
C ILE Q 37 -8.76 -61.85 5.65
N ALA Q 38 -8.73 -60.92 6.61
CA ALA Q 38 -8.38 -61.26 7.98
C ALA Q 38 -9.39 -62.23 8.58
N LYS Q 39 -10.66 -62.03 8.26
CA LYS Q 39 -11.72 -62.91 8.75
C LYS Q 39 -11.57 -64.32 8.20
N VAL Q 40 -11.24 -64.43 6.92
CA VAL Q 40 -11.06 -65.71 6.28
C VAL Q 40 -9.87 -66.46 6.87
N SER Q 41 -8.80 -65.72 7.14
CA SER Q 41 -7.61 -66.30 7.77
C SER Q 41 -7.92 -66.78 9.18
N GLY Q 42 -8.51 -65.92 9.98
CA GLY Q 42 -8.90 -66.25 11.34
C GLY Q 42 -7.69 -66.26 12.28
N THR Q 43 -6.68 -65.49 11.92
CA THR Q 43 -5.45 -65.42 12.71
C THR Q 43 -5.19 -64.01 13.22
N THR Q 44 -4.51 -63.93 14.37
CA THR Q 44 -4.15 -62.63 14.94
C THR Q 44 -3.23 -61.86 14.01
N GLU Q 45 -2.31 -62.56 13.36
CA GLU Q 45 -1.39 -61.94 12.41
C GLU Q 45 -2.16 -61.24 11.29
N ALA Q 46 -3.11 -61.95 10.71
CA ALA Q 46 -3.90 -61.41 9.61
C ALA Q 46 -4.67 -60.17 10.05
N VAL Q 47 -5.22 -60.22 11.25
CA VAL Q 47 -5.92 -59.08 11.82
C VAL Q 47 -5.00 -57.87 11.95
N LYS Q 48 -3.81 -58.09 12.49
CA LYS Q 48 -2.81 -57.04 12.62
C LYS Q 48 -2.43 -56.47 11.26
N LEU Q 49 -2.25 -57.35 10.28
CA LEU Q 49 -1.88 -56.93 8.93
C LEU Q 49 -2.98 -56.10 8.29
N ALA Q 50 -4.23 -56.49 8.52
CA ALA Q 50 -5.38 -55.75 8.00
C ALA Q 50 -5.45 -54.35 8.63
N LEU Q 51 -5.13 -54.27 9.91
CA LEU Q 51 -5.08 -52.99 10.61
C LEU Q 51 -3.95 -52.12 10.08
N GLU Q 52 -2.85 -52.76 9.70
CA GLU Q 52 -1.74 -52.06 9.06
C GLU Q 52 -2.17 -51.48 7.71
N VAL Q 53 -2.91 -52.26 6.94
CA VAL Q 53 -3.48 -51.77 5.68
C VAL Q 53 -4.33 -50.53 5.91
N VAL Q 54 -5.23 -50.60 6.89
CA VAL Q 54 -6.12 -49.48 7.21
C VAL Q 54 -5.31 -48.24 7.57
N ALA Q 55 -4.30 -48.43 8.41
CA ALA Q 55 -3.43 -47.32 8.83
C ALA Q 55 -2.81 -46.63 7.62
N ARG Q 56 -2.21 -47.42 6.74
CA ARG Q 56 -1.53 -46.86 5.57
C ARG Q 56 -2.47 -46.03 4.72
N VAL Q 57 -3.68 -46.55 4.50
CA VAL Q 57 -4.67 -45.87 3.68
C VAL Q 57 -5.11 -44.56 4.31
N ALA Q 58 -5.43 -44.59 5.60
CA ALA Q 58 -5.92 -43.43 6.31
C ALA Q 58 -4.87 -42.34 6.40
N ILE Q 59 -3.62 -42.76 6.60
CA ILE Q 59 -2.49 -41.83 6.69
C ILE Q 59 -2.31 -41.08 5.38
N GLU Q 60 -2.28 -41.81 4.27
CA GLU Q 60 -2.09 -41.22 2.96
C GLU Q 60 -3.31 -40.41 2.53
N ALA Q 61 -4.48 -40.87 2.92
CA ALA Q 61 -5.72 -40.13 2.66
C ALA Q 61 -5.73 -38.80 3.39
N ALA Q 62 -5.27 -38.81 4.64
CA ALA Q 62 -5.16 -37.59 5.43
C ALA Q 62 -4.16 -36.62 4.82
N ARG Q 63 -3.06 -37.17 4.31
CA ARG Q 63 -2.06 -36.36 3.62
C ARG Q 63 -2.61 -35.80 2.32
N ARG Q 64 -3.41 -36.60 1.62
CA ARG Q 64 -4.07 -36.16 0.40
C ARG Q 64 -5.12 -35.10 0.68
N GLY Q 65 -5.80 -35.24 1.81
CA GLY Q 65 -6.88 -34.33 2.17
C GLY Q 65 -8.23 -35.03 2.11
N ASN Q 66 -8.21 -36.32 1.80
CA ASN Q 66 -9.43 -37.10 1.69
C ASN Q 66 -9.93 -37.54 3.06
N THR Q 67 -10.47 -36.60 3.82
CA THR Q 67 -10.88 -36.86 5.20
C THR Q 67 -12.00 -37.90 5.25
N ASP Q 68 -12.85 -37.89 4.23
CA ASP Q 68 -13.96 -38.84 4.15
C ASP Q 68 -13.44 -40.27 4.17
N ALA Q 69 -12.41 -40.55 3.37
CA ALA Q 69 -11.78 -41.86 3.34
C ALA Q 69 -11.15 -42.20 4.68
N VAL Q 70 -10.54 -41.21 5.31
CA VAL Q 70 -9.93 -41.39 6.62
C VAL Q 70 -10.97 -41.81 7.66
N ARG Q 71 -12.11 -41.13 7.66
CA ARG Q 71 -13.18 -41.44 8.60
C ARG Q 71 -13.64 -42.87 8.45
N GLU Q 72 -13.84 -43.31 7.22
CA GLU Q 72 -14.24 -44.68 6.94
C GLU Q 72 -13.19 -45.67 7.44
N ALA Q 73 -11.93 -45.39 7.12
CA ALA Q 73 -10.83 -46.27 7.50
C ALA Q 73 -10.73 -46.40 9.02
N LEU Q 74 -10.93 -45.29 9.72
CA LEU Q 74 -10.90 -45.29 11.18
C LEU Q 74 -11.99 -46.17 11.76
N GLU Q 75 -13.17 -46.13 11.15
CA GLU Q 75 -14.29 -46.98 11.56
C GLU Q 75 -13.97 -48.45 11.29
N VAL Q 76 -13.35 -48.71 10.15
CA VAL Q 76 -12.99 -50.08 9.79
C VAL Q 76 -11.97 -50.66 10.76
N ALA Q 77 -11.02 -49.83 11.18
CA ALA Q 77 -10.05 -50.23 12.19
C ALA Q 77 -10.75 -50.77 13.43
N LEU Q 78 -11.73 -50.04 13.92
CA LEU Q 78 -12.54 -50.49 15.04
C LEU Q 78 -13.22 -51.82 14.72
N GLU Q 79 -13.83 -51.90 13.54
CA GLU Q 79 -14.58 -53.08 13.15
C GLU Q 79 -13.70 -54.31 13.09
N ILE Q 80 -12.47 -54.13 12.62
CA ILE Q 80 -11.49 -55.22 12.57
C ILE Q 80 -11.18 -55.74 13.96
N ALA Q 81 -10.94 -54.83 14.89
CA ALA Q 81 -10.70 -55.20 16.28
C ALA Q 81 -11.90 -55.91 16.89
N ARG Q 82 -13.09 -55.43 16.55
CA ARG Q 82 -14.33 -56.04 17.02
C ARG Q 82 -14.48 -57.45 16.49
N GLU Q 83 -14.13 -57.65 15.22
CA GLU Q 83 -14.21 -58.96 14.60
C GLU Q 83 -13.27 -59.95 15.26
N SER Q 84 -12.06 -59.49 15.59
CA SER Q 84 -11.10 -60.29 16.32
C SER Q 84 -11.61 -60.64 17.71
N GLY Q 85 -12.05 -59.63 18.45
CA GLY Q 85 -12.61 -59.84 19.78
C GLY Q 85 -11.50 -60.04 20.81
N THR Q 86 -10.31 -59.51 20.52
CA THR Q 86 -9.17 -59.65 21.40
C THR Q 86 -8.68 -58.30 21.89
N THR Q 87 -8.08 -58.28 23.08
CA THR Q 87 -7.51 -57.07 23.64
C THR Q 87 -6.37 -56.53 22.77
N GLU Q 88 -5.56 -57.46 22.26
CA GLU Q 88 -4.46 -57.09 21.38
C GLU Q 88 -4.94 -56.34 20.16
N ALA Q 89 -5.98 -56.87 19.51
CA ALA Q 89 -6.53 -56.25 18.33
C ALA Q 89 -7.05 -54.84 18.62
N VAL Q 90 -7.68 -54.68 19.78
CA VAL Q 90 -8.14 -53.37 20.22
C VAL Q 90 -6.98 -52.40 20.37
N LYS Q 91 -5.91 -52.84 21.01
CA LYS Q 91 -4.71 -52.03 21.15
C LYS Q 91 -4.14 -51.67 19.79
N LEU Q 92 -4.10 -52.64 18.89
CA LEU Q 92 -3.56 -52.42 17.55
C LEU Q 92 -4.40 -51.41 16.77
N ALA Q 93 -5.72 -51.49 16.93
CA ALA Q 93 -6.63 -50.55 16.30
C ALA Q 93 -6.42 -49.13 16.83
N LEU Q 94 -6.17 -49.03 18.13
CA LEU Q 94 -5.85 -47.74 18.74
C LEU Q 94 -4.52 -47.21 18.24
N GLU Q 95 -3.59 -48.11 18.00
CA GLU Q 95 -2.31 -47.74 17.39
C GLU Q 95 -2.50 -47.18 16.00
N VAL Q 96 -3.38 -47.81 15.22
CA VAL Q 96 -3.75 -47.30 13.90
C VAL Q 96 -4.28 -45.87 13.99
N VAL Q 97 -5.22 -45.67 14.90
CA VAL Q 97 -5.81 -44.34 15.09
C VAL Q 97 -4.75 -43.31 15.45
N ALA Q 98 -3.86 -43.68 16.36
CA ALA Q 98 -2.77 -42.80 16.77
C ALA Q 98 -1.94 -42.36 15.57
N ARG Q 99 -1.51 -43.32 14.77
CA ARG Q 99 -0.66 -43.05 13.61
C ARG Q 99 -1.33 -42.06 12.67
N VAL Q 100 -2.61 -42.26 12.41
CA VAL Q 100 -3.36 -41.42 11.49
C VAL Q 100 -3.48 -40.00 12.01
N ALA Q 101 -3.88 -39.88 13.28
CA ALA Q 101 -4.11 -38.57 13.89
C ALA Q 101 -2.81 -37.78 14.00
N ILE Q 102 -1.72 -38.48 14.32
CA ILE Q 102 -0.42 -37.84 14.43
C ILE Q 102 0.03 -37.26 13.09
N GLU Q 103 -0.07 -38.06 12.04
CA GLU Q 103 0.34 -37.64 10.71
C GLU Q 103 -0.61 -36.58 10.16
N ALA Q 104 -1.88 -36.71 10.48
CA ALA Q 104 -2.87 -35.71 10.09
C ALA Q 104 -2.60 -34.37 10.76
N ALA Q 105 -2.25 -34.41 12.04
CA ALA Q 105 -1.89 -33.20 12.76
C ALA Q 105 -0.64 -32.55 12.18
N ARG Q 106 0.33 -33.37 11.79
CA ARG Q 106 1.53 -32.88 11.14
C ARG Q 106 1.22 -32.31 9.76
N ARG Q 107 0.29 -32.96 9.06
CA ARG Q 107 -0.14 -32.48 7.75
C ARG Q 107 -0.93 -31.17 7.87
N GLY Q 108 -1.68 -31.04 8.95
CA GLY Q 108 -2.52 -29.87 9.16
C GLY Q 108 -4.00 -30.23 9.04
N ASN Q 109 -4.28 -31.51 8.80
CA ASN Q 109 -5.65 -31.98 8.66
C ASN Q 109 -6.31 -32.18 10.01
N THR Q 110 -6.63 -31.09 10.69
CA THR Q 110 -7.16 -31.15 12.04
C THR Q 110 -8.51 -31.86 12.07
N GLU Q 111 -9.29 -31.71 11.01
CA GLU Q 111 -10.58 -32.36 10.90
C GLU Q 111 -10.45 -33.87 11.04
N ALA Q 112 -9.49 -34.44 10.33
CA ALA Q 112 -9.21 -35.86 10.41
C ALA Q 112 -8.75 -36.26 11.81
N VAL Q 113 -7.95 -35.40 12.43
CA VAL Q 113 -7.49 -35.62 13.80
C VAL Q 113 -8.66 -35.72 14.76
N VAL Q 114 -9.58 -34.77 14.66
CA VAL Q 114 -10.75 -34.73 15.52
C VAL Q 114 -11.55 -36.03 15.43
N GLU Q 115 -11.77 -36.50 14.20
CA GLU Q 115 -12.47 -37.75 13.97
C GLU Q 115 -11.74 -38.92 14.59
N ALA Q 116 -10.43 -38.98 14.36
CA ALA Q 116 -9.60 -40.07 14.87
C ALA Q 116 -9.64 -40.11 16.40
N LEU Q 117 -9.58 -38.94 17.02
CA LEU Q 117 -9.62 -38.84 18.47
C LEU Q 117 -10.93 -39.39 19.02
N LEU Q 118 -12.03 -39.08 18.34
CA LEU Q 118 -13.34 -39.61 18.73
C LEU Q 118 -13.40 -41.11 18.57
N VAL Q 119 -12.81 -41.62 17.48
CA VAL Q 119 -12.78 -43.05 17.21
C VAL Q 119 -12.01 -43.80 18.28
N ALA Q 120 -10.90 -43.21 18.72
CA ALA Q 120 -10.11 -43.77 19.81
C ALA Q 120 -10.97 -44.04 21.03
N LEU Q 121 -11.77 -43.06 21.41
CA LEU Q 121 -12.74 -43.23 22.50
C LEU Q 121 -13.70 -44.37 22.21
N GLU Q 122 -14.24 -44.39 20.99
CA GLU Q 122 -15.25 -45.38 20.61
C GLU Q 122 -14.68 -46.80 20.68
N ILE Q 123 -13.43 -46.94 20.27
CA ILE Q 123 -12.75 -48.23 20.34
C ILE Q 123 -12.63 -48.72 21.77
N ALA Q 124 -12.22 -47.83 22.67
CA ALA Q 124 -12.13 -48.15 24.08
C ALA Q 124 -13.49 -48.51 24.66
N LYS Q 125 -14.51 -47.78 24.22
CA LYS Q 125 -15.89 -48.05 24.65
C LYS Q 125 -16.35 -49.42 24.18
N GLU Q 126 -16.00 -49.78 22.96
CA GLU Q 126 -16.37 -51.07 22.41
C GLU Q 126 -15.71 -52.22 23.18
N SER Q 127 -14.46 -52.02 23.56
CA SER Q 127 -13.75 -53.00 24.39
C SER Q 127 -14.40 -53.10 25.77
N GLY Q 128 -14.60 -51.96 26.41
CA GLY Q 128 -15.25 -51.92 27.72
C GLY Q 128 -14.29 -52.32 28.83
N THR Q 129 -13.00 -52.12 28.59
CA THR Q 129 -11.97 -52.47 29.55
C THR Q 129 -11.18 -51.24 29.99
N GLU Q 130 -10.67 -51.30 31.22
CA GLU Q 130 -9.84 -50.21 31.75
C GLU Q 130 -8.58 -50.03 30.91
N GLU Q 131 -7.98 -51.15 30.50
CA GLU Q 131 -6.78 -51.11 29.68
C GLU Q 131 -7.02 -50.35 28.39
N ALA Q 132 -8.11 -50.68 27.70
CA ALA Q 132 -8.44 -50.02 26.45
C ALA Q 132 -8.62 -48.52 26.63
N VAL Q 133 -9.28 -48.14 27.73
CA VAL Q 133 -9.46 -46.73 28.06
C VAL Q 133 -8.11 -46.03 28.24
N ARG Q 134 -7.22 -46.66 29.00
CA ARG Q 134 -5.88 -46.12 29.21
C ARG Q 134 -5.13 -46.00 27.89
N LEU Q 135 -5.27 -47.01 27.04
CA LEU Q 135 -4.62 -47.02 25.74
C LEU Q 135 -5.14 -45.90 24.85
N ALA Q 136 -6.45 -45.66 24.92
CA ALA Q 136 -7.07 -44.58 24.18
C ALA Q 136 -6.56 -43.22 24.65
N LEU Q 137 -6.35 -43.09 25.95
CA LEU Q 137 -5.78 -41.88 26.52
C LEU Q 137 -4.34 -41.69 26.07
N GLU Q 138 -3.62 -42.79 25.92
CA GLU Q 138 -2.27 -42.75 25.38
C GLU Q 138 -2.27 -42.26 23.94
N VAL Q 139 -3.22 -42.76 23.15
CA VAL Q 139 -3.40 -42.29 21.78
C VAL Q 139 -3.60 -40.78 21.72
N VAL Q 140 -4.52 -40.28 22.54
CA VAL Q 140 -4.80 -38.86 22.60
C VAL Q 140 -3.56 -38.07 22.99
N LYS Q 141 -2.85 -38.56 24.01
CA LYS Q 141 -1.61 -37.92 24.46
C LYS Q 141 -0.62 -37.77 23.31
N ARG Q 142 -0.38 -38.88 22.61
CA ARG Q 142 0.57 -38.89 21.50
C ARG Q 142 0.24 -37.83 20.47
N VAL Q 143 -1.04 -37.71 20.15
CA VAL Q 143 -1.51 -36.75 19.15
C VAL Q 143 -1.24 -35.33 19.60
N SER Q 144 -1.60 -35.02 20.85
CA SER Q 144 -1.44 -33.68 21.38
C SER Q 144 0.03 -33.30 21.50
N ASN Q 145 0.86 -34.28 21.85
CA ASN Q 145 2.29 -34.05 21.98
C ASN Q 145 2.91 -33.69 20.63
N GLU Q 146 2.63 -34.48 19.61
CA GLU Q 146 3.19 -34.27 18.29
C GLU Q 146 2.57 -33.04 17.62
N ALA Q 147 1.30 -32.81 17.88
CA ALA Q 147 0.61 -31.63 17.40
C ALA Q 147 1.23 -30.36 18.00
N LEU Q 148 1.57 -30.41 19.28
CA LEU Q 148 2.24 -29.31 19.93
C LEU Q 148 3.60 -29.04 19.32
N LYS Q 149 4.30 -30.11 18.95
CA LYS Q 149 5.59 -29.99 18.28
C LYS Q 149 5.42 -29.36 16.90
N GLN Q 150 4.37 -29.74 16.20
CA GLN Q 150 4.07 -29.18 14.88
C GLN Q 150 3.64 -27.72 14.99
N GLY Q 151 2.89 -27.42 16.05
CA GLY Q 151 2.34 -26.08 16.23
C GLY Q 151 0.83 -26.07 16.05
N ASN Q 152 0.26 -27.27 15.85
CA ASN Q 152 -1.17 -27.41 15.61
C ASN Q 152 -1.96 -27.31 16.91
N VAL Q 153 -2.11 -26.09 17.42
CA VAL Q 153 -2.75 -25.87 18.70
C VAL Q 153 -4.21 -26.33 18.68
N ASP Q 154 -4.85 -26.19 17.52
CA ASP Q 154 -6.23 -26.60 17.37
C ASP Q 154 -6.41 -28.08 17.68
N ALA Q 155 -5.52 -28.91 17.14
CA ALA Q 155 -5.54 -30.35 17.40
C ALA Q 155 -5.28 -30.64 18.86
N VAL Q 156 -4.37 -29.88 19.47
CA VAL Q 156 -4.05 -30.04 20.89
C VAL Q 156 -5.27 -29.77 21.75
N LYS Q 157 -5.96 -28.67 21.46
CA LYS Q 157 -7.15 -28.29 22.21
C LYS Q 157 -8.22 -29.37 22.12
N VAL Q 158 -8.44 -29.87 20.91
CA VAL Q 158 -9.40 -30.94 20.69
C VAL Q 158 -9.02 -32.20 21.47
N ALA Q 159 -7.74 -32.56 21.40
CA ALA Q 159 -7.23 -33.74 22.08
C ALA Q 159 -7.46 -33.66 23.58
N LEU Q 160 -7.26 -32.48 24.14
CA LEU Q 160 -7.47 -32.26 25.57
C LEU Q 160 -8.92 -32.49 25.96
N GLU Q 161 -9.84 -32.02 25.12
CA GLU Q 161 -11.26 -32.21 25.35
C GLU Q 161 -11.64 -33.69 25.26
N VAL Q 162 -11.08 -34.37 24.26
CA VAL Q 162 -11.34 -35.80 24.06
C VAL Q 162 -10.80 -36.62 25.22
N ARG Q 163 -9.61 -36.25 25.69
CA ARG Q 163 -9.02 -36.89 26.85
C ARG Q 163 -9.97 -36.91 28.04
N LYS Q 164 -10.56 -35.75 28.33
CA LYS Q 164 -11.59 -35.65 29.36
C LYS Q 164 -12.76 -36.56 29.05
N MET Q 165 -13.23 -36.52 27.81
CA MET Q 165 -14.42 -37.27 27.41
C MET Q 165 -14.21 -38.77 27.60
N ILE Q 166 -13.00 -39.24 27.30
CA ILE Q 166 -12.66 -40.64 27.50
C ILE Q 166 -12.73 -41.03 28.96
N GLU Q 167 -12.17 -40.18 29.83
CA GLU Q 167 -12.23 -40.39 31.27
C GLU Q 167 -13.67 -40.37 31.77
N GLU Q 168 -14.48 -39.49 31.21
CA GLU Q 168 -15.89 -39.40 31.56
C GLU Q 168 -16.63 -40.67 31.15
N LEU Q 169 -16.30 -41.20 29.98
CA LEU Q 169 -16.91 -42.43 29.49
C LEU Q 169 -16.57 -43.61 30.39
N SER Q 170 -15.32 -43.66 30.84
CA SER Q 170 -14.88 -44.68 31.79
C SER Q 170 -15.63 -44.56 33.11
N GLY Q 171 -15.66 -43.35 33.65
CA GLY Q 171 -16.35 -43.10 34.91
C GLY Q 171 -15.52 -43.54 36.10
N THR R 1 -57.20 -36.27 3.28
CA THR R 1 -56.49 -35.11 3.80
C THR R 1 -55.05 -35.46 4.15
N LYS R 2 -54.87 -36.44 5.01
CA LYS R 2 -53.54 -36.85 5.45
C LYS R 2 -52.68 -37.27 4.27
N GLU R 3 -53.23 -38.13 3.42
CA GLU R 3 -52.49 -38.65 2.27
C GLU R 3 -52.05 -37.52 1.34
N GLU R 4 -52.96 -36.57 1.12
CA GLU R 4 -52.64 -35.41 0.30
C GLU R 4 -51.50 -34.60 0.91
N ARG R 5 -51.57 -34.38 2.22
CA ARG R 5 -50.53 -33.65 2.93
C ARG R 5 -49.18 -34.34 2.78
N VAL R 6 -49.17 -35.66 2.90
CA VAL R 6 -47.95 -36.44 2.79
C VAL R 6 -47.35 -36.33 1.39
N LEU R 7 -48.21 -36.37 0.38
CA LEU R 7 -47.77 -36.23 -1.00
C LEU R 7 -47.25 -34.82 -1.26
N LEU R 8 -47.89 -33.83 -0.66
CA LEU R 8 -47.44 -32.44 -0.77
C LEU R 8 -46.09 -32.26 -0.09
N MET R 9 -45.87 -32.98 1.01
CA MET R 9 -44.58 -32.98 1.67
C MET R 9 -43.49 -33.54 0.77
N LYS R 10 -43.81 -34.63 0.07
CA LYS R 10 -42.91 -35.19 -0.93
C LYS R 10 -42.56 -34.16 -1.98
N VAL R 11 -43.57 -33.48 -2.51
CA VAL R 11 -43.37 -32.47 -3.54
C VAL R 11 -42.44 -31.37 -3.05
N ALA R 12 -42.69 -30.89 -1.83
CA ALA R 12 -41.87 -29.84 -1.22
C ALA R 12 -40.41 -30.26 -1.18
N ILE R 13 -40.15 -31.43 -0.63
CA ILE R 13 -38.79 -31.92 -0.46
C ILE R 13 -38.06 -32.00 -1.79
N LEU R 14 -38.75 -32.53 -2.80
CA LEU R 14 -38.17 -32.68 -4.13
C LEU R 14 -37.85 -31.34 -4.76
N ALA R 15 -38.79 -30.42 -4.68
CA ALA R 15 -38.63 -29.10 -5.30
C ALA R 15 -37.52 -28.32 -4.63
N ILE R 16 -37.43 -28.44 -3.31
CA ILE R 16 -36.39 -27.77 -2.54
C ILE R 16 -35.00 -28.23 -2.97
N VAL R 17 -34.83 -29.55 -3.07
CA VAL R 17 -33.55 -30.12 -3.45
C VAL R 17 -33.22 -29.82 -4.90
N ALA R 18 -34.24 -29.81 -5.75
CA ALA R 18 -34.08 -29.44 -7.15
C ALA R 18 -33.61 -27.99 -7.29
N ALA R 19 -34.20 -27.10 -6.50
CA ALA R 19 -33.80 -25.70 -6.49
C ALA R 19 -32.36 -25.55 -6.01
N LYS R 20 -31.97 -26.34 -5.02
CA LYS R 20 -30.60 -26.33 -4.53
C LYS R 20 -29.63 -26.86 -5.59
N LYS R 21 -30.06 -27.87 -6.32
CA LYS R 21 -29.27 -28.41 -7.42
C LYS R 21 -29.17 -27.42 -8.57
N GLY R 22 -30.24 -26.65 -8.78
CA GLY R 22 -30.29 -25.68 -9.86
C GLY R 22 -31.27 -26.11 -10.94
N ASN R 23 -31.95 -27.23 -10.72
CA ASN R 23 -32.90 -27.76 -11.68
C ASN R 23 -34.25 -27.06 -11.57
N THR R 24 -34.30 -25.82 -12.03
CA THR R 24 -35.51 -25.00 -11.91
C THR R 24 -36.68 -25.62 -12.66
N ASP R 25 -36.38 -26.28 -13.77
CA ASP R 25 -37.40 -26.95 -14.57
C ASP R 25 -38.16 -27.98 -13.73
N GLU R 26 -37.43 -28.77 -12.96
CA GLU R 26 -38.03 -29.76 -12.08
C GLU R 26 -38.85 -29.08 -10.99
N VAL R 27 -38.34 -27.97 -10.47
CA VAL R 27 -39.05 -27.19 -9.46
C VAL R 27 -40.40 -26.74 -9.98
N ARG R 28 -40.41 -26.21 -11.20
CA ARG R 28 -41.65 -25.73 -11.82
C ARG R 28 -42.68 -26.85 -11.90
N LYS R 29 -42.24 -28.03 -12.32
CA LYS R 29 -43.12 -29.19 -12.40
C LYS R 29 -43.69 -29.55 -11.03
N ALA R 30 -42.82 -29.60 -10.02
CA ALA R 30 -43.22 -29.95 -8.67
C ALA R 30 -44.22 -28.94 -8.11
N LEU R 31 -43.99 -27.67 -8.41
CA LEU R 31 -44.90 -26.61 -7.99
C LEU R 31 -46.28 -26.79 -8.60
N GLU R 32 -46.31 -27.19 -9.87
CA GLU R 32 -47.56 -27.49 -10.55
C GLU R 32 -48.26 -28.68 -9.92
N LEU R 33 -47.47 -29.69 -9.54
CA LEU R 33 -48.00 -30.88 -8.90
C LEU R 33 -48.67 -30.55 -7.58
N ALA R 34 -48.06 -29.66 -6.81
CA ALA R 34 -48.65 -29.17 -5.57
C ALA R 34 -50.04 -28.60 -5.81
N LEU R 35 -50.15 -27.74 -6.83
CA LEU R 35 -51.44 -27.19 -7.23
C LEU R 35 -52.42 -28.30 -7.60
N LEU R 36 -51.95 -29.25 -8.41
CA LEU R 36 -52.81 -30.30 -8.92
C LEU R 36 -53.36 -31.16 -7.79
N ILE R 37 -52.53 -31.41 -6.79
CA ILE R 37 -52.95 -32.17 -5.61
C ILE R 37 -54.05 -31.45 -4.86
N ALA R 38 -53.86 -30.15 -4.64
CA ALA R 38 -54.87 -29.33 -3.98
C ALA R 38 -56.16 -29.29 -4.78
N LYS R 39 -56.03 -29.21 -6.10
CA LYS R 39 -57.19 -29.19 -6.98
C LYS R 39 -57.97 -30.49 -6.91
N VAL R 40 -57.26 -31.61 -6.88
CA VAL R 40 -57.88 -32.92 -6.80
C VAL R 40 -58.61 -33.10 -5.48
N SER R 41 -58.01 -32.62 -4.40
CA SER R 41 -58.63 -32.66 -3.08
C SER R 41 -59.89 -31.80 -3.04
N GLY R 42 -59.76 -30.55 -3.46
CA GLY R 42 -60.89 -29.63 -3.52
C GLY R 42 -61.22 -29.10 -2.13
N THR R 43 -60.24 -29.08 -1.25
CA THR R 43 -60.43 -28.62 0.12
C THR R 43 -59.57 -27.41 0.43
N THR R 44 -60.05 -26.57 1.36
CA THR R 44 -59.29 -25.40 1.78
C THR R 44 -57.97 -25.81 2.44
N GLU R 45 -58.01 -26.89 3.21
CA GLU R 45 -56.80 -27.40 3.86
C GLU R 45 -55.73 -27.73 2.84
N ALA R 46 -56.11 -28.47 1.80
CA ALA R 46 -55.18 -28.87 0.76
C ALA R 46 -54.58 -27.65 0.07
N VAL R 47 -55.40 -26.66 -0.19
CA VAL R 47 -54.94 -25.41 -0.79
C VAL R 47 -53.90 -24.73 0.10
N LYS R 48 -54.19 -24.64 1.39
CA LYS R 48 -53.25 -24.06 2.35
C LYS R 48 -51.95 -24.84 2.38
N LEU R 49 -52.05 -26.16 2.36
CA LEU R 49 -50.88 -27.03 2.40
C LEU R 49 -50.02 -26.85 1.15
N ALA R 50 -50.68 -26.71 0.00
CA ALA R 50 -49.98 -26.48 -1.26
C ALA R 50 -49.24 -25.14 -1.24
N LEU R 51 -49.87 -24.13 -0.64
CA LEU R 51 -49.24 -22.83 -0.48
C LEU R 51 -48.05 -22.90 0.46
N GLU R 52 -48.15 -23.76 1.47
CA GLU R 52 -47.04 -24.01 2.38
C GLU R 52 -45.87 -24.65 1.63
N VAL R 53 -46.17 -25.60 0.76
CA VAL R 53 -45.15 -26.20 -0.10
C VAL R 53 -44.43 -25.13 -0.92
N VAL R 54 -45.21 -24.27 -1.57
CA VAL R 54 -44.65 -23.20 -2.40
C VAL R 54 -43.73 -22.30 -1.59
N ALA R 55 -44.20 -21.92 -0.40
CA ALA R 55 -43.42 -21.07 0.50
C ALA R 55 -42.06 -21.69 0.79
N ARG R 56 -42.07 -22.96 1.21
CA ARG R 56 -40.84 -23.64 1.59
C ARG R 56 -39.84 -23.66 0.44
N VAL R 57 -40.33 -23.94 -0.76
CA VAL R 57 -39.48 -24.02 -1.94
C VAL R 57 -38.87 -22.66 -2.27
N ALA R 58 -39.70 -21.62 -2.29
CA ALA R 58 -39.27 -20.29 -2.65
C ALA R 58 -38.28 -19.73 -1.64
N ILE R 59 -38.53 -20.03 -0.37
CA ILE R 59 -37.64 -19.58 0.71
C ILE R 59 -36.25 -20.18 0.56
N GLU R 60 -36.19 -21.49 0.36
CA GLU R 60 -34.93 -22.19 0.23
C GLU R 60 -34.23 -21.84 -1.09
N ALA R 61 -35.02 -21.63 -2.13
CA ALA R 61 -34.49 -21.19 -3.42
C ALA R 61 -33.86 -19.81 -3.31
N ALA R 62 -34.51 -18.92 -2.58
CA ALA R 62 -33.99 -17.58 -2.34
C ALA R 62 -32.69 -17.64 -1.54
N ARG R 63 -32.64 -18.54 -0.57
CA ARG R 63 -31.43 -18.75 0.22
C ARG R 63 -30.32 -19.34 -0.64
N ARG R 64 -30.69 -20.25 -1.55
CA ARG R 64 -29.74 -20.83 -2.48
C ARG R 64 -29.23 -19.80 -3.48
N GLY R 65 -30.11 -18.89 -3.88
CA GLY R 65 -29.78 -17.89 -4.88
C GLY R 65 -30.53 -18.14 -6.18
N ASN R 66 -31.38 -19.16 -6.18
CA ASN R 66 -32.14 -19.52 -7.36
C ASN R 66 -33.37 -18.64 -7.52
N THR R 67 -33.15 -17.39 -7.91
CA THR R 67 -34.23 -16.40 -7.98
C THR R 67 -35.27 -16.81 -9.01
N ASP R 68 -34.82 -17.46 -10.08
CA ASP R 68 -35.71 -17.92 -11.14
C ASP R 68 -36.78 -18.85 -10.58
N ALA R 69 -36.36 -19.80 -9.75
CA ALA R 69 -37.28 -20.73 -9.09
C ALA R 69 -38.22 -19.98 -8.16
N VAL R 70 -37.70 -18.99 -7.46
CA VAL R 70 -38.50 -18.17 -6.56
C VAL R 70 -39.61 -17.45 -7.32
N ARG R 71 -39.26 -16.85 -8.44
CA ARG R 71 -40.23 -16.13 -9.26
C ARG R 71 -41.37 -17.04 -9.69
N GLU R 72 -41.03 -18.24 -10.15
CA GLU R 72 -42.03 -19.21 -10.55
C GLU R 72 -42.93 -19.59 -9.37
N ALA R 73 -42.32 -19.87 -8.23
CA ALA R 73 -43.05 -20.28 -7.05
C ALA R 73 -44.02 -19.19 -6.59
N LEU R 74 -43.58 -17.94 -6.67
CA LEU R 74 -44.41 -16.80 -6.30
C LEU R 74 -45.64 -16.71 -7.20
N GLU R 75 -45.45 -16.97 -8.49
CA GLU R 75 -46.55 -16.98 -9.45
C GLU R 75 -47.51 -18.13 -9.15
N VAL R 76 -46.96 -19.28 -8.79
CA VAL R 76 -47.78 -20.45 -8.48
C VAL R 76 -48.63 -20.20 -7.24
N ALA R 77 -48.06 -19.52 -6.25
CA ALA R 77 -48.80 -19.13 -5.06
C ALA R 77 -50.07 -18.37 -5.43
N LEU R 78 -49.93 -17.39 -6.30
CA LEU R 78 -51.08 -16.66 -6.82
C LEU R 78 -52.06 -17.60 -7.50
N GLU R 79 -51.55 -18.48 -8.36
CA GLU R 79 -52.39 -19.37 -9.14
C GLU R 79 -53.19 -20.30 -8.24
N ILE R 80 -52.56 -20.75 -7.16
CA ILE R 80 -53.23 -21.61 -6.18
C ILE R 80 -54.41 -20.88 -5.54
N ALA R 81 -54.18 -19.65 -5.13
CA ALA R 81 -55.24 -18.82 -4.56
C ALA R 81 -56.36 -18.57 -5.56
N ARG R 82 -55.98 -18.36 -6.81
CA ARG R 82 -56.95 -18.17 -7.89
C ARG R 82 -57.79 -19.41 -8.10
N GLU R 83 -57.16 -20.58 -8.05
CA GLU R 83 -57.85 -21.84 -8.22
C GLU R 83 -58.87 -22.07 -7.11
N SER R 84 -58.48 -21.73 -5.88
CA SER R 84 -59.38 -21.80 -4.75
C SER R 84 -60.56 -20.84 -4.91
N GLY R 85 -60.25 -19.58 -5.21
CA GLY R 85 -61.29 -18.58 -5.44
C GLY R 85 -61.86 -18.07 -4.11
N THR R 86 -61.06 -18.17 -3.05
CA THR R 86 -61.50 -17.75 -1.73
C THR R 86 -60.62 -16.63 -1.19
N THR R 87 -61.20 -15.79 -0.34
CA THR R 87 -60.46 -14.70 0.30
C THR R 87 -59.34 -15.25 1.18
N GLU R 88 -59.65 -16.33 1.89
CA GLU R 88 -58.66 -16.98 2.75
C GLU R 88 -57.43 -17.40 1.97
N ALA R 89 -57.65 -18.06 0.84
CA ALA R 89 -56.56 -18.52 0.00
C ALA R 89 -55.70 -17.36 -0.49
N VAL R 90 -56.35 -16.26 -0.85
CA VAL R 90 -55.64 -15.05 -1.24
C VAL R 90 -54.75 -14.54 -0.12
N LYS R 91 -55.30 -14.48 1.09
CA LYS R 91 -54.53 -14.07 2.26
C LYS R 91 -53.35 -15.00 2.49
N LEU R 92 -53.60 -16.30 2.35
CA LEU R 92 -52.56 -17.30 2.56
C LEU R 92 -51.44 -17.16 1.53
N ALA R 93 -51.82 -16.88 0.29
CA ALA R 93 -50.86 -16.66 -0.77
C ALA R 93 -50.00 -15.43 -0.51
N LEU R 94 -50.63 -14.39 0.03
CA LEU R 94 -49.91 -13.18 0.43
C LEU R 94 -48.97 -13.47 1.59
N GLU R 95 -49.39 -14.35 2.48
CA GLU R 95 -48.52 -14.81 3.57
C GLU R 95 -47.30 -15.52 3.04
N VAL R 96 -47.50 -16.37 2.04
CA VAL R 96 -46.39 -17.04 1.35
C VAL R 96 -45.40 -16.02 0.80
N VAL R 97 -45.92 -15.04 0.08
CA VAL R 97 -45.08 -13.99 -0.49
C VAL R 97 -44.28 -13.26 0.59
N ALA R 98 -44.96 -12.92 1.67
CA ALA R 98 -44.30 -12.24 2.79
C ALA R 98 -43.12 -13.04 3.31
N ARG R 99 -43.35 -14.32 3.58
CA ARG R 99 -42.32 -15.19 4.13
C ARG R 99 -41.10 -15.23 3.22
N VAL R 100 -41.32 -15.35 1.92
CA VAL R 100 -40.24 -15.44 0.95
C VAL R 100 -39.44 -14.16 0.90
N ALA R 101 -40.14 -13.03 0.80
CA ALA R 101 -39.49 -11.73 0.66
C ALA R 101 -38.71 -11.37 1.92
N ILE R 102 -39.26 -11.72 3.08
CA ILE R 102 -38.60 -11.46 4.35
C ILE R 102 -37.29 -12.22 4.46
N GLU R 103 -37.33 -13.51 4.15
CA GLU R 103 -36.15 -14.36 4.23
C GLU R 103 -35.15 -14.01 3.14
N ALA R 104 -35.66 -13.62 1.98
CA ALA R 104 -34.80 -13.17 0.89
C ALA R 104 -34.07 -11.89 1.25
N ALA R 105 -34.79 -10.97 1.89
CA ALA R 105 -34.18 -9.73 2.36
C ALA R 105 -33.12 -9.99 3.42
N ARG R 106 -33.39 -10.95 4.30
CA ARG R 106 -32.41 -11.36 5.30
C ARG R 106 -31.21 -12.04 4.66
N ARG R 107 -31.48 -12.83 3.62
CA ARG R 107 -30.41 -13.49 2.88
C ARG R 107 -29.57 -12.48 2.10
N GLY R 108 -30.22 -11.44 1.61
CA GLY R 108 -29.54 -10.44 0.79
C GLY R 108 -30.01 -10.51 -0.66
N ASN R 109 -30.94 -11.42 -0.94
CA ASN R 109 -31.46 -11.60 -2.29
C ASN R 109 -32.52 -10.56 -2.61
N THR R 110 -32.09 -9.32 -2.81
CA THR R 110 -33.01 -8.21 -3.01
C THR R 110 -33.83 -8.39 -4.29
N GLU R 111 -33.22 -9.01 -5.29
CA GLU R 111 -33.89 -9.28 -6.56
C GLU R 111 -35.16 -10.11 -6.34
N ALA R 112 -35.03 -11.16 -5.54
CA ALA R 112 -36.17 -12.00 -5.19
C ALA R 112 -37.22 -11.21 -4.41
N VAL R 113 -36.76 -10.34 -3.53
CA VAL R 113 -37.66 -9.48 -2.76
C VAL R 113 -38.49 -8.60 -3.67
N VAL R 114 -37.82 -7.96 -4.63
CA VAL R 114 -38.50 -7.07 -5.57
C VAL R 114 -39.61 -7.80 -6.32
N GLU R 115 -39.31 -9.00 -6.80
CA GLU R 115 -40.28 -9.83 -7.49
C GLU R 115 -41.46 -10.16 -6.58
N ALA R 116 -41.15 -10.59 -5.36
CA ALA R 116 -42.18 -10.98 -4.40
C ALA R 116 -43.10 -9.81 -4.08
N LEU R 117 -42.52 -8.63 -3.93
CA LEU R 117 -43.29 -7.42 -3.63
C LEU R 117 -44.26 -7.11 -4.77
N LEU R 118 -43.81 -7.29 -6.00
CA LEU R 118 -44.67 -7.09 -7.17
C LEU R 118 -45.79 -8.11 -7.20
N VAL R 119 -45.46 -9.36 -6.85
CA VAL R 119 -46.44 -10.44 -6.84
C VAL R 119 -47.54 -10.18 -5.81
N ALA R 120 -47.13 -9.66 -4.65
CA ALA R 120 -48.08 -9.27 -3.62
C ALA R 120 -49.15 -8.34 -4.16
N LEU R 121 -48.72 -7.32 -4.89
CA LEU R 121 -49.65 -6.42 -5.58
C LEU R 121 -50.55 -7.18 -6.54
N GLU R 122 -49.95 -8.06 -7.34
CA GLU R 122 -50.69 -8.79 -8.37
C GLU R 122 -51.76 -9.68 -7.75
N ILE R 123 -51.43 -10.29 -6.62
CA ILE R 123 -52.38 -11.12 -5.89
C ILE R 123 -53.59 -10.32 -5.43
N ALA R 124 -53.33 -9.15 -4.86
CA ALA R 124 -54.39 -8.25 -4.43
C ALA R 124 -55.23 -7.79 -5.61
N LYS R 125 -54.57 -7.54 -6.73
CA LYS R 125 -55.27 -7.14 -7.96
C LYS R 125 -56.17 -8.25 -8.46
N GLU R 126 -55.69 -9.48 -8.39
CA GLU R 126 -56.45 -10.64 -8.83
C GLU R 126 -57.71 -10.82 -7.97
N SER R 127 -57.56 -10.61 -6.67
CA SER R 127 -58.70 -10.67 -5.75
C SER R 127 -59.69 -9.55 -6.06
N GLY R 128 -59.19 -8.32 -6.16
CA GLY R 128 -60.03 -7.18 -6.49
C GLY R 128 -60.83 -6.70 -5.29
N THR R 129 -60.30 -6.98 -4.09
CA THR R 129 -60.97 -6.60 -2.86
C THR R 129 -60.12 -5.64 -2.03
N GLU R 130 -60.79 -4.80 -1.26
CA GLU R 130 -60.09 -3.86 -0.37
C GLU R 130 -59.25 -4.61 0.65
N GLU R 131 -59.80 -5.70 1.19
CA GLU R 131 -59.10 -6.52 2.17
C GLU R 131 -57.78 -7.02 1.61
N ALA R 132 -57.82 -7.58 0.40
CA ALA R 132 -56.63 -8.12 -0.23
C ALA R 132 -55.57 -7.04 -0.43
N VAL R 133 -56.01 -5.85 -0.83
CA VAL R 133 -55.11 -4.71 -0.98
C VAL R 133 -54.44 -4.36 0.34
N ARG R 134 -55.23 -4.29 1.41
CA ARG R 134 -54.69 -4.02 2.74
C ARG R 134 -53.71 -5.10 3.17
N LEU R 135 -54.04 -6.35 2.87
CA LEU R 135 -53.18 -7.47 3.21
C LEU R 135 -51.86 -7.41 2.45
N ALA R 136 -51.93 -7.01 1.19
CA ALA R 136 -50.75 -6.83 0.37
C ALA R 136 -49.85 -5.73 0.93
N LEU R 137 -50.47 -4.66 1.42
CA LEU R 137 -49.74 -3.58 2.06
C LEU R 137 -49.08 -4.05 3.35
N GLU R 138 -49.75 -4.94 4.06
CA GLU R 138 -49.18 -5.56 5.25
C GLU R 138 -47.95 -6.39 4.90
N VAL R 139 -48.05 -7.16 3.81
CA VAL R 139 -46.91 -7.92 3.30
C VAL R 139 -45.71 -7.02 3.04
N VAL R 140 -45.94 -5.93 2.32
CA VAL R 140 -44.89 -4.98 2.00
C VAL R 140 -44.28 -4.40 3.27
N LYS R 141 -45.14 -4.01 4.20
CA LYS R 141 -44.68 -3.48 5.49
C LYS R 141 -43.73 -4.44 6.18
N ARG R 142 -44.17 -5.70 6.30
CA ARG R 142 -43.38 -6.72 6.98
C ARG R 142 -41.99 -6.84 6.37
N VAL R 143 -41.92 -6.81 5.05
CA VAL R 143 -40.66 -6.94 4.33
C VAL R 143 -39.73 -5.77 4.64
N SER R 144 -40.27 -4.55 4.57
CA SER R 144 -39.49 -3.35 4.79
C SER R 144 -39.01 -3.26 6.23
N ASN R 145 -39.85 -3.72 7.15
CA ASN R 145 -39.51 -3.71 8.57
C ASN R 145 -38.33 -4.64 8.85
N GLU R 146 -38.42 -5.87 8.37
CA GLU R 146 -37.38 -6.87 8.60
C GLU R 146 -36.13 -6.55 7.81
N ALA R 147 -36.31 -6.00 6.62
CA ALA R 147 -35.20 -5.55 5.79
C ALA R 147 -34.43 -4.43 6.48
N LEU R 148 -35.16 -3.51 7.11
CA LEU R 148 -34.55 -2.44 7.87
C LEU R 148 -33.75 -2.98 9.04
N LYS R 149 -34.27 -4.02 9.68
CA LYS R 149 -33.57 -4.69 10.78
C LYS R 149 -32.30 -5.35 10.27
N GLN R 150 -32.37 -5.96 9.10
CA GLN R 150 -31.21 -6.60 8.49
C GLN R 150 -30.18 -5.57 8.04
N GLY R 151 -30.68 -4.44 7.54
CA GLY R 151 -29.81 -3.40 7.00
C GLY R 151 -29.95 -3.30 5.48
N ASN R 152 -30.89 -4.08 4.93
CA ASN R 152 -31.10 -4.12 3.49
C ASN R 152 -31.91 -2.93 3.01
N VAL R 153 -31.25 -1.77 2.94
CA VAL R 153 -31.93 -0.53 2.60
C VAL R 153 -32.53 -0.59 1.20
N ASP R 154 -31.86 -1.31 0.30
CA ASP R 154 -32.32 -1.45 -1.06
C ASP R 154 -33.71 -2.07 -1.10
N ALA R 155 -33.91 -3.14 -0.33
CA ALA R 155 -35.21 -3.80 -0.24
C ALA R 155 -36.25 -2.87 0.36
N VAL R 156 -35.84 -2.09 1.36
CA VAL R 156 -36.74 -1.13 2.00
C VAL R 156 -37.23 -0.10 1.00
N LYS R 157 -36.30 0.46 0.22
CA LYS R 157 -36.64 1.46 -0.78
C LYS R 157 -37.62 0.91 -1.80
N VAL R 158 -37.36 -0.30 -2.28
CA VAL R 158 -38.24 -0.97 -3.21
C VAL R 158 -39.63 -1.18 -2.62
N ALA R 159 -39.66 -1.65 -1.37
CA ALA R 159 -40.92 -1.92 -0.68
C ALA R 159 -41.76 -0.65 -0.56
N LEU R 160 -41.11 0.46 -0.28
CA LEU R 160 -41.80 1.75 -0.17
C LEU R 160 -42.45 2.14 -1.48
N GLU R 161 -41.74 1.92 -2.58
CA GLU R 161 -42.27 2.21 -3.91
C GLU R 161 -43.45 1.31 -4.24
N VAL R 162 -43.33 0.03 -3.90
CA VAL R 162 -44.40 -0.94 -4.15
C VAL R 162 -45.63 -0.62 -3.32
N ARG R 163 -45.41 -0.22 -2.07
CA ARG R 163 -46.50 0.21 -1.20
C ARG R 163 -47.36 1.27 -1.86
N LYS R 164 -46.70 2.29 -2.41
CA LYS R 164 -47.40 3.33 -3.17
C LYS R 164 -48.14 2.72 -4.35
N MET R 165 -47.46 1.86 -5.10
CA MET R 165 -48.03 1.28 -6.31
C MET R 165 -49.30 0.49 -6.01
N ILE R 166 -49.30 -0.22 -4.89
CA ILE R 166 -50.47 -0.96 -4.45
C ILE R 166 -51.64 -0.04 -4.17
N GLU R 167 -51.37 1.06 -3.46
CA GLU R 167 -52.39 2.06 -3.18
C GLU R 167 -52.90 2.69 -4.47
N GLU R 168 -52.01 2.92 -5.42
CA GLU R 168 -52.38 3.48 -6.72
C GLU R 168 -53.29 2.51 -7.48
N LEU R 169 -52.97 1.22 -7.40
CA LEU R 169 -53.77 0.20 -8.06
C LEU R 169 -55.17 0.13 -7.48
N SER R 170 -55.26 0.25 -6.16
CA SER R 170 -56.55 0.31 -5.47
C SER R 170 -57.35 1.53 -5.90
N GLY R 171 -56.70 2.70 -5.86
CA GLY R 171 -57.35 3.94 -6.25
C GLY R 171 -58.25 4.47 -5.15
N THR S 1 -40.42 -10.11 -53.50
CA THR S 1 -39.68 -9.12 -52.73
C THR S 1 -39.92 -9.29 -51.24
N LYS S 2 -41.18 -9.24 -50.82
CA LYS S 2 -41.54 -9.35 -49.41
C LYS S 2 -41.04 -10.67 -48.83
N GLU S 3 -41.33 -11.76 -49.53
CA GLU S 3 -40.95 -13.09 -49.05
C GLU S 3 -39.44 -13.21 -48.88
N GLU S 4 -38.70 -12.67 -49.85
CA GLU S 4 -37.24 -12.66 -49.78
C GLU S 4 -36.77 -11.87 -48.56
N ARG S 5 -37.36 -10.71 -48.33
CA ARG S 5 -37.01 -9.88 -47.18
C ARG S 5 -37.25 -10.63 -45.88
N VAL S 6 -38.37 -11.33 -45.80
CA VAL S 6 -38.72 -12.08 -44.60
C VAL S 6 -37.73 -13.21 -44.34
N LEU S 7 -37.31 -13.88 -45.41
CA LEU S 7 -36.33 -14.95 -45.30
C LEU S 7 -34.97 -14.39 -44.91
N LEU S 8 -34.63 -13.21 -45.43
CA LEU S 8 -33.39 -12.53 -45.07
C LEU S 8 -33.41 -12.11 -43.61
N MET S 9 -34.58 -11.72 -43.12
CA MET S 9 -34.75 -11.41 -41.71
C MET S 9 -34.50 -12.63 -40.83
N LYS S 10 -35.01 -13.78 -41.26
CA LYS S 10 -34.72 -15.05 -40.60
C LYS S 10 -33.23 -15.31 -40.54
N VAL S 11 -32.55 -15.15 -41.67
CA VAL S 11 -31.12 -15.37 -41.75
C VAL S 11 -30.37 -14.47 -40.78
N ALA S 12 -30.73 -13.19 -40.76
CA ALA S 12 -30.12 -12.22 -39.86
C ALA S 12 -30.23 -12.67 -38.42
N ILE S 13 -31.44 -12.99 -37.99
CA ILE S 13 -31.69 -13.37 -36.61
C ILE S 13 -30.87 -14.58 -36.21
N LEU S 14 -30.82 -15.57 -37.09
CA LEU S 14 -30.07 -16.80 -36.82
C LEU S 14 -28.59 -16.53 -36.71
N ALA S 15 -28.05 -15.77 -37.63
CA ALA S 15 -26.62 -15.48 -37.68
C ALA S 15 -26.19 -14.66 -36.47
N ILE S 16 -27.04 -13.72 -36.07
CA ILE S 16 -26.78 -12.88 -34.91
C ILE S 16 -26.66 -13.72 -33.64
N VAL S 17 -27.63 -14.62 -33.45
CA VAL S 17 -27.65 -15.46 -32.27
C VAL S 17 -26.51 -16.47 -32.29
N ALA S 18 -26.18 -16.96 -33.48
CA ALA S 18 -25.05 -17.86 -33.66
C ALA S 18 -23.73 -17.17 -33.29
N ALA S 19 -23.58 -15.92 -33.71
CA ALA S 19 -22.40 -15.14 -33.38
C ALA S 19 -22.32 -14.90 -31.87
N LYS S 20 -23.45 -14.67 -31.24
CA LYS S 20 -23.50 -14.50 -29.79
C LYS S 20 -23.15 -15.80 -29.07
N LYS S 21 -23.60 -16.91 -29.62
CA LYS S 21 -23.26 -18.22 -29.08
C LYS S 21 -21.79 -18.54 -29.28
N GLY S 22 -21.23 -18.07 -30.40
CA GLY S 22 -19.84 -18.33 -30.74
C GLY S 22 -19.72 -19.27 -31.92
N ASN S 23 -20.86 -19.66 -32.49
CA ASN S 23 -20.89 -20.58 -33.61
C ASN S 23 -20.62 -19.85 -34.93
N THR S 24 -19.37 -19.46 -35.13
CA THR S 24 -18.99 -18.68 -36.31
C THR S 24 -19.25 -19.45 -37.59
N ASP S 25 -19.07 -20.76 -37.53
CA ASP S 25 -19.32 -21.62 -38.69
C ASP S 25 -20.76 -21.47 -39.19
N GLU S 26 -21.71 -21.47 -38.27
CA GLU S 26 -23.11 -21.27 -38.62
C GLU S 26 -23.34 -19.88 -39.19
N VAL S 27 -22.67 -18.89 -38.62
CA VAL S 27 -22.75 -17.52 -39.11
C VAL S 27 -22.31 -17.43 -40.56
N ARG S 28 -21.19 -18.06 -40.87
CA ARG S 28 -20.66 -18.06 -42.23
C ARG S 28 -21.67 -18.63 -43.21
N LYS S 29 -22.30 -19.74 -42.83
CA LYS S 29 -23.32 -20.36 -43.67
C LYS S 29 -24.50 -19.41 -43.89
N ALA S 30 -24.97 -18.80 -42.81
CA ALA S 30 -26.11 -17.88 -42.88
C ALA S 30 -25.79 -16.68 -43.76
N LEU S 31 -24.57 -16.18 -43.65
CA LEU S 31 -24.12 -15.07 -44.48
C LEU S 31 -24.14 -15.44 -45.96
N GLU S 32 -23.73 -16.67 -46.26
CA GLU S 32 -23.79 -17.17 -47.62
C GLU S 32 -25.22 -17.29 -48.11
N LEU S 33 -26.11 -17.73 -47.22
CA LEU S 33 -27.52 -17.87 -47.55
C LEU S 33 -28.13 -16.52 -47.91
N ALA S 34 -27.77 -15.48 -47.17
CA ALA S 34 -28.20 -14.13 -47.48
C ALA S 34 -27.83 -13.75 -48.91
N LEU S 35 -26.58 -14.01 -49.28
CA LEU S 35 -26.12 -13.78 -50.64
C LEU S 35 -26.96 -14.58 -51.64
N LEU S 36 -27.16 -15.86 -51.33
CA LEU S 36 -27.86 -16.76 -52.25
C LEU S 36 -29.29 -16.30 -52.49
N ILE S 37 -29.93 -15.80 -51.44
CA ILE S 37 -31.29 -15.28 -51.55
C ILE S 37 -31.33 -14.07 -52.48
N ALA S 38 -30.39 -13.15 -52.29
CA ALA S 38 -30.30 -11.98 -53.15
C ALA S 38 -30.01 -12.37 -54.60
N LYS S 39 -29.16 -13.38 -54.78
CA LYS S 39 -28.83 -13.87 -56.11
C LYS S 39 -30.04 -14.47 -56.80
N VAL S 40 -30.83 -15.24 -56.06
CA VAL S 40 -32.02 -15.86 -56.59
C VAL S 40 -33.05 -14.82 -57.00
N SER S 41 -33.19 -13.78 -56.18
CA SER S 41 -34.10 -12.68 -56.48
C SER S 41 -33.65 -11.93 -57.73
N GLY S 42 -32.39 -11.53 -57.75
CA GLY S 42 -31.81 -10.83 -58.89
C GLY S 42 -32.25 -9.37 -58.92
N THR S 43 -32.57 -8.83 -57.76
CA THR S 43 -33.04 -7.45 -57.66
C THR S 43 -32.11 -6.61 -56.79
N THR S 44 -32.06 -5.31 -57.08
CA THR S 44 -31.24 -4.39 -56.28
C THR S 44 -31.73 -4.34 -54.84
N GLU S 45 -33.05 -4.38 -54.65
CA GLU S 45 -33.63 -4.37 -53.31
C GLU S 45 -33.12 -5.55 -52.49
N ALA S 46 -33.17 -6.74 -53.07
CA ALA S 46 -32.73 -7.95 -52.39
C ALA S 46 -31.25 -7.85 -52.01
N VAL S 47 -30.45 -7.32 -52.91
CA VAL S 47 -29.03 -7.11 -52.64
C VAL S 47 -28.83 -6.18 -51.45
N LYS S 48 -29.55 -5.06 -51.45
CA LYS S 48 -29.49 -4.12 -50.34
C LYS S 48 -29.91 -4.77 -49.03
N LEU S 49 -30.97 -5.56 -49.09
CA LEU S 49 -31.49 -6.24 -47.90
C LEU S 49 -30.47 -7.25 -47.36
N ALA S 50 -29.81 -7.95 -48.27
CA ALA S 50 -28.78 -8.92 -47.89
C ALA S 50 -27.60 -8.21 -47.22
N LEU S 51 -27.25 -7.04 -47.73
CA LEU S 51 -26.19 -6.23 -47.13
C LEU S 51 -26.60 -5.73 -45.76
N GLU S 52 -27.88 -5.44 -45.59
CA GLU S 52 -28.42 -5.06 -44.29
C GLU S 52 -28.30 -6.22 -43.30
N VAL S 53 -28.61 -7.42 -43.75
CA VAL S 53 -28.41 -8.62 -42.94
C VAL S 53 -26.97 -8.74 -42.46
N VAL S 54 -26.04 -8.60 -43.40
CA VAL S 54 -24.61 -8.69 -43.09
C VAL S 54 -24.20 -7.66 -42.05
N ALA S 55 -24.67 -6.42 -42.25
CA ALA S 55 -24.38 -5.34 -41.31
C ALA S 55 -24.82 -5.70 -39.90
N ARG S 56 -26.07 -6.13 -39.76
CA ARG S 56 -26.63 -6.45 -38.45
C ARG S 56 -25.81 -7.51 -37.75
N VAL S 57 -25.42 -8.55 -38.49
CA VAL S 57 -24.65 -9.65 -37.92
C VAL S 57 -23.28 -9.19 -37.46
N ALA S 58 -22.58 -8.44 -38.31
CA ALA S 58 -21.23 -8.00 -38.02
C ALA S 58 -21.21 -7.03 -36.86
N ILE S 59 -22.23 -6.17 -36.79
CA ILE S 59 -22.34 -5.20 -35.70
C ILE S 59 -22.51 -5.90 -34.36
N GLU S 60 -23.42 -6.86 -34.30
CA GLU S 60 -23.69 -7.59 -33.07
C GLU S 60 -22.53 -8.52 -32.71
N ALA S 61 -21.90 -9.07 -33.72
CA ALA S 61 -20.71 -9.91 -33.52
C ALA S 61 -19.56 -9.09 -32.94
N ALA S 62 -19.38 -7.87 -33.44
CA ALA S 62 -18.37 -6.97 -32.92
C ALA S 62 -18.66 -6.58 -31.47
N ARG S 63 -19.94 -6.38 -31.17
CA ARG S 63 -20.36 -6.08 -29.80
C ARG S 63 -20.14 -7.29 -28.89
N ARG S 64 -20.40 -8.48 -29.43
CA ARG S 64 -20.16 -9.72 -28.69
C ARG S 64 -18.68 -9.96 -28.47
N GLY S 65 -17.87 -9.58 -29.45
CA GLY S 65 -16.43 -9.81 -29.40
C GLY S 65 -16.00 -10.86 -30.42
N ASN S 66 -16.97 -11.34 -31.20
CA ASN S 66 -16.69 -12.36 -32.20
C ASN S 66 -16.10 -11.75 -33.47
N THR S 67 -14.85 -11.34 -33.39
CA THR S 67 -14.20 -10.63 -34.49
C THR S 67 -14.10 -11.52 -35.73
N ASP S 68 -13.93 -12.82 -35.51
CA ASP S 68 -13.83 -13.77 -36.60
C ASP S 68 -15.07 -13.72 -37.48
N ALA S 69 -16.24 -13.72 -36.84
CA ALA S 69 -17.51 -13.61 -37.55
C ALA S 69 -17.62 -12.28 -38.28
N VAL S 70 -17.15 -11.22 -37.65
CA VAL S 70 -17.15 -9.90 -38.25
C VAL S 70 -16.32 -9.88 -39.53
N ARG S 71 -15.13 -10.45 -39.48
CA ARG S 71 -14.25 -10.50 -40.64
C ARG S 71 -14.92 -11.20 -41.81
N GLU S 72 -15.54 -12.34 -41.54
CA GLU S 72 -16.26 -13.08 -42.56
C GLU S 72 -17.40 -12.24 -43.16
N ALA S 73 -18.18 -11.62 -42.28
CA ALA S 73 -19.31 -10.82 -42.71
C ALA S 73 -18.87 -9.65 -43.59
N LEU S 74 -17.76 -9.03 -43.23
CA LEU S 74 -17.20 -7.92 -44.00
C LEU S 74 -16.82 -8.37 -45.40
N GLU S 75 -16.24 -9.57 -45.50
CA GLU S 75 -15.88 -10.14 -46.79
C GLU S 75 -17.13 -10.44 -47.61
N VAL S 76 -18.16 -10.95 -46.95
CA VAL S 76 -19.41 -11.28 -47.63
C VAL S 76 -20.08 -10.03 -48.19
N ALA S 77 -20.02 -8.93 -47.43
CA ALA S 77 -20.51 -7.65 -47.89
C ALA S 77 -19.91 -7.28 -49.24
N LEU S 78 -18.60 -7.39 -49.34
CA LEU S 78 -17.91 -7.17 -50.61
C LEU S 78 -18.43 -8.11 -51.68
N GLU S 79 -18.54 -9.39 -51.34
CA GLU S 79 -18.95 -10.40 -52.30
C GLU S 79 -20.34 -10.13 -52.84
N ILE S 80 -21.22 -9.67 -51.97
CA ILE S 80 -22.59 -9.31 -52.36
C ILE S 80 -22.58 -8.18 -53.39
N ALA S 81 -21.79 -7.15 -53.12
CA ALA S 81 -21.64 -6.04 -54.05
C ALA S 81 -21.05 -6.49 -55.38
N ARG S 82 -20.09 -7.41 -55.30
CA ARG S 82 -19.48 -7.97 -56.50
C ARG S 82 -20.48 -8.75 -57.32
N GLU S 83 -21.34 -9.51 -56.65
CA GLU S 83 -22.36 -10.30 -57.31
C GLU S 83 -23.36 -9.41 -58.04
N SER S 84 -23.74 -8.30 -57.40
CA SER S 84 -24.60 -7.31 -58.01
C SER S 84 -23.95 -6.68 -59.23
N GLY S 85 -22.72 -6.20 -59.05
CA GLY S 85 -21.96 -5.60 -60.14
C GLY S 85 -22.42 -4.17 -60.42
N THR S 86 -22.98 -3.53 -59.40
CA THR S 86 -23.48 -2.18 -59.53
C THR S 86 -22.75 -1.21 -58.60
N THR S 87 -22.67 0.05 -59.00
CA THR S 87 -22.06 1.08 -58.17
C THR S 87 -22.82 1.26 -56.86
N GLU S 88 -24.14 1.21 -56.96
CA GLU S 88 -24.99 1.34 -55.77
C GLU S 88 -24.67 0.27 -54.74
N ALA S 89 -24.57 -0.98 -55.19
CA ALA S 89 -24.27 -2.08 -54.30
C ALA S 89 -22.92 -1.91 -53.62
N VAL S 90 -21.94 -1.41 -54.38
CA VAL S 90 -20.63 -1.11 -53.83
C VAL S 90 -20.72 -0.06 -52.72
N LYS S 91 -21.47 1.00 -52.98
CA LYS S 91 -21.69 2.04 -51.98
C LYS S 91 -22.37 1.47 -50.75
N LEU S 92 -23.37 0.62 -50.97
CA LEU S 92 -24.11 0.02 -49.87
C LEU S 92 -23.22 -0.88 -49.03
N ALA S 93 -22.33 -1.62 -49.69
CA ALA S 93 -21.38 -2.48 -49.01
C ALA S 93 -20.41 -1.67 -48.16
N LEU S 94 -20.00 -0.51 -48.69
CA LEU S 94 -19.15 0.41 -47.94
C LEU S 94 -19.89 0.99 -46.75
N GLU S 95 -21.18 1.22 -46.92
CA GLU S 95 -22.03 1.66 -45.81
C GLU S 95 -22.09 0.61 -44.71
N VAL S 96 -22.21 -0.65 -45.11
CA VAL S 96 -22.16 -1.76 -44.16
C VAL S 96 -20.87 -1.74 -43.36
N VAL S 97 -19.75 -1.63 -44.07
CA VAL S 97 -18.44 -1.58 -43.42
C VAL S 97 -18.35 -0.42 -42.43
N ALA S 98 -18.82 0.74 -42.85
CA ALA S 98 -18.82 1.92 -41.98
C ALA S 98 -19.56 1.65 -40.68
N ARG S 99 -20.78 1.13 -40.80
CA ARG S 99 -21.62 0.86 -39.63
C ARG S 99 -20.92 -0.06 -38.65
N VAL S 100 -20.30 -1.11 -39.16
CA VAL S 100 -19.62 -2.10 -38.33
C VAL S 100 -18.44 -1.50 -37.61
N ALA S 101 -17.59 -0.79 -38.36
CA ALA S 101 -16.37 -0.21 -37.81
C ALA S 101 -16.68 0.86 -36.77
N ILE S 102 -17.73 1.65 -37.03
CA ILE S 102 -18.14 2.69 -36.11
C ILE S 102 -18.60 2.11 -34.77
N GLU S 103 -19.46 1.09 -34.84
CA GLU S 103 -19.98 0.45 -33.65
C GLU S 103 -18.89 -0.34 -32.93
N ALA S 104 -18.00 -0.94 -33.71
CA ALA S 104 -16.86 -1.66 -33.14
C ALA S 104 -15.93 -0.72 -32.40
N ALA S 105 -15.69 0.45 -32.98
CA ALA S 105 -14.87 1.47 -32.33
C ALA S 105 -15.51 1.96 -31.04
N ARG S 106 -16.83 2.12 -31.07
CA ARG S 106 -17.57 2.50 -29.88
C ARG S 106 -17.54 1.40 -28.82
N ARG S 107 -17.62 0.15 -29.29
CA ARG S 107 -17.54 -0.99 -28.40
C ARG S 107 -16.14 -1.14 -27.80
N GLY S 108 -15.13 -0.79 -28.58
CA GLY S 108 -13.74 -0.93 -28.15
C GLY S 108 -13.04 -2.04 -28.94
N ASN S 109 -13.76 -2.65 -29.87
CA ASN S 109 -13.20 -3.73 -30.68
C ASN S 109 -12.36 -3.19 -31.82
N THR S 110 -11.19 -2.66 -31.50
CA THR S 110 -10.34 -2.00 -32.49
C THR S 110 -9.89 -2.98 -33.56
N GLU S 111 -9.70 -4.24 -33.18
CA GLU S 111 -9.29 -5.28 -34.11
C GLU S 111 -10.29 -5.41 -35.26
N ALA S 112 -11.57 -5.43 -34.92
CA ALA S 112 -12.63 -5.48 -35.91
C ALA S 112 -12.63 -4.23 -36.79
N VAL S 113 -12.37 -3.09 -36.17
CA VAL S 113 -12.29 -1.82 -36.89
C VAL S 113 -11.19 -1.87 -37.94
N VAL S 114 -10.02 -2.34 -37.54
CA VAL S 114 -8.88 -2.44 -38.45
C VAL S 114 -9.21 -3.28 -39.67
N GLU S 115 -9.84 -4.43 -39.44
CA GLU S 115 -10.26 -5.31 -40.52
C GLU S 115 -11.25 -4.61 -41.45
N ALA S 116 -12.25 -3.97 -40.85
CA ALA S 116 -13.29 -3.28 -41.61
C ALA S 116 -12.70 -2.18 -42.48
N LEU S 117 -11.75 -1.44 -41.93
CA LEU S 117 -11.08 -0.36 -42.65
C LEU S 117 -10.34 -0.90 -43.87
N LEU S 118 -9.69 -2.04 -43.71
CA LEU S 118 -9.00 -2.70 -44.82
C LEU S 118 -9.99 -3.17 -45.88
N VAL S 119 -11.13 -3.70 -45.43
CA VAL S 119 -12.16 -4.18 -46.34
C VAL S 119 -12.73 -3.04 -47.18
N ALA S 120 -12.92 -1.89 -46.54
CA ALA S 120 -13.37 -0.69 -47.24
C ALA S 120 -12.49 -0.39 -48.44
N LEU S 121 -11.18 -0.42 -48.23
CA LEU S 121 -10.22 -0.26 -49.32
C LEU S 121 -10.43 -1.32 -50.39
N GLU S 122 -10.56 -2.57 -49.96
CA GLU S 122 -10.67 -3.70 -50.88
C GLU S 122 -11.92 -3.58 -51.75
N ILE S 123 -13.01 -3.11 -51.15
CA ILE S 123 -14.25 -2.90 -51.87
C ILE S 123 -14.08 -1.86 -52.97
N ALA S 124 -13.44 -0.75 -52.63
CA ALA S 124 -13.14 0.30 -53.60
C ALA S 124 -12.24 -0.21 -54.71
N LYS S 125 -11.27 -1.05 -54.33
CA LYS S 125 -10.36 -1.65 -55.30
C LYS S 125 -11.11 -2.57 -56.26
N GLU S 126 -12.05 -3.33 -55.72
CA GLU S 126 -12.85 -4.25 -56.53
C GLU S 126 -13.71 -3.49 -57.54
N SER S 127 -14.27 -2.36 -57.11
CA SER S 127 -15.03 -1.50 -58.00
C SER S 127 -14.13 -0.91 -59.08
N GLY S 128 -13.01 -0.33 -58.67
CA GLY S 128 -12.04 0.24 -59.60
C GLY S 128 -12.50 1.60 -60.12
N THR S 129 -13.32 2.28 -59.32
CA THR S 129 -13.85 3.58 -59.70
C THR S 129 -13.42 4.66 -58.72
N GLU S 130 -13.31 5.88 -59.23
CA GLU S 130 -12.96 7.03 -58.38
C GLU S 130 -14.01 7.24 -57.30
N GLU S 131 -15.28 7.10 -57.67
CA GLU S 131 -16.38 7.25 -56.73
C GLU S 131 -16.24 6.30 -55.56
N ALA S 132 -16.00 5.03 -55.86
CA ALA S 132 -15.85 4.02 -54.82
C ALA S 132 -14.70 4.35 -53.88
N VAL S 133 -13.59 4.82 -54.44
CA VAL S 133 -12.45 5.24 -53.65
C VAL S 133 -12.83 6.38 -52.70
N ARG S 134 -13.52 7.38 -53.23
CA ARG S 134 -13.98 8.50 -52.41
C ARG S 134 -14.93 8.03 -51.31
N LEU S 135 -15.81 7.10 -51.66
CA LEU S 135 -16.76 6.54 -50.70
C LEU S 135 -16.04 5.78 -49.60
N ALA S 136 -15.00 5.05 -49.97
CA ALA S 136 -14.19 4.32 -49.01
C ALA S 136 -13.48 5.27 -48.05
N LEU S 137 -13.02 6.40 -48.58
CA LEU S 137 -12.41 7.44 -47.76
C LEU S 137 -13.42 8.06 -46.82
N GLU S 138 -14.66 8.18 -47.27
CA GLU S 138 -15.75 8.65 -46.42
C GLU S 138 -16.00 7.67 -45.27
N VAL S 139 -15.99 6.38 -45.58
CA VAL S 139 -16.11 5.34 -44.57
C VAL S 139 -15.04 5.49 -43.49
N VAL S 140 -13.79 5.61 -43.93
CA VAL S 140 -12.67 5.77 -43.01
C VAL S 140 -12.84 7.01 -42.14
N LYS S 141 -13.22 8.11 -42.79
CA LYS S 141 -13.46 9.37 -42.07
C LYS S 141 -14.48 9.17 -40.95
N ARG S 142 -15.62 8.58 -41.30
CA ARG S 142 -16.69 8.37 -40.33
C ARG S 142 -16.20 7.60 -39.11
N VAL S 143 -15.40 6.57 -39.36
CA VAL S 143 -14.88 5.73 -38.28
C VAL S 143 -13.97 6.53 -37.36
N SER S 144 -13.05 7.29 -37.95
CA SER S 144 -12.09 8.06 -37.18
C SER S 144 -12.77 9.17 -36.39
N ASN S 145 -13.81 9.75 -36.98
CA ASN S 145 -14.57 10.81 -36.32
C ASN S 145 -15.28 10.27 -35.07
N GLU S 146 -15.99 9.17 -35.22
CA GLU S 146 -16.75 8.59 -34.12
C GLU S 146 -15.82 7.95 -33.10
N ALA S 147 -14.73 7.38 -33.57
CA ALA S 147 -13.70 6.83 -32.70
C ALA S 147 -13.07 7.93 -31.83
N LEU S 148 -12.83 9.08 -32.43
CA LEU S 148 -12.32 10.23 -31.70
C LEU S 148 -13.29 10.69 -30.64
N LYS S 149 -14.58 10.64 -30.96
CA LYS S 149 -15.63 10.99 -30.00
C LYS S 149 -15.66 9.99 -28.85
N GLN S 150 -15.47 8.72 -29.17
CA GLN S 150 -15.43 7.66 -28.16
C GLN S 150 -14.18 7.77 -27.30
N GLY S 151 -13.07 8.15 -27.94
CA GLY S 151 -11.78 8.21 -27.26
C GLY S 151 -10.85 7.10 -27.75
N ASN S 152 -11.31 6.36 -28.75
CA ASN S 152 -10.54 5.24 -29.29
C ASN S 152 -9.44 5.71 -30.23
N VAL S 153 -8.37 6.25 -29.65
CA VAL S 153 -7.30 6.84 -30.44
C VAL S 153 -6.63 5.80 -31.34
N ASP S 154 -6.57 4.56 -30.86
CA ASP S 154 -5.97 3.48 -31.63
C ASP S 154 -6.68 3.30 -32.96
N ALA S 155 -8.01 3.29 -32.94
CA ALA S 155 -8.81 3.18 -34.16
C ALA S 155 -8.59 4.37 -35.07
N VAL S 156 -8.48 5.56 -34.47
CA VAL S 156 -8.23 6.78 -35.23
C VAL S 156 -6.92 6.70 -35.98
N LYS S 157 -5.86 6.28 -35.27
CA LYS S 157 -4.54 6.15 -35.87
C LYS S 157 -4.56 5.18 -37.04
N VAL S 158 -5.20 4.04 -36.85
CA VAL S 158 -5.34 3.05 -37.90
C VAL S 158 -6.09 3.61 -39.10
N ALA S 159 -7.19 4.30 -38.83
CA ALA S 159 -8.01 4.88 -39.88
C ALA S 159 -7.21 5.87 -40.72
N LEU S 160 -6.38 6.66 -40.06
CA LEU S 160 -5.54 7.64 -40.76
C LEU S 160 -4.57 6.95 -41.71
N GLU S 161 -3.99 5.84 -41.26
CA GLU S 161 -3.08 5.06 -42.10
C GLU S 161 -3.80 4.45 -43.29
N VAL S 162 -5.00 3.93 -43.04
CA VAL S 162 -5.81 3.32 -44.09
C VAL S 162 -6.24 4.36 -45.12
N ARG S 163 -6.61 5.54 -44.63
CA ARG S 163 -6.95 6.65 -45.51
C ARG S 163 -5.87 6.92 -46.54
N LYS S 164 -4.63 7.00 -46.06
CA LYS S 164 -3.47 7.13 -46.95
C LYS S 164 -3.40 5.96 -47.92
N MET S 165 -3.54 4.75 -47.40
CA MET S 165 -3.39 3.55 -48.21
C MET S 165 -4.41 3.51 -49.35
N ILE S 166 -5.63 3.96 -49.06
CA ILE S 166 -6.67 4.04 -50.07
C ILE S 166 -6.29 5.01 -51.18
N GLU S 167 -5.78 6.18 -50.80
CA GLU S 167 -5.32 7.17 -51.76
C GLU S 167 -4.15 6.62 -52.58
N GLU S 168 -3.27 5.87 -51.94
CA GLU S 168 -2.14 5.26 -52.62
C GLU S 168 -2.62 4.22 -53.64
N LEU S 169 -3.63 3.45 -53.26
CA LEU S 169 -4.20 2.45 -54.15
C LEU S 169 -4.83 3.09 -55.38
N SER S 170 -5.52 4.21 -55.17
CA SER S 170 -6.09 4.98 -56.27
C SER S 170 -5.00 5.52 -57.19
N GLY S 171 -3.98 6.15 -56.60
CA GLY S 171 -2.88 6.70 -57.37
C GLY S 171 -3.24 8.02 -58.01
N THR T 1 16.17 -41.42 -51.20
CA THR T 1 16.64 -40.34 -50.34
C THR T 1 15.60 -39.24 -50.22
N LYS T 2 15.19 -38.68 -51.35
CA LYS T 2 14.22 -37.59 -51.37
C LYS T 2 12.92 -38.01 -50.70
N GLU T 3 12.40 -39.17 -51.10
CA GLU T 3 11.13 -39.66 -50.57
C GLU T 3 11.19 -39.84 -49.06
N GLU T 4 12.31 -40.39 -48.59
CA GLU T 4 12.52 -40.56 -47.15
C GLU T 4 12.52 -39.21 -46.44
N ARG T 5 13.22 -38.24 -47.00
CA ARG T 5 13.27 -36.90 -46.44
C ARG T 5 11.88 -36.29 -46.34
N VAL T 6 11.08 -36.47 -47.39
CA VAL T 6 9.73 -35.93 -47.43
C VAL T 6 8.85 -36.56 -46.35
N LEU T 7 9.00 -37.87 -46.17
CA LEU T 7 8.25 -38.59 -45.14
C LEU T 7 8.70 -38.16 -43.75
N LEU T 8 10.00 -37.92 -43.59
CA LEU T 8 10.54 -37.43 -42.33
C LEU T 8 10.03 -36.03 -42.03
N MET T 9 9.85 -35.22 -43.08
CA MET T 9 9.26 -33.90 -42.93
C MET T 9 7.82 -33.99 -42.43
N LYS T 10 7.06 -34.94 -42.98
CA LYS T 10 5.71 -35.23 -42.50
C LYS T 10 5.72 -35.58 -41.03
N VAL T 11 6.62 -36.48 -40.64
CA VAL T 11 6.73 -36.90 -39.25
C VAL T 11 7.01 -35.72 -38.33
N ALA T 12 7.96 -34.88 -38.73
CA ALA T 12 8.32 -33.69 -37.96
C ALA T 12 7.10 -32.81 -37.72
N ILE T 13 6.40 -32.47 -38.79
CA ILE T 13 5.25 -31.58 -38.71
C ILE T 13 4.19 -32.13 -37.77
N LEU T 14 3.92 -33.43 -37.88
CA LEU T 14 2.92 -34.08 -37.05
C LEU T 14 3.31 -34.07 -35.59
N ALA T 15 4.55 -34.42 -35.30
CA ALA T 15 5.04 -34.51 -33.93
C ALA T 15 5.07 -33.14 -33.28
N ILE T 16 5.44 -32.12 -34.05
CA ILE T 16 5.48 -30.75 -33.55
C ILE T 16 4.10 -30.29 -33.12
N VAL T 17 3.11 -30.52 -33.98
CA VAL T 17 1.74 -30.10 -33.70
C VAL T 17 1.14 -30.92 -32.56
N ALA T 18 1.50 -32.19 -32.49
CA ALA T 18 1.08 -33.05 -31.40
C ALA T 18 1.63 -32.56 -30.05
N ALA T 19 2.90 -32.16 -30.05
CA ALA T 19 3.53 -31.62 -28.86
C ALA T 19 2.86 -30.31 -28.44
N LYS T 20 2.48 -29.49 -29.41
CA LYS T 20 1.77 -28.25 -29.14
C LYS T 20 0.38 -28.53 -28.58
N LYS T 21 -0.27 -29.56 -29.10
CA LYS T 21 -1.57 -29.98 -28.59
C LYS T 21 -1.46 -30.57 -27.19
N GLY T 22 -0.34 -31.25 -26.93
CA GLY T 22 -0.11 -31.89 -25.64
C GLY T 22 -0.16 -33.40 -25.76
N ASN T 23 -0.33 -33.89 -26.98
CA ASN T 23 -0.42 -35.32 -27.23
C ASN T 23 0.97 -35.96 -27.30
N THR T 24 1.61 -36.08 -26.15
CA THR T 24 2.98 -36.59 -26.08
C THR T 24 3.07 -38.02 -26.59
N ASP T 25 2.01 -38.79 -26.36
CA ASP T 25 1.96 -40.17 -26.83
C ASP T 25 2.13 -40.24 -28.35
N GLU T 26 1.44 -39.37 -29.07
CA GLU T 26 1.56 -39.30 -30.52
C GLU T 26 2.96 -38.87 -30.92
N VAL T 27 3.53 -37.93 -30.18
CA VAL T 27 4.90 -37.47 -30.42
C VAL T 27 5.88 -38.63 -30.33
N ARG T 28 5.74 -39.43 -29.29
CA ARG T 28 6.63 -40.58 -29.08
C ARG T 28 6.57 -41.53 -30.27
N LYS T 29 5.36 -41.80 -30.75
CA LYS T 29 5.18 -42.66 -31.92
C LYS T 29 5.87 -42.08 -33.15
N ALA T 30 5.65 -40.78 -33.38
CA ALA T 30 6.23 -40.11 -34.54
C ALA T 30 7.75 -40.12 -34.48
N LEU T 31 8.29 -39.93 -33.29
CA LEU T 31 9.73 -39.98 -33.08
C LEU T 31 10.29 -41.35 -33.43
N GLU T 32 9.56 -42.40 -33.05
CA GLU T 32 9.93 -43.76 -33.40
C GLU T 32 9.88 -43.98 -34.90
N LEU T 33 8.87 -43.41 -35.54
CA LEU T 33 8.71 -43.52 -36.98
C LEU T 33 9.89 -42.89 -37.71
N ALA T 34 10.35 -41.74 -37.23
CA ALA T 34 11.54 -41.10 -37.77
C ALA T 34 12.73 -42.04 -37.76
N LEU T 35 12.95 -42.70 -36.62
CA LEU T 35 14.00 -43.70 -36.49
C LEU T 35 13.80 -44.83 -37.50
N LEU T 36 12.57 -45.32 -37.58
CA LEU T 36 12.26 -46.47 -38.43
C LEU T 36 12.53 -46.16 -39.90
N ILE T 37 12.21 -44.93 -40.30
CA ILE T 37 12.46 -44.48 -41.66
C ILE T 37 13.95 -44.47 -41.97
N ALA T 38 14.74 -43.93 -41.04
CA ALA T 38 16.19 -43.90 -41.19
C ALA T 38 16.76 -45.31 -41.23
N LYS T 39 16.21 -46.20 -40.41
CA LYS T 39 16.64 -47.59 -40.37
C LYS T 39 16.36 -48.30 -41.69
N VAL T 40 15.18 -48.05 -42.25
CA VAL T 40 14.80 -48.65 -43.51
C VAL T 40 15.69 -48.18 -44.65
N SER T 41 16.02 -46.89 -44.64
CA SER T 41 16.92 -46.32 -45.63
C SER T 41 18.32 -46.91 -45.51
N GLY T 42 18.86 -46.89 -44.30
CA GLY T 42 20.18 -47.45 -44.03
C GLY T 42 21.28 -46.53 -44.52
N THR T 43 20.99 -45.25 -44.59
CA THR T 43 21.95 -44.26 -45.07
C THR T 43 22.27 -43.22 -44.00
N THR T 44 23.48 -42.67 -44.07
CA THR T 44 23.89 -41.63 -43.12
C THR T 44 23.01 -40.39 -43.27
N GLU T 45 22.65 -40.06 -44.50
CA GLU T 45 21.78 -38.91 -44.76
C GLU T 45 20.45 -39.06 -44.03
N ALA T 46 19.84 -40.22 -44.17
CA ALA T 46 18.55 -40.48 -43.54
C ALA T 46 18.65 -40.37 -42.02
N VAL T 47 19.73 -40.88 -41.47
CA VAL T 47 19.98 -40.77 -40.04
C VAL T 47 20.07 -39.31 -39.60
N LYS T 48 20.84 -38.52 -40.34
CA LYS T 48 20.96 -37.09 -40.07
C LYS T 48 19.61 -36.40 -40.15
N LEU T 49 18.83 -36.75 -41.16
CA LEU T 49 17.51 -36.15 -41.37
C LEU T 49 16.57 -36.50 -40.22
N ALA T 50 16.65 -37.74 -39.75
CA ALA T 50 15.83 -38.19 -38.62
C ALA T 50 16.20 -37.43 -37.35
N LEU T 51 17.49 -37.18 -37.17
CA LEU T 51 17.97 -36.39 -36.04
C LEU T 51 17.50 -34.95 -36.14
N GLU T 52 17.42 -34.43 -37.36
CA GLU T 52 16.88 -33.11 -37.61
C GLU T 52 15.40 -33.05 -37.21
N VAL T 53 14.65 -34.08 -37.57
CA VAL T 53 13.26 -34.20 -37.15
C VAL T 53 13.13 -34.13 -35.63
N VAL T 54 13.94 -34.93 -34.94
CA VAL T 54 13.93 -34.97 -33.48
C VAL T 54 14.22 -33.60 -32.89
N ALA T 55 15.24 -32.93 -33.44
CA ALA T 55 15.60 -31.59 -32.98
C ALA T 55 14.43 -30.63 -33.07
N ARG T 56 13.79 -30.59 -34.24
CA ARG T 56 12.69 -29.67 -34.47
C ARG T 56 11.57 -29.89 -33.47
N VAL T 57 11.23 -31.16 -33.22
CA VAL T 57 10.16 -31.50 -32.30
C VAL T 57 10.49 -31.09 -30.88
N ALA T 58 11.69 -31.41 -30.42
CA ALA T 58 12.11 -31.13 -29.06
C ALA T 58 12.21 -29.64 -28.81
N ILE T 59 12.68 -28.91 -29.82
CA ILE T 59 12.80 -27.45 -29.71
C ILE T 59 11.44 -26.80 -29.54
N GLU T 60 10.49 -27.18 -30.38
CA GLU T 60 9.15 -26.62 -30.33
C GLU T 60 8.40 -27.08 -29.09
N ALA T 61 8.65 -28.32 -28.68
CA ALA T 61 8.07 -28.85 -27.45
C ALA T 61 8.57 -28.08 -26.23
N ALA T 62 9.86 -27.77 -26.22
CA ALA T 62 10.45 -26.98 -25.14
C ALA T 62 9.87 -25.57 -25.11
N ARG T 63 9.64 -25.01 -26.29
CA ARG T 63 9.02 -23.69 -26.40
C ARG T 63 7.56 -23.74 -25.93
N ARG T 64 6.88 -24.84 -26.26
CA ARG T 64 5.51 -25.05 -25.82
C ARG T 64 5.43 -25.26 -24.31
N GLY T 65 6.44 -25.93 -23.77
CA GLY T 65 6.47 -26.25 -22.35
C GLY T 65 6.30 -27.76 -22.12
N ASN T 66 6.21 -28.50 -23.22
CA ASN T 66 6.02 -29.94 -23.14
C ASN T 66 7.34 -30.66 -22.88
N THR T 67 7.83 -30.55 -21.66
CA THR T 67 9.14 -31.09 -21.31
C THR T 67 9.17 -32.61 -21.47
N ASP T 68 8.04 -33.24 -21.19
CA ASP T 68 7.93 -34.69 -21.32
C ASP T 68 8.26 -35.15 -22.73
N ALA T 69 7.71 -34.46 -23.72
CA ALA T 69 7.99 -34.75 -25.12
C ALA T 69 9.45 -34.50 -25.45
N VAL T 70 10.01 -33.44 -24.88
CA VAL T 70 11.42 -33.11 -25.07
C VAL T 70 12.31 -34.24 -24.56
N ARG T 71 12.02 -34.73 -23.37
CA ARG T 71 12.81 -35.80 -22.77
C ARG T 71 12.81 -37.04 -23.66
N GLU T 72 11.64 -37.41 -24.17
CA GLU T 72 11.53 -38.54 -25.07
C GLU T 72 12.35 -38.32 -26.34
N ALA T 73 12.21 -37.14 -26.93
CA ALA T 73 12.90 -36.81 -28.16
C ALA T 73 14.42 -36.86 -27.98
N LEU T 74 14.89 -36.38 -26.84
CA LEU T 74 16.31 -36.40 -26.52
C LEU T 74 16.83 -37.83 -26.44
N GLU T 75 16.04 -38.72 -25.86
CA GLU T 75 16.38 -40.14 -25.78
C GLU T 75 16.41 -40.76 -27.18
N VAL T 76 15.45 -40.39 -28.01
CA VAL T 76 15.37 -40.91 -29.37
C VAL T 76 16.58 -40.49 -30.19
N ALA T 77 17.02 -39.24 -30.00
CA ALA T 77 18.23 -38.75 -30.64
C ALA T 77 19.41 -39.68 -30.38
N LEU T 78 19.60 -40.04 -29.12
CA LEU T 78 20.63 -41.00 -28.75
C LEU T 78 20.41 -42.33 -29.46
N GLU T 79 19.18 -42.82 -29.45
CA GLU T 79 18.86 -44.11 -30.02
C GLU T 79 19.15 -44.15 -31.51
N ILE T 80 18.87 -43.04 -32.19
CA ILE T 80 19.16 -42.92 -33.62
C ILE T 80 20.65 -43.04 -33.89
N ALA T 81 21.45 -42.33 -33.10
CA ALA T 81 22.90 -42.41 -33.21
C ALA T 81 23.41 -43.82 -32.93
N ARG T 82 22.80 -44.47 -31.94
CA ARG T 82 23.14 -45.85 -31.59
C ARG T 82 22.82 -46.79 -32.73
N GLU T 83 21.68 -46.59 -33.38
CA GLU T 83 21.27 -47.42 -34.50
C GLU T 83 22.24 -47.29 -35.66
N SER T 84 22.68 -46.06 -35.93
CA SER T 84 23.68 -45.80 -36.95
C SER T 84 25.01 -46.48 -36.61
N GLY T 85 25.49 -46.25 -35.40
CA GLY T 85 26.72 -46.87 -34.93
C GLY T 85 27.95 -46.14 -35.49
N THR T 86 27.77 -44.87 -35.83
CA THR T 86 28.85 -44.07 -36.40
C THR T 86 29.19 -42.89 -35.52
N THR T 87 30.44 -42.45 -35.58
CA THR T 87 30.89 -41.28 -34.83
C THR T 87 30.15 -40.02 -35.27
N GLU T 88 29.94 -39.92 -36.59
CA GLU T 88 29.21 -38.78 -37.14
C GLU T 88 27.82 -38.66 -36.55
N ALA T 89 27.10 -39.79 -36.52
CA ALA T 89 25.75 -39.81 -35.98
C ALA T 89 25.73 -39.38 -34.51
N VAL T 90 26.73 -39.84 -33.75
CA VAL T 90 26.87 -39.43 -32.36
C VAL T 90 27.05 -37.92 -32.24
N LYS T 91 27.92 -37.36 -33.06
CA LYS T 91 28.13 -35.92 -33.09
C LYS T 91 26.85 -35.19 -33.45
N LEU T 92 26.13 -35.71 -34.43
CA LEU T 92 24.89 -35.10 -34.88
C LEU T 92 23.83 -35.13 -33.79
N ALA T 93 23.77 -36.24 -33.05
CA ALA T 93 22.85 -36.37 -31.94
C ALA T 93 23.17 -35.37 -30.83
N LEU T 94 24.47 -35.16 -30.59
CA LEU T 94 24.91 -34.16 -29.63
C LEU T 94 24.56 -32.75 -30.10
N GLU T 95 24.63 -32.54 -31.40
CA GLU T 95 24.19 -31.27 -31.99
C GLU T 95 22.71 -31.04 -31.76
N VAL T 96 21.91 -32.08 -31.92
CA VAL T 96 20.48 -32.02 -31.61
C VAL T 96 20.25 -31.59 -30.17
N VAL T 97 20.94 -32.26 -29.25
CA VAL T 97 20.82 -31.93 -27.83
C VAL T 97 21.19 -30.48 -27.56
N ALA T 98 22.28 -30.03 -28.15
CA ALA T 98 22.71 -28.64 -28.00
C ALA T 98 21.62 -27.67 -28.41
N ARG T 99 21.07 -27.88 -29.60
CA ARG T 99 20.04 -26.99 -30.15
C ARG T 99 18.86 -26.89 -29.20
N VAL T 100 18.42 -28.03 -28.68
CA VAL T 100 17.26 -28.08 -27.79
C VAL T 100 17.52 -27.34 -26.50
N ALA T 101 18.66 -27.63 -25.88
CA ALA T 101 19.01 -27.05 -24.58
C ALA T 101 19.21 -25.55 -24.69
N ILE T 102 19.82 -25.11 -25.79
CA ILE T 102 20.04 -23.69 -26.03
C ILE T 102 18.72 -22.93 -26.14
N GLU T 103 17.81 -23.45 -26.95
CA GLU T 103 16.52 -22.82 -27.16
C GLU T 103 15.65 -22.91 -25.91
N ALA T 104 15.77 -24.02 -25.20
CA ALA T 104 15.07 -24.20 -23.94
C ALA T 104 15.54 -23.20 -22.89
N ALA T 105 16.85 -22.99 -22.83
CA ALA T 105 17.42 -22.00 -21.93
C ALA T 105 16.96 -20.59 -22.28
N ARG T 106 16.88 -20.30 -23.57
CA ARG T 106 16.37 -19.03 -24.04
C ARG T 106 14.88 -18.87 -23.73
N ARG T 107 14.15 -19.98 -23.86
CA ARG T 107 12.73 -19.98 -23.53
C ARG T 107 12.51 -19.83 -22.03
N GLY T 108 13.41 -20.39 -21.24
CA GLY T 108 13.28 -20.36 -19.79
C GLY T 108 12.97 -21.75 -19.23
N ASN T 109 12.90 -22.74 -20.13
CA ASN T 109 12.60 -24.11 -19.73
C ASN T 109 13.84 -24.81 -19.20
N THR T 110 14.27 -24.43 -18.00
CA THR T 110 15.51 -24.94 -17.43
C THR T 110 15.43 -26.44 -17.20
N GLU T 111 14.24 -26.93 -16.87
CA GLU T 111 14.02 -28.35 -16.66
C GLU T 111 14.41 -29.17 -17.89
N ALA T 112 13.98 -28.71 -19.05
CA ALA T 112 14.33 -29.35 -20.31
C ALA T 112 15.84 -29.28 -20.56
N VAL T 113 16.43 -28.15 -20.21
CA VAL T 113 17.88 -27.97 -20.34
C VAL T 113 18.63 -28.99 -19.51
N VAL T 114 18.23 -29.15 -18.26
CA VAL T 114 18.87 -30.10 -17.35
C VAL T 114 18.85 -31.51 -17.93
N GLU T 115 17.69 -31.92 -18.45
CA GLU T 115 17.55 -33.23 -19.07
C GLU T 115 18.47 -33.37 -20.27
N ALA T 116 18.47 -32.35 -21.13
CA ALA T 116 19.29 -32.37 -22.34
C ALA T 116 20.77 -32.48 -22.01
N LEU T 117 21.20 -31.76 -20.98
CA LEU T 117 22.59 -31.78 -20.55
C LEU T 117 22.99 -33.18 -20.08
N LEU T 118 22.09 -33.84 -19.37
CA LEU T 118 22.33 -35.22 -18.93
C LEU T 118 22.41 -36.17 -20.11
N VAL T 119 21.53 -35.96 -21.10
CA VAL T 119 21.50 -36.79 -22.29
C VAL T 119 22.80 -36.67 -23.08
N ALA T 120 23.31 -35.44 -23.16
CA ALA T 120 24.60 -35.20 -23.81
C ALA T 120 25.68 -36.09 -23.24
N LEU T 121 25.76 -36.15 -21.92
CA LEU T 121 26.68 -37.07 -21.24
C LEU T 121 26.42 -38.51 -21.65
N GLU T 122 25.15 -38.91 -21.63
CA GLU T 122 24.77 -40.29 -21.90
C GLU T 122 25.16 -40.70 -23.32
N ILE T 123 25.00 -39.77 -24.26
CA ILE T 123 25.38 -40.01 -25.64
C ILE T 123 26.87 -40.26 -25.77
N ALA T 124 27.67 -39.43 -25.10
CA ALA T 124 29.12 -39.60 -25.08
C ALA T 124 29.50 -40.93 -24.44
N LYS T 125 28.79 -41.29 -23.38
CA LYS T 125 29.02 -42.56 -22.69
C LYS T 125 28.71 -43.74 -23.61
N GLU T 126 27.64 -43.63 -24.37
CA GLU T 126 27.24 -44.68 -25.29
C GLU T 126 28.29 -44.88 -26.39
N SER T 127 28.84 -43.78 -26.88
CA SER T 127 29.92 -43.83 -27.86
C SER T 127 31.17 -44.47 -27.25
N GLY T 128 31.58 -43.97 -26.09
CA GLY T 128 32.73 -44.51 -25.39
C GLY T 128 34.04 -44.02 -26.00
N THR T 129 33.98 -42.86 -26.65
CA THR T 129 35.15 -42.29 -27.29
C THR T 129 35.52 -40.94 -26.70
N GLU T 130 36.81 -40.62 -26.75
CA GLU T 130 37.29 -39.32 -26.26
C GLU T 130 36.65 -38.18 -27.04
N GLU T 131 36.54 -38.35 -28.36
CA GLU T 131 35.93 -37.34 -29.22
C GLU T 131 34.52 -37.02 -28.78
N ALA T 132 33.72 -38.06 -28.56
CA ALA T 132 32.33 -37.89 -28.14
C ALA T 132 32.25 -37.13 -26.82
N VAL T 133 33.14 -37.47 -25.89
CA VAL T 133 33.20 -36.78 -24.61
C VAL T 133 33.50 -35.29 -24.80
N ARG T 134 34.48 -34.99 -25.64
CA ARG T 134 34.82 -33.60 -25.94
C ARG T 134 33.65 -32.88 -26.59
N LEU T 135 32.96 -33.57 -27.49
CA LEU T 135 31.81 -33.00 -28.17
C LEU T 135 30.68 -32.71 -27.20
N ALA T 136 30.48 -33.61 -26.24
CA ALA T 136 29.48 -33.43 -25.20
C ALA T 136 29.81 -32.22 -24.33
N LEU T 137 31.09 -32.02 -24.05
CA LEU T 137 31.55 -30.86 -23.30
C LEU T 137 31.32 -29.58 -24.09
N GLU T 138 31.47 -29.66 -25.41
CA GLU T 138 31.17 -28.55 -26.29
C GLU T 138 29.68 -28.20 -26.23
N VAL T 139 28.84 -29.22 -26.25
CA VAL T 139 27.40 -29.03 -26.09
C VAL T 139 27.07 -28.27 -24.81
N VAL T 140 27.63 -28.74 -23.70
CA VAL T 140 27.42 -28.11 -22.40
C VAL T 140 27.88 -26.66 -22.42
N LYS T 141 29.06 -26.43 -22.98
CA LYS T 141 29.60 -25.07 -23.10
C LYS T 141 28.63 -24.15 -23.82
N ARG T 142 28.17 -24.60 -24.99
CA ARG T 142 27.26 -23.80 -25.80
C ARG T 142 26.02 -23.39 -25.02
N VAL T 143 25.48 -24.33 -24.26
CA VAL T 143 24.27 -24.08 -23.47
C VAL T 143 24.52 -23.03 -22.40
N SER T 144 25.63 -23.18 -21.67
CA SER T 144 25.96 -22.26 -20.59
C SER T 144 26.27 -20.87 -21.11
N ASN T 145 26.90 -20.81 -22.28
CA ASN T 145 27.23 -19.54 -22.91
C ASN T 145 25.96 -18.77 -23.29
N GLU T 146 25.05 -19.44 -23.98
CA GLU T 146 23.82 -18.81 -24.44
C GLU T 146 22.88 -18.54 -23.28
N ALA T 147 22.88 -19.43 -22.30
CA ALA T 147 22.11 -19.24 -21.08
C ALA T 147 22.58 -18.01 -20.32
N LEU T 148 23.90 -17.82 -20.26
CA LEU T 148 24.47 -16.64 -19.64
C LEU T 148 24.06 -15.37 -20.36
N LYS T 149 23.99 -15.45 -21.69
CA LYS T 149 23.53 -14.32 -22.50
C LYS T 149 22.07 -14.02 -22.22
N GLN T 150 21.27 -15.06 -22.06
CA GLN T 150 19.84 -14.91 -21.76
C GLN T 150 19.65 -14.38 -20.35
N GLY T 151 20.50 -14.83 -19.43
CA GLY T 151 20.37 -14.47 -18.02
C GLY T 151 19.93 -15.67 -17.18
N ASN T 152 19.84 -16.83 -17.83
CA ASN T 152 19.39 -18.05 -17.17
C ASN T 152 20.50 -18.67 -16.33
N VAL T 153 20.77 -18.07 -15.18
CA VAL T 153 21.88 -18.50 -14.34
C VAL T 153 21.69 -19.94 -13.86
N ASP T 154 20.43 -20.32 -13.64
CA ASP T 154 20.12 -21.66 -13.20
C ASP T 154 20.63 -22.71 -14.18
N ALA T 155 20.38 -22.47 -15.47
CA ALA T 155 20.86 -23.37 -16.52
C ALA T 155 22.38 -23.40 -16.56
N VAL T 156 23.00 -22.24 -16.37
CA VAL T 156 24.46 -22.13 -16.35
C VAL T 156 25.05 -22.97 -15.23
N LYS T 157 24.48 -22.85 -14.03
CA LYS T 157 24.95 -23.60 -12.88
C LYS T 157 24.85 -25.10 -13.12
N VAL T 158 23.72 -25.53 -13.66
CA VAL T 158 23.51 -26.93 -13.99
C VAL T 158 24.53 -27.42 -15.02
N ALA T 159 24.74 -26.61 -16.06
CA ALA T 159 25.67 -26.95 -17.12
C ALA T 159 27.09 -27.14 -16.58
N LEU T 160 27.47 -26.28 -15.64
CA LEU T 160 28.80 -26.37 -15.02
C LEU T 160 28.97 -27.68 -14.27
N GLU T 161 27.92 -28.10 -13.56
CA GLU T 161 27.93 -29.36 -12.84
C GLU T 161 28.02 -30.54 -13.79
N VAL T 162 27.25 -30.47 -14.88
CA VAL T 162 27.24 -31.53 -15.89
C VAL T 162 28.59 -31.64 -16.58
N ARG T 163 29.19 -30.49 -16.88
CA ARG T 163 30.53 -30.45 -17.45
C ARG T 163 31.52 -31.27 -16.64
N LYS T 164 31.52 -31.05 -15.33
CA LYS T 164 32.33 -31.85 -14.42
C LYS T 164 31.98 -33.32 -14.52
N MET T 165 30.69 -33.62 -14.49
CA MET T 165 30.22 -35.00 -14.49
C MET T 165 30.68 -35.75 -15.74
N ILE T 166 30.67 -35.06 -16.87
CA ILE T 166 31.15 -35.63 -18.12
C ILE T 166 32.62 -35.98 -18.04
N GLU T 167 33.41 -35.06 -17.51
CA GLU T 167 34.84 -35.29 -17.31
C GLU T 167 35.08 -36.45 -16.35
N GLU T 168 34.26 -36.54 -15.31
CA GLU T 168 34.35 -37.62 -14.34
C GLU T 168 34.03 -38.96 -15.01
N LEU T 169 33.03 -38.97 -15.88
CA LEU T 169 32.65 -40.18 -16.60
C LEU T 169 33.77 -40.65 -17.51
N SER T 170 34.43 -39.70 -18.18
CA SER T 170 35.59 -40.01 -19.01
C SER T 170 36.73 -40.58 -18.18
N GLY T 171 37.06 -39.90 -17.08
CA GLY T 171 38.13 -40.34 -16.21
C GLY T 171 39.49 -39.99 -16.76
N THR U 1 11.69 -75.64 -37.06
CA THR U 1 12.09 -74.47 -36.28
C THR U 1 11.60 -73.18 -36.93
N LYS U 2 11.97 -72.97 -38.18
CA LYS U 2 11.59 -71.76 -38.89
C LYS U 2 10.08 -71.61 -38.96
N GLU U 3 9.39 -72.68 -39.37
CA GLU U 3 7.95 -72.66 -39.52
C GLU U 3 7.26 -72.33 -38.20
N GLU U 4 7.76 -72.92 -37.11
CA GLU U 4 7.24 -72.65 -35.78
C GLU U 4 7.41 -71.17 -35.42
N ARG U 5 8.60 -70.64 -35.70
CA ARG U 5 8.88 -69.23 -35.43
C ARG U 5 7.93 -68.32 -36.20
N VAL U 6 7.68 -68.67 -37.45
CA VAL U 6 6.79 -67.87 -38.29
C VAL U 6 5.36 -67.88 -37.77
N LEU U 7 4.91 -69.05 -37.31
CA LEU U 7 3.59 -69.18 -36.72
C LEU U 7 3.49 -68.43 -35.40
N LEU U 8 4.57 -68.45 -34.63
CA LEU U 8 4.63 -67.70 -33.38
C LEU U 8 4.61 -66.20 -33.64
N MET U 9 5.22 -65.78 -34.74
CA MET U 9 5.16 -64.39 -35.17
C MET U 9 3.73 -63.98 -35.50
N LYS U 10 3.01 -64.85 -36.19
CA LYS U 10 1.60 -64.64 -36.47
C LYS U 10 0.81 -64.46 -35.17
N VAL U 11 1.04 -65.36 -34.22
CA VAL U 11 0.36 -65.30 -32.92
C VAL U 11 0.62 -63.98 -32.22
N ALA U 12 1.88 -63.56 -32.20
CA ALA U 12 2.27 -62.31 -31.58
C ALA U 12 1.50 -61.13 -32.18
N ILE U 13 1.52 -61.03 -33.49
CA ILE U 13 0.87 -59.92 -34.19
C ILE U 13 -0.61 -59.86 -33.87
N LEU U 14 -1.26 -61.02 -33.88
CA LEU U 14 -2.69 -61.11 -33.62
C LEU U 14 -3.02 -60.68 -32.19
N ALA U 15 -2.25 -61.20 -31.24
CA ALA U 15 -2.49 -60.92 -29.83
C ALA U 15 -2.25 -59.46 -29.50
N ILE U 16 -1.23 -58.88 -30.13
CA ILE U 16 -0.91 -57.47 -29.94
C ILE U 16 -2.06 -56.58 -30.39
N VAL U 17 -2.57 -56.86 -31.59
CA VAL U 17 -3.67 -56.07 -32.16
C VAL U 17 -4.96 -56.28 -31.37
N ALA U 18 -5.16 -57.51 -30.90
CA ALA U 18 -6.31 -57.83 -30.07
C ALA U 18 -6.28 -57.06 -28.76
N ALA U 19 -5.09 -56.99 -28.16
CA ALA U 19 -4.90 -56.22 -26.93
C ALA U 19 -5.16 -54.74 -27.15
N LYS U 20 -4.73 -54.24 -28.31
CA LYS U 20 -4.98 -52.85 -28.67
C LYS U 20 -6.46 -52.59 -28.90
N LYS U 21 -7.14 -53.56 -29.49
CA LYS U 21 -8.58 -53.48 -29.69
C LYS U 21 -9.32 -53.56 -28.35
N GLY U 22 -8.79 -54.35 -27.43
CA GLY U 22 -9.40 -54.54 -26.13
C GLY U 22 -9.94 -55.96 -25.98
N ASN U 23 -9.73 -56.78 -27.01
CA ASN U 23 -10.22 -58.16 -27.01
C ASN U 23 -9.29 -59.07 -26.22
N THR U 24 -9.33 -58.95 -24.90
CA THR U 24 -8.42 -59.69 -24.03
C THR U 24 -8.65 -61.19 -24.16
N ASP U 25 -9.90 -61.57 -24.40
CA ASP U 25 -10.25 -62.98 -24.57
C ASP U 25 -9.46 -63.60 -25.73
N GLU U 26 -9.39 -62.90 -26.84
CA GLU U 26 -8.62 -63.34 -27.99
C GLU U 26 -7.13 -63.42 -27.66
N VAL U 27 -6.65 -62.43 -26.91
CA VAL U 27 -5.26 -62.42 -26.48
C VAL U 27 -4.92 -63.66 -25.67
N ARG U 28 -5.79 -64.01 -24.73
CA ARG U 28 -5.59 -65.20 -23.90
C ARG U 28 -5.46 -66.44 -24.75
N LYS U 29 -6.33 -66.58 -25.74
CA LYS U 29 -6.29 -67.71 -26.66
C LYS U 29 -4.96 -67.76 -27.41
N ALA U 30 -4.56 -66.61 -27.95
CA ALA U 30 -3.33 -66.52 -28.73
C ALA U 30 -2.12 -66.86 -27.87
N LEU U 31 -2.13 -66.40 -26.62
CA LEU U 31 -1.06 -66.71 -25.68
C LEU U 31 -0.96 -68.21 -25.42
N GLU U 32 -2.11 -68.87 -25.32
CA GLU U 32 -2.16 -70.31 -25.17
C GLU U 32 -1.61 -71.01 -26.41
N LEU U 33 -1.94 -70.47 -27.58
CA LEU U 33 -1.48 -71.03 -28.84
C LEU U 33 0.04 -70.98 -28.94
N ALA U 34 0.62 -69.86 -28.49
CA ALA U 34 2.07 -69.73 -28.42
C ALA U 34 2.69 -70.87 -27.61
N LEU U 35 2.13 -71.12 -26.44
CA LEU U 35 2.56 -72.24 -25.60
C LEU U 35 2.42 -73.56 -26.35
N LEU U 36 1.27 -73.77 -26.97
CA LEU U 36 0.98 -75.03 -27.64
C LEU U 36 1.96 -75.29 -28.78
N ILE U 37 2.33 -74.24 -29.50
CA ILE U 37 3.30 -74.35 -30.57
C ILE U 37 4.66 -74.79 -30.04
N ALA U 38 5.10 -74.16 -28.96
CA ALA U 38 6.35 -74.53 -28.31
C ALA U 38 6.32 -75.96 -27.79
N LYS U 39 5.18 -76.36 -27.25
CA LYS U 39 5.00 -77.71 -26.74
C LYS U 39 5.09 -78.74 -27.87
N VAL U 40 4.47 -78.43 -28.99
CA VAL U 40 4.49 -79.32 -30.15
C VAL U 40 5.90 -79.48 -30.70
N SER U 41 6.64 -78.37 -30.74
CA SER U 41 8.02 -78.39 -31.18
C SER U 41 8.89 -79.22 -30.23
N GLY U 42 8.81 -78.91 -28.95
CA GLY U 42 9.56 -79.64 -27.94
C GLY U 42 11.02 -79.21 -27.90
N THR U 43 11.28 -77.99 -28.36
CA THR U 43 12.64 -77.48 -28.42
C THR U 43 12.81 -76.24 -27.54
N THR U 44 14.03 -76.04 -27.05
CA THR U 44 14.34 -74.87 -26.23
C THR U 44 14.15 -73.59 -27.03
N GLU U 45 14.52 -73.62 -28.31
CA GLU U 45 14.35 -72.46 -29.18
C GLU U 45 12.89 -72.04 -29.26
N ALA U 46 12.01 -73.01 -29.50
CA ALA U 46 10.58 -72.74 -29.60
C ALA U 46 10.03 -72.14 -28.32
N VAL U 47 10.49 -72.67 -27.18
CA VAL U 47 10.10 -72.14 -25.89
C VAL U 47 10.52 -70.68 -25.73
N LYS U 48 11.76 -70.38 -26.08
CA LYS U 48 12.27 -69.02 -26.04
C LYS U 48 11.46 -68.10 -26.95
N LEU U 49 11.15 -68.59 -28.14
CA LEU U 49 10.39 -67.81 -29.11
C LEU U 49 8.98 -67.52 -28.60
N ALA U 50 8.37 -68.51 -27.95
CA ALA U 50 7.04 -68.35 -27.36
C ALA U 50 7.05 -67.32 -26.25
N LEU U 51 8.13 -67.32 -25.46
CA LEU U 51 8.31 -66.34 -24.41
C LEU U 51 8.50 -64.94 -24.99
N GLU U 52 9.17 -64.87 -26.13
CA GLU U 52 9.32 -63.61 -26.86
C GLU U 52 7.96 -63.08 -27.32
N VAL U 53 7.12 -63.98 -27.83
CA VAL U 53 5.76 -63.62 -28.20
C VAL U 53 5.01 -63.02 -27.02
N VAL U 54 5.07 -63.70 -25.88
CA VAL U 54 4.40 -63.23 -24.67
C VAL U 54 4.88 -61.85 -24.26
N ALA U 55 6.20 -61.66 -24.29
CA ALA U 55 6.79 -60.38 -23.96
C ALA U 55 6.23 -59.26 -24.82
N ARG U 56 6.24 -59.47 -26.13
CA ARG U 56 5.78 -58.45 -27.07
C ARG U 56 4.34 -58.06 -26.79
N VAL U 57 3.49 -59.05 -26.54
CA VAL U 57 2.08 -58.81 -26.29
C VAL U 57 1.87 -58.02 -25.00
N ALA U 58 2.53 -58.45 -23.94
CA ALA U 58 2.37 -57.82 -22.63
C ALA U 58 2.89 -56.40 -22.63
N ILE U 59 4.00 -56.18 -23.35
CA ILE U 59 4.59 -54.85 -23.44
C ILE U 59 3.63 -53.87 -24.14
N GLU U 60 3.09 -54.30 -25.28
CA GLU U 60 2.19 -53.46 -26.04
C GLU U 60 0.85 -53.28 -25.33
N ALA U 61 0.42 -54.33 -24.64
CA ALA U 61 -0.80 -54.26 -23.83
C ALA U 61 -0.64 -53.27 -22.69
N ALA U 62 0.52 -53.28 -22.04
CA ALA U 62 0.82 -52.33 -20.98
C ALA U 62 0.85 -50.90 -21.50
N ARG U 63 1.40 -50.73 -22.71
CA ARG U 63 1.42 -49.42 -23.36
C ARG U 63 0.01 -48.98 -23.73
N ARG U 64 -0.81 -49.93 -24.18
CA ARG U 64 -2.20 -49.65 -24.50
C ARG U 64 -3.01 -49.33 -23.25
N GLY U 65 -2.67 -49.98 -22.15
CA GLY U 65 -3.40 -49.80 -20.89
C GLY U 65 -4.19 -51.06 -20.54
N ASN U 66 -4.06 -52.09 -21.36
CA ASN U 66 -4.78 -53.33 -21.16
C ASN U 66 -4.08 -54.20 -20.11
N THR U 67 -4.18 -53.81 -18.85
CA THR U 67 -3.47 -54.47 -17.78
C THR U 67 -3.93 -55.92 -17.62
N ASP U 68 -5.22 -56.15 -17.88
CA ASP U 68 -5.78 -57.49 -17.79
C ASP U 68 -5.05 -58.46 -18.72
N ALA U 69 -4.82 -58.04 -19.95
CA ALA U 69 -4.07 -58.84 -20.91
C ALA U 69 -2.64 -59.07 -20.45
N VAL U 70 -2.05 -58.02 -19.87
CA VAL U 70 -0.69 -58.12 -19.34
C VAL U 70 -0.60 -59.18 -18.25
N ARG U 71 -1.55 -59.15 -17.33
CA ARG U 71 -1.57 -60.11 -16.23
C ARG U 71 -1.62 -61.55 -16.74
N GLU U 72 -2.49 -61.78 -17.72
CA GLU U 72 -2.61 -63.10 -18.33
C GLU U 72 -1.30 -63.51 -19.00
N ALA U 73 -0.71 -62.60 -19.76
CA ALA U 73 0.53 -62.88 -20.47
C ALA U 73 1.66 -63.22 -19.50
N LEU U 74 1.71 -62.49 -18.39
CA LEU U 74 2.72 -62.74 -17.37
C LEU U 74 2.59 -64.14 -16.79
N GLU U 75 1.35 -64.57 -16.56
CA GLU U 75 1.09 -65.91 -16.07
C GLU U 75 1.49 -66.96 -17.10
N VAL U 76 1.21 -66.68 -18.36
CA VAL U 76 1.56 -67.59 -19.45
C VAL U 76 3.06 -67.77 -19.56
N ALA U 77 3.80 -66.67 -19.39
CA ALA U 77 5.25 -66.72 -19.38
C ALA U 77 5.76 -67.74 -18.37
N LEU U 78 5.22 -67.69 -17.16
CA LEU U 78 5.54 -68.68 -16.14
C LEU U 78 5.19 -70.09 -16.60
N GLU U 79 3.99 -70.24 -17.17
CA GLU U 79 3.51 -71.54 -17.58
C GLU U 79 4.40 -72.16 -18.66
N ILE U 80 4.88 -71.30 -19.57
CA ILE U 80 5.79 -71.74 -20.62
C ILE U 80 7.08 -72.29 -20.04
N ALA U 81 7.65 -71.56 -19.08
CA ALA U 81 8.85 -72.00 -18.39
C ALA U 81 8.62 -73.30 -17.64
N ARG U 82 7.44 -73.42 -17.03
CA ARG U 82 7.06 -74.64 -16.32
C ARG U 82 6.95 -75.82 -17.27
N GLU U 83 6.39 -75.59 -18.44
CA GLU U 83 6.24 -76.63 -19.45
C GLU U 83 7.59 -77.12 -19.93
N SER U 84 8.53 -76.20 -20.12
CA SER U 84 9.90 -76.54 -20.49
C SER U 84 10.57 -77.34 -19.38
N GLY U 85 10.51 -76.83 -18.17
CA GLY U 85 11.09 -77.52 -17.01
C GLY U 85 12.60 -77.33 -16.97
N THR U 86 13.08 -76.24 -17.56
CA THR U 86 14.51 -75.96 -17.61
C THR U 86 14.84 -74.65 -16.89
N THR U 87 16.05 -74.57 -16.35
CA THR U 87 16.52 -73.35 -15.71
C THR U 87 16.57 -72.19 -16.69
N GLU U 88 17.02 -72.48 -17.91
CA GLU U 88 17.10 -71.46 -18.95
C GLU U 88 15.74 -70.84 -19.22
N ALA U 89 14.72 -71.68 -19.38
CA ALA U 89 13.37 -71.22 -19.64
C ALA U 89 12.86 -70.33 -18.50
N VAL U 90 13.17 -70.71 -17.27
CA VAL U 90 12.82 -69.91 -16.11
C VAL U 90 13.46 -68.53 -16.18
N LYS U 91 14.76 -68.49 -16.49
CA LYS U 91 15.48 -67.24 -16.66
C LYS U 91 14.86 -66.39 -17.77
N LEU U 92 14.51 -67.04 -18.87
CA LEU U 92 13.92 -66.35 -20.01
C LEU U 92 12.56 -65.76 -19.65
N ALA U 93 11.78 -66.51 -18.88
CA ALA U 93 10.48 -66.04 -18.41
C ALA U 93 10.63 -64.83 -17.50
N LEU U 94 11.66 -64.85 -16.66
CA LEU U 94 11.95 -63.72 -15.80
C LEU U 94 12.40 -62.51 -16.61
N GLU U 95 13.11 -62.77 -17.71
CA GLU U 95 13.49 -61.72 -18.64
C GLU U 95 12.26 -61.08 -19.28
N VAL U 96 11.29 -61.92 -19.66
CA VAL U 96 10.01 -61.43 -20.17
C VAL U 96 9.34 -60.50 -19.17
N VAL U 97 9.26 -60.94 -17.92
CA VAL U 97 8.65 -60.14 -16.85
C VAL U 97 9.35 -58.80 -16.69
N ALA U 98 10.69 -58.84 -16.69
CA ALA U 98 11.49 -57.63 -16.57
C ALA U 98 11.14 -56.63 -17.67
N ARG U 99 11.13 -57.10 -18.92
CA ARG U 99 10.86 -56.23 -20.05
C ARG U 99 9.51 -55.55 -19.92
N VAL U 100 8.51 -56.31 -19.52
CA VAL U 100 7.15 -55.80 -19.39
C VAL U 100 7.06 -54.74 -18.29
N ALA U 101 7.61 -55.06 -17.13
CA ALA U 101 7.54 -54.17 -15.97
C ALA U 101 8.31 -52.88 -16.22
N ILE U 102 9.45 -52.99 -16.89
CA ILE U 102 10.26 -51.83 -17.21
C ILE U 102 9.52 -50.87 -18.14
N GLU U 103 8.94 -51.41 -19.21
CA GLU U 103 8.21 -50.61 -20.18
C GLU U 103 6.91 -50.07 -19.58
N ALA U 104 6.28 -50.87 -18.73
CA ALA U 104 5.08 -50.44 -18.02
C ALA U 104 5.38 -49.28 -17.08
N ALA U 105 6.50 -49.37 -16.37
CA ALA U 105 6.94 -48.30 -15.50
C ALA U 105 7.23 -47.02 -16.27
N ARG U 106 7.85 -47.18 -17.44
CA ARG U 106 8.11 -46.05 -18.33
C ARG U 106 6.82 -45.48 -18.88
N ARG U 107 5.86 -46.35 -19.18
CA ARG U 107 4.55 -45.92 -19.65
C ARG U 107 3.77 -45.21 -18.56
N GLY U 108 3.95 -45.67 -17.32
CA GLY U 108 3.20 -45.12 -16.19
C GLY U 108 2.20 -46.13 -15.66
N ASN U 109 2.17 -47.32 -16.26
CA ASN U 109 1.24 -48.36 -15.86
C ASN U 109 1.76 -49.11 -14.63
N THR U 110 1.72 -48.46 -13.48
CA THR U 110 2.29 -49.01 -12.25
C THR U 110 1.56 -50.30 -11.85
N GLU U 111 0.27 -50.35 -12.12
CA GLU U 111 -0.53 -51.53 -11.80
C GLU U 111 0.03 -52.77 -12.48
N ALA U 112 0.36 -52.65 -13.75
CA ALA U 112 0.97 -53.75 -14.50
C ALA U 112 2.34 -54.10 -13.92
N VAL U 113 3.09 -53.09 -13.52
CA VAL U 113 4.39 -53.30 -12.90
C VAL U 113 4.26 -54.13 -11.62
N VAL U 114 3.32 -53.76 -10.77
CA VAL U 114 3.10 -54.46 -9.52
C VAL U 114 2.81 -55.94 -9.76
N GLU U 115 1.94 -56.23 -10.72
CA GLU U 115 1.61 -57.60 -11.09
C GLU U 115 2.85 -58.35 -11.57
N ALA U 116 3.61 -57.71 -12.46
CA ALA U 116 4.80 -58.33 -13.04
C ALA U 116 5.82 -58.65 -11.96
N LEU U 117 5.98 -57.74 -11.00
CA LEU U 117 6.92 -57.93 -9.90
C LEU U 117 6.53 -59.15 -9.06
N LEU U 118 5.23 -59.31 -8.82
CA LEU U 118 4.73 -60.47 -8.10
C LEU U 118 4.95 -61.75 -8.87
N VAL U 119 4.76 -61.69 -10.19
CA VAL U 119 4.95 -62.85 -11.04
C VAL U 119 6.41 -63.30 -11.05
N ALA U 120 7.32 -62.33 -11.06
CA ALA U 120 8.75 -62.62 -10.95
C ALA U 120 9.05 -63.50 -9.75
N LEU U 121 8.50 -63.11 -8.60
CA LEU U 121 8.61 -63.93 -7.39
C LEU U 121 8.04 -65.33 -7.62
N GLU U 122 6.86 -65.39 -8.20
CA GLU U 122 6.16 -66.66 -8.39
C GLU U 122 6.95 -67.61 -9.28
N ILE U 123 7.58 -67.04 -10.31
CA ILE U 123 8.41 -67.82 -11.22
C ILE U 123 9.60 -68.43 -10.49
N ALA U 124 10.26 -67.63 -9.66
CA ALA U 124 11.36 -68.12 -8.85
C ALA U 124 10.91 -69.20 -7.88
N LYS U 125 9.72 -69.00 -7.31
CA LYS U 125 9.14 -69.98 -6.40
C LYS U 125 8.86 -71.30 -7.10
N GLU U 126 8.36 -71.20 -8.33
CA GLU U 126 8.05 -72.39 -9.13
C GLU U 126 9.32 -73.18 -9.44
N SER U 127 10.39 -72.47 -9.76
CA SER U 127 11.68 -73.09 -9.98
C SER U 127 12.21 -73.75 -8.71
N GLY U 128 12.21 -73.00 -7.62
CA GLY U 128 12.63 -73.53 -6.32
C GLY U 128 14.16 -73.58 -6.23
N THR U 129 14.82 -72.73 -6.99
CA THR U 129 16.28 -72.71 -7.02
C THR U 129 16.82 -71.35 -6.56
N GLU U 130 18.01 -71.36 -5.98
CA GLU U 130 18.66 -70.13 -5.55
C GLU U 130 18.93 -69.20 -6.74
N GLU U 131 19.34 -69.79 -7.86
CA GLU U 131 19.60 -69.01 -9.07
C GLU U 131 18.37 -68.24 -9.51
N ALA U 132 17.23 -68.94 -9.56
CA ALA U 132 15.98 -68.33 -9.98
C ALA U 132 15.60 -67.17 -9.06
N VAL U 133 15.80 -67.36 -7.76
CA VAL U 133 15.54 -66.31 -6.78
C VAL U 133 16.41 -65.08 -7.05
N ARG U 134 17.71 -65.32 -7.28
CA ARG U 134 18.63 -64.23 -7.59
C ARG U 134 18.23 -63.53 -8.87
N LEU U 135 17.82 -64.30 -9.87
CA LEU U 135 17.38 -63.75 -11.14
C LEU U 135 16.13 -62.90 -10.97
N ALA U 136 15.21 -63.35 -10.13
CA ALA U 136 14.01 -62.60 -9.83
C ALA U 136 14.33 -61.28 -9.14
N LEU U 137 15.32 -61.31 -8.27
CA LEU U 137 15.80 -60.09 -7.60
C LEU U 137 16.44 -59.14 -8.60
N GLU U 138 17.11 -59.69 -9.60
CA GLU U 138 17.66 -58.90 -10.69
C GLU U 138 16.56 -58.23 -11.50
N VAL U 139 15.50 -58.97 -11.78
CA VAL U 139 14.33 -58.41 -12.44
C VAL U 139 13.77 -57.22 -11.68
N VAL U 140 13.57 -57.40 -10.39
CA VAL U 140 13.04 -56.33 -9.53
C VAL U 140 13.97 -55.12 -9.54
N LYS U 141 15.26 -55.37 -9.43
CA LYS U 141 16.26 -54.29 -9.48
C LYS U 141 16.12 -53.48 -10.76
N ARG U 142 16.10 -54.17 -11.89
CA ARG U 142 16.02 -53.51 -13.19
C ARG U 142 14.80 -52.58 -13.26
N VAL U 143 13.67 -53.07 -12.76
CA VAL U 143 12.44 -52.29 -12.79
C VAL U 143 12.56 -51.02 -11.95
N SER U 144 13.08 -51.17 -10.73
CA SER U 144 13.21 -50.04 -9.82
C SER U 144 14.21 -49.01 -10.34
N ASN U 145 15.27 -49.51 -10.98
CA ASN U 145 16.29 -48.64 -11.55
C ASN U 145 15.71 -47.77 -12.67
N GLU U 146 15.03 -48.41 -13.60
CA GLU U 146 14.46 -47.70 -14.75
C GLU U 146 13.27 -46.85 -14.33
N ALA U 147 12.50 -47.33 -13.36
CA ALA U 147 11.41 -46.57 -12.79
C ALA U 147 11.91 -45.30 -12.12
N LEU U 148 13.03 -45.41 -11.42
CA LEU U 148 13.66 -44.25 -10.79
C LEU U 148 14.11 -43.24 -11.84
N LYS U 149 14.62 -43.74 -12.97
CA LYS U 149 15.02 -42.88 -14.07
C LYS U 149 13.81 -42.17 -14.68
N GLN U 150 12.69 -42.90 -14.78
CA GLN U 150 11.46 -42.33 -15.30
C GLN U 150 10.86 -41.32 -14.34
N GLY U 151 10.99 -41.61 -13.04
CA GLY U 151 10.40 -40.77 -12.01
C GLY U 151 9.22 -41.49 -11.34
N ASN U 152 9.01 -42.75 -11.71
CA ASN U 152 7.89 -43.53 -11.20
C ASN U 152 8.20 -44.06 -9.81
N VAL U 153 8.13 -43.19 -8.80
CA VAL U 153 8.51 -43.56 -7.45
C VAL U 153 7.61 -44.66 -6.89
N ASP U 154 6.35 -44.64 -7.32
CA ASP U 154 5.39 -45.65 -6.88
C ASP U 154 5.85 -47.06 -7.24
N ALA U 155 6.31 -47.22 -8.48
CA ALA U 155 6.84 -48.50 -8.94
C ALA U 155 8.09 -48.89 -8.16
N VAL U 156 8.94 -47.90 -7.88
CA VAL U 156 10.15 -48.14 -7.12
C VAL U 156 9.83 -48.67 -5.72
N LYS U 157 8.89 -48.01 -5.06
CA LYS U 157 8.47 -48.41 -3.71
C LYS U 157 7.95 -49.84 -3.71
N VAL U 158 7.11 -50.16 -4.68
CA VAL U 158 6.57 -51.51 -4.82
C VAL U 158 7.67 -52.53 -5.05
N ALA U 159 8.60 -52.19 -5.94
CA ALA U 159 9.71 -53.08 -6.27
C ALA U 159 10.55 -53.40 -5.04
N LEU U 160 10.77 -52.38 -4.20
CA LEU U 160 11.54 -52.55 -2.98
C LEU U 160 10.87 -53.54 -2.03
N GLU U 161 9.55 -53.44 -1.92
CA GLU U 161 8.77 -54.34 -1.10
C GLU U 161 8.83 -55.77 -1.64
N VAL U 162 8.71 -55.90 -2.96
CA VAL U 162 8.75 -57.20 -3.61
C VAL U 162 10.12 -57.84 -3.46
N ARG U 163 11.17 -57.03 -3.58
CA ARG U 163 12.53 -57.51 -3.37
C ARG U 163 12.67 -58.20 -2.01
N LYS U 164 12.18 -57.55 -0.97
CA LYS U 164 12.14 -58.15 0.35
C LYS U 164 11.35 -59.46 0.35
N MET U 165 10.17 -59.43 -0.27
CA MET U 165 9.28 -60.57 -0.27
C MET U 165 9.93 -61.79 -0.93
N ILE U 166 10.68 -61.53 -2.00
CA ILE U 166 11.41 -62.59 -2.69
C ILE U 166 12.45 -63.23 -1.77
N GLU U 167 13.20 -62.38 -1.07
CA GLU U 167 14.19 -62.85 -0.11
C GLU U 167 13.53 -63.64 1.01
N GLU U 168 12.37 -63.18 1.46
CA GLU U 168 11.61 -63.87 2.49
C GLU U 168 11.15 -65.24 2.02
N LEU U 169 10.73 -65.31 0.76
CA LEU U 169 10.29 -66.58 0.18
C LEU U 169 11.44 -67.58 0.09
N SER U 170 12.61 -67.08 -0.28
CA SER U 170 13.81 -67.90 -0.31
C SER U 170 14.17 -68.41 1.09
N GLY U 171 14.21 -67.50 2.04
CA GLY U 171 14.52 -67.85 3.42
C GLY U 171 16.02 -68.03 3.62
N THR V 1 -36.83 -76.43 5.77
CA THR V 1 -36.29 -75.18 6.29
C THR V 1 -34.97 -74.83 5.62
N LYS V 2 -34.01 -75.74 5.68
CA LYS V 2 -32.69 -75.51 5.10
C LYS V 2 -32.79 -75.23 3.61
N GLU V 3 -33.52 -76.08 2.89
CA GLU V 3 -33.66 -75.95 1.45
C GLU V 3 -34.28 -74.61 1.08
N GLU V 4 -35.30 -74.20 1.83
CA GLU V 4 -35.94 -72.91 1.62
C GLU V 4 -34.94 -71.77 1.81
N ARG V 5 -34.15 -71.86 2.88
CA ARG V 5 -33.14 -70.85 3.17
C ARG V 5 -32.13 -70.74 2.03
N VAL V 6 -31.72 -71.89 1.51
CA VAL V 6 -30.75 -71.93 0.43
C VAL V 6 -31.30 -71.29 -0.85
N LEU V 7 -32.57 -71.56 -1.13
CA LEU V 7 -33.24 -70.98 -2.28
C LEU V 7 -33.42 -69.47 -2.10
N LEU V 8 -33.71 -69.06 -0.88
CA LEU V 8 -33.83 -67.63 -0.55
C LEU V 8 -32.48 -66.93 -0.70
N MET V 9 -31.41 -67.63 -0.37
CA MET V 9 -30.06 -67.12 -0.58
C MET V 9 -29.78 -66.91 -2.06
N LYS V 10 -30.19 -67.86 -2.89
CA LYS V 10 -30.11 -67.72 -4.33
C LYS V 10 -30.85 -66.47 -4.81
N VAL V 11 -32.08 -66.31 -4.33
CA VAL V 11 -32.90 -65.14 -4.70
C VAL V 11 -32.20 -63.84 -4.34
N ALA V 12 -31.67 -63.78 -3.12
CA ALA V 12 -30.96 -62.60 -2.65
C ALA V 12 -29.81 -62.24 -3.58
N ILE V 13 -28.96 -63.20 -3.86
CA ILE V 13 -27.78 -62.98 -4.70
C ILE V 13 -28.17 -62.45 -6.07
N LEU V 14 -29.20 -63.06 -6.65
CA LEU V 14 -29.66 -62.68 -7.98
C LEU V 14 -30.21 -61.25 -8.00
N ALA V 15 -31.04 -60.94 -7.01
CA ALA V 15 -31.68 -59.63 -6.93
C ALA V 15 -30.67 -58.54 -6.67
N ILE V 16 -29.67 -58.84 -5.85
CA ILE V 16 -28.60 -57.89 -5.55
C ILE V 16 -27.82 -57.52 -6.80
N VAL V 17 -27.43 -58.55 -7.57
CA VAL V 17 -26.66 -58.34 -8.79
C VAL V 17 -27.50 -57.65 -9.86
N ALA V 18 -28.79 -57.99 -9.91
CA ALA V 18 -29.71 -57.34 -10.82
C ALA V 18 -29.86 -55.86 -10.51
N ALA V 19 -29.95 -55.54 -9.23
CA ALA V 19 -30.02 -54.14 -8.79
C ALA V 19 -28.75 -53.39 -9.15
N LYS V 20 -27.61 -54.05 -9.02
CA LYS V 20 -26.33 -53.47 -9.39
C LYS V 20 -26.24 -53.25 -10.89
N LYS V 21 -26.79 -54.18 -11.66
CA LYS V 21 -26.85 -54.06 -13.11
C LYS V 21 -27.81 -52.95 -13.52
N GLY V 22 -28.89 -52.79 -12.75
CA GLY V 22 -29.90 -51.79 -13.05
C GLY V 22 -31.21 -52.44 -13.49
N ASN V 23 -31.23 -53.76 -13.49
CA ASN V 23 -32.41 -54.52 -13.90
C ASN V 23 -33.44 -54.60 -12.78
N THR V 24 -34.11 -53.49 -12.53
CA THR V 24 -35.06 -53.41 -11.41
C THR V 24 -36.21 -54.38 -11.61
N ASP V 25 -36.59 -54.59 -12.86
CA ASP V 25 -37.67 -55.52 -13.19
C ASP V 25 -37.36 -56.92 -12.67
N GLU V 26 -36.14 -57.38 -12.88
CA GLU V 26 -35.70 -58.67 -12.38
C GLU V 26 -35.70 -58.70 -10.85
N VAL V 27 -35.27 -57.59 -10.25
CA VAL V 27 -35.28 -57.47 -8.80
C VAL V 27 -36.69 -57.64 -8.23
N ARG V 28 -37.65 -56.98 -8.86
CA ARG V 28 -39.04 -57.08 -8.42
C ARG V 28 -39.53 -58.51 -8.44
N LYS V 29 -39.21 -59.23 -9.51
CA LYS V 29 -39.57 -60.64 -9.63
C LYS V 29 -38.95 -61.46 -8.52
N ALA V 30 -37.65 -61.26 -8.29
CA ALA V 30 -36.92 -62.01 -7.27
C ALA V 30 -37.49 -61.74 -5.89
N LEU V 31 -37.85 -60.48 -5.64
CA LEU V 31 -38.46 -60.10 -4.37
C LEU V 31 -39.79 -60.83 -4.15
N GLU V 32 -40.56 -60.96 -5.22
CA GLU V 32 -41.81 -61.70 -5.18
C GLU V 32 -41.55 -63.18 -4.90
N LEU V 33 -40.50 -63.72 -5.51
CA LEU V 33 -40.14 -65.11 -5.33
C LEU V 33 -39.78 -65.40 -3.88
N ALA V 34 -39.06 -64.47 -3.25
CA ALA V 34 -38.75 -64.57 -1.83
C ALA V 34 -40.02 -64.72 -1.00
N LEU V 35 -41.00 -63.87 -1.27
CA LEU V 35 -42.30 -63.96 -0.62
C LEU V 35 -42.95 -65.32 -0.87
N LEU V 36 -42.94 -65.74 -2.12
CA LEU V 36 -43.61 -66.98 -2.52
C LEU V 36 -42.99 -68.19 -1.81
N ILE V 37 -41.67 -68.17 -1.65
CA ILE V 37 -40.98 -69.23 -0.95
C ILE V 37 -41.40 -69.30 0.51
N ALA V 38 -41.46 -68.15 1.16
CA ALA V 38 -41.92 -68.07 2.54
C ALA V 38 -43.36 -68.51 2.69
N LYS V 39 -44.19 -68.15 1.71
CA LYS V 39 -45.59 -68.53 1.70
C LYS V 39 -45.74 -70.05 1.58
N VAL V 40 -44.95 -70.65 0.70
CA VAL V 40 -44.98 -72.09 0.49
C VAL V 40 -44.55 -72.84 1.74
N SER V 41 -43.52 -72.33 2.41
CA SER V 41 -43.05 -72.91 3.66
C SER V 41 -44.12 -72.80 4.74
N GLY V 42 -44.62 -71.60 4.95
CA GLY V 42 -45.67 -71.37 5.94
C GLY V 42 -45.10 -71.32 7.35
N THR V 43 -43.82 -70.98 7.45
CA THR V 43 -43.15 -70.94 8.75
C THR V 43 -42.65 -69.53 9.07
N THR V 44 -42.57 -69.22 10.36
CA THR V 44 -42.06 -67.93 10.80
C THR V 44 -40.60 -67.75 10.38
N GLU V 45 -39.82 -68.82 10.45
CA GLU V 45 -38.42 -68.78 10.04
C GLU V 45 -38.29 -68.36 8.59
N ALA V 46 -39.07 -68.99 7.72
CA ALA V 46 -39.03 -68.68 6.29
C ALA V 46 -39.39 -67.22 6.03
N VAL V 47 -40.39 -66.73 6.75
CA VAL V 47 -40.79 -65.33 6.64
C VAL V 47 -39.64 -64.40 7.03
N LYS V 48 -39.00 -64.70 8.15
CA LYS V 48 -37.85 -63.92 8.60
C LYS V 48 -36.72 -63.95 7.58
N LEU V 49 -36.48 -65.12 7.02
CA LEU V 49 -35.42 -65.29 6.02
C LEU V 49 -35.73 -64.49 4.76
N ALA V 50 -36.99 -64.48 4.36
CA ALA V 50 -37.43 -63.71 3.19
C ALA V 50 -37.25 -62.22 3.42
N LEU V 51 -37.53 -61.78 4.65
CA LEU V 51 -37.32 -60.39 5.02
C LEU V 51 -35.84 -60.03 5.02
N GLU V 52 -35.01 -60.99 5.42
CA GLU V 52 -33.56 -60.83 5.34
C GLU V 52 -33.10 -60.65 3.90
N VAL V 53 -33.66 -61.45 3.00
CA VAL V 53 -33.39 -61.31 1.57
C VAL V 53 -33.72 -59.91 1.09
N VAL V 54 -34.91 -59.43 1.44
CA VAL V 54 -35.35 -58.10 1.04
C VAL V 54 -34.41 -57.02 1.55
N ALA V 55 -34.02 -57.15 2.82
CA ALA V 55 -33.09 -56.21 3.42
C ALA V 55 -31.80 -56.12 2.63
N ARG V 56 -31.19 -57.27 2.36
CA ARG V 56 -29.92 -57.32 1.65
C ARG V 56 -30.01 -56.62 0.30
N VAL V 57 -31.09 -56.89 -0.43
CA VAL V 57 -31.28 -56.32 -1.76
C VAL V 57 -31.43 -54.81 -1.69
N ALA V 58 -32.27 -54.35 -0.79
CA ALA V 58 -32.57 -52.92 -0.67
C ALA V 58 -31.34 -52.14 -0.22
N ILE V 59 -30.57 -52.75 0.69
CA ILE V 59 -29.35 -52.12 1.19
C ILE V 59 -28.33 -51.92 0.06
N GLU V 60 -28.10 -52.98 -0.71
CA GLU V 60 -27.14 -52.92 -1.80
C GLU V 60 -27.64 -52.04 -2.94
N ALA V 61 -28.94 -52.07 -3.16
CA ALA V 61 -29.56 -51.20 -4.17
C ALA V 61 -29.41 -49.73 -3.79
N ALA V 62 -29.59 -49.42 -2.51
CA ALA V 62 -29.40 -48.06 -2.01
C ALA V 62 -27.95 -47.62 -2.15
N ARG V 63 -27.03 -48.55 -1.90
CA ARG V 63 -25.61 -48.27 -2.08
C ARG V 63 -25.27 -48.07 -3.55
N ARG V 64 -25.91 -48.86 -4.42
CA ARG V 64 -25.74 -48.72 -5.86
C ARG V 64 -26.34 -47.42 -6.37
N GLY V 65 -27.44 -47.01 -5.76
CA GLY V 65 -28.15 -45.80 -6.19
C GLY V 65 -29.49 -46.15 -6.83
N ASN V 66 -29.81 -47.44 -6.85
CA ASN V 66 -31.04 -47.91 -7.46
C ASN V 66 -32.23 -47.73 -6.51
N THR V 67 -32.66 -46.49 -6.33
CA THR V 67 -33.69 -46.17 -5.36
C THR V 67 -35.01 -46.84 -5.73
N ASP V 68 -35.26 -46.98 -7.02
CA ASP V 68 -36.48 -47.63 -7.50
C ASP V 68 -36.59 -49.05 -6.97
N ALA V 69 -35.50 -49.79 -7.04
CA ALA V 69 -35.46 -51.15 -6.50
C ALA V 69 -35.67 -51.16 -4.99
N VAL V 70 -35.07 -50.17 -4.33
CA VAL V 70 -35.22 -50.03 -2.88
C VAL V 70 -36.69 -49.84 -2.50
N ARG V 71 -37.36 -48.94 -3.21
CA ARG V 71 -38.77 -48.66 -2.95
C ARG V 71 -39.62 -49.92 -3.06
N GLU V 72 -39.39 -50.69 -4.12
CA GLU V 72 -40.10 -51.94 -4.32
C GLU V 72 -39.82 -52.91 -3.19
N ALA V 73 -38.55 -53.06 -2.82
CA ALA V 73 -38.16 -53.98 -1.77
C ALA V 73 -38.80 -53.61 -0.44
N LEU V 74 -38.86 -52.31 -0.16
CA LEU V 74 -39.48 -51.83 1.07
C LEU V 74 -40.95 -52.19 1.12
N GLU V 75 -41.64 -52.07 -0.01
CA GLU V 75 -43.03 -52.46 -0.10
C GLU V 75 -43.21 -53.96 0.09
N VAL V 76 -42.29 -54.73 -0.48
CA VAL V 76 -42.33 -56.19 -0.36
C VAL V 76 -42.15 -56.62 1.09
N ALA V 77 -41.25 -55.94 1.80
CA ALA V 77 -41.06 -56.20 3.22
C ALA V 77 -42.37 -56.11 3.98
N LEU V 78 -43.12 -55.04 3.74
CA LEU V 78 -44.45 -54.89 4.31
C LEU V 78 -45.36 -56.05 3.93
N GLU V 79 -45.35 -56.39 2.63
CA GLU V 79 -46.24 -57.42 2.12
C GLU V 79 -45.95 -58.78 2.76
N ILE V 80 -44.66 -59.05 2.99
CA ILE V 80 -44.25 -60.28 3.65
C ILE V 80 -44.80 -60.37 5.06
N ALA V 81 -44.69 -59.26 5.80
CA ALA V 81 -45.24 -59.19 7.15
C ALA V 81 -46.75 -59.35 7.14
N ARG V 82 -47.39 -58.75 6.14
CA ARG V 82 -48.84 -58.87 5.99
C ARG V 82 -49.25 -60.31 5.70
N GLU V 83 -48.48 -60.99 4.88
CA GLU V 83 -48.75 -62.39 4.55
C GLU V 83 -48.64 -63.27 5.77
N SER V 84 -47.63 -63.02 6.60
CA SER V 84 -47.46 -63.73 7.86
C SER V 84 -48.63 -63.46 8.80
N GLY V 85 -48.94 -62.19 9.00
CA GLY V 85 -50.06 -61.80 9.85
C GLY V 85 -49.68 -61.89 11.33
N THR V 86 -48.39 -61.77 11.62
CA THR V 86 -47.90 -61.87 12.98
C THR V 86 -47.21 -60.58 13.41
N THR V 87 -47.26 -60.30 14.72
CA THR V 87 -46.58 -59.13 15.27
C THR V 87 -45.07 -59.21 15.05
N GLU V 88 -44.52 -60.41 15.22
CA GLU V 88 -43.10 -60.63 15.02
C GLU V 88 -42.67 -60.24 13.61
N ALA V 89 -43.42 -60.71 12.62
CA ALA V 89 -43.13 -60.42 11.22
C ALA V 89 -43.16 -58.91 10.96
N VAL V 90 -44.13 -58.23 11.56
CA VAL V 90 -44.23 -56.78 11.45
C VAL V 90 -42.98 -56.11 12.01
N LYS V 91 -42.55 -56.54 13.19
CA LYS V 91 -41.33 -56.03 13.81
C LYS V 91 -40.12 -56.29 12.92
N LEU V 92 -40.06 -57.48 12.36
CA LEU V 92 -38.94 -57.86 11.49
C LEU V 92 -38.91 -57.01 10.23
N ALA V 93 -40.08 -56.73 9.67
CA ALA V 93 -40.20 -55.88 8.50
C ALA V 93 -39.74 -54.46 8.81
N LEU V 94 -40.07 -53.97 10.00
CA LEU V 94 -39.62 -52.67 10.44
C LEU V 94 -38.11 -52.65 10.64
N GLU V 95 -37.56 -53.77 11.10
CA GLU V 95 -36.11 -53.93 11.21
C GLU V 95 -35.44 -53.85 9.84
N VAL V 96 -36.05 -54.49 8.85
CA VAL V 96 -35.58 -54.39 7.46
C VAL V 96 -35.53 -52.94 7.01
N VAL V 97 -36.63 -52.22 7.23
CA VAL V 97 -36.71 -50.81 6.85
C VAL V 97 -35.62 -49.99 7.52
N ALA V 98 -35.42 -50.23 8.82
CA ALA V 98 -34.39 -49.53 9.58
C ALA V 98 -33.02 -49.73 8.95
N ARG V 99 -32.67 -50.98 8.68
CA ARG V 99 -31.36 -51.31 8.12
C ARG V 99 -31.12 -50.57 6.81
N VAL V 100 -32.13 -50.56 5.96
CA VAL V 100 -32.02 -49.93 4.64
C VAL V 100 -31.83 -48.42 4.77
N ALA V 101 -32.67 -47.79 5.59
CA ALA V 101 -32.65 -46.34 5.75
C ALA V 101 -31.35 -45.88 6.39
N ILE V 102 -30.86 -46.65 7.35
CA ILE V 102 -29.60 -46.34 8.02
C ILE V 102 -28.43 -46.36 7.05
N GLU V 103 -28.34 -47.43 6.26
CA GLU V 103 -27.25 -47.59 5.30
C GLU V 103 -27.39 -46.59 4.15
N ALA V 104 -28.63 -46.30 3.77
CA ALA V 104 -28.89 -45.30 2.74
C ALA V 104 -28.47 -43.91 3.20
N ALA V 105 -28.76 -43.59 4.46
CA ALA V 105 -28.34 -42.33 5.04
C ALA V 105 -26.83 -42.22 5.10
N ARG V 106 -26.18 -43.32 5.44
CA ARG V 106 -24.71 -43.38 5.45
C ARG V 106 -24.15 -43.26 4.04
N ARG V 107 -24.84 -43.86 3.08
CA ARG V 107 -24.44 -43.77 1.68
C ARG V 107 -24.64 -42.36 1.14
N GLY V 108 -25.69 -41.70 1.61
CA GLY V 108 -26.04 -40.36 1.13
C GLY V 108 -27.32 -40.40 0.31
N ASN V 109 -27.92 -41.57 0.19
CA ASN V 109 -29.14 -41.74 -0.58
C ASN V 109 -30.36 -41.31 0.23
N THR V 110 -30.52 -40.02 0.43
CA THR V 110 -31.58 -39.48 1.29
C THR V 110 -32.96 -39.83 0.73
N GLU V 111 -33.06 -39.86 -0.59
CA GLU V 111 -34.32 -40.19 -1.25
C GLU V 111 -34.82 -41.56 -0.81
N ALA V 112 -33.93 -42.53 -0.79
CA ALA V 112 -34.27 -43.88 -0.32
C ALA V 112 -34.66 -43.86 1.15
N VAL V 113 -33.96 -43.06 1.94
CA VAL V 113 -34.26 -42.91 3.36
C VAL V 113 -35.69 -42.39 3.55
N VAL V 114 -36.04 -41.35 2.82
CA VAL V 114 -37.37 -40.76 2.91
C VAL V 114 -38.46 -41.79 2.64
N GLU V 115 -38.28 -42.58 1.58
CA GLU V 115 -39.21 -43.64 1.23
C GLU V 115 -39.32 -44.67 2.35
N ALA V 116 -38.17 -45.10 2.86
CA ALA V 116 -38.13 -46.12 3.91
C ALA V 116 -38.84 -45.63 5.17
N LEU V 117 -38.64 -44.36 5.51
CA LEU V 117 -39.27 -43.76 6.67
C LEU V 117 -40.79 -43.78 6.54
N LEU V 118 -41.28 -43.48 5.33
CA LEU V 118 -42.71 -43.53 5.05
C LEU V 118 -43.25 -44.95 5.14
N VAL V 119 -42.46 -45.91 4.65
CA VAL V 119 -42.87 -47.30 4.69
C VAL V 119 -42.97 -47.81 6.12
N ALA V 120 -42.04 -47.38 6.97
CA ALA V 120 -42.09 -47.70 8.39
C ALA V 120 -43.44 -47.34 9.00
N LEU V 121 -43.89 -46.12 8.71
CA LEU V 121 -45.23 -45.69 9.13
C LEU V 121 -46.31 -46.62 8.58
N GLU V 122 -46.22 -46.92 7.29
CA GLU V 122 -47.23 -47.72 6.62
C GLU V 122 -47.33 -49.12 7.22
N ILE V 123 -46.18 -49.67 7.57
CA ILE V 123 -46.13 -50.99 8.20
C ILE V 123 -46.85 -50.98 9.55
N ALA V 124 -46.58 -49.96 10.36
CA ALA V 124 -47.26 -49.79 11.63
C ALA V 124 -48.75 -49.61 11.45
N LYS V 125 -49.12 -48.86 10.42
CA LYS V 125 -50.53 -48.64 10.10
C LYS V 125 -51.22 -49.94 9.71
N GLU V 126 -50.52 -50.77 8.94
CA GLU V 126 -51.05 -52.06 8.51
C GLU V 126 -51.29 -52.98 9.70
N SER V 127 -50.36 -52.97 10.64
CA SER V 127 -50.51 -53.73 11.87
C SER V 127 -51.68 -53.22 12.70
N GLY V 128 -51.71 -51.91 12.92
CA GLY V 128 -52.82 -51.28 13.65
C GLY V 128 -52.66 -51.48 15.16
N THR V 129 -51.43 -51.67 15.60
CA THR V 129 -51.14 -51.92 17.01
C THR V 129 -50.24 -50.83 17.59
N GLU V 130 -50.39 -50.57 18.88
CA GLU V 130 -49.54 -49.60 19.56
C GLU V 130 -48.07 -50.01 19.52
N GLU V 131 -47.82 -51.30 19.68
CA GLU V 131 -46.46 -51.82 19.63
C GLU V 131 -45.79 -51.51 18.30
N ALA V 132 -46.51 -51.78 17.20
CA ALA V 132 -45.99 -51.54 15.87
C ALA V 132 -45.67 -50.07 15.67
N VAL V 133 -46.53 -49.20 16.17
CA VAL V 133 -46.31 -47.76 16.10
C VAL V 133 -45.03 -47.37 16.84
N ARG V 134 -44.87 -47.89 18.05
CA ARG V 134 -43.66 -47.63 18.84
C ARG V 134 -42.43 -48.15 18.13
N LEU V 135 -42.53 -49.33 17.53
CA LEU V 135 -41.43 -49.92 16.79
C LEU V 135 -41.06 -49.07 15.58
N ALA V 136 -42.06 -48.54 14.90
CA ALA V 136 -41.84 -47.66 13.76
C ALA V 136 -41.13 -46.37 14.19
N LEU V 137 -41.50 -45.87 15.35
CA LEU V 137 -40.83 -44.69 15.92
C LEU V 137 -39.39 -45.00 16.28
N GLU V 138 -39.13 -46.23 16.73
CA GLU V 138 -37.78 -46.69 16.98
C GLU V 138 -36.96 -46.73 15.69
N VAL V 139 -37.57 -47.23 14.63
CA VAL V 139 -36.94 -47.23 13.32
C VAL V 139 -36.52 -45.83 12.90
N VAL V 140 -37.45 -44.89 13.01
CA VAL V 140 -37.19 -43.49 12.65
C VAL V 140 -36.05 -42.92 13.51
N LYS V 141 -36.10 -43.19 14.80
CA LYS V 141 -35.05 -42.74 15.72
C LYS V 141 -33.68 -43.23 15.26
N ARG V 142 -33.58 -44.53 15.00
CA ARG V 142 -32.31 -45.13 14.60
C ARG V 142 -31.73 -44.43 13.37
N VAL V 143 -32.60 -44.15 12.40
CA VAL V 143 -32.18 -43.51 11.16
C VAL V 143 -31.63 -42.10 11.43
N SER V 144 -32.36 -41.33 12.22
CA SER V 144 -31.97 -39.95 12.51
C SER V 144 -30.68 -39.90 13.33
N ASN V 145 -30.52 -40.87 14.23
CA ASN V 145 -29.33 -40.96 15.06
C ASN V 145 -28.09 -41.21 14.20
N GLU V 146 -28.17 -42.22 13.35
CA GLU V 146 -27.04 -42.60 12.50
C GLU V 146 -26.80 -41.57 11.41
N ALA V 147 -27.88 -40.98 10.91
CA ALA V 147 -27.78 -39.90 9.94
C ALA V 147 -27.07 -38.69 10.53
N LEU V 148 -27.38 -38.39 11.79
CA LEU V 148 -26.72 -37.30 12.51
C LEU V 148 -25.23 -37.58 12.67
N LYS V 149 -24.89 -38.84 12.92
CA LYS V 149 -23.50 -39.25 13.02
C LYS V 149 -22.78 -39.11 11.68
N GLN V 150 -23.49 -39.45 10.60
CA GLN V 150 -22.94 -39.31 9.25
C GLN V 150 -22.79 -37.85 8.86
N GLY V 151 -23.75 -37.04 9.29
CA GLY V 151 -23.79 -35.63 8.92
C GLY V 151 -24.95 -35.35 7.96
N ASN V 152 -25.77 -36.36 7.71
CA ASN V 152 -26.87 -36.25 6.77
C ASN V 152 -28.06 -35.54 7.41
N VAL V 153 -27.95 -34.22 7.55
CA VAL V 153 -28.97 -33.44 8.24
C VAL V 153 -30.32 -33.52 7.53
N ASP V 154 -30.27 -33.65 6.21
CA ASP V 154 -31.49 -33.75 5.41
C ASP V 154 -32.32 -34.96 5.83
N ALA V 155 -31.66 -36.10 6.00
CA ALA V 155 -32.33 -37.32 6.46
C ALA V 155 -32.88 -37.14 7.87
N VAL V 156 -32.11 -36.47 8.72
CA VAL V 156 -32.54 -36.21 10.08
C VAL V 156 -33.82 -35.38 10.12
N LYS V 157 -33.84 -34.32 9.32
CA LYS V 157 -35.01 -33.44 9.24
C LYS V 157 -36.24 -34.22 8.79
N VAL V 158 -36.07 -35.03 7.76
CA VAL V 158 -37.16 -35.87 7.25
C VAL V 158 -37.65 -36.83 8.31
N ALA V 159 -36.71 -37.47 9.00
CA ALA V 159 -37.05 -38.45 10.04
C ALA V 159 -37.87 -37.81 11.15
N LEU V 160 -37.51 -36.58 11.52
CA LEU V 160 -38.22 -35.85 12.56
C LEU V 160 -39.67 -35.60 12.15
N GLU V 161 -39.87 -35.24 10.89
CA GLU V 161 -41.20 -35.02 10.35
C GLU V 161 -42.02 -36.31 10.34
N VAL V 162 -41.37 -37.40 9.93
CA VAL V 162 -42.03 -38.70 9.87
C VAL V 162 -42.40 -39.19 11.27
N ARG V 163 -41.50 -38.96 12.22
CA ARG V 163 -41.78 -39.30 13.61
C ARG V 163 -43.09 -38.68 14.09
N LYS V 164 -43.26 -37.40 13.83
CA LYS V 164 -44.52 -36.72 14.11
C LYS V 164 -45.69 -37.39 13.39
N MET V 165 -45.50 -37.66 12.10
CA MET V 165 -46.57 -38.21 11.28
C MET V 165 -47.04 -39.56 11.81
N ILE V 166 -46.09 -40.36 12.28
CA ILE V 166 -46.42 -41.65 12.88
C ILE V 166 -47.28 -41.49 14.12
N GLU V 167 -46.88 -40.55 14.98
CA GLU V 167 -47.65 -40.25 16.18
C GLU V 167 -49.04 -39.73 15.83
N GLU V 168 -49.13 -38.92 14.78
CA GLU V 168 -50.40 -38.41 14.31
C GLU V 168 -51.30 -39.53 13.81
N LEU V 169 -50.70 -40.49 13.11
CA LEU V 169 -51.44 -41.63 12.60
C LEU V 169 -51.99 -42.49 13.73
N SER V 170 -51.19 -42.67 14.76
CA SER V 170 -51.63 -43.38 15.96
C SER V 170 -52.78 -42.65 16.65
N GLY V 171 -52.60 -41.36 16.87
CA GLY V 171 -53.63 -40.54 17.51
C GLY V 171 -53.63 -40.74 19.02
N THR W 1 -70.45 -35.64 -31.58
CA THR W 1 -69.67 -34.57 -30.97
C THR W 1 -68.78 -35.09 -29.86
N LYS W 2 -69.38 -35.74 -28.87
CA LYS W 2 -68.64 -36.27 -27.74
C LYS W 2 -67.57 -37.25 -28.19
N GLU W 3 -67.95 -38.21 -29.03
CA GLU W 3 -67.04 -39.24 -29.50
C GLU W 3 -65.86 -38.62 -30.23
N GLU W 4 -66.14 -37.62 -31.07
CA GLU W 4 -65.10 -36.91 -31.79
C GLU W 4 -64.13 -36.22 -30.82
N ARG W 5 -64.69 -35.57 -29.81
CA ARG W 5 -63.88 -34.90 -28.79
C ARG W 5 -62.96 -35.89 -28.08
N VAL W 6 -63.51 -37.05 -27.75
CA VAL W 6 -62.75 -38.08 -27.05
C VAL W 6 -61.59 -38.60 -27.91
N LEU W 7 -61.86 -38.78 -29.20
CA LEU W 7 -60.84 -39.22 -30.14
C LEU W 7 -59.77 -38.14 -30.33
N LEU W 8 -60.20 -36.89 -30.34
CA LEU W 8 -59.28 -35.76 -30.44
C LEU W 8 -58.40 -35.67 -29.19
N MET W 9 -58.97 -36.01 -28.05
CA MET W 9 -58.22 -36.08 -26.80
C MET W 9 -57.14 -37.15 -26.88
N LYS W 10 -57.49 -38.30 -27.43
CA LYS W 10 -56.53 -39.36 -27.68
C LYS W 10 -55.38 -38.86 -28.56
N VAL W 11 -55.73 -38.19 -29.66
CA VAL W 11 -54.73 -37.65 -30.58
C VAL W 11 -53.78 -36.69 -29.87
N ALA W 12 -54.35 -35.79 -29.08
CA ALA W 12 -53.57 -34.82 -28.33
C ALA W 12 -52.54 -35.51 -27.44
N ILE W 13 -53.01 -36.46 -26.63
CA ILE W 13 -52.15 -37.16 -25.69
C ILE W 13 -51.00 -37.86 -26.40
N LEU W 14 -51.31 -38.52 -27.51
CA LEU W 14 -50.31 -39.25 -28.28
C LEU W 14 -49.26 -38.31 -28.87
N ALA W 15 -49.72 -37.22 -29.46
CA ALA W 15 -48.83 -36.27 -30.12
C ALA W 15 -47.94 -35.57 -29.12
N ILE W 16 -48.50 -35.27 -27.94
CA ILE W 16 -47.73 -34.63 -26.87
C ILE W 16 -46.58 -35.52 -26.41
N VAL W 17 -46.89 -36.80 -26.17
CA VAL W 17 -45.88 -37.75 -25.71
C VAL W 17 -44.85 -38.04 -26.80
N ALA W 18 -45.31 -38.07 -28.05
CA ALA W 18 -44.43 -38.24 -29.19
C ALA W 18 -43.45 -37.09 -29.31
N ALA W 19 -43.95 -35.87 -29.12
CA ALA W 19 -43.10 -34.68 -29.14
C ALA W 19 -42.08 -34.71 -28.01
N LYS W 20 -42.50 -35.19 -26.85
CA LYS W 20 -41.59 -35.34 -25.72
C LYS W 20 -40.53 -36.39 -25.98
N LYS W 21 -40.93 -37.47 -26.65
CA LYS W 21 -40.00 -38.51 -27.05
C LYS W 21 -39.04 -38.01 -28.13
N GLY W 22 -39.53 -37.14 -29.00
CA GLY W 22 -38.74 -36.61 -30.09
C GLY W 22 -39.22 -37.13 -31.44
N ASN W 23 -40.28 -37.93 -31.41
CA ASN W 23 -40.84 -38.52 -32.62
C ASN W 23 -41.73 -37.53 -33.36
N THR W 24 -41.10 -36.55 -34.00
CA THR W 24 -41.84 -35.48 -34.67
C THR W 24 -42.69 -36.03 -35.80
N ASP W 25 -42.20 -37.08 -36.45
CA ASP W 25 -42.94 -37.72 -37.54
C ASP W 25 -44.30 -38.20 -37.07
N GLU W 26 -44.34 -38.85 -35.91
CA GLU W 26 -45.59 -39.30 -35.31
C GLU W 26 -46.49 -38.12 -34.96
N VAL W 27 -45.89 -37.06 -34.45
CA VAL W 27 -46.64 -35.85 -34.13
C VAL W 27 -47.34 -35.28 -35.36
N ARG W 28 -46.61 -35.22 -36.47
CA ARG W 28 -47.17 -34.71 -37.72
C ARG W 28 -48.39 -35.51 -38.14
N LYS W 29 -48.29 -36.84 -38.05
CA LYS W 29 -49.40 -37.72 -38.37
C LYS W 29 -50.60 -37.45 -37.48
N ALA W 30 -50.35 -37.35 -36.17
CA ALA W 30 -51.41 -37.13 -35.20
C ALA W 30 -52.10 -35.79 -35.45
N LEU W 31 -51.30 -34.78 -35.79
CA LEU W 31 -51.84 -33.46 -36.11
C LEU W 31 -52.76 -33.52 -37.32
N GLU W 32 -52.38 -34.30 -38.32
CA GLU W 32 -53.21 -34.52 -39.49
C GLU W 32 -54.50 -35.23 -39.12
N LEU W 33 -54.40 -36.21 -38.22
CA LEU W 33 -55.56 -36.97 -37.77
C LEU W 33 -56.57 -36.06 -37.08
N ALA W 34 -56.06 -35.13 -36.27
CA ALA W 34 -56.92 -34.12 -35.64
C ALA W 34 -57.73 -33.36 -36.68
N LEU W 35 -57.06 -32.90 -37.72
CA LEU W 35 -57.73 -32.24 -38.83
C LEU W 35 -58.78 -33.15 -39.47
N LEU W 36 -58.39 -34.39 -39.74
CA LEU W 36 -59.26 -35.33 -40.43
C LEU W 36 -60.53 -35.61 -39.62
N ILE W 37 -60.38 -35.69 -38.30
CA ILE W 37 -61.52 -35.89 -37.42
C ILE W 37 -62.49 -34.72 -37.50
N ALA W 38 -61.96 -33.51 -37.45
CA ALA W 38 -62.78 -32.30 -37.58
C ALA W 38 -63.46 -32.23 -38.94
N LYS W 39 -62.74 -32.64 -39.98
CA LYS W 39 -63.28 -32.65 -41.33
C LYS W 39 -64.44 -33.64 -41.44
N VAL W 40 -64.27 -34.81 -40.86
CA VAL W 40 -65.30 -35.84 -40.88
C VAL W 40 -66.56 -35.38 -40.15
N SER W 41 -66.36 -34.72 -39.01
CA SER W 41 -67.47 -34.17 -38.24
C SER W 41 -68.19 -33.08 -39.03
N GLY W 42 -67.44 -32.12 -39.53
CA GLY W 42 -68.01 -31.04 -40.33
C GLY W 42 -68.69 -30.00 -39.45
N THR W 43 -68.26 -29.91 -38.20
CA THR W 43 -68.87 -28.99 -37.24
C THR W 43 -67.85 -27.97 -36.74
N THR W 44 -68.34 -26.79 -36.38
CA THR W 44 -67.48 -25.75 -35.83
C THR W 44 -66.84 -26.20 -34.51
N GLU W 45 -67.61 -26.91 -33.70
CA GLU W 45 -67.11 -27.43 -32.43
C GLU W 45 -65.90 -28.33 -32.65
N ALA W 46 -66.03 -29.27 -33.59
CA ALA W 46 -64.95 -30.21 -33.90
C ALA W 46 -63.70 -29.47 -34.36
N VAL W 47 -63.89 -28.45 -35.19
CA VAL W 47 -62.79 -27.63 -35.65
C VAL W 47 -62.07 -26.95 -34.48
N LYS W 48 -62.85 -26.36 -33.58
CA LYS W 48 -62.30 -25.72 -32.39
C LYS W 48 -61.54 -26.72 -31.53
N LEU W 49 -62.11 -27.90 -31.38
CA LEU W 49 -61.49 -28.95 -30.57
C LEU W 49 -60.17 -29.41 -31.19
N ALA W 50 -60.14 -29.52 -32.51
CA ALA W 50 -58.93 -29.90 -33.23
C ALA W 50 -57.84 -28.85 -33.07
N LEU W 51 -58.24 -27.57 -33.07
CA LEU W 51 -57.32 -26.48 -32.84
C LEU W 51 -56.79 -26.50 -31.41
N GLU W 52 -57.64 -26.90 -30.48
CA GLU W 52 -57.22 -27.09 -29.08
C GLU W 52 -56.17 -28.19 -28.98
N VAL W 53 -56.38 -29.29 -29.70
CA VAL W 53 -55.39 -30.36 -29.77
C VAL W 53 -54.05 -29.84 -30.25
N VAL W 54 -54.07 -29.08 -31.35
CA VAL W 54 -52.86 -28.52 -31.92
C VAL W 54 -52.13 -27.63 -30.93
N ALA W 55 -52.91 -26.77 -30.25
CA ALA W 55 -52.35 -25.88 -29.25
C ALA W 55 -51.60 -26.66 -28.17
N ARG W 56 -52.26 -27.66 -27.61
CA ARG W 56 -51.68 -28.45 -26.52
C ARG W 56 -50.35 -29.07 -26.95
N VAL W 57 -50.33 -29.63 -28.16
CA VAL W 57 -49.13 -30.30 -28.67
C VAL W 57 -47.99 -29.31 -28.86
N ALA W 58 -48.29 -28.19 -29.49
CA ALA W 58 -47.27 -27.18 -29.80
C ALA W 58 -46.70 -26.56 -28.54
N ILE W 59 -47.58 -26.34 -27.55
CA ILE W 59 -47.16 -25.77 -26.28
C ILE W 59 -46.18 -26.69 -25.56
N GLU W 60 -46.54 -27.97 -25.47
CA GLU W 60 -45.70 -28.94 -24.78
C GLU W 60 -44.42 -29.22 -25.56
N ALA W 61 -44.53 -29.20 -26.88
CA ALA W 61 -43.36 -29.36 -27.75
C ALA W 61 -42.39 -28.21 -27.57
N ALA W 62 -42.91 -26.99 -27.47
CA ALA W 62 -42.09 -25.81 -27.22
C ALA W 62 -41.41 -25.89 -25.86
N ARG W 63 -42.13 -26.40 -24.87
CA ARG W 63 -41.57 -26.61 -23.54
C ARG W 63 -40.50 -27.69 -23.56
N ARG W 64 -40.73 -28.74 -24.35
CA ARG W 64 -39.76 -29.81 -24.51
C ARG W 64 -38.53 -29.32 -25.26
N GLY W 65 -38.74 -28.42 -26.21
CA GLY W 65 -37.65 -27.92 -27.04
C GLY W 65 -37.78 -28.42 -28.48
N ASN W 66 -38.85 -29.16 -28.75
CA ASN W 66 -39.08 -29.72 -30.07
C ASN W 66 -39.68 -28.68 -31.01
N THR W 67 -38.88 -27.72 -31.44
CA THR W 67 -39.35 -26.61 -32.23
C THR W 67 -39.90 -27.08 -33.57
N ASP W 68 -39.30 -28.14 -34.11
CA ASP W 68 -39.74 -28.71 -35.38
C ASP W 68 -41.21 -29.13 -35.31
N ALA W 69 -41.58 -29.81 -34.24
CA ALA W 69 -42.96 -30.21 -34.02
C ALA W 69 -43.88 -29.01 -33.88
N VAL W 70 -43.38 -27.99 -33.18
CA VAL W 70 -44.13 -26.75 -33.00
C VAL W 70 -44.44 -26.10 -34.35
N ARG W 71 -43.43 -26.01 -35.20
CA ARG W 71 -43.59 -25.41 -36.52
C ARG W 71 -44.67 -26.11 -37.32
N GLU W 72 -44.63 -27.44 -37.31
CA GLU W 72 -45.63 -28.24 -38.00
C GLU W 72 -47.02 -27.99 -37.44
N ALA W 73 -47.14 -28.00 -36.11
CA ALA W 73 -48.41 -27.79 -35.46
C ALA W 73 -49.00 -26.42 -35.79
N LEU W 74 -48.14 -25.41 -35.83
CA LEU W 74 -48.57 -24.06 -36.17
C LEU W 74 -49.14 -24.00 -37.58
N GLU W 75 -48.50 -24.70 -38.51
CA GLU W 75 -48.99 -24.79 -39.87
C GLU W 75 -50.32 -25.51 -39.94
N VAL W 76 -50.46 -26.57 -39.15
CA VAL W 76 -51.70 -27.35 -39.11
C VAL W 76 -52.85 -26.51 -38.58
N ALA W 77 -52.57 -25.68 -37.57
CA ALA W 77 -53.56 -24.76 -37.05
C ALA W 77 -54.15 -23.90 -38.15
N LEU W 78 -53.29 -23.33 -38.98
CA LEU W 78 -53.73 -22.57 -40.14
C LEU W 78 -54.58 -23.43 -41.07
N GLU W 79 -54.10 -24.64 -41.35
CA GLU W 79 -54.77 -25.53 -42.29
C GLU W 79 -56.18 -25.89 -41.81
N ILE W 80 -56.31 -26.08 -40.49
CA ILE W 80 -57.60 -26.37 -39.89
C ILE W 80 -58.58 -25.23 -40.11
N ALA W 81 -58.11 -24.01 -39.87
CA ALA W 81 -58.92 -22.82 -40.09
C ALA W 81 -59.31 -22.68 -41.56
N ARG W 82 -58.36 -23.00 -42.44
CA ARG W 82 -58.61 -22.96 -43.88
C ARG W 82 -59.66 -23.98 -44.29
N GLU W 83 -59.59 -25.16 -43.70
CA GLU W 83 -60.56 -26.22 -43.98
C GLU W 83 -61.96 -25.81 -43.56
N SER W 84 -62.06 -25.17 -42.41
CA SER W 84 -63.33 -24.64 -41.92
C SER W 84 -63.86 -23.56 -42.85
N GLY W 85 -63.02 -22.58 -43.15
CA GLY W 85 -63.39 -21.50 -44.06
C GLY W 85 -64.25 -20.47 -43.35
N THR W 86 -64.11 -20.38 -42.03
CA THR W 86 -64.90 -19.45 -41.24
C THR W 86 -64.00 -18.44 -40.53
N THR W 87 -64.54 -17.25 -40.28
CA THR W 87 -63.82 -16.22 -39.54
C THR W 87 -63.50 -16.68 -38.12
N GLU W 88 -64.46 -17.36 -37.50
CA GLU W 88 -64.28 -17.87 -36.15
C GLU W 88 -63.08 -18.81 -36.08
N ALA W 89 -63.00 -19.75 -37.02
CA ALA W 89 -61.92 -20.71 -37.06
C ALA W 89 -60.57 -20.00 -37.21
N VAL W 90 -60.53 -18.97 -38.04
CA VAL W 90 -59.33 -18.17 -38.22
C VAL W 90 -58.91 -17.53 -36.90
N LYS W 91 -59.87 -16.93 -36.20
CA LYS W 91 -59.61 -16.34 -34.89
C LYS W 91 -59.10 -17.38 -33.90
N LEU W 92 -59.72 -18.55 -33.93
CA LEU W 92 -59.33 -19.63 -33.03
C LEU W 92 -57.91 -20.11 -33.32
N ALA W 93 -57.56 -20.19 -34.60
CA ALA W 93 -56.23 -20.57 -35.02
C ALA W 93 -55.19 -19.56 -34.55
N LEU W 94 -55.56 -18.28 -34.61
CA LEU W 94 -54.70 -17.22 -34.12
C LEU W 94 -54.54 -17.29 -32.61
N GLU W 95 -55.61 -17.70 -31.92
CA GLU W 95 -55.56 -17.94 -30.49
C GLU W 95 -54.59 -19.07 -30.16
N VAL W 96 -54.63 -20.14 -30.95
CA VAL W 96 -53.67 -21.23 -30.81
C VAL W 96 -52.24 -20.72 -30.93
N VAL W 97 -51.97 -19.93 -31.97
CA VAL W 97 -50.64 -19.37 -32.19
C VAL W 97 -50.20 -18.53 -31.00
N ALA W 98 -51.11 -17.68 -30.51
CA ALA W 98 -50.82 -16.84 -29.35
C ALA W 98 -50.38 -17.68 -28.16
N ARG W 99 -51.16 -18.70 -27.83
CA ARG W 99 -50.88 -19.54 -26.68
C ARG W 99 -49.49 -20.16 -26.77
N VAL W 100 -49.15 -20.65 -27.95
CA VAL W 100 -47.88 -21.32 -28.17
C VAL W 100 -46.71 -20.34 -28.02
N ALA W 101 -46.82 -19.19 -28.67
CA ALA W 101 -45.76 -18.20 -28.66
C ALA W 101 -45.54 -17.62 -27.27
N ILE W 102 -46.63 -17.42 -26.54
CA ILE W 102 -46.56 -16.91 -25.18
C ILE W 102 -45.82 -17.86 -24.26
N GLU W 103 -46.20 -19.14 -24.31
CA GLU W 103 -45.58 -20.16 -23.47
C GLU W 103 -44.14 -20.44 -23.91
N ALA W 104 -43.90 -20.37 -25.21
CA ALA W 104 -42.55 -20.52 -25.74
C ALA W 104 -41.65 -19.39 -25.28
N ALA W 105 -42.17 -18.17 -25.28
CA ALA W 105 -41.43 -17.02 -24.79
C ALA W 105 -41.12 -17.15 -23.31
N ARG W 106 -42.09 -17.65 -22.55
CA ARG W 106 -41.90 -17.91 -21.13
C ARG W 106 -40.89 -19.03 -20.91
N ARG W 107 -40.92 -20.04 -21.77
CA ARG W 107 -39.97 -21.14 -21.71
C ARG W 107 -38.57 -20.68 -22.08
N GLY W 108 -38.49 -19.74 -23.02
CA GLY W 108 -37.21 -19.26 -23.52
C GLY W 108 -36.97 -19.71 -24.95
N ASN W 109 -37.94 -20.42 -25.52
CA ASN W 109 -37.84 -20.93 -26.88
C ASN W 109 -38.17 -19.84 -27.90
N THR W 110 -37.28 -18.88 -28.05
CA THR W 110 -37.53 -17.72 -28.90
C THR W 110 -37.71 -18.14 -30.36
N GLU W 111 -36.99 -19.18 -30.76
CA GLU W 111 -37.08 -19.69 -32.12
C GLU W 111 -38.51 -20.09 -32.46
N ALA W 112 -39.15 -20.80 -31.55
CA ALA W 112 -40.55 -21.20 -31.72
C ALA W 112 -41.46 -19.97 -31.77
N VAL W 113 -41.15 -18.98 -30.94
CA VAL W 113 -41.91 -17.73 -30.91
C VAL W 113 -41.85 -17.04 -32.28
N VAL W 114 -40.65 -16.93 -32.83
CA VAL W 114 -40.46 -16.29 -34.12
C VAL W 114 -41.31 -16.95 -35.20
N GLU W 115 -41.29 -18.28 -35.24
CA GLU W 115 -42.09 -19.04 -36.18
C GLU W 115 -43.57 -18.77 -35.99
N ALA W 116 -44.03 -18.81 -34.74
CA ALA W 116 -45.44 -18.61 -34.42
C ALA W 116 -45.90 -17.22 -34.84
N LEU W 117 -45.04 -16.23 -34.62
CA LEU W 117 -45.36 -14.85 -34.99
C LEU W 117 -45.54 -14.72 -36.50
N LEU W 118 -44.69 -15.40 -37.26
CA LEU W 118 -44.80 -15.42 -38.71
C LEU W 118 -46.08 -16.12 -39.16
N VAL W 119 -46.43 -17.21 -38.48
CA VAL W 119 -47.63 -17.96 -38.81
C VAL W 119 -48.88 -17.13 -38.56
N ALA W 120 -48.88 -16.36 -37.48
CA ALA W 120 -49.96 -15.43 -37.19
C ALA W 120 -50.25 -14.52 -38.37
N LEU W 121 -49.19 -13.94 -38.93
CA LEU W 121 -49.32 -13.14 -40.15
C LEU W 121 -49.92 -13.96 -41.29
N GLU W 122 -49.40 -15.15 -41.48
CA GLU W 122 -49.81 -16.00 -42.60
C GLU W 122 -51.29 -16.36 -42.50
N ILE W 123 -51.75 -16.60 -41.28
CA ILE W 123 -53.16 -16.91 -41.04
C ILE W 123 -54.05 -15.74 -41.42
N ALA W 124 -53.66 -14.53 -41.02
CA ALA W 124 -54.38 -13.33 -41.39
C ALA W 124 -54.38 -13.12 -42.89
N LYS W 125 -53.24 -13.41 -43.52
CA LYS W 125 -53.12 -13.30 -44.97
C LYS W 125 -54.05 -14.28 -45.68
N GLU W 126 -54.14 -15.49 -45.14
CA GLU W 126 -55.01 -16.53 -45.71
C GLU W 126 -56.47 -16.11 -45.63
N SER W 127 -56.86 -15.52 -44.51
CA SER W 127 -58.20 -14.99 -44.34
C SER W 127 -58.47 -13.85 -45.32
N GLY W 128 -57.56 -12.88 -45.35
CA GLY W 128 -57.67 -11.75 -46.28
C GLY W 128 -58.68 -10.73 -45.77
N THR W 129 -58.88 -10.69 -44.46
CA THR W 129 -59.85 -9.78 -43.86
C THR W 129 -59.16 -8.82 -42.89
N GLU W 130 -59.73 -7.63 -42.74
CA GLU W 130 -59.21 -6.64 -41.80
C GLU W 130 -59.26 -7.17 -40.37
N GLU W 131 -60.35 -7.86 -40.03
CA GLU W 131 -60.50 -8.43 -38.70
C GLU W 131 -59.37 -9.39 -38.37
N ALA W 132 -59.07 -10.29 -39.31
CA ALA W 132 -58.02 -11.28 -39.12
C ALA W 132 -56.67 -10.60 -38.91
N VAL W 133 -56.41 -9.54 -39.67
CA VAL W 133 -55.19 -8.76 -39.52
C VAL W 133 -55.09 -8.15 -38.12
N ARG W 134 -56.19 -7.55 -37.67
CA ARG W 134 -56.24 -6.97 -36.33
C ARG W 134 -56.02 -8.03 -35.27
N LEU W 135 -56.63 -9.20 -35.46
CA LEU W 135 -56.49 -10.31 -34.54
C LEU W 135 -55.05 -10.80 -34.48
N ALA W 136 -54.40 -10.85 -35.64
CA ALA W 136 -53.00 -11.25 -35.71
C ALA W 136 -52.11 -10.25 -34.98
N LEU W 137 -52.44 -8.98 -35.08
CA LEU W 137 -51.72 -7.93 -34.35
C LEU W 137 -51.93 -8.07 -32.85
N GLU W 138 -53.13 -8.50 -32.46
CA GLU W 138 -53.41 -8.80 -31.06
C GLU W 138 -52.57 -9.96 -30.56
N VAL W 139 -52.45 -10.99 -31.37
CA VAL W 139 -51.58 -12.12 -31.06
C VAL W 139 -50.15 -11.67 -30.81
N VAL W 140 -49.62 -10.87 -31.72
CA VAL W 140 -48.26 -10.35 -31.60
C VAL W 140 -48.11 -9.52 -30.32
N LYS W 141 -49.08 -8.66 -30.07
CA LYS W 141 -49.07 -7.84 -28.85
C LYS W 141 -48.97 -8.71 -27.60
N ARG W 142 -49.84 -9.72 -27.51
CA ARG W 142 -49.87 -10.60 -26.35
C ARG W 142 -48.50 -11.23 -26.10
N VAL W 143 -47.87 -11.68 -27.17
CA VAL W 143 -46.56 -12.33 -27.07
C VAL W 143 -45.51 -11.36 -26.53
N SER W 144 -45.47 -10.16 -27.09
CA SER W 144 -44.47 -9.16 -26.70
C SER W 144 -44.69 -8.70 -25.26
N ASN W 145 -45.96 -8.61 -24.86
CA ASN W 145 -46.31 -8.20 -23.51
C ASN W 145 -45.81 -9.23 -22.49
N GLU W 146 -46.13 -10.48 -22.72
CA GLU W 146 -45.75 -11.56 -21.80
C GLU W 146 -44.25 -11.83 -21.86
N ALA W 147 -43.68 -11.69 -23.05
CA ALA W 147 -42.24 -11.81 -23.21
C ALA W 147 -41.50 -10.73 -22.44
N LEU W 148 -42.04 -9.52 -22.46
CA LEU W 148 -41.47 -8.41 -21.69
C LEU W 148 -41.54 -8.69 -20.19
N LYS W 149 -42.64 -9.31 -19.76
CA LYS W 149 -42.79 -9.70 -18.37
C LYS W 149 -41.77 -10.78 -17.98
N GLN W 150 -41.54 -11.72 -18.90
CA GLN W 150 -40.56 -12.77 -18.68
C GLN W 150 -39.14 -12.23 -18.69
N GLY W 151 -38.90 -11.24 -19.55
CA GLY W 151 -37.57 -10.68 -19.73
C GLY W 151 -36.99 -11.08 -21.09
N ASN W 152 -37.79 -11.75 -21.90
CA ASN W 152 -37.34 -12.24 -23.20
C ASN W 152 -37.34 -11.12 -24.23
N VAL W 153 -36.35 -10.23 -24.15
CA VAL W 153 -36.30 -9.06 -25.01
C VAL W 153 -36.18 -9.45 -26.48
N ASP W 154 -35.51 -10.56 -26.73
CA ASP W 154 -35.33 -11.06 -28.09
C ASP W 154 -36.68 -11.32 -28.76
N ALA W 155 -37.58 -11.98 -28.04
CA ALA W 155 -38.92 -12.25 -28.53
C ALA W 155 -39.70 -10.96 -28.75
N VAL W 156 -39.52 -10.01 -27.83
CA VAL W 156 -40.18 -8.71 -27.95
C VAL W 156 -39.75 -7.99 -29.22
N LYS W 157 -38.45 -7.96 -29.46
CA LYS W 157 -37.90 -7.31 -30.65
C LYS W 157 -38.46 -7.93 -31.92
N VAL W 158 -38.49 -9.26 -31.96
CA VAL W 158 -39.04 -9.98 -33.11
C VAL W 158 -40.51 -9.66 -33.30
N ALA W 159 -41.26 -9.65 -32.21
CA ALA W 159 -42.70 -9.38 -32.26
C ALA W 159 -42.97 -7.99 -32.83
N LEU W 160 -42.14 -7.02 -32.44
CA LEU W 160 -42.28 -5.66 -32.92
C LEU W 160 -42.09 -5.59 -34.43
N GLU W 161 -41.11 -6.32 -34.93
CA GLU W 161 -40.84 -6.39 -36.36
C GLU W 161 -42.00 -7.05 -37.11
N VAL W 162 -42.52 -8.13 -36.53
CA VAL W 162 -43.64 -8.86 -37.14
C VAL W 162 -44.90 -8.00 -37.15
N ARG W 163 -45.12 -7.26 -36.07
CA ARG W 163 -46.25 -6.34 -36.01
C ARG W 163 -46.25 -5.38 -37.20
N LYS W 164 -45.10 -4.78 -37.48
CA LYS W 164 -44.93 -3.95 -38.66
C LYS W 164 -45.25 -4.73 -39.93
N MET W 165 -44.69 -5.93 -40.04
CA MET W 165 -44.82 -6.73 -41.24
C MET W 165 -46.29 -7.05 -41.53
N ILE W 166 -47.04 -7.33 -40.47
CA ILE W 166 -48.47 -7.58 -40.60
C ILE W 166 -49.21 -6.37 -41.16
N GLU W 167 -48.89 -5.20 -40.61
CA GLU W 167 -49.47 -3.95 -41.09
C GLU W 167 -49.10 -3.70 -42.54
N GLU W 168 -47.86 -4.01 -42.90
CA GLU W 168 -47.39 -3.87 -44.27
C GLU W 168 -48.14 -4.80 -45.21
N LEU W 169 -48.40 -6.01 -44.76
CA LEU W 169 -49.14 -6.99 -45.55
C LEU W 169 -50.57 -6.53 -45.79
N SER W 170 -51.18 -5.95 -44.77
CA SER W 170 -52.51 -5.38 -44.89
C SER W 170 -52.53 -4.22 -45.89
N GLY W 171 -51.60 -3.30 -45.71
CA GLY W 171 -51.48 -2.14 -46.59
C GLY W 171 -52.52 -1.08 -46.24
N THR X 1 -21.93 -34.85 -74.40
CA THR X 1 -21.30 -33.86 -73.54
C THR X 1 -22.22 -33.45 -72.40
N LYS X 2 -23.41 -32.97 -72.74
CA LYS X 2 -24.36 -32.52 -71.73
C LYS X 2 -24.70 -33.64 -70.76
N GLU X 3 -25.04 -34.81 -71.29
CA GLU X 3 -25.44 -35.94 -70.46
C GLU X 3 -24.32 -36.34 -69.51
N GLU X 4 -23.08 -36.34 -70.01
CA GLU X 4 -21.92 -36.64 -69.19
C GLU X 4 -21.78 -35.63 -68.05
N ARG X 5 -21.94 -34.35 -68.39
CA ARG X 5 -21.86 -33.28 -67.39
C ARG X 5 -22.91 -33.47 -66.30
N VAL X 6 -24.11 -33.83 -66.72
CA VAL X 6 -25.21 -34.02 -65.77
C VAL X 6 -24.93 -35.19 -64.83
N LEU X 7 -24.37 -36.27 -65.38
CA LEU X 7 -24.01 -37.43 -64.58
C LEU X 7 -22.86 -37.10 -63.63
N LEU X 8 -21.93 -36.29 -64.10
CA LEU X 8 -20.81 -35.83 -63.26
C LEU X 8 -21.32 -34.93 -62.13
N MET X 9 -22.35 -34.16 -62.41
CA MET X 9 -23.00 -33.35 -61.39
C MET X 9 -23.63 -34.23 -60.32
N LYS X 10 -24.28 -35.30 -60.74
CA LYS X 10 -24.82 -36.29 -59.82
C LYS X 10 -23.72 -36.86 -58.92
N VAL X 11 -22.61 -37.25 -59.54
CA VAL X 11 -21.48 -37.81 -58.80
C VAL X 11 -20.96 -36.83 -57.75
N ALA X 12 -20.80 -35.57 -58.16
CA ALA X 12 -20.33 -34.53 -57.26
C ALA X 12 -21.23 -34.41 -56.04
N ILE X 13 -22.52 -34.28 -56.27
CA ILE X 13 -23.49 -34.10 -55.18
C ILE X 13 -23.43 -35.27 -54.21
N LEU X 14 -23.37 -36.48 -54.74
CA LEU X 14 -23.34 -37.68 -53.92
C LEU X 14 -22.07 -37.75 -53.06
N ALA X 15 -20.94 -37.48 -53.69
CA ALA X 15 -19.65 -37.56 -53.01
C ALA X 15 -19.52 -36.50 -51.94
N ILE X 16 -20.05 -35.31 -52.22
CA ILE X 16 -20.04 -34.21 -51.26
C ILE X 16 -20.82 -34.58 -50.00
N VAL X 17 -22.03 -35.11 -50.19
CA VAL X 17 -22.89 -35.48 -49.08
C VAL X 17 -22.31 -36.67 -48.31
N ALA X 18 -21.69 -37.59 -49.05
CA ALA X 18 -21.02 -38.73 -48.44
C ALA X 18 -19.86 -38.29 -47.56
N ALA X 19 -19.09 -37.32 -48.05
CA ALA X 19 -17.99 -36.76 -47.28
C ALA X 19 -18.49 -36.06 -46.02
N LYS X 20 -19.62 -35.37 -46.14
CA LYS X 20 -20.24 -34.72 -45.00
C LYS X 20 -20.75 -35.73 -43.99
N LYS X 21 -21.29 -36.84 -44.49
CA LYS X 21 -21.73 -37.93 -43.63
C LYS X 21 -20.55 -38.63 -42.96
N GLY X 22 -19.43 -38.71 -43.68
CA GLY X 22 -18.24 -39.36 -43.17
C GLY X 22 -17.96 -40.66 -43.93
N ASN X 23 -18.79 -40.94 -44.93
CA ASN X 23 -18.65 -42.16 -45.73
C ASN X 23 -17.58 -42.00 -46.80
N THR X 24 -16.32 -42.01 -46.37
CA THR X 24 -15.20 -41.77 -47.29
C THR X 24 -15.13 -42.85 -48.35
N ASP X 25 -15.51 -44.06 -47.98
CA ASP X 25 -15.51 -45.18 -48.92
C ASP X 25 -16.40 -44.89 -50.13
N GLU X 26 -17.59 -44.36 -49.87
CA GLU X 26 -18.51 -43.97 -50.93
C GLU X 26 -17.92 -42.84 -51.78
N VAL X 27 -17.27 -41.90 -51.11
CA VAL X 27 -16.61 -40.79 -51.81
C VAL X 27 -15.57 -41.30 -52.80
N ARG X 28 -14.75 -42.25 -52.35
CA ARG X 28 -13.72 -42.83 -53.20
C ARG X 28 -14.32 -43.45 -54.45
N LYS X 29 -15.41 -44.19 -54.28
CA LYS X 29 -16.12 -44.80 -55.40
C LYS X 29 -16.61 -43.74 -56.37
N ALA X 30 -17.26 -42.70 -55.83
CA ALA X 30 -17.82 -41.64 -56.66
C ALA X 30 -16.73 -40.92 -57.43
N LEU X 31 -15.59 -40.70 -56.77
CA LEU X 31 -14.44 -40.07 -57.42
C LEU X 31 -13.94 -40.90 -58.59
N GLU X 32 -13.92 -42.21 -58.42
CA GLU X 32 -13.55 -43.13 -59.48
C GLU X 32 -14.55 -43.07 -60.63
N LEU X 33 -15.84 -42.96 -60.28
CA LEU X 33 -16.90 -42.88 -61.28
C LEU X 33 -16.75 -41.63 -62.14
N ALA X 34 -16.39 -40.52 -61.50
CA ALA X 34 -16.10 -39.29 -62.22
C ALA X 34 -15.02 -39.51 -63.28
N LEU X 35 -13.94 -40.15 -62.89
CA LEU X 35 -12.88 -40.52 -63.82
C LEU X 35 -13.41 -41.39 -64.95
N LEU X 36 -14.18 -42.41 -64.59
CA LEU X 36 -14.68 -43.38 -65.55
C LEU X 36 -15.57 -42.71 -66.59
N ILE X 37 -16.38 -41.75 -66.15
CA ILE X 37 -17.24 -41.00 -67.04
C ILE X 37 -16.43 -40.20 -68.05
N ALA X 38 -15.40 -39.52 -67.57
CA ALA X 38 -14.50 -38.77 -68.44
C ALA X 38 -13.77 -39.67 -69.41
N LYS X 39 -13.37 -40.84 -68.94
CA LYS X 39 -12.69 -41.82 -69.77
C LYS X 39 -13.61 -42.33 -70.89
N VAL X 40 -14.86 -42.60 -70.55
CA VAL X 40 -15.83 -43.07 -71.51
C VAL X 40 -16.11 -42.02 -72.59
N SER X 41 -16.20 -40.76 -72.16
CA SER X 41 -16.39 -39.65 -73.08
C SER X 41 -15.19 -39.50 -74.01
N GLY X 42 -14.01 -39.42 -73.43
CA GLY X 42 -12.78 -39.31 -74.21
C GLY X 42 -12.57 -37.89 -74.71
N THR X 43 -13.16 -36.93 -74.01
CA THR X 43 -13.08 -35.52 -74.41
C THR X 43 -12.39 -34.68 -73.34
N THR X 44 -11.74 -33.61 -73.78
CA THR X 44 -11.08 -32.69 -72.86
C THR X 44 -12.10 -32.04 -71.92
N GLU X 45 -13.27 -31.71 -72.46
CA GLU X 45 -14.34 -31.11 -71.65
C GLU X 45 -14.72 -32.02 -70.50
N ALA X 46 -14.95 -33.30 -70.80
CA ALA X 46 -15.34 -34.27 -69.79
C ALA X 46 -14.27 -34.40 -68.70
N VAL X 47 -13.01 -34.39 -69.12
CA VAL X 47 -11.90 -34.44 -68.18
C VAL X 47 -11.91 -33.23 -67.25
N LYS X 48 -12.09 -32.05 -67.82
CA LYS X 48 -12.19 -30.82 -67.04
C LYS X 48 -13.35 -30.87 -66.06
N LEU X 49 -14.48 -31.37 -66.53
CA LEU X 49 -15.68 -31.47 -65.70
C LEU X 49 -15.46 -32.44 -64.55
N ALA X 50 -14.78 -33.55 -64.82
CA ALA X 50 -14.46 -34.53 -63.79
C ALA X 50 -13.54 -33.95 -62.73
N LEU X 51 -12.58 -33.12 -63.18
CA LEU X 51 -11.70 -32.42 -62.27
C LEU X 51 -12.45 -31.40 -61.42
N GLU X 52 -13.46 -30.78 -62.02
CA GLU X 52 -14.35 -29.88 -61.29
C GLU X 52 -15.11 -30.62 -60.19
N VAL X 53 -15.60 -31.81 -60.52
CA VAL X 53 -16.24 -32.67 -59.54
C VAL X 53 -15.32 -32.96 -58.36
N VAL X 54 -14.09 -33.35 -58.67
CA VAL X 54 -13.10 -33.66 -57.64
C VAL X 54 -12.84 -32.45 -56.74
N ALA X 55 -12.68 -31.29 -57.37
CA ALA X 55 -12.47 -30.06 -56.63
C ALA X 55 -13.58 -29.80 -55.63
N ARG X 56 -14.82 -29.86 -56.10
CA ARG X 56 -15.98 -29.58 -55.25
C ARG X 56 -16.00 -30.51 -54.04
N VAL X 57 -15.74 -31.79 -54.27
CA VAL X 57 -15.78 -32.78 -53.20
C VAL X 57 -14.69 -32.52 -52.17
N ALA X 58 -13.48 -32.29 -52.65
CA ALA X 58 -12.33 -32.09 -51.76
C ALA X 58 -12.47 -30.81 -50.95
N ILE X 59 -13.01 -29.77 -51.59
CA ILE X 59 -13.23 -28.49 -50.91
C ILE X 59 -14.21 -28.65 -49.75
N GLU X 60 -15.35 -29.29 -50.03
CA GLU X 60 -16.38 -29.48 -49.02
C GLU X 60 -15.93 -30.46 -47.95
N ALA X 61 -15.17 -31.46 -48.36
CA ALA X 61 -14.60 -32.42 -47.41
C ALA X 61 -13.62 -31.75 -46.47
N ALA X 62 -12.80 -30.85 -47.00
CA ALA X 62 -11.86 -30.08 -46.19
C ALA X 62 -12.60 -29.17 -45.21
N ARG X 63 -13.70 -28.59 -45.67
CA ARG X 63 -14.55 -27.76 -44.81
C ARG X 63 -15.21 -28.60 -43.73
N ARG X 64 -15.63 -29.81 -44.10
CA ARG X 64 -16.23 -30.74 -43.15
C ARG X 64 -15.20 -31.23 -42.15
N GLY X 65 -13.96 -31.40 -42.60
CA GLY X 65 -12.90 -31.92 -41.75
C GLY X 65 -12.48 -33.33 -42.19
N ASN X 66 -13.10 -33.81 -43.26
CA ASN X 66 -12.82 -35.14 -43.77
C ASN X 66 -11.54 -35.15 -44.61
N THR X 67 -10.40 -35.04 -43.96
CA THR X 67 -9.13 -34.91 -44.64
C THR X 67 -8.82 -36.16 -45.47
N ASP X 68 -9.25 -37.31 -44.97
CA ASP X 68 -9.05 -38.57 -45.67
C ASP X 68 -9.67 -38.54 -47.06
N ALA X 69 -10.89 -38.05 -47.15
CA ALA X 69 -11.57 -37.91 -48.43
C ALA X 69 -10.85 -36.92 -49.33
N VAL X 70 -10.36 -35.84 -48.72
CA VAL X 70 -9.59 -34.84 -49.46
C VAL X 70 -8.35 -35.44 -50.10
N ARG X 71 -7.61 -36.22 -49.31
CA ARG X 71 -6.40 -36.86 -49.80
C ARG X 71 -6.68 -37.74 -51.01
N GLU X 72 -7.73 -38.54 -50.91
CA GLU X 72 -8.14 -39.40 -52.01
C GLU X 72 -8.50 -38.58 -53.25
N ALA X 73 -9.29 -37.53 -53.05
CA ALA X 73 -9.72 -36.69 -54.15
C ALA X 73 -8.54 -36.03 -54.85
N LEU X 74 -7.57 -35.59 -54.06
CA LEU X 74 -6.37 -34.98 -54.61
C LEU X 74 -5.60 -35.95 -55.49
N GLU X 75 -5.51 -37.20 -55.05
CA GLU X 75 -4.87 -38.24 -55.84
C GLU X 75 -5.63 -38.52 -57.13
N VAL X 76 -6.95 -38.52 -57.04
CA VAL X 76 -7.81 -38.75 -58.20
C VAL X 76 -7.63 -37.65 -59.23
N ALA X 77 -7.52 -36.41 -58.76
CA ALA X 77 -7.25 -35.28 -59.64
C ALA X 77 -6.02 -35.53 -60.50
N LEU X 78 -4.94 -35.97 -59.87
CA LEU X 78 -3.74 -36.36 -60.59
C LEU X 78 -4.02 -37.46 -61.60
N GLU X 79 -4.75 -38.49 -61.15
CA GLU X 79 -5.02 -39.65 -61.99
C GLU X 79 -5.83 -39.27 -63.23
N ILE X 80 -6.76 -38.33 -63.05
CA ILE X 80 -7.57 -37.83 -64.16
C ILE X 80 -6.70 -37.15 -65.21
N ALA X 81 -5.78 -36.30 -64.74
CA ALA X 81 -4.84 -35.63 -65.63
C ALA X 81 -3.94 -36.63 -66.34
N ARG X 82 -3.52 -37.66 -65.61
CA ARG X 82 -2.70 -38.73 -66.18
C ARG X 82 -3.45 -39.49 -67.26
N GLU X 83 -4.73 -39.76 -67.02
CA GLU X 83 -5.57 -40.46 -67.98
C GLU X 83 -5.72 -39.66 -69.26
N SER X 84 -5.90 -38.35 -69.12
CA SER X 84 -5.97 -37.45 -70.27
C SER X 84 -4.66 -37.44 -71.04
N GLY X 85 -3.57 -37.22 -70.32
CA GLY X 85 -2.24 -37.23 -70.93
C GLY X 85 -1.97 -35.91 -71.65
N THR X 86 -2.64 -34.85 -71.21
CA THR X 86 -2.49 -33.54 -71.83
C THR X 86 -1.95 -32.52 -70.83
N THR X 87 -1.23 -31.52 -71.35
CA THR X 87 -0.72 -30.44 -70.51
C THR X 87 -1.86 -29.66 -69.87
N GLU X 88 -2.92 -29.43 -70.63
CA GLU X 88 -4.08 -28.71 -70.13
C GLU X 88 -4.67 -29.41 -68.90
N ALA X 89 -4.86 -30.73 -69.01
CA ALA X 89 -5.42 -31.51 -67.93
C ALA X 89 -4.54 -31.42 -66.68
N VAL X 90 -3.23 -31.45 -66.87
CA VAL X 90 -2.29 -31.30 -65.77
C VAL X 90 -2.47 -29.95 -65.09
N LYS X 91 -2.56 -28.89 -65.88
CA LYS X 91 -2.80 -27.55 -65.36
C LYS X 91 -4.13 -27.49 -64.59
N LEU X 92 -5.15 -28.11 -65.15
CA LEU X 92 -6.47 -28.12 -64.52
C LEU X 92 -6.44 -28.87 -63.19
N ALA X 93 -5.70 -29.97 -63.15
CA ALA X 93 -5.54 -30.74 -61.93
C ALA X 93 -4.83 -29.93 -60.85
N LEU X 94 -3.83 -29.15 -61.27
CA LEU X 94 -3.13 -28.27 -60.36
C LEU X 94 -4.04 -27.15 -59.86
N GLU X 95 -4.94 -26.70 -60.73
CA GLU X 95 -5.96 -25.73 -60.34
C GLU X 95 -6.88 -26.30 -59.28
N VAL X 96 -7.28 -27.56 -59.46
CA VAL X 96 -8.07 -28.27 -58.45
C VAL X 96 -7.36 -28.28 -57.10
N VAL X 97 -6.08 -28.66 -57.11
CA VAL X 97 -5.28 -28.70 -55.89
C VAL X 97 -5.22 -27.34 -55.22
N ALA X 98 -4.99 -26.30 -56.02
CA ALA X 98 -4.94 -24.93 -55.51
C ALA X 98 -6.23 -24.57 -54.78
N ARG X 99 -7.36 -24.81 -55.43
CA ARG X 99 -8.65 -24.46 -54.85
C ARG X 99 -8.86 -25.13 -53.51
N VAL X 100 -8.51 -26.41 -53.43
CA VAL X 100 -8.70 -27.18 -52.21
C VAL X 100 -7.82 -26.66 -51.08
N ALA X 101 -6.54 -26.46 -51.38
CA ALA X 101 -5.57 -26.03 -50.38
C ALA X 101 -5.89 -24.62 -49.87
N ILE X 102 -6.33 -23.76 -50.78
CA ILE X 102 -6.70 -22.40 -50.41
C ILE X 102 -7.87 -22.37 -49.44
N GLU X 103 -8.92 -23.12 -49.78
CA GLU X 103 -10.12 -23.18 -48.95
C GLU X 103 -9.84 -23.92 -47.63
N ALA X 104 -8.99 -24.93 -47.70
CA ALA X 104 -8.58 -25.66 -46.50
C ALA X 104 -7.79 -24.76 -45.56
N ALA X 105 -6.91 -23.94 -46.11
CA ALA X 105 -6.15 -22.99 -45.33
C ALA X 105 -7.06 -21.95 -44.68
N ARG X 106 -8.06 -21.51 -45.43
CA ARG X 106 -9.07 -20.58 -44.91
C ARG X 106 -9.92 -21.25 -43.83
N ARG X 107 -10.22 -22.53 -44.03
CA ARG X 107 -10.98 -23.29 -43.04
C ARG X 107 -10.16 -23.53 -41.79
N GLY X 108 -8.85 -23.72 -41.96
CA GLY X 108 -7.96 -24.02 -40.84
C GLY X 108 -7.45 -25.45 -40.93
N ASN X 109 -7.85 -26.17 -41.97
CA ASN X 109 -7.45 -27.55 -42.16
C ASN X 109 -6.05 -27.64 -42.76
N THR X 110 -5.04 -27.32 -41.97
CA THR X 110 -3.67 -27.25 -42.45
C THR X 110 -3.19 -28.61 -42.94
N GLU X 111 -3.66 -29.66 -42.29
CA GLU X 111 -3.29 -31.02 -42.68
C GLU X 111 -3.66 -31.30 -44.13
N ALA X 112 -4.86 -30.92 -44.51
CA ALA X 112 -5.31 -31.06 -45.90
C ALA X 112 -4.46 -30.21 -46.84
N VAL X 113 -4.10 -29.02 -46.39
CA VAL X 113 -3.25 -28.12 -47.17
C VAL X 113 -1.90 -28.78 -47.45
N VAL X 114 -1.29 -29.34 -46.42
CA VAL X 114 0.01 -29.99 -46.55
C VAL X 114 -0.04 -31.10 -47.60
N GLU X 115 -1.07 -31.93 -47.53
CA GLU X 115 -1.27 -33.00 -48.50
C GLU X 115 -1.41 -32.45 -49.91
N ALA X 116 -2.25 -31.43 -50.06
CA ALA X 116 -2.51 -30.83 -51.37
C ALA X 116 -1.23 -30.25 -51.97
N LEU X 117 -0.43 -29.61 -51.13
CA LEU X 117 0.83 -29.02 -51.57
C LEU X 117 1.78 -30.09 -52.10
N LEU X 118 1.82 -31.23 -51.42
CA LEU X 118 2.63 -32.36 -51.86
C LEU X 118 2.12 -32.93 -53.18
N VAL X 119 0.79 -33.00 -53.32
CA VAL X 119 0.19 -33.51 -54.53
C VAL X 119 0.49 -32.61 -55.73
N ALA X 120 0.48 -31.30 -55.50
CA ALA X 120 0.87 -30.35 -56.53
C ALA X 120 2.24 -30.68 -57.12
N LEU X 121 3.20 -30.93 -56.23
CA LEU X 121 4.52 -31.38 -56.67
C LEU X 121 4.43 -32.67 -57.48
N GLU X 122 3.68 -33.63 -56.98
CA GLU X 122 3.58 -34.94 -57.60
C GLU X 122 2.99 -34.85 -59.01
N ILE X 123 2.01 -33.97 -59.16
CA ILE X 123 1.39 -33.73 -60.46
C ILE X 123 2.40 -33.19 -61.46
N ALA X 124 3.19 -32.21 -61.03
CA ALA X 124 4.24 -31.66 -61.87
C ALA X 124 5.28 -32.71 -62.22
N LYS X 125 5.60 -33.56 -61.25
CA LYS X 125 6.55 -34.64 -61.47
C LYS X 125 6.03 -35.64 -62.50
N GLU X 126 4.73 -35.93 -62.42
CA GLU X 126 4.09 -36.86 -63.35
C GLU X 126 4.13 -36.31 -64.77
N SER X 127 3.89 -35.02 -64.91
CA SER X 127 3.99 -34.35 -66.20
C SER X 127 5.42 -34.38 -66.73
N GLY X 128 6.36 -33.97 -65.89
CA GLY X 128 7.78 -34.00 -66.25
C GLY X 128 8.14 -32.82 -67.15
N THR X 129 7.37 -31.75 -67.05
CA THR X 129 7.58 -30.57 -67.89
C THR X 129 7.90 -29.34 -67.04
N GLU X 130 8.67 -28.42 -67.60
CA GLU X 130 9.00 -27.18 -66.92
C GLU X 130 7.74 -26.36 -66.62
N GLU X 131 6.81 -26.34 -67.57
CA GLU X 131 5.56 -25.62 -67.39
C GLU X 131 4.80 -26.12 -66.18
N ALA X 132 4.67 -27.45 -66.07
CA ALA X 132 3.95 -28.06 -64.97
C ALA X 132 4.60 -27.70 -63.64
N VAL X 133 5.92 -27.70 -63.60
CA VAL X 133 6.66 -27.31 -62.40
C VAL X 133 6.35 -25.87 -62.01
N ARG X 134 6.39 -24.97 -62.99
CA ARG X 134 6.06 -23.57 -62.76
C ARG X 134 4.64 -23.41 -62.27
N LEU X 135 3.72 -24.17 -62.86
CA LEU X 135 2.32 -24.14 -62.46
C LEU X 135 2.14 -24.63 -61.04
N ALA X 136 2.88 -25.66 -60.66
CA ALA X 136 2.84 -26.18 -59.31
C ALA X 136 3.36 -25.15 -58.31
N LEU X 137 4.38 -24.42 -58.70
CA LEU X 137 4.91 -23.33 -57.88
C LEU X 137 3.89 -22.21 -57.74
N GLU X 138 3.12 -21.96 -58.79
CA GLU X 138 2.03 -21.01 -58.74
C GLU X 138 0.95 -21.45 -57.75
N VAL X 139 0.62 -22.73 -57.78
CA VAL X 139 -0.31 -23.31 -56.82
C VAL X 139 0.14 -23.06 -55.39
N VAL X 140 1.39 -23.38 -55.12
CA VAL X 140 1.97 -23.19 -53.78
C VAL X 140 1.91 -21.71 -53.38
N LYS X 141 2.29 -20.84 -54.29
CA LYS X 141 2.23 -19.40 -54.04
C LYS X 141 0.83 -18.97 -53.62
N ARG X 142 -0.17 -19.36 -54.41
CA ARG X 142 -1.55 -18.98 -54.14
C ARG X 142 -1.97 -19.38 -52.73
N VAL X 143 -1.59 -20.59 -52.34
CA VAL X 143 -1.95 -21.11 -51.02
C VAL X 143 -1.32 -20.28 -49.91
N SER X 144 -0.02 -20.00 -50.05
CA SER X 144 0.71 -19.25 -49.03
C SER X 144 0.20 -17.81 -48.93
N ASN X 145 -0.17 -17.24 -50.07
CA ASN X 145 -0.69 -15.88 -50.11
C ASN X 145 -2.01 -15.78 -49.36
N GLU X 146 -2.93 -16.67 -49.67
CA GLU X 146 -4.26 -16.66 -49.06
C GLU X 146 -4.19 -17.11 -47.60
N ALA X 147 -3.30 -18.05 -47.32
CA ALA X 147 -3.05 -18.48 -45.95
C ALA X 147 -2.52 -17.35 -45.09
N LEU X 148 -1.63 -16.54 -45.67
CA LEU X 148 -1.10 -15.37 -44.99
C LEU X 148 -2.20 -14.36 -44.70
N LYS X 149 -3.13 -14.21 -45.64
CA LYS X 149 -4.27 -13.34 -45.45
C LYS X 149 -5.19 -13.85 -44.34
N GLN X 150 -5.36 -15.17 -44.28
CA GLN X 150 -6.16 -15.79 -43.24
C GLN X 150 -5.49 -15.69 -41.89
N GLY X 151 -4.16 -15.81 -41.89
CA GLY X 151 -3.39 -15.82 -40.65
C GLY X 151 -2.82 -17.22 -40.38
N ASN X 152 -3.01 -18.13 -41.32
CA ASN X 152 -2.58 -19.51 -41.17
C ASN X 152 -1.09 -19.64 -41.45
N VAL X 153 -0.26 -19.21 -40.50
CA VAL X 153 1.18 -19.18 -40.69
C VAL X 153 1.74 -20.58 -40.90
N ASP X 154 1.12 -21.56 -40.26
CA ASP X 154 1.54 -22.95 -40.38
C ASP X 154 1.49 -23.42 -41.84
N ALA X 155 0.40 -23.10 -42.52
CA ALA X 155 0.24 -23.44 -43.93
C ALA X 155 1.27 -22.71 -44.78
N VAL X 156 1.52 -21.44 -44.44
CA VAL X 156 2.51 -20.65 -45.15
C VAL X 156 3.90 -21.27 -45.06
N LYS X 157 4.28 -21.65 -43.85
CA LYS X 157 5.58 -22.28 -43.61
C LYS X 157 5.73 -23.56 -44.42
N VAL X 158 4.69 -24.39 -44.41
CA VAL X 158 4.68 -25.63 -45.18
C VAL X 158 4.81 -25.35 -46.67
N ALA X 159 4.05 -24.37 -47.15
CA ALA X 159 4.06 -24.01 -48.57
C ALA X 159 5.45 -23.58 -49.01
N LEU X 160 6.14 -22.82 -48.15
CA LEU X 160 7.48 -22.35 -48.46
C LEU X 160 8.45 -23.53 -48.62
N GLU X 161 8.31 -24.52 -47.75
CA GLU X 161 9.13 -25.72 -47.82
C GLU X 161 8.84 -26.51 -49.09
N VAL X 162 7.56 -26.63 -49.42
CA VAL X 162 7.14 -27.36 -50.62
C VAL X 162 7.62 -26.66 -51.88
N ARG X 163 7.55 -25.33 -51.88
CA ARG X 163 8.06 -24.54 -52.99
C ARG X 163 9.51 -24.90 -53.30
N LYS X 164 10.34 -24.94 -52.28
CA LYS X 164 11.72 -25.39 -52.42
C LYS X 164 11.79 -26.80 -52.98
N MET X 165 10.98 -27.70 -52.42
CA MET X 165 11.02 -29.10 -52.79
C MET X 165 10.68 -29.28 -54.27
N ILE X 166 9.73 -28.50 -54.75
CA ILE X 166 9.35 -28.52 -56.16
C ILE X 166 10.52 -28.11 -57.05
N GLU X 167 11.19 -27.03 -56.66
CA GLU X 167 12.37 -26.56 -57.39
C GLU X 167 13.47 -27.60 -57.36
N GLU X 168 13.64 -28.27 -56.23
CA GLU X 168 14.63 -29.33 -56.09
C GLU X 168 14.31 -30.50 -57.00
N LEU X 169 13.03 -30.84 -57.10
CA LEU X 169 12.59 -31.93 -57.97
C LEU X 169 12.86 -31.61 -59.44
N SER X 170 12.62 -30.37 -59.81
CA SER X 170 12.92 -29.90 -61.16
C SER X 170 14.42 -29.98 -61.45
N GLY X 171 15.21 -29.43 -60.54
CA GLY X 171 16.66 -29.45 -60.67
C GLY X 171 17.13 -28.36 -61.64
#